data_8DER
#
_entry.id   8DER
#
_cell.length_a   1.00
_cell.length_b   1.00
_cell.length_c   1.00
_cell.angle_alpha   90.00
_cell.angle_beta   90.00
_cell.angle_gamma   90.00
#
_symmetry.space_group_name_H-M   'P 1'
#
loop_
_entity.id
_entity.type
_entity.pdbx_description
1 polymer 'SKV16 Fab Heavy Chain'
2 polymer 'SKV16 Fab Light Chain'
3 polymer 'Spike glycoprotein E1'
4 polymer 'Spike glycoprotein E2'
5 branched 2-acetamido-2-deoxy-beta-D-glucopyranose-(1-4)-2-acetamido-2-deoxy-beta-D-glucopyranose
6 branched beta-D-mannopyranose-(1-4)-2-acetamido-2-deoxy-beta-D-glucopyranose-(1-4)-2-acetamido-2-deoxy-beta-D-glucopyranose
7 non-polymer 2-acetamido-2-deoxy-beta-D-glucopyranose
#
loop_
_entity_poly.entity_id
_entity_poly.type
_entity_poly.pdbx_seq_one_letter_code
_entity_poly.pdbx_strand_id
1 'polypeptide(L)'
;VQLVESGGGLAKPGGSLRLSCAAAGFRFSDFHMHWVRQAPGKGLEWVSRISHGGVTTRFADSVKGRFTISRENAKNTLYL
QMDNLRAEDTAVYYCARDSPYWGDYSHSLDVWGRGVLVTVSS
;
X,H,W
2 'polypeptide(L)'
;PMRLTQPRSVSVSPGQTARITCGGDNIGSKSVHWYQQKPPQAPVLVIYDDRARPSGIPERFSGSKSGNTATLAISGVEAG
DEADYYCQVWDSSSDVLFGGGTRLT
;
Y,L,V
3 'polypeptide(L)'
;YEHATTMPSQAGISYNTIVNRAGYAPLPISITPTKIKLIPTVNLEYVTCHYKTGMDSPAIKCCGSQECTPTYRPDEQCKV
FTGVYPFMWGGAYCFCDTENTQVSKAYVMKSDDCLADHAEAYKAHTASVQAFLNITVGEHSIVTTVYVNGETPVNFNGVK
ITAGPLSTAWTPFDRKIVQYAGEIYNYDFPEYGAGQPGAFGDIQSRTVSSSDLYANTNLVLQRPKAGAIHVPYTQAPSGF
EQWKKDKAPSLKFTAPFGCEIYTNPIRAENCAVGSIPLAFDIPDALFTRVSETPTLSAAECTLNECVYSSDFGGIATVKY
SASKSGKCAVHVPSGTATLKEAAVELTEQGSATIHFSTANIHPEFRLQICTSYVTCKGDCHPPKDHIVTHPQYHAQTFTA
AV
;
G,E,F
4 'polypeptide(L)'
;STEELFNEYKLTRPYMARCIRCAVGSCHSPIAIEAVKSDGHDGYVRLQTSSQYGLDSSGNLKGRTMRYDMHGTIKEIPLH
QVSLYTSRPCHIVDGHGYFLLARCPAGDSITMEFKKDSVRHSCSVPYEVKFNPVGRELYTHPPEHGVEQACQVYAHDAQN
RGAYVEMHLPGSEVDSSLVSLSGSSVTVTPPDGTSALVECECGGTKISETINKTKQFSQCTKKEQCRAYRLQNDKWVYNS
DKLPKAAGATLKGKLHVPFLLADGKCTVPLAPEPMITFGFRSVSLKLHPKNPTYLITRQLADEPHYTHELISEPAVRNFT
VTEKGWEFVWGNHPPKRFWAQETAP
;
C,B,A
#
loop_
_chem_comp.id
_chem_comp.type
_chem_comp.name
_chem_comp.formula
BMA D-saccharide, beta linking beta-D-mannopyranose 'C6 H12 O6'
NAG D-saccharide, beta linking 2-acetamido-2-deoxy-beta-D-glucopyranose 'C8 H15 N O6'
#
# COMPACT_ATOMS: atom_id res chain seq x y z
N VAL A 1 50.88 -13.84 -26.16
CA VAL A 1 51.15 -14.03 -24.71
C VAL A 1 52.54 -13.51 -24.39
N GLN A 2 52.64 -12.59 -23.43
CA GLN A 2 53.89 -11.91 -23.14
C GLN A 2 54.00 -11.62 -21.65
N LEU A 3 55.20 -11.79 -21.13
CA LEU A 3 55.60 -11.28 -19.81
C LEU A 3 56.78 -10.36 -20.00
N VAL A 4 56.64 -9.11 -19.55
CA VAL A 4 57.68 -8.10 -19.70
C VAL A 4 58.04 -7.60 -18.31
N GLU A 5 59.32 -7.65 -17.97
CA GLU A 5 59.80 -7.27 -16.65
C GLU A 5 60.49 -5.92 -16.68
N SER A 6 60.77 -5.41 -15.48
CA SER A 6 61.46 -4.13 -15.32
C SER A 6 61.83 -3.93 -13.86
N GLY A 7 62.65 -2.91 -13.61
CA GLY A 7 62.91 -2.42 -12.27
C GLY A 7 64.24 -2.82 -11.67
N GLY A 8 64.96 -3.77 -12.26
CA GLY A 8 66.20 -4.23 -11.65
C GLY A 8 67.38 -3.33 -11.95
N GLY A 9 68.54 -3.94 -12.21
CA GLY A 9 69.75 -3.21 -12.50
C GLY A 9 70.84 -3.43 -11.45
N LEU A 10 71.29 -2.34 -10.83
CA LEU A 10 72.34 -2.37 -9.82
C LEU A 10 71.86 -1.71 -8.55
N ALA A 11 72.21 -2.30 -7.41
CA ALA A 11 71.80 -1.79 -6.10
C ALA A 11 72.89 -2.06 -5.09
N LYS A 12 72.67 -1.60 -3.86
CA LYS A 12 73.67 -1.65 -2.81
C LYS A 12 73.40 -2.83 -1.87
N PRO A 13 74.42 -3.44 -1.26
CA PRO A 13 74.14 -4.47 -0.25
C PRO A 13 73.35 -3.91 0.91
N GLY A 14 72.44 -4.72 1.45
CA GLY A 14 71.61 -4.33 2.57
C GLY A 14 70.50 -3.36 2.23
N GLY A 15 70.37 -2.95 0.97
CA GLY A 15 69.37 -1.99 0.57
C GLY A 15 68.11 -2.65 0.05
N SER A 16 67.34 -1.87 -0.71
CA SER A 16 66.06 -2.30 -1.24
C SER A 16 65.99 -1.99 -2.73
N LEU A 17 65.19 -2.79 -3.45
CA LEU A 17 64.99 -2.64 -4.88
C LEU A 17 63.59 -3.16 -5.19
N ARG A 18 63.17 -3.02 -6.44
CA ARG A 18 61.90 -3.57 -6.89
C ARG A 18 62.03 -4.20 -8.27
N LEU A 19 61.36 -5.33 -8.45
CA LEU A 19 61.16 -5.93 -9.76
C LEU A 19 59.67 -6.00 -10.04
N SER A 20 59.29 -5.64 -11.27
CA SER A 20 57.90 -5.64 -11.68
C SER A 20 57.77 -6.47 -12.96
N CYS A 21 56.62 -7.11 -13.11
CA CYS A 21 56.36 -7.99 -14.24
C CYS A 21 54.93 -7.78 -14.71
N ALA A 22 54.77 -7.37 -15.96
CA ALA A 22 53.47 -7.11 -16.56
C ALA A 22 53.16 -8.20 -17.57
N ALA A 23 51.89 -8.62 -17.60
CA ALA A 23 51.45 -9.76 -18.36
C ALA A 23 50.40 -9.35 -19.39
N ALA A 24 50.40 -10.02 -20.52
CA ALA A 24 49.41 -9.79 -21.56
C ALA A 24 49.17 -11.08 -22.31
N GLY A 25 47.99 -11.16 -22.95
CA GLY A 25 47.62 -12.30 -23.75
C GLY A 25 46.84 -13.38 -23.02
N PHE A 26 46.57 -13.20 -21.72
CA PHE A 26 45.74 -14.15 -21.00
C PHE A 26 45.10 -13.43 -19.83
N ARG A 27 44.12 -14.09 -19.22
CA ARG A 27 43.47 -13.57 -18.02
C ARG A 27 44.39 -13.83 -16.85
N PHE A 28 45.09 -12.77 -16.44
CA PHE A 28 46.14 -12.86 -15.43
C PHE A 28 45.58 -13.26 -14.07
N SER A 29 44.31 -12.97 -13.82
CA SER A 29 43.74 -13.15 -12.49
C SER A 29 43.66 -14.60 -12.05
N ASP A 30 43.81 -15.56 -12.97
CA ASP A 30 43.54 -16.95 -12.68
C ASP A 30 44.80 -17.78 -12.41
N PHE A 31 45.94 -17.36 -12.91
CA PHE A 31 47.13 -18.21 -12.96
C PHE A 31 48.09 -17.87 -11.82
N HIS A 32 48.73 -18.88 -11.27
CA HIS A 32 49.84 -18.66 -10.36
C HIS A 32 50.99 -18.00 -11.09
N MET A 33 51.83 -17.29 -10.33
CA MET A 33 52.99 -16.61 -10.90
C MET A 33 54.23 -16.99 -10.10
N HIS A 34 55.38 -16.96 -10.78
CA HIS A 34 56.63 -17.45 -10.21
C HIS A 34 57.77 -16.49 -10.53
N TRP A 35 58.74 -16.42 -9.62
CA TRP A 35 60.03 -15.79 -9.85
C TRP A 35 61.10 -16.84 -9.67
N VAL A 36 61.99 -16.96 -10.66
CA VAL A 36 63.07 -17.94 -10.66
C VAL A 36 64.35 -17.26 -11.09
N ARG A 37 65.41 -17.42 -10.31
CA ARG A 37 66.67 -16.72 -10.57
C ARG A 37 67.73 -17.70 -11.07
N GLN A 38 68.72 -17.13 -11.75
CA GLN A 38 69.83 -17.88 -12.32
C GLN A 38 71.10 -17.05 -12.17
N ALA A 39 72.07 -17.57 -11.44
CA ALA A 39 73.34 -16.89 -11.33
C ALA A 39 74.17 -17.13 -12.59
N PRO A 40 75.15 -16.27 -12.87
CA PRO A 40 76.02 -16.53 -14.02
C PRO A 40 76.75 -17.86 -13.90
N GLY A 41 76.60 -18.69 -14.91
CA GLY A 41 77.29 -19.97 -14.98
C GLY A 41 76.60 -21.10 -14.23
N LYS A 42 75.62 -20.81 -13.39
CA LYS A 42 74.92 -21.80 -12.59
C LYS A 42 73.49 -21.95 -13.09
N GLY A 43 72.80 -22.96 -12.56
CA GLY A 43 71.48 -23.30 -13.01
C GLY A 43 70.39 -22.47 -12.39
N LEU A 44 69.16 -22.78 -12.79
CA LEU A 44 68.00 -22.06 -12.27
C LEU A 44 67.88 -22.29 -10.78
N GLU A 45 67.32 -21.29 -10.08
CA GLU A 45 67.07 -21.39 -8.66
C GLU A 45 65.73 -20.72 -8.38
N TRP A 46 64.79 -21.49 -7.82
CA TRP A 46 63.47 -20.95 -7.55
C TRP A 46 63.53 -19.87 -6.49
N VAL A 47 62.92 -18.72 -6.81
CA VAL A 47 62.86 -17.61 -5.85
C VAL A 47 61.56 -17.74 -5.07
N SER A 48 60.42 -17.68 -5.76
CA SER A 48 59.15 -17.62 -5.03
C SER A 48 57.99 -17.87 -5.98
N ARG A 49 56.81 -18.06 -5.40
CA ARG A 49 55.56 -18.13 -6.17
C ARG A 49 54.43 -17.51 -5.39
N ILE A 50 53.42 -17.05 -6.14
CA ILE A 50 52.19 -16.49 -5.59
C ILE A 50 51.02 -17.18 -6.27
N SER A 51 49.88 -17.25 -5.56
CA SER A 51 48.81 -18.20 -5.86
C SER A 51 47.54 -17.55 -6.43
N HIS A 52 47.69 -16.57 -7.30
CA HIS A 52 46.63 -16.03 -8.17
C HIS A 52 45.46 -15.39 -7.42
N GLY A 53 45.55 -15.28 -6.11
CA GLY A 53 44.61 -14.50 -5.33
C GLY A 53 45.24 -13.72 -4.20
N GLY A 54 46.53 -13.89 -3.95
CA GLY A 54 47.16 -13.31 -2.80
C GLY A 54 46.97 -14.10 -1.53
N VAL A 55 46.19 -15.18 -1.56
CA VAL A 55 45.93 -15.95 -0.35
C VAL A 55 47.17 -16.68 0.11
N THR A 56 47.94 -17.25 -0.83
CA THR A 56 49.09 -18.08 -0.51
C THR A 56 50.32 -17.58 -1.25
N THR A 57 51.45 -17.56 -0.56
CA THR A 57 52.74 -17.22 -1.13
C THR A 57 53.77 -18.18 -0.59
N ARG A 58 54.79 -18.47 -1.40
CA ARG A 58 55.83 -19.40 -1.01
C ARG A 58 57.18 -18.87 -1.45
N PHE A 59 58.19 -19.04 -0.58
CA PHE A 59 59.55 -18.61 -0.86
C PHE A 59 60.51 -19.77 -0.60
N ALA A 60 61.70 -19.67 -1.17
CA ALA A 60 62.70 -20.72 -1.01
C ALA A 60 63.43 -20.57 0.31
N ASP A 61 64.17 -21.61 0.68
CA ASP A 61 64.93 -21.59 1.93
C ASP A 61 66.02 -20.52 1.88
N SER A 62 66.77 -20.46 0.78
CA SER A 62 67.90 -19.53 0.68
C SER A 62 67.48 -18.07 0.62
N VAL A 63 66.21 -17.78 0.38
CA VAL A 63 65.68 -16.42 0.41
C VAL A 63 64.53 -16.30 1.41
N LYS A 64 64.50 -17.14 2.43
CA LYS A 64 63.37 -17.20 3.36
C LYS A 64 63.26 -15.91 4.15
N GLY A 65 62.03 -15.44 4.34
CA GLY A 65 61.73 -14.41 5.31
C GLY A 65 62.18 -13.03 4.95
N ARG A 66 62.88 -12.86 3.83
CA ARG A 66 63.42 -11.57 3.42
C ARG A 66 62.50 -10.84 2.46
N PHE A 67 62.18 -11.47 1.33
CA PHE A 67 61.68 -10.79 0.16
C PHE A 67 60.16 -10.82 0.19
N THR A 68 59.52 -10.00 -0.66
CA THR A 68 58.06 -9.97 -0.65
C THR A 68 57.51 -10.07 -2.06
N ILE A 69 56.33 -10.69 -2.18
CA ILE A 69 55.60 -10.81 -3.44
C ILE A 69 54.20 -10.25 -3.25
N SER A 70 53.72 -9.55 -4.27
CA SER A 70 52.33 -9.10 -4.32
C SER A 70 51.91 -9.06 -5.78
N ARG A 71 50.60 -8.97 -6.00
CA ARG A 71 50.09 -8.87 -7.36
C ARG A 71 48.81 -8.06 -7.36
N GLU A 72 48.72 -7.11 -8.28
CA GLU A 72 47.53 -6.30 -8.49
C GLU A 72 46.86 -6.83 -9.76
N ASN A 73 45.75 -7.55 -9.57
CA ASN A 73 45.07 -8.17 -10.69
C ASN A 73 44.38 -7.15 -11.57
N ALA A 74 43.73 -6.15 -10.98
CA ALA A 74 43.01 -5.15 -11.77
C ALA A 74 43.97 -4.41 -12.70
N LYS A 75 45.14 -4.04 -12.20
CA LYS A 75 46.17 -3.38 -12.99
C LYS A 75 47.05 -4.37 -13.74
N ASN A 76 46.92 -5.67 -13.47
CA ASN A 76 47.69 -6.71 -14.15
C ASN A 76 49.18 -6.45 -13.97
N THR A 77 49.65 -6.63 -12.74
CA THR A 77 51.08 -6.49 -12.48
C THR A 77 51.48 -7.35 -11.30
N LEU A 78 52.70 -7.88 -11.36
CA LEU A 78 53.30 -8.68 -10.30
C LEU A 78 54.52 -7.94 -9.76
N TYR A 79 54.56 -7.76 -8.44
CA TYR A 79 55.63 -7.03 -7.76
C TYR A 79 56.44 -7.98 -6.90
N LEU A 80 57.76 -7.97 -7.09
CA LEU A 80 58.70 -8.59 -6.17
C LEU A 80 59.47 -7.46 -5.49
N GLN A 81 59.16 -7.23 -4.22
CA GLN A 81 59.88 -6.25 -3.42
C GLN A 81 61.18 -6.91 -2.98
N MET A 82 62.27 -6.36 -3.52
CA MET A 82 63.60 -6.96 -3.52
C MET A 82 64.42 -6.37 -2.36
N ASP A 83 64.06 -6.77 -1.14
CA ASP A 83 64.57 -6.11 0.06
C ASP A 83 65.73 -6.89 0.68
N ASN A 84 66.56 -6.15 1.43
CA ASN A 84 67.67 -6.72 2.19
C ASN A 84 68.63 -7.47 1.27
N LEU A 85 69.24 -6.73 0.37
CA LEU A 85 70.11 -7.32 -0.63
C LEU A 85 71.34 -7.96 0.01
N ARG A 86 71.83 -9.01 -0.62
CA ARG A 86 73.13 -9.59 -0.30
C ARG A 86 73.99 -9.62 -1.56
N ALA A 87 75.29 -9.83 -1.36
CA ALA A 87 76.22 -9.84 -2.49
C ALA A 87 75.94 -11.02 -3.42
N GLU A 88 75.65 -12.20 -2.87
CA GLU A 88 75.52 -13.39 -3.71
C GLU A 88 74.13 -13.54 -4.30
N ASP A 89 73.23 -12.58 -4.06
CA ASP A 89 71.98 -12.54 -4.79
C ASP A 89 72.14 -12.07 -6.23
N THR A 90 73.34 -11.63 -6.62
CA THR A 90 73.60 -11.18 -7.98
C THR A 90 73.24 -12.26 -8.98
N ALA A 91 72.27 -11.99 -9.85
CA ALA A 91 71.79 -13.01 -10.78
C ALA A 91 70.74 -12.39 -11.70
N VAL A 92 70.35 -13.16 -12.71
CA VAL A 92 69.19 -12.81 -13.52
C VAL A 92 67.95 -13.36 -12.81
N TYR A 93 66.84 -12.64 -12.93
CA TYR A 93 65.57 -13.04 -12.31
C TYR A 93 64.49 -13.06 -13.38
N TYR A 94 63.85 -14.22 -13.55
CA TYR A 94 62.82 -14.44 -14.56
C TYR A 94 61.45 -14.48 -13.91
N CYS A 95 60.52 -13.71 -14.47
CA CYS A 95 59.11 -13.83 -14.17
C CYS A 95 58.49 -14.89 -15.06
N ALA A 96 57.74 -15.81 -14.47
CA ALA A 96 57.22 -16.97 -15.19
C ALA A 96 55.79 -17.24 -14.77
N ARG A 97 55.09 -17.96 -15.63
CA ARG A 97 53.67 -18.24 -15.45
C ARG A 97 53.46 -19.73 -15.23
N ASP A 98 52.65 -20.08 -14.24
CA ASP A 98 52.33 -21.47 -13.99
C ASP A 98 51.53 -22.04 -15.15
N SER A 99 51.81 -23.29 -15.50
CA SER A 99 51.23 -23.89 -16.69
C SER A 99 50.00 -24.70 -16.33
N PRO A 100 48.92 -24.66 -17.12
CA PRO A 100 47.92 -25.73 -17.03
C PRO A 100 48.44 -27.00 -17.67
N TYR A 101 47.59 -28.01 -17.85
CA TYR A 101 47.95 -29.34 -18.32
C TYR A 101 48.75 -30.11 -17.28
N TRP A 102 48.44 -29.95 -16.00
CA TRP A 102 49.35 -30.40 -14.96
C TRP A 102 49.10 -31.84 -14.51
N GLY A 103 47.95 -32.42 -14.82
CA GLY A 103 47.69 -33.79 -14.41
C GLY A 103 47.68 -33.97 -12.90
N ASP A 104 48.70 -34.61 -12.35
CA ASP A 104 48.93 -34.58 -10.92
C ASP A 104 49.53 -33.24 -10.52
N TYR A 105 49.31 -32.85 -9.27
CA TYR A 105 49.75 -31.54 -8.79
C TYR A 105 51.26 -31.42 -8.91
N SER A 106 51.73 -30.57 -9.83
CA SER A 106 53.14 -30.56 -10.20
C SER A 106 53.73 -29.17 -10.44
N HIS A 107 52.94 -28.14 -10.72
CA HIS A 107 53.44 -26.78 -10.93
C HIS A 107 54.46 -26.72 -12.08
N SER A 108 53.98 -26.99 -13.29
CA SER A 108 54.74 -26.66 -14.49
C SER A 108 54.70 -25.16 -14.75
N LEU A 109 55.71 -24.66 -15.46
CA LEU A 109 55.80 -23.26 -15.87
C LEU A 109 55.74 -23.17 -17.39
N ASP A 110 54.82 -22.34 -17.90
CA ASP A 110 54.55 -22.30 -19.34
C ASP A 110 55.37 -21.22 -20.04
N VAL A 111 55.16 -19.96 -19.68
CA VAL A 111 55.75 -18.82 -20.39
C VAL A 111 56.67 -18.08 -19.44
N TRP A 112 57.87 -17.77 -19.91
CA TRP A 112 58.91 -17.14 -19.12
C TRP A 112 59.17 -15.74 -19.64
N GLY A 113 59.47 -14.83 -18.71
CA GLY A 113 59.86 -13.48 -19.07
C GLY A 113 61.30 -13.43 -19.52
N ARG A 114 61.69 -12.26 -20.03
CA ARG A 114 63.03 -12.11 -20.61
C ARG A 114 64.13 -12.25 -19.58
N GLY A 115 63.88 -11.86 -18.34
CA GLY A 115 64.89 -11.90 -17.30
C GLY A 115 65.50 -10.54 -17.03
N VAL A 116 65.68 -10.21 -15.74
CA VAL A 116 66.20 -8.91 -15.32
C VAL A 116 67.47 -9.15 -14.53
N LEU A 117 68.55 -8.48 -14.94
CA LEU A 117 69.80 -8.56 -14.20
C LEU A 117 69.66 -7.81 -12.88
N VAL A 118 70.19 -8.38 -11.81
CA VAL A 118 70.25 -7.73 -10.51
C VAL A 118 71.68 -7.91 -10.00
N THR A 119 72.34 -6.80 -9.71
CA THR A 119 73.71 -6.78 -9.22
C THR A 119 73.75 -6.09 -7.86
N VAL A 120 74.46 -6.71 -6.92
CA VAL A 120 74.63 -6.17 -5.57
C VAL A 120 76.12 -6.07 -5.30
N SER A 121 76.61 -4.83 -5.20
CA SER A 121 78.02 -4.59 -4.94
C SER A 121 78.21 -3.15 -4.51
N SER A 122 79.33 -2.88 -3.87
CA SER A 122 79.65 -1.53 -3.41
C SER A 122 79.82 -0.60 -4.61
N PRO B 1 64.94 -31.18 1.30
CA PRO B 1 64.98 -32.63 1.59
C PRO B 1 65.25 -33.46 0.32
N MET B 2 64.92 -32.90 -0.85
CA MET B 2 65.13 -33.62 -2.13
C MET B 2 66.08 -32.80 -3.03
N ARG B 3 67.08 -33.46 -3.61
CA ARG B 3 68.01 -32.76 -4.53
C ARG B 3 67.97 -33.44 -5.89
N LEU B 4 67.87 -32.64 -6.96
CA LEU B 4 67.85 -33.23 -8.30
C LEU B 4 69.27 -33.18 -8.85
N THR B 5 69.79 -34.33 -9.28
CA THR B 5 71.17 -34.46 -9.72
C THR B 5 71.20 -34.85 -11.19
N GLN B 6 71.93 -34.09 -12.00
CA GLN B 6 72.12 -34.34 -13.41
C GLN B 6 73.61 -34.31 -13.70
N PRO B 7 74.07 -34.98 -14.75
CA PRO B 7 75.47 -34.81 -15.16
C PRO B 7 75.73 -33.36 -15.54
N ARG B 8 76.88 -32.84 -15.13
CA ARG B 8 77.16 -31.43 -15.35
C ARG B 8 77.34 -31.11 -16.83
N SER B 9 78.04 -31.96 -17.57
CA SER B 9 78.27 -31.76 -19.00
C SER B 9 78.10 -33.10 -19.71
N VAL B 10 77.69 -33.02 -20.98
CA VAL B 10 77.43 -34.20 -21.80
C VAL B 10 78.05 -33.98 -23.17
N SER B 11 78.64 -35.04 -23.72
CA SER B 11 79.21 -35.03 -25.07
C SER B 11 78.38 -35.97 -25.96
N VAL B 12 77.90 -35.44 -27.08
CA VAL B 12 77.06 -36.19 -28.00
C VAL B 12 77.50 -35.95 -29.43
N SER B 13 77.13 -36.89 -30.32
CA SER B 13 77.41 -36.79 -31.75
C SER B 13 76.12 -36.44 -32.49
N PRO B 14 76.14 -35.53 -33.47
CA PRO B 14 74.89 -35.19 -34.17
C PRO B 14 74.34 -36.39 -34.94
N GLY B 15 73.01 -36.49 -34.98
CA GLY B 15 72.33 -37.52 -35.73
C GLY B 15 72.00 -38.78 -34.97
N GLN B 16 72.55 -38.95 -33.76
CA GLN B 16 72.28 -40.14 -32.95
C GLN B 16 71.28 -39.79 -31.84
N THR B 17 70.99 -40.79 -31.00
CA THR B 17 70.08 -40.63 -29.87
C THR B 17 70.88 -40.45 -28.58
N ALA B 18 70.47 -39.48 -27.77
CA ALA B 18 71.19 -39.12 -26.55
C ALA B 18 70.22 -39.02 -25.40
N ARG B 19 70.75 -39.12 -24.18
CA ARG B 19 69.93 -39.12 -22.97
C ARG B 19 70.62 -38.32 -21.88
N ILE B 20 69.84 -37.56 -21.12
CA ILE B 20 70.30 -36.79 -19.97
C ILE B 20 69.51 -37.23 -18.76
N THR B 21 70.20 -37.67 -17.72
CA THR B 21 69.55 -38.29 -16.56
C THR B 21 69.30 -37.27 -15.45
N CYS B 22 68.32 -37.58 -14.60
CA CYS B 22 68.00 -36.76 -13.43
C CYS B 22 67.48 -37.68 -12.34
N GLY B 23 68.06 -37.57 -11.14
CA GLY B 23 67.69 -38.43 -10.04
C GLY B 23 67.52 -37.66 -8.75
N GLY B 24 66.73 -38.23 -7.85
CA GLY B 24 66.48 -37.62 -6.56
C GLY B 24 65.58 -38.46 -5.68
N ASP B 25 65.57 -38.18 -4.38
CA ASP B 25 64.73 -38.92 -3.46
C ASP B 25 63.27 -38.63 -3.74
N ASN B 26 62.45 -39.68 -3.73
CA ASN B 26 61.01 -39.61 -4.01
C ASN B 26 60.73 -39.04 -5.40
N ILE B 27 61.70 -39.08 -6.31
CA ILE B 27 61.50 -38.53 -7.65
C ILE B 27 60.53 -39.35 -8.47
N GLY B 28 60.45 -40.66 -8.23
CA GLY B 28 59.60 -41.51 -9.06
C GLY B 28 58.14 -41.11 -9.01
N SER B 29 57.62 -40.88 -7.80
CA SER B 29 56.22 -40.49 -7.68
C SER B 29 55.98 -39.07 -8.14
N LYS B 30 56.85 -38.14 -7.77
CA LYS B 30 56.66 -36.74 -8.12
C LYS B 30 56.96 -36.51 -9.60
N SER B 31 56.27 -35.54 -10.18
CA SER B 31 56.43 -35.26 -11.60
C SER B 31 57.83 -34.69 -11.87
N VAL B 32 58.41 -35.11 -12.99
CA VAL B 32 59.74 -34.67 -13.40
C VAL B 32 59.58 -33.91 -14.71
N HIS B 33 59.56 -32.58 -14.62
CA HIS B 33 59.47 -31.74 -15.81
C HIS B 33 60.86 -31.53 -16.38
N TRP B 34 60.90 -31.16 -17.66
CA TRP B 34 62.17 -30.92 -18.35
C TRP B 34 62.10 -29.64 -19.16
N TYR B 35 63.13 -28.80 -18.98
CA TYR B 35 63.23 -27.47 -19.58
C TYR B 35 64.49 -27.34 -20.42
N GLN B 36 64.34 -26.75 -21.60
CA GLN B 36 65.45 -26.40 -22.48
C GLN B 36 65.78 -24.92 -22.27
N GLN B 37 67.07 -24.61 -22.13
CA GLN B 37 67.51 -23.28 -21.72
C GLN B 37 68.87 -23.01 -22.32
N LYS B 38 68.92 -22.11 -23.30
CA LYS B 38 70.19 -21.53 -23.72
C LYS B 38 70.63 -20.54 -22.65
N PRO B 39 71.93 -20.40 -22.37
CA PRO B 39 72.36 -19.67 -21.16
C PRO B 39 71.81 -18.26 -21.08
N PRO B 40 71.76 -17.48 -22.18
CA PRO B 40 71.20 -16.13 -22.08
C PRO B 40 69.71 -16.04 -22.30
N GLN B 41 69.11 -16.97 -23.04
CA GLN B 41 67.71 -16.85 -23.43
C GLN B 41 66.78 -17.30 -22.31
N ALA B 42 65.50 -17.00 -22.47
CA ALA B 42 64.50 -17.39 -21.49
C ALA B 42 64.28 -18.90 -21.56
N PRO B 43 64.00 -19.57 -20.44
CA PRO B 43 63.68 -21.00 -20.52
C PRO B 43 62.38 -21.26 -21.27
N VAL B 44 62.35 -22.39 -21.96
CA VAL B 44 61.14 -22.90 -22.59
C VAL B 44 61.01 -24.37 -22.20
N LEU B 45 59.85 -24.73 -21.65
CA LEU B 45 59.65 -26.10 -21.19
C LEU B 45 59.50 -27.03 -22.38
N VAL B 46 60.23 -28.15 -22.34
CA VAL B 46 60.15 -29.15 -23.38
C VAL B 46 59.26 -30.32 -23.00
N ILE B 47 59.21 -30.72 -21.74
CA ILE B 47 58.31 -31.78 -21.27
C ILE B 47 57.64 -31.29 -20.01
N TYR B 48 56.31 -31.21 -20.02
CA TYR B 48 55.55 -30.61 -18.92
C TYR B 48 55.06 -31.62 -17.91
N ASP B 49 55.02 -32.91 -18.27
CA ASP B 49 54.60 -33.96 -17.37
C ASP B 49 55.74 -34.99 -17.39
N ASP B 50 55.55 -36.18 -16.83
CA ASP B 50 56.54 -37.23 -17.01
C ASP B 50 56.70 -37.63 -18.48
N ARG B 51 55.64 -37.48 -19.28
CA ARG B 51 55.52 -38.11 -20.60
C ARG B 51 55.30 -37.12 -21.72
N ALA B 52 54.45 -36.12 -21.51
CA ALA B 52 53.85 -35.37 -22.62
C ALA B 52 54.59 -34.07 -22.90
N ARG B 53 54.58 -33.68 -24.18
CA ARG B 53 55.19 -32.43 -24.64
C ARG B 53 54.12 -31.33 -24.75
N PRO B 54 54.47 -30.06 -24.54
CA PRO B 54 53.50 -29.00 -24.84
C PRO B 54 53.41 -28.75 -26.35
N SER B 55 52.35 -28.03 -26.73
CA SER B 55 52.08 -27.82 -28.14
C SER B 55 53.13 -26.92 -28.77
N GLY B 56 53.60 -27.30 -29.97
CA GLY B 56 54.55 -26.52 -30.74
C GLY B 56 55.98 -26.97 -30.64
N ILE B 57 56.33 -27.74 -29.62
CA ILE B 57 57.72 -28.16 -29.44
C ILE B 57 58.01 -29.36 -30.34
N PRO B 58 59.22 -29.49 -30.90
CA PRO B 58 59.48 -30.60 -31.83
C PRO B 58 59.30 -31.96 -31.17
N GLU B 59 58.92 -32.94 -31.98
CA GLU B 59 58.60 -34.28 -31.51
C GLU B 59 59.84 -35.10 -31.14
N ARG B 60 61.05 -34.63 -31.44
CA ARG B 60 62.23 -35.45 -31.20
C ARG B 60 62.58 -35.59 -29.72
N PHE B 61 61.91 -34.84 -28.84
CA PHE B 61 62.17 -34.89 -27.41
C PHE B 61 61.17 -35.82 -26.73
N SER B 62 61.63 -36.54 -25.71
CA SER B 62 60.71 -37.31 -24.88
C SER B 62 61.38 -37.63 -23.55
N GLY B 63 60.67 -37.37 -22.46
CA GLY B 63 61.16 -37.70 -21.13
C GLY B 63 60.98 -39.18 -20.88
N SER B 64 61.36 -39.63 -19.69
CA SER B 64 61.03 -40.97 -19.22
C SER B 64 61.37 -41.07 -17.75
N LYS B 65 60.89 -42.14 -17.11
CA LYS B 65 61.31 -42.41 -15.73
C LYS B 65 61.06 -43.87 -15.39
N SER B 66 61.84 -44.35 -14.43
CA SER B 66 61.70 -45.70 -13.91
C SER B 66 62.27 -45.73 -12.50
N GLY B 67 61.59 -46.45 -11.60
CA GLY B 67 62.03 -46.53 -10.23
C GLY B 67 62.11 -45.16 -9.58
N ASN B 68 63.33 -44.67 -9.36
CA ASN B 68 63.57 -43.33 -8.84
C ASN B 68 64.63 -42.62 -9.68
N THR B 69 64.53 -42.78 -11.00
CA THR B 69 65.37 -42.06 -11.95
C THR B 69 64.53 -41.60 -13.13
N ALA B 70 64.98 -40.54 -13.78
CA ALA B 70 64.27 -39.96 -14.92
C ALA B 70 65.29 -39.59 -15.98
N THR B 71 64.79 -39.36 -17.19
CA THR B 71 65.64 -39.18 -18.36
C THR B 71 64.97 -38.21 -19.31
N LEU B 72 65.78 -37.47 -20.07
CA LEU B 72 65.33 -36.72 -21.23
C LEU B 72 66.06 -37.28 -22.44
N ALA B 73 65.31 -37.85 -23.38
CA ALA B 73 65.86 -38.51 -24.56
C ALA B 73 65.63 -37.63 -25.78
N ILE B 74 66.70 -37.43 -26.54
CA ILE B 74 66.70 -36.61 -27.75
C ILE B 74 67.04 -37.54 -28.91
N SER B 75 66.14 -37.60 -29.89
CA SER B 75 66.34 -38.41 -31.08
C SER B 75 66.90 -37.55 -32.19
N GLY B 76 68.00 -38.00 -32.79
CA GLY B 76 68.62 -37.23 -33.86
C GLY B 76 69.19 -35.93 -33.34
N VAL B 77 70.26 -36.01 -32.57
CA VAL B 77 70.88 -34.86 -31.91
C VAL B 77 71.14 -33.76 -32.93
N GLU B 78 70.71 -32.54 -32.60
CA GLU B 78 70.82 -31.38 -33.47
C GLU B 78 71.64 -30.30 -32.77
N ALA B 79 72.18 -29.38 -33.57
CA ALA B 79 72.78 -28.19 -33.00
C ALA B 79 71.77 -27.38 -32.20
N GLY B 80 70.49 -27.43 -32.60
CA GLY B 80 69.45 -26.78 -31.83
C GLY B 80 69.29 -27.35 -30.44
N ASP B 81 69.73 -28.59 -30.23
CA ASP B 81 69.79 -29.17 -28.89
C ASP B 81 70.99 -28.67 -28.09
N GLU B 82 71.92 -27.96 -28.73
CA GLU B 82 73.15 -27.53 -28.09
C GLU B 82 72.83 -26.38 -27.13
N ALA B 83 72.38 -26.75 -25.94
CA ALA B 83 72.04 -25.79 -24.91
C ALA B 83 71.94 -26.52 -23.59
N ASP B 84 71.76 -25.76 -22.51
CA ASP B 84 71.60 -26.36 -21.20
C ASP B 84 70.19 -26.91 -21.02
N TYR B 85 70.06 -27.88 -20.13
CA TYR B 85 68.78 -28.52 -19.83
C TYR B 85 68.64 -28.69 -18.33
N TYR B 86 67.39 -28.66 -17.85
CA TYR B 86 67.12 -28.69 -16.42
C TYR B 86 65.94 -29.61 -16.15
N CYS B 87 66.03 -30.36 -15.06
CA CYS B 87 64.90 -31.15 -14.57
C CYS B 87 64.31 -30.49 -13.34
N GLN B 88 62.99 -30.29 -13.37
CA GLN B 88 62.26 -29.62 -12.31
C GLN B 88 61.35 -30.62 -11.62
N VAL B 89 61.18 -30.43 -10.32
CA VAL B 89 60.23 -31.22 -9.53
C VAL B 89 59.57 -30.30 -8.51
N TRP B 90 58.27 -30.47 -8.32
CA TRP B 90 57.55 -29.77 -7.26
C TRP B 90 57.23 -30.73 -6.14
N ASP B 91 57.31 -30.23 -4.91
CA ASP B 91 56.89 -30.97 -3.74
C ASP B 91 56.25 -30.01 -2.75
N SER B 92 55.39 -30.53 -1.89
CA SER B 92 54.86 -29.72 -0.80
C SER B 92 55.97 -29.24 0.11
N SER B 93 57.08 -29.96 0.18
CA SER B 93 58.26 -29.51 0.89
C SER B 93 59.17 -28.79 -0.10
N SER B 94 59.40 -27.49 0.12
CA SER B 94 60.27 -26.64 -0.66
C SER B 94 59.67 -26.19 -1.98
N ASP B 95 58.50 -26.71 -2.36
CA ASP B 95 57.78 -26.25 -3.55
C ASP B 95 58.61 -26.60 -4.79
N VAL B 96 58.99 -25.64 -5.62
CA VAL B 96 59.66 -25.92 -6.89
C VAL B 96 61.16 -26.06 -6.65
N LEU B 97 61.78 -27.01 -7.34
CA LEU B 97 63.22 -27.18 -7.29
C LEU B 97 63.74 -27.62 -8.65
N PHE B 98 64.81 -26.98 -9.10
CA PHE B 98 65.52 -27.33 -10.33
C PHE B 98 66.83 -28.02 -9.97
N GLY B 99 67.36 -28.80 -10.91
CA GLY B 99 68.61 -29.48 -10.70
C GLY B 99 69.80 -28.75 -11.29
N GLY B 100 70.94 -29.42 -11.25
CA GLY B 100 72.13 -28.89 -11.88
C GLY B 100 72.04 -28.96 -13.39
N GLY B 101 72.22 -27.82 -14.06
CA GLY B 101 72.08 -27.76 -15.50
C GLY B 101 73.04 -28.67 -16.24
N THR B 102 72.51 -29.49 -17.16
CA THR B 102 73.33 -30.38 -17.96
C THR B 102 73.75 -29.63 -19.21
N ARG B 103 75.04 -29.31 -19.30
CA ARG B 103 75.57 -28.52 -20.41
C ARG B 103 75.84 -29.47 -21.59
N LEU B 104 75.02 -29.38 -22.62
CA LEU B 104 75.19 -30.22 -23.79
C LEU B 104 76.22 -29.61 -24.72
N THR B 105 77.08 -30.45 -25.29
CA THR B 105 78.09 -30.01 -26.24
C THR B 105 78.48 -31.18 -27.14
N TYR C 1 -19.11 -63.25 -46.70
CA TYR C 1 -20.22 -63.53 -45.75
C TYR C 1 -20.57 -62.29 -44.96
N GLU C 2 -21.85 -61.93 -44.97
CA GLU C 2 -22.32 -60.74 -44.28
C GLU C 2 -22.75 -61.10 -42.86
N HIS C 3 -22.17 -60.41 -41.87
CA HIS C 3 -22.53 -60.57 -40.47
C HIS C 3 -22.67 -59.18 -39.89
N ALA C 4 -23.49 -59.04 -38.86
CA ALA C 4 -23.75 -57.72 -38.28
C ALA C 4 -24.02 -57.87 -36.80
N THR C 5 -23.44 -56.97 -36.01
CA THR C 5 -23.62 -57.03 -34.56
C THR C 5 -23.40 -55.65 -33.96
N THR C 6 -24.34 -55.24 -33.11
CA THR C 6 -24.23 -53.94 -32.45
C THR C 6 -23.07 -53.97 -31.46
N MET C 7 -22.30 -52.89 -31.41
CA MET C 7 -21.17 -52.74 -30.52
C MET C 7 -21.42 -51.57 -29.59
N PRO C 8 -21.45 -51.74 -28.26
CA PRO C 8 -21.68 -50.58 -27.38
C PRO C 8 -20.60 -49.53 -27.56
N SER C 9 -21.04 -48.28 -27.66
CA SER C 9 -20.15 -47.16 -27.97
C SER C 9 -19.40 -46.64 -26.76
N GLN C 10 -18.70 -47.51 -26.04
CA GLN C 10 -17.94 -47.11 -24.86
C GLN C 10 -16.46 -47.11 -25.20
N ALA C 11 -15.76 -46.07 -24.75
CA ALA C 11 -14.34 -45.91 -25.04
C ALA C 11 -13.51 -46.65 -24.01
N GLY C 12 -12.62 -47.51 -24.49
CA GLY C 12 -11.72 -48.26 -23.63
C GLY C 12 -12.16 -49.68 -23.38
N ILE C 13 -13.46 -49.95 -23.48
CA ILE C 13 -13.98 -51.28 -23.23
C ILE C 13 -13.97 -52.06 -24.54
N SER C 14 -13.63 -53.34 -24.46
CA SER C 14 -13.53 -54.18 -25.65
C SER C 14 -14.85 -54.88 -25.92
N TYR C 15 -14.92 -55.55 -27.07
CA TYR C 15 -16.08 -56.34 -27.45
C TYR C 15 -15.62 -57.50 -28.31
N ASN C 16 -16.20 -58.68 -28.10
CA ASN C 16 -15.81 -59.90 -28.78
C ASN C 16 -17.04 -60.61 -29.33
N THR C 17 -16.83 -61.42 -30.37
CA THR C 17 -17.89 -62.23 -30.95
C THR C 17 -17.22 -63.38 -31.70
N ILE C 18 -18.00 -64.42 -31.99
CA ILE C 18 -17.55 -65.56 -32.75
C ILE C 18 -18.50 -65.70 -33.93
N VAL C 19 -17.96 -65.82 -35.14
CA VAL C 19 -18.79 -66.13 -36.29
C VAL C 19 -18.53 -67.58 -36.70
N ASN C 20 -19.61 -68.33 -36.87
CA ASN C 20 -19.55 -69.77 -37.03
C ASN C 20 -20.58 -70.24 -38.04
N ARG C 21 -20.37 -71.42 -38.59
CA ARG C 21 -21.33 -72.04 -39.50
C ARG C 21 -21.20 -73.55 -39.37
N ALA C 22 -22.20 -74.26 -39.92
CA ALA C 22 -22.38 -75.68 -39.65
C ALA C 22 -21.15 -76.51 -40.00
N GLY C 23 -20.33 -76.03 -40.93
CA GLY C 23 -19.17 -76.79 -41.37
C GLY C 23 -17.87 -76.00 -41.36
N TYR C 24 -17.85 -74.86 -40.68
CA TYR C 24 -16.67 -74.01 -40.60
C TYR C 24 -16.38 -73.66 -39.15
N ALA C 25 -15.09 -73.70 -38.80
CA ALA C 25 -14.65 -73.53 -37.42
C ALA C 25 -14.93 -72.11 -36.93
N PRO C 26 -15.02 -71.91 -35.62
CA PRO C 26 -15.30 -70.57 -35.13
C PRO C 26 -14.20 -69.58 -35.47
N LEU C 27 -14.58 -68.47 -36.08
CA LEU C 27 -13.66 -67.39 -36.42
C LEU C 27 -13.92 -66.27 -35.42
N PRO C 28 -12.97 -65.99 -34.52
CA PRO C 28 -13.20 -64.90 -33.56
C PRO C 28 -13.08 -63.53 -34.22
N ILE C 29 -13.80 -62.57 -33.66
CA ILE C 29 -13.78 -61.18 -34.09
C ILE C 29 -13.76 -60.31 -32.84
N SER C 30 -12.83 -59.36 -32.77
CA SER C 30 -12.70 -58.49 -31.62
C SER C 30 -12.61 -57.05 -32.08
N ILE C 31 -13.27 -56.17 -31.33
CA ILE C 31 -13.28 -54.73 -31.59
C ILE C 31 -12.92 -54.02 -30.29
N THR C 32 -12.23 -52.88 -30.42
CA THR C 32 -11.88 -52.05 -29.27
C THR C 32 -11.81 -50.59 -29.73
N PRO C 33 -12.84 -49.79 -29.44
CA PRO C 33 -12.76 -48.36 -29.76
C PRO C 33 -11.98 -47.58 -28.73
N THR C 34 -10.77 -47.13 -29.09
CA THR C 34 -9.94 -46.43 -28.12
C THR C 34 -10.33 -44.96 -27.97
N LYS C 35 -10.99 -44.40 -28.98
CA LYS C 35 -11.42 -43.01 -28.89
C LYS C 35 -12.50 -42.75 -29.93
N ILE C 36 -13.72 -42.48 -29.47
CA ILE C 36 -14.84 -42.15 -30.34
C ILE C 36 -14.99 -40.64 -30.35
N LYS C 37 -14.97 -40.07 -31.54
CA LYS C 37 -14.90 -38.63 -31.75
C LYS C 37 -16.22 -38.16 -32.32
N LEU C 38 -16.67 -36.98 -31.88
CA LEU C 38 -17.93 -36.38 -32.32
C LEU C 38 -17.65 -34.98 -32.82
N ILE C 39 -17.30 -34.87 -34.10
CA ILE C 39 -16.96 -33.60 -34.74
C ILE C 39 -18.25 -33.02 -35.35
N PRO C 40 -18.65 -31.80 -35.01
CA PRO C 40 -19.81 -31.21 -35.67
C PRO C 40 -19.39 -30.36 -36.87
N THR C 41 -20.30 -30.28 -37.84
CA THR C 41 -20.11 -29.39 -38.98
C THR C 41 -20.32 -27.96 -38.52
N VAL C 42 -19.29 -27.13 -38.64
CA VAL C 42 -19.26 -25.83 -37.98
C VAL C 42 -18.73 -24.78 -38.96
N ASN C 43 -19.29 -23.57 -38.85
CA ASN C 43 -18.82 -22.41 -39.59
C ASN C 43 -18.76 -21.21 -38.66
N LEU C 44 -17.84 -20.29 -38.96
CA LEU C 44 -17.61 -19.15 -38.08
C LEU C 44 -18.53 -18.00 -38.45
N GLU C 45 -19.28 -17.52 -37.46
CA GLU C 45 -20.11 -16.33 -37.65
C GLU C 45 -19.34 -15.05 -37.37
N TYR C 46 -18.63 -14.98 -36.25
CA TYR C 46 -17.75 -13.82 -36.08
C TYR C 46 -16.75 -14.08 -34.97
N VAL C 47 -15.94 -13.05 -34.69
CA VAL C 47 -15.00 -13.07 -33.58
C VAL C 47 -15.14 -11.74 -32.85
N THR C 48 -15.13 -11.83 -31.52
CA THR C 48 -15.31 -10.65 -30.67
C THR C 48 -14.20 -10.60 -29.64
N CYS C 49 -13.95 -9.40 -29.13
CA CYS C 49 -12.86 -9.19 -28.19
C CYS C 49 -13.09 -7.88 -27.47
N HIS C 50 -12.19 -7.55 -26.55
CA HIS C 50 -12.24 -6.26 -25.88
C HIS C 50 -12.13 -5.15 -26.90
N TYR C 51 -12.91 -4.08 -26.70
CA TYR C 51 -12.78 -2.91 -27.54
C TYR C 51 -11.72 -1.98 -26.98
N LYS C 52 -11.39 -0.95 -27.76
CA LYS C 52 -10.72 0.22 -27.26
C LYS C 52 -11.28 1.43 -27.96
N THR C 53 -11.49 2.49 -27.20
CA THR C 53 -12.18 3.68 -27.67
C THR C 53 -11.14 4.65 -28.20
N GLY C 54 -10.88 4.57 -29.50
CA GLY C 54 -10.03 5.57 -30.12
C GLY C 54 -10.73 6.90 -30.20
N MET C 55 -9.96 7.97 -30.36
CA MET C 55 -10.56 9.29 -30.36
C MET C 55 -9.58 10.27 -30.97
N ASP C 56 -10.07 11.04 -31.94
CA ASP C 56 -9.24 12.02 -32.60
C ASP C 56 -8.88 13.13 -31.63
N SER C 57 -7.71 13.71 -31.82
CA SER C 57 -7.30 14.81 -30.97
C SER C 57 -8.30 15.95 -31.14
N PRO C 58 -8.68 16.65 -30.06
CA PRO C 58 -9.63 17.76 -30.23
C PRO C 58 -9.09 18.79 -31.19
N ALA C 59 -9.95 19.26 -32.09
CA ALA C 59 -9.61 20.35 -33.00
C ALA C 59 -10.22 21.62 -32.43
N ILE C 60 -9.37 22.54 -32.00
CA ILE C 60 -9.77 23.74 -31.29
C ILE C 60 -9.56 24.93 -32.22
N LYS C 61 -10.61 25.70 -32.44
CA LYS C 61 -10.56 26.93 -33.21
C LYS C 61 -10.87 28.08 -32.27
N CYS C 62 -9.98 29.08 -32.24
CA CYS C 62 -10.10 30.18 -31.30
C CYS C 62 -11.02 31.26 -31.86
N CYS C 63 -12.17 31.43 -31.22
CA CYS C 63 -13.27 32.26 -31.70
C CYS C 63 -13.46 32.12 -33.21
N GLY C 64 -13.77 30.89 -33.60
CA GLY C 64 -14.25 30.60 -34.93
C GLY C 64 -15.11 29.36 -34.89
N SER C 65 -16.07 29.31 -35.79
CA SER C 65 -17.01 28.20 -35.84
C SER C 65 -16.39 27.01 -36.56
N GLN C 66 -16.86 25.82 -36.18
CA GLN C 66 -16.45 24.56 -36.81
C GLN C 66 -17.68 23.77 -37.18
N GLU C 67 -17.45 22.66 -37.88
CA GLU C 67 -18.51 21.78 -38.36
C GLU C 67 -18.18 20.34 -37.97
N CYS C 68 -19.23 19.54 -37.78
CA CYS C 68 -19.07 18.13 -37.46
C CYS C 68 -18.68 17.36 -38.72
N THR C 69 -17.41 17.42 -39.10
CA THR C 69 -16.97 16.78 -40.33
C THR C 69 -17.11 15.27 -40.19
N PRO C 70 -17.90 14.59 -41.04
CA PRO C 70 -18.15 13.17 -40.81
C PRO C 70 -17.10 12.28 -41.47
N THR C 71 -16.64 11.29 -40.70
CA THR C 71 -15.97 10.12 -41.26
C THR C 71 -16.83 8.91 -40.90
N TYR C 72 -16.38 7.72 -41.29
CA TYR C 72 -17.24 6.54 -41.29
C TYR C 72 -16.62 5.39 -40.50
N ARG C 73 -16.15 5.68 -39.29
CA ARG C 73 -15.54 4.65 -38.47
C ARG C 73 -16.60 4.02 -37.55
N PRO C 74 -16.32 2.85 -36.98
CA PRO C 74 -17.34 2.15 -36.19
C PRO C 74 -17.81 2.96 -34.99
N ASP C 75 -19.13 2.98 -34.80
CA ASP C 75 -19.78 3.59 -33.62
C ASP C 75 -19.24 5.00 -33.38
N GLU C 76 -19.14 5.79 -34.44
CA GLU C 76 -18.56 7.11 -34.31
C GLU C 76 -19.53 8.05 -33.61
N GLN C 77 -18.99 8.91 -32.76
CA GLN C 77 -19.69 10.07 -32.24
C GLN C 77 -18.83 11.30 -32.49
N CYS C 78 -19.44 12.34 -33.04
CA CYS C 78 -18.75 13.59 -33.32
C CYS C 78 -19.60 14.74 -32.79
N LYS C 79 -18.97 15.71 -32.13
CA LYS C 79 -19.72 16.82 -31.58
C LYS C 79 -18.84 18.05 -31.49
N VAL C 80 -19.47 19.20 -31.66
CA VAL C 80 -18.80 20.50 -31.71
C VAL C 80 -19.22 21.28 -30.48
N PHE C 81 -18.40 21.25 -29.44
CA PHE C 81 -18.69 21.94 -28.19
C PHE C 81 -18.23 23.39 -28.29
N THR C 82 -19.14 24.32 -28.08
CA THR C 82 -18.85 25.75 -28.14
C THR C 82 -18.64 26.29 -26.73
N GLY C 83 -18.19 27.54 -26.67
CA GLY C 83 -17.97 28.18 -25.39
C GLY C 83 -16.92 27.51 -24.53
N VAL C 84 -15.80 27.11 -25.11
CA VAL C 84 -14.72 26.45 -24.40
C VAL C 84 -13.56 27.43 -24.26
N TYR C 85 -12.68 27.16 -23.30
CA TYR C 85 -11.49 27.97 -23.08
C TYR C 85 -10.39 27.06 -22.57
N PRO C 86 -9.74 26.30 -23.44
CA PRO C 86 -8.81 25.27 -22.98
C PRO C 86 -7.50 25.85 -22.48
N PHE C 87 -6.85 25.08 -21.63
CA PHE C 87 -5.55 25.42 -21.07
C PHE C 87 -4.56 24.31 -21.38
N MET C 88 -3.33 24.69 -21.70
CA MET C 88 -2.22 23.77 -21.89
C MET C 88 -1.14 24.09 -20.86
N TRP C 89 -0.01 23.39 -20.96
CA TRP C 89 1.08 23.63 -20.03
C TRP C 89 1.63 25.05 -20.14
N GLY C 90 1.46 25.69 -21.29
CA GLY C 90 1.95 27.03 -21.51
C GLY C 90 0.95 28.14 -21.27
N GLY C 91 -0.24 27.82 -20.78
CA GLY C 91 -1.27 28.81 -20.52
C GLY C 91 -2.47 28.64 -21.45
N ALA C 92 -3.28 29.68 -21.50
CA ALA C 92 -4.52 29.64 -22.27
C ALA C 92 -4.22 29.45 -23.75
N TYR C 93 -4.97 28.55 -24.39
CA TYR C 93 -4.75 28.30 -25.81
C TYR C 93 -5.25 29.45 -26.66
N CYS C 94 -6.40 30.04 -26.31
CA CYS C 94 -7.00 31.14 -27.06
C CYS C 94 -7.11 32.40 -26.21
N PHE C 95 -7.31 33.51 -26.91
CA PHE C 95 -7.45 34.82 -26.32
C PHE C 95 -8.90 35.28 -26.24
N CYS C 96 -9.73 34.88 -27.20
CA CYS C 96 -11.16 35.17 -27.13
C CYS C 96 -11.76 34.37 -25.98
N ASP C 97 -12.47 35.07 -25.09
CA ASP C 97 -13.05 34.39 -23.93
C ASP C 97 -14.20 33.48 -24.33
N THR C 98 -15.08 33.96 -25.21
CA THR C 98 -16.19 33.18 -25.73
C THR C 98 -15.97 32.85 -27.21
N GLU C 99 -16.94 32.15 -27.79
CA GLU C 99 -16.98 31.81 -29.21
C GLU C 99 -15.92 30.80 -29.64
N ASN C 100 -15.02 30.38 -28.75
CA ASN C 100 -14.06 29.35 -29.12
C ASN C 100 -14.77 28.02 -29.23
N THR C 101 -14.27 27.18 -30.13
CA THR C 101 -14.95 25.95 -30.50
C THR C 101 -13.98 24.78 -30.40
N GLN C 102 -14.49 23.63 -29.96
CA GLN C 102 -13.73 22.41 -29.89
C GLN C 102 -14.55 21.29 -30.49
N VAL C 103 -14.10 20.76 -31.62
CA VAL C 103 -14.75 19.60 -32.25
C VAL C 103 -14.00 18.36 -31.82
N SER C 104 -14.73 17.40 -31.27
CA SER C 104 -14.17 16.17 -30.73
C SER C 104 -14.97 14.98 -31.25
N LYS C 105 -14.26 13.90 -31.57
CA LYS C 105 -14.92 12.71 -32.05
C LYS C 105 -14.20 11.46 -31.55
N ALA C 106 -14.99 10.43 -31.27
CA ALA C 106 -14.53 9.18 -30.71
C ALA C 106 -15.17 8.02 -31.45
N TYR C 107 -14.50 6.87 -31.42
CA TYR C 107 -14.93 5.69 -32.16
C TYR C 107 -14.41 4.45 -31.46
N VAL C 108 -14.95 3.30 -31.87
CA VAL C 108 -14.60 2.00 -31.31
C VAL C 108 -13.69 1.30 -32.29
N MET C 109 -12.70 0.57 -31.77
CA MET C 109 -11.89 -0.29 -32.62
C MET C 109 -11.43 -1.50 -31.82
N LYS C 110 -10.97 -2.52 -32.55
CA LYS C 110 -10.56 -3.77 -31.90
C LYS C 110 -9.36 -3.53 -31.00
N SER C 111 -9.33 -4.25 -29.89
CA SER C 111 -8.20 -4.15 -28.97
C SER C 111 -6.93 -4.62 -29.65
N ASP C 112 -5.80 -4.07 -29.20
CA ASP C 112 -4.51 -4.46 -29.77
C ASP C 112 -4.23 -5.93 -29.55
N ASP C 113 -4.80 -6.51 -28.50
CA ASP C 113 -4.59 -7.92 -28.18
C ASP C 113 -5.61 -8.84 -28.84
N CYS C 114 -6.51 -8.30 -29.67
CA CYS C 114 -7.56 -9.13 -30.27
C CYS C 114 -7.00 -10.22 -31.17
N LEU C 115 -5.78 -10.05 -31.69
CA LEU C 115 -5.22 -11.05 -32.58
C LEU C 115 -4.94 -12.37 -31.85
N ALA C 116 -4.86 -12.34 -30.52
CA ALA C 116 -4.54 -13.51 -29.72
C ALA C 116 -5.48 -13.73 -28.53
N ASP C 117 -6.31 -12.76 -28.19
CA ASP C 117 -7.25 -12.86 -27.08
C ASP C 117 -8.65 -12.49 -27.59
N HIS C 118 -9.36 -13.49 -28.09
CA HIS C 118 -10.67 -13.25 -28.69
C HIS C 118 -11.51 -14.52 -28.56
N ALA C 119 -12.81 -14.35 -28.69
CA ALA C 119 -13.76 -15.45 -28.68
C ALA C 119 -14.42 -15.58 -30.04
N GLU C 120 -14.53 -16.83 -30.49
CA GLU C 120 -15.03 -17.16 -31.82
C GLU C 120 -16.46 -17.65 -31.70
N ALA C 121 -17.40 -16.90 -32.25
CA ALA C 121 -18.81 -17.25 -32.24
C ALA C 121 -19.13 -18.04 -33.49
N TYR C 122 -19.50 -19.32 -33.30
CA TYR C 122 -19.75 -20.28 -34.37
C TYR C 122 -21.20 -20.73 -34.38
N LYS C 123 -21.61 -21.32 -35.50
CA LYS C 123 -22.84 -22.12 -35.58
C LYS C 123 -22.48 -23.56 -35.94
N ALA C 124 -23.03 -24.50 -35.18
CA ALA C 124 -22.78 -25.93 -35.38
C ALA C 124 -24.04 -26.60 -35.90
N HIS C 125 -23.93 -27.26 -37.04
CA HIS C 125 -25.10 -27.73 -37.79
C HIS C 125 -25.39 -29.22 -37.57
N THR C 126 -24.45 -30.09 -37.94
CA THR C 126 -24.69 -31.53 -37.95
C THR C 126 -23.45 -32.25 -37.46
N ALA C 127 -23.64 -33.50 -37.07
CA ALA C 127 -22.59 -34.29 -36.44
C ALA C 127 -21.90 -35.21 -37.43
N SER C 128 -20.62 -35.44 -37.19
CA SER C 128 -19.85 -36.49 -37.87
C SER C 128 -19.08 -37.28 -36.82
N VAL C 129 -19.28 -38.59 -36.82
CA VAL C 129 -18.72 -39.48 -35.79
C VAL C 129 -17.64 -40.32 -36.43
N GLN C 130 -16.42 -40.21 -35.92
CA GLN C 130 -15.29 -41.02 -36.37
C GLN C 130 -14.58 -41.56 -35.14
N ALA C 131 -14.19 -42.83 -35.20
CA ALA C 131 -13.64 -43.53 -34.05
C ALA C 131 -12.38 -44.28 -34.42
N PHE C 132 -11.40 -44.24 -33.53
CA PHE C 132 -10.17 -45.01 -33.68
C PHE C 132 -10.44 -46.40 -33.10
N LEU C 133 -10.37 -47.43 -33.96
CA LEU C 133 -10.78 -48.79 -33.52
C LEU C 133 -9.66 -49.81 -33.72
N ASN C 134 -9.59 -50.83 -32.87
CA ASN C 134 -8.62 -51.94 -33.04
C ASN C 134 -9.45 -53.16 -33.45
N ILE C 135 -9.29 -53.65 -34.67
CA ILE C 135 -10.19 -54.75 -35.15
C ILE C 135 -9.36 -56.00 -35.46
N THR C 136 -9.70 -57.13 -34.86
CA THR C 136 -9.01 -58.38 -35.15
C THR C 136 -10.03 -59.40 -35.64
N VAL C 137 -9.65 -60.16 -36.66
CA VAL C 137 -10.48 -61.23 -37.20
C VAL C 137 -9.55 -62.40 -37.47
N GLY C 138 -9.64 -63.44 -36.63
CA GLY C 138 -8.83 -64.62 -36.84
C GLY C 138 -7.35 -64.34 -36.87
N GLU C 139 -6.87 -63.51 -35.96
CA GLU C 139 -5.48 -63.07 -35.84
C GLU C 139 -5.05 -62.15 -36.97
N HIS C 140 -5.94 -61.75 -37.87
CA HIS C 140 -5.67 -60.63 -38.77
C HIS C 140 -6.11 -59.36 -38.07
N SER C 141 -5.14 -58.56 -37.62
CA SER C 141 -5.40 -57.42 -36.76
C SER C 141 -5.08 -56.12 -37.49
N ILE C 142 -5.83 -55.07 -37.16
CA ILE C 142 -5.66 -53.76 -37.76
C ILE C 142 -6.03 -52.70 -36.74
N VAL C 143 -5.37 -51.55 -36.83
CA VAL C 143 -5.68 -50.37 -36.03
C VAL C 143 -5.91 -49.23 -37.01
N THR C 144 -7.12 -48.68 -37.00
CA THR C 144 -7.55 -47.75 -38.04
C THR C 144 -8.39 -46.65 -37.44
N THR C 145 -8.79 -45.72 -38.30
CA THR C 145 -9.75 -44.68 -37.97
C THR C 145 -10.94 -44.83 -38.91
N VAL C 146 -12.06 -45.29 -38.37
CA VAL C 146 -13.26 -45.55 -39.17
C VAL C 146 -14.22 -44.38 -39.01
N TYR C 147 -14.71 -43.89 -40.14
CA TYR C 147 -15.73 -42.84 -40.14
C TYR C 147 -17.08 -43.50 -39.94
N VAL C 148 -17.73 -43.20 -38.82
CA VAL C 148 -18.97 -43.86 -38.45
C VAL C 148 -20.13 -43.17 -39.15
N ASN C 149 -20.41 -43.60 -40.39
CA ASN C 149 -21.54 -43.10 -41.14
C ASN C 149 -22.29 -44.19 -41.89
N GLY C 150 -21.82 -45.43 -41.85
CA GLY C 150 -22.42 -46.52 -42.61
C GLY C 150 -21.96 -46.59 -44.05
N GLU C 151 -21.25 -45.58 -44.54
CA GLU C 151 -20.78 -45.56 -45.92
C GLU C 151 -19.30 -45.92 -46.01
N THR C 152 -18.45 -45.14 -45.35
CA THR C 152 -17.01 -45.26 -45.55
C THR C 152 -16.51 -46.60 -45.02
N PRO C 153 -15.97 -47.49 -45.84
CA PRO C 153 -15.46 -48.75 -45.32
C PRO C 153 -13.98 -48.65 -45.02
N VAL C 154 -13.52 -49.58 -44.18
CA VAL C 154 -12.11 -49.87 -44.01
C VAL C 154 -11.90 -51.34 -44.38
N ASN C 155 -11.08 -51.57 -45.42
CA ASN C 155 -11.07 -52.83 -46.15
C ASN C 155 -9.78 -53.62 -46.03
N PHE C 156 -9.02 -53.45 -44.96
CA PHE C 156 -7.75 -54.15 -44.86
C PHE C 156 -7.95 -55.66 -44.76
N ASN C 157 -7.13 -56.39 -45.52
CA ASN C 157 -7.01 -57.85 -45.51
C ASN C 157 -8.27 -58.56 -46.01
N GLY C 158 -9.15 -57.86 -46.74
CA GLY C 158 -10.24 -58.48 -47.45
C GLY C 158 -11.57 -58.44 -46.73
N VAL C 159 -11.57 -58.26 -45.42
CA VAL C 159 -12.81 -58.15 -44.64
C VAL C 159 -13.22 -56.68 -44.62
N LYS C 160 -14.47 -56.41 -45.00
CA LYS C 160 -14.94 -55.04 -45.16
C LYS C 160 -15.76 -54.65 -43.93
N ILE C 161 -15.29 -53.64 -43.22
CA ILE C 161 -15.92 -53.17 -41.99
C ILE C 161 -16.71 -51.91 -42.32
N THR C 162 -17.96 -51.85 -41.89
CA THR C 162 -18.78 -50.65 -42.04
C THR C 162 -19.45 -50.36 -40.70
N ALA C 163 -19.11 -49.21 -40.11
CA ALA C 163 -19.69 -48.80 -38.84
C ALA C 163 -20.92 -47.94 -39.13
N GLY C 164 -22.10 -48.52 -38.93
CA GLY C 164 -23.34 -47.85 -39.26
C GLY C 164 -23.51 -46.54 -38.54
N PRO C 165 -24.57 -45.80 -38.87
CA PRO C 165 -24.81 -44.52 -38.19
C PRO C 165 -24.98 -44.71 -36.70
N LEU C 166 -24.48 -43.77 -35.93
CA LEU C 166 -24.64 -43.82 -34.48
C LEU C 166 -26.12 -43.86 -34.14
N SER C 167 -26.52 -44.88 -33.38
CA SER C 167 -27.93 -45.26 -33.30
C SER C 167 -28.81 -44.13 -32.78
N THR C 168 -28.35 -43.38 -31.79
CA THR C 168 -29.09 -42.23 -31.25
C THR C 168 -28.30 -40.96 -31.58
N ALA C 169 -28.60 -40.37 -32.73
CA ALA C 169 -27.93 -39.14 -33.15
C ALA C 169 -28.16 -38.06 -32.12
N TRP C 170 -27.06 -37.50 -31.61
CA TRP C 170 -27.13 -36.59 -30.48
C TRP C 170 -25.80 -35.85 -30.39
N THR C 171 -25.87 -34.58 -30.01
CA THR C 171 -24.68 -33.75 -29.85
C THR C 171 -24.79 -32.92 -28.59
N PRO C 172 -23.68 -32.67 -27.89
CA PRO C 172 -23.74 -31.74 -26.76
C PRO C 172 -23.73 -30.28 -27.17
N PHE C 173 -23.39 -29.99 -28.42
CA PHE C 173 -23.37 -28.62 -28.93
C PHE C 173 -24.77 -28.26 -29.40
N ASP C 174 -25.28 -27.12 -28.93
CA ASP C 174 -26.49 -26.59 -29.53
C ASP C 174 -26.16 -26.03 -30.90
N ARG C 175 -27.17 -25.43 -31.54
CA ARG C 175 -26.99 -24.94 -32.91
C ARG C 175 -25.96 -23.83 -32.98
N LYS C 176 -25.62 -23.20 -31.85
CA LYS C 176 -24.93 -21.91 -31.84
C LYS C 176 -24.03 -21.85 -30.63
N ILE C 177 -22.70 -21.87 -30.85
CA ILE C 177 -21.72 -22.08 -29.80
C ILE C 177 -20.64 -21.00 -29.84
N VAL C 178 -19.80 -20.98 -28.82
CA VAL C 178 -18.71 -20.00 -28.69
C VAL C 178 -17.46 -20.72 -28.22
N GLN C 179 -16.32 -20.33 -28.76
CA GLN C 179 -15.01 -20.82 -28.32
C GLN C 179 -14.24 -19.69 -27.66
N TYR C 180 -13.64 -19.98 -26.51
CA TYR C 180 -12.77 -19.02 -25.86
C TYR C 180 -11.76 -19.74 -24.98
N ALA C 181 -10.48 -19.44 -25.18
CA ALA C 181 -9.41 -19.93 -24.34
C ALA C 181 -9.43 -21.45 -24.25
N GLY C 182 -9.70 -22.10 -25.37
CA GLY C 182 -9.74 -23.54 -25.40
C GLY C 182 -10.93 -24.15 -24.69
N GLU C 183 -12.01 -23.42 -24.52
CA GLU C 183 -13.22 -23.93 -23.90
C GLU C 183 -14.42 -23.58 -24.78
N ILE C 184 -15.34 -24.52 -24.89
CA ILE C 184 -16.53 -24.39 -25.73
C ILE C 184 -17.74 -24.16 -24.83
N TYR C 185 -18.50 -23.12 -25.15
CA TYR C 185 -19.68 -22.71 -24.39
C TYR C 185 -20.89 -22.73 -25.28
N ASN C 186 -22.03 -23.12 -24.71
CA ASN C 186 -23.32 -22.97 -25.36
C ASN C 186 -23.89 -21.60 -25.01
N TYR C 187 -24.02 -20.75 -26.02
CA TYR C 187 -24.44 -19.36 -25.78
C TYR C 187 -25.15 -18.86 -27.01
N ASP C 188 -26.32 -18.25 -26.82
CA ASP C 188 -27.10 -17.69 -27.92
C ASP C 188 -26.64 -16.25 -28.19
N PHE C 189 -25.46 -16.14 -28.78
CA PHE C 189 -24.90 -14.83 -29.05
C PHE C 189 -25.72 -14.12 -30.12
N PRO C 190 -25.74 -12.80 -30.12
CA PRO C 190 -26.55 -12.09 -31.12
C PRO C 190 -26.06 -12.34 -32.53
N GLU C 191 -27.01 -12.39 -33.46
CA GLU C 191 -26.68 -12.58 -34.87
C GLU C 191 -25.79 -11.43 -35.32
N TYR C 192 -25.00 -11.67 -36.36
CA TYR C 192 -24.17 -10.60 -36.88
C TYR C 192 -25.06 -9.45 -37.31
N GLY C 193 -24.85 -8.30 -36.67
CA GLY C 193 -25.59 -7.10 -36.96
C GLY C 193 -26.68 -6.77 -35.98
N ALA C 194 -26.78 -7.53 -34.89
CA ALA C 194 -27.74 -7.26 -33.82
C ALA C 194 -27.07 -7.10 -32.47
N GLY C 195 -25.75 -7.02 -32.41
CA GLY C 195 -25.08 -6.99 -31.11
C GLY C 195 -25.50 -5.77 -30.31
N GLN C 196 -25.90 -6.01 -29.06
CA GLN C 196 -26.36 -4.96 -28.16
C GLN C 196 -25.28 -4.60 -27.17
N PRO C 197 -25.27 -3.35 -26.66
CA PRO C 197 -24.14 -2.93 -25.81
C PRO C 197 -24.12 -3.66 -24.48
N GLY C 198 -22.94 -3.70 -23.88
CA GLY C 198 -22.76 -4.26 -22.56
C GLY C 198 -22.95 -5.76 -22.47
N ALA C 199 -22.99 -6.46 -23.60
CA ALA C 199 -23.19 -7.89 -23.63
C ALA C 199 -22.31 -8.49 -24.71
N PHE C 200 -22.20 -9.82 -24.70
CA PHE C 200 -21.36 -10.51 -25.66
C PHE C 200 -21.78 -10.15 -27.07
N GLY C 201 -20.81 -9.75 -27.88
CA GLY C 201 -21.08 -9.31 -29.23
C GLY C 201 -21.24 -7.82 -29.40
N ASP C 202 -20.81 -7.02 -28.42
CA ASP C 202 -20.89 -5.57 -28.59
C ASP C 202 -20.04 -5.10 -29.76
N ILE C 203 -18.85 -5.68 -29.94
CA ILE C 203 -18.04 -5.50 -31.14
C ILE C 203 -17.88 -6.86 -31.78
N GLN C 204 -17.92 -6.90 -33.11
CA GLN C 204 -17.91 -8.15 -33.84
C GLN C 204 -17.12 -7.96 -35.12
N SER C 205 -16.48 -9.02 -35.60
CA SER C 205 -15.89 -9.02 -36.92
C SER C 205 -16.01 -10.38 -37.56
N ARG C 206 -16.33 -10.39 -38.85
CA ARG C 206 -16.48 -11.65 -39.59
C ARG C 206 -15.22 -12.50 -39.54
N THR C 207 -14.05 -11.89 -39.36
CA THR C 207 -12.82 -12.62 -39.23
C THR C 207 -11.86 -11.77 -38.41
N VAL C 208 -10.84 -12.41 -37.85
CA VAL C 208 -9.86 -11.70 -37.03
C VAL C 208 -9.20 -10.60 -37.86
N SER C 209 -8.95 -10.89 -39.14
CA SER C 209 -8.33 -9.94 -40.06
C SER C 209 -9.33 -9.15 -40.88
N SER C 210 -10.63 -9.30 -40.62
CA SER C 210 -11.64 -8.65 -41.45
C SER C 210 -11.56 -7.14 -41.31
N SER C 211 -11.76 -6.45 -42.43
CA SER C 211 -11.69 -4.99 -42.43
C SER C 211 -12.88 -4.38 -41.70
N ASP C 212 -14.07 -4.93 -41.89
CA ASP C 212 -15.27 -4.37 -41.30
C ASP C 212 -15.29 -4.63 -39.80
N LEU C 213 -15.95 -3.73 -39.07
CA LEU C 213 -16.12 -3.86 -37.63
C LEU C 213 -17.37 -3.11 -37.22
N TYR C 214 -18.45 -3.85 -36.99
CA TYR C 214 -19.63 -3.32 -36.33
C TYR C 214 -19.36 -3.11 -34.86
N ALA C 215 -19.81 -1.97 -34.34
CA ALA C 215 -19.65 -1.64 -32.94
C ALA C 215 -20.93 -0.98 -32.46
N ASN C 216 -21.45 -1.45 -31.33
CA ASN C 216 -22.60 -0.84 -30.69
C ASN C 216 -22.28 -0.84 -29.19
N THR C 217 -21.57 0.20 -28.77
CA THR C 217 -21.11 0.33 -27.39
C THR C 217 -21.79 1.48 -26.66
N ASN C 218 -22.86 2.03 -27.21
CA ASN C 218 -23.59 3.12 -26.57
C ASN C 218 -22.68 4.33 -26.32
N LEU C 219 -21.80 4.59 -27.28
CA LEU C 219 -20.87 5.69 -27.15
C LEU C 219 -21.61 7.02 -27.22
N VAL C 220 -21.41 7.87 -26.22
CA VAL C 220 -22.01 9.19 -26.20
C VAL C 220 -21.01 10.15 -25.57
N LEU C 221 -20.87 11.33 -26.16
CA LEU C 221 -19.88 12.29 -25.72
C LEU C 221 -20.48 13.24 -24.67
N GLN C 222 -19.60 13.75 -23.81
CA GLN C 222 -19.94 14.77 -22.83
C GLN C 222 -19.03 15.97 -22.97
N ARG C 223 -19.54 17.13 -22.57
CA ARG C 223 -18.80 18.36 -22.71
C ARG C 223 -17.56 18.31 -21.81
N PRO C 224 -16.41 18.80 -22.28
CA PRO C 224 -15.21 18.75 -21.45
C PRO C 224 -15.25 19.79 -20.34
N LYS C 225 -14.40 19.56 -19.34
CA LYS C 225 -14.26 20.53 -18.27
C LYS C 225 -13.69 21.84 -18.80
N ALA C 226 -14.11 22.95 -18.22
CA ALA C 226 -13.53 24.23 -18.59
C ALA C 226 -12.05 24.25 -18.24
N GLY C 227 -11.25 24.78 -19.15
CA GLY C 227 -9.82 24.86 -18.92
C GLY C 227 -9.09 23.54 -19.00
N ALA C 228 -9.64 22.58 -19.74
CA ALA C 228 -9.01 21.27 -19.89
C ALA C 228 -9.26 20.80 -21.32
N ILE C 229 -8.28 20.11 -21.88
CA ILE C 229 -8.35 19.62 -23.26
C ILE C 229 -8.39 18.10 -23.20
N HIS C 230 -9.51 17.51 -23.63
CA HIS C 230 -9.71 16.08 -23.64
C HIS C 230 -11.06 15.79 -24.28
N VAL C 231 -11.34 14.50 -24.47
CA VAL C 231 -12.55 14.05 -25.15
C VAL C 231 -13.35 13.18 -24.20
N PRO C 232 -14.27 13.73 -23.40
CA PRO C 232 -15.05 12.88 -22.49
C PRO C 232 -15.93 11.91 -23.26
N TYR C 233 -16.16 10.74 -22.67
CA TYR C 233 -17.04 9.75 -23.26
C TYR C 233 -17.47 8.77 -22.19
N THR C 234 -18.76 8.43 -22.20
CA THR C 234 -19.33 7.41 -21.33
C THR C 234 -19.84 6.29 -22.20
N GLN C 235 -19.42 5.08 -21.89
CA GLN C 235 -19.63 3.95 -22.78
C GLN C 235 -20.02 2.75 -21.93
N ALA C 236 -20.83 1.87 -22.50
CA ALA C 236 -21.19 0.66 -21.79
C ALA C 236 -19.93 -0.17 -21.56
N PRO C 237 -19.72 -0.75 -20.37
CA PRO C 237 -18.52 -1.56 -20.17
C PRO C 237 -18.47 -2.71 -21.16
N SER C 238 -17.24 -3.15 -21.47
CA SER C 238 -17.03 -4.12 -22.54
C SER C 238 -17.82 -5.39 -22.29
N GLY C 239 -18.68 -5.73 -23.25
CA GLY C 239 -19.52 -6.90 -23.10
C GLY C 239 -18.73 -8.19 -23.01
N PHE C 240 -17.59 -8.24 -23.68
CA PHE C 240 -16.75 -9.44 -23.61
C PHE C 240 -16.23 -9.65 -22.21
N GLU C 241 -15.81 -8.58 -21.54
CA GLU C 241 -15.37 -8.70 -20.15
C GLU C 241 -16.51 -9.17 -19.27
N GLN C 242 -17.71 -8.62 -19.47
CA GLN C 242 -18.84 -9.04 -18.65
C GLN C 242 -19.17 -10.51 -18.87
N TRP C 243 -19.09 -10.96 -20.12
CA TRP C 243 -19.31 -12.37 -20.41
C TRP C 243 -18.26 -13.22 -19.71
N LYS C 244 -17.00 -12.77 -19.71
CA LYS C 244 -15.97 -13.51 -19.00
C LYS C 244 -16.27 -13.58 -17.50
N LYS C 245 -16.72 -12.47 -16.91
CA LYS C 245 -17.03 -12.46 -15.49
C LYS C 245 -18.23 -13.35 -15.20
N ASP C 246 -19.25 -13.32 -16.05
CA ASP C 246 -20.50 -14.02 -15.85
C ASP C 246 -20.68 -15.04 -16.98
N LYS C 247 -20.23 -16.27 -16.72
CA LYS C 247 -20.42 -17.37 -17.66
C LYS C 247 -20.43 -18.68 -16.88
N ALA C 248 -21.29 -19.59 -17.31
CA ALA C 248 -21.35 -20.89 -16.69
C ALA C 248 -20.11 -21.69 -17.07
N PRO C 249 -19.81 -22.77 -16.34
CA PRO C 249 -18.68 -23.61 -16.73
C PRO C 249 -18.87 -24.17 -18.13
N SER C 250 -17.75 -24.35 -18.83
CA SER C 250 -17.74 -24.79 -20.21
C SER C 250 -18.42 -26.15 -20.38
N LEU C 251 -18.64 -26.57 -21.62
CA LEU C 251 -19.25 -27.88 -21.86
C LEU C 251 -18.37 -29.01 -21.35
N LYS C 252 -17.07 -28.77 -21.21
CA LYS C 252 -16.19 -29.82 -20.71
C LYS C 252 -16.48 -30.18 -19.26
N PHE C 253 -17.23 -29.34 -18.54
CA PHE C 253 -17.66 -29.63 -17.18
C PHE C 253 -19.18 -29.68 -17.02
N THR C 254 -19.94 -29.61 -18.11
CA THR C 254 -21.39 -29.68 -18.06
C THR C 254 -22.02 -30.54 -19.14
N ALA C 255 -21.25 -31.12 -20.05
CA ALA C 255 -21.84 -31.84 -21.16
C ALA C 255 -22.51 -33.11 -20.68
N PRO C 256 -23.64 -33.52 -21.28
CA PRO C 256 -24.24 -34.80 -20.89
C PRO C 256 -23.40 -35.98 -21.38
N PHE C 257 -23.68 -37.13 -20.80
CA PHE C 257 -23.06 -38.41 -21.17
C PHE C 257 -21.55 -38.40 -20.96
N GLY C 258 -21.03 -37.52 -20.12
CA GLY C 258 -19.63 -37.56 -19.76
C GLY C 258 -18.67 -37.22 -20.86
N CYS C 259 -19.11 -36.47 -21.87
CA CYS C 259 -18.26 -36.18 -23.00
C CYS C 259 -17.11 -35.25 -22.59
N GLU C 260 -15.92 -35.53 -23.11
CA GLU C 260 -14.82 -34.58 -23.04
C GLU C 260 -14.92 -33.65 -24.23
N ILE C 261 -14.44 -32.42 -24.07
CA ILE C 261 -14.59 -31.37 -25.09
C ILE C 261 -13.21 -30.85 -25.45
N TYR C 262 -12.96 -30.71 -26.76
CA TYR C 262 -11.70 -30.20 -27.27
C TYR C 262 -11.99 -29.24 -28.41
N THR C 263 -10.99 -28.40 -28.74
CA THR C 263 -11.23 -27.17 -29.47
C THR C 263 -10.57 -27.07 -30.84
N ASN C 264 -9.73 -28.03 -31.23
CA ASN C 264 -9.04 -27.96 -32.52
C ASN C 264 -8.87 -29.37 -33.07
N PRO C 265 -9.86 -29.86 -33.85
CA PRO C 265 -11.14 -29.25 -34.21
C PRO C 265 -12.08 -29.12 -33.03
N ILE C 266 -13.13 -28.31 -33.16
CA ILE C 266 -14.18 -28.32 -32.16
C ILE C 266 -14.79 -29.71 -32.17
N ARG C 267 -14.85 -30.35 -31.01
CA ARG C 267 -15.29 -31.73 -30.98
C ARG C 267 -15.57 -32.18 -29.56
N ALA C 268 -16.33 -33.26 -29.47
CA ALA C 268 -16.54 -33.99 -28.22
C ALA C 268 -16.08 -35.43 -28.41
N GLU C 269 -15.41 -35.97 -27.39
CA GLU C 269 -14.87 -37.31 -27.43
C GLU C 269 -15.36 -38.14 -26.24
N ASN C 270 -15.35 -39.45 -26.44
CA ASN C 270 -15.67 -40.42 -25.40
C ASN C 270 -17.06 -40.21 -24.83
N CYS C 271 -18.03 -39.95 -25.71
CA CYS C 271 -19.42 -39.89 -25.28
C CYS C 271 -19.97 -41.29 -25.15
N ALA C 272 -20.27 -41.71 -23.93
CA ALA C 272 -20.87 -43.02 -23.70
C ALA C 272 -22.34 -42.99 -24.08
N VAL C 273 -22.62 -42.84 -25.36
CA VAL C 273 -23.98 -42.65 -25.87
C VAL C 273 -24.25 -43.69 -26.94
N GLY C 274 -25.39 -44.36 -26.83
CA GLY C 274 -25.87 -45.22 -27.88
C GLY C 274 -24.94 -46.40 -28.17
N SER C 275 -25.00 -46.84 -29.43
CA SER C 275 -24.22 -47.98 -29.89
C SER C 275 -23.94 -47.83 -31.37
N ILE C 276 -22.94 -48.55 -31.85
CA ILE C 276 -22.48 -48.49 -33.23
C ILE C 276 -22.92 -49.77 -33.92
N PRO C 277 -23.78 -49.72 -34.97
CA PRO C 277 -24.15 -50.97 -35.65
C PRO C 277 -23.09 -51.42 -36.64
N LEU C 278 -22.09 -52.16 -36.15
CA LEU C 278 -21.04 -52.66 -37.03
C LEU C 278 -21.57 -53.79 -37.92
N ALA C 279 -21.14 -53.75 -39.18
CA ALA C 279 -21.41 -54.80 -40.15
C ALA C 279 -20.10 -55.22 -40.80
N PHE C 280 -19.84 -56.52 -40.79
CA PHE C 280 -18.58 -57.10 -41.23
C PHE C 280 -18.87 -58.01 -42.41
N ASP C 281 -18.26 -57.74 -43.55
CA ASP C 281 -18.32 -58.62 -44.72
C ASP C 281 -17.03 -59.41 -44.72
N ILE C 282 -17.11 -60.63 -44.21
CA ILE C 282 -15.95 -61.51 -44.05
C ILE C 282 -15.78 -62.31 -45.34
N PRO C 283 -14.60 -62.35 -45.95
CA PRO C 283 -14.45 -63.12 -47.19
C PRO C 283 -14.65 -64.60 -46.95
N ASP C 284 -15.13 -65.29 -47.98
CA ASP C 284 -15.32 -66.73 -47.88
C ASP C 284 -14.00 -67.48 -47.73
N ALA C 285 -12.89 -66.89 -48.16
CA ALA C 285 -11.60 -67.57 -48.11
C ALA C 285 -10.99 -67.59 -46.72
N LEU C 286 -11.40 -66.68 -45.83
CA LEU C 286 -10.81 -66.61 -44.50
C LEU C 286 -11.38 -67.63 -43.54
N PHE C 287 -12.52 -68.25 -43.87
CA PHE C 287 -13.09 -69.27 -43.01
C PHE C 287 -12.26 -70.56 -43.07
N THR C 288 -12.23 -71.28 -41.97
CA THR C 288 -11.51 -72.54 -41.85
C THR C 288 -12.46 -73.64 -41.41
N ARG C 289 -12.27 -74.84 -41.93
CA ARG C 289 -13.19 -75.94 -41.66
C ARG C 289 -13.11 -76.35 -40.20
N VAL C 290 -14.22 -76.91 -39.69
CA VAL C 290 -14.25 -77.43 -38.33
C VAL C 290 -13.23 -78.53 -38.14
N SER C 291 -13.03 -79.36 -39.17
CA SER C 291 -12.12 -80.49 -39.04
C SER C 291 -10.70 -80.06 -38.73
N GLU C 292 -10.23 -78.99 -39.36
CA GLU C 292 -8.85 -78.57 -39.16
C GLU C 292 -8.62 -78.08 -37.72
N THR C 293 -9.51 -77.24 -37.21
CA THR C 293 -9.24 -76.59 -35.94
C THR C 293 -9.37 -77.59 -34.79
N PRO C 294 -8.78 -77.26 -33.62
CA PRO C 294 -8.93 -78.16 -32.46
C PRO C 294 -10.38 -78.40 -32.10
N THR C 295 -10.77 -79.67 -31.97
CA THR C 295 -12.14 -80.05 -31.67
C THR C 295 -12.22 -80.54 -30.24
N LEU C 296 -13.17 -79.99 -29.48
CA LEU C 296 -13.30 -80.29 -28.07
C LEU C 296 -14.39 -81.34 -27.85
N SER C 297 -14.11 -82.29 -26.96
CA SER C 297 -15.04 -83.35 -26.62
C SER C 297 -15.07 -83.55 -25.11
N ALA C 298 -16.30 -83.70 -24.58
CA ALA C 298 -16.51 -84.07 -23.19
C ALA C 298 -15.91 -83.05 -22.23
N ALA C 299 -16.41 -81.82 -22.31
CA ALA C 299 -15.92 -80.75 -21.45
C ALA C 299 -16.82 -80.59 -20.23
N GLU C 300 -16.24 -80.09 -19.13
CA GLU C 300 -16.99 -79.79 -17.92
C GLU C 300 -16.55 -78.42 -17.44
N CYS C 301 -17.45 -77.68 -16.80
CA CYS C 301 -17.19 -76.32 -16.36
C CYS C 301 -17.52 -76.18 -14.88
N THR C 302 -16.76 -75.32 -14.19
CA THR C 302 -17.05 -75.04 -12.79
C THR C 302 -16.50 -73.68 -12.42
N LEU C 303 -17.33 -72.89 -11.74
CA LEU C 303 -16.94 -71.56 -11.28
C LEU C 303 -16.16 -71.71 -9.98
N ASN C 304 -14.83 -71.80 -10.12
CA ASN C 304 -13.98 -71.90 -8.93
C ASN C 304 -13.96 -70.61 -8.12
N GLU C 305 -14.45 -69.52 -8.68
CA GLU C 305 -14.57 -68.27 -7.93
C GLU C 305 -15.52 -67.34 -8.67
N CYS C 306 -16.35 -66.62 -7.93
CA CYS C 306 -17.22 -65.60 -8.53
C CYS C 306 -17.34 -64.43 -7.58
N VAL C 307 -16.99 -63.24 -8.07
CA VAL C 307 -17.25 -61.99 -7.39
C VAL C 307 -18.06 -61.13 -8.34
N TYR C 308 -19.34 -60.94 -8.02
CA TYR C 308 -20.20 -60.08 -8.82
C TYR C 308 -19.68 -58.66 -8.73
N SER C 309 -18.99 -58.20 -9.77
CA SER C 309 -18.27 -56.94 -9.71
C SER C 309 -18.19 -56.35 -11.11
N SER C 310 -17.86 -55.06 -11.15
CA SER C 310 -17.72 -54.37 -12.43
C SER C 310 -16.61 -54.97 -13.27
N ASP C 311 -15.47 -55.28 -12.67
CA ASP C 311 -14.35 -55.88 -13.37
C ASP C 311 -14.56 -57.39 -13.47
N PHE C 312 -13.59 -58.07 -14.07
CA PHE C 312 -13.67 -59.52 -14.26
C PHE C 312 -13.35 -60.24 -12.96
N GLY C 313 -14.28 -60.15 -12.01
CA GLY C 313 -14.14 -60.82 -10.74
C GLY C 313 -14.50 -62.28 -10.74
N GLY C 314 -14.94 -62.82 -11.88
CA GLY C 314 -15.39 -64.20 -11.96
C GLY C 314 -14.37 -65.06 -12.67
N ILE C 315 -14.11 -66.23 -12.07
CA ILE C 315 -13.13 -67.19 -12.58
C ILE C 315 -13.85 -68.51 -12.79
N ALA C 316 -13.55 -69.17 -13.90
CA ALA C 316 -14.14 -70.48 -14.16
C ALA C 316 -13.12 -71.38 -14.83
N THR C 317 -13.04 -72.61 -14.34
CA THR C 317 -12.18 -73.60 -14.97
C THR C 317 -13.00 -74.54 -15.83
N VAL C 318 -12.49 -74.79 -17.04
CA VAL C 318 -13.06 -75.76 -17.95
C VAL C 318 -12.09 -76.92 -18.05
N LYS C 319 -12.55 -78.09 -17.63
CA LYS C 319 -11.84 -79.32 -17.91
C LYS C 319 -12.21 -79.79 -19.31
N TYR C 320 -11.18 -80.05 -20.11
CA TYR C 320 -11.34 -80.35 -21.52
C TYR C 320 -10.66 -81.65 -21.86
N SER C 321 -11.15 -82.30 -22.92
CA SER C 321 -10.52 -83.46 -23.52
C SER C 321 -10.47 -83.20 -25.03
N ALA C 322 -9.40 -82.56 -25.49
CA ALA C 322 -9.33 -82.11 -26.86
C ALA C 322 -8.87 -83.22 -27.79
N SER C 323 -9.24 -83.10 -29.06
CA SER C 323 -8.80 -84.04 -30.09
C SER C 323 -7.37 -83.77 -30.53
N LYS C 324 -6.92 -82.53 -30.48
CA LYS C 324 -5.52 -82.21 -30.75
C LYS C 324 -5.19 -80.86 -30.13
N SER C 325 -3.98 -80.78 -29.59
CA SER C 325 -3.56 -79.58 -28.86
C SER C 325 -3.43 -78.40 -29.83
N GLY C 326 -3.57 -77.21 -29.29
CA GLY C 326 -3.46 -76.00 -30.07
C GLY C 326 -4.11 -74.82 -29.36
N LYS C 327 -4.82 -74.00 -30.12
CA LYS C 327 -5.46 -72.79 -29.62
C LYS C 327 -6.83 -72.65 -30.27
N CYS C 328 -7.78 -72.10 -29.53
CA CYS C 328 -9.10 -71.84 -30.10
C CYS C 328 -9.90 -70.94 -29.17
N ALA C 329 -10.97 -70.38 -29.72
CA ALA C 329 -11.66 -69.26 -29.11
C ALA C 329 -12.62 -69.71 -28.01
N VAL C 330 -13.12 -68.73 -27.27
CA VAL C 330 -14.10 -68.94 -26.21
C VAL C 330 -14.99 -67.72 -26.11
N HIS C 331 -16.27 -67.94 -25.85
CA HIS C 331 -17.27 -66.89 -25.89
C HIS C 331 -18.44 -67.28 -25.01
N VAL C 332 -19.35 -66.34 -24.80
CA VAL C 332 -20.62 -66.60 -24.13
C VAL C 332 -21.76 -66.04 -24.98
N PRO C 333 -22.53 -66.87 -25.70
CA PRO C 333 -23.66 -66.31 -26.48
C PRO C 333 -24.81 -65.83 -25.62
N SER C 334 -24.54 -64.83 -24.78
CA SER C 334 -25.58 -64.23 -23.95
C SER C 334 -24.99 -63.03 -23.25
N GLY C 335 -25.87 -62.13 -22.80
CA GLY C 335 -25.44 -60.96 -22.08
C GLY C 335 -25.15 -61.18 -20.61
N THR C 336 -25.30 -62.42 -20.14
CA THR C 336 -25.12 -62.70 -18.73
C THR C 336 -23.67 -62.51 -18.28
N ALA C 337 -22.71 -62.92 -19.10
CA ALA C 337 -21.30 -62.87 -18.72
C ALA C 337 -20.47 -62.35 -19.89
N THR C 338 -19.51 -61.48 -19.59
CA THR C 338 -18.58 -60.95 -20.57
C THR C 338 -17.17 -61.38 -20.21
N LEU C 339 -16.48 -61.99 -21.17
CA LEU C 339 -15.19 -62.62 -20.93
C LEU C 339 -14.05 -61.64 -21.14
N LYS C 340 -13.01 -61.78 -20.31
CA LYS C 340 -11.80 -60.98 -20.49
C LYS C 340 -10.99 -61.43 -21.69
N GLU C 341 -10.90 -62.74 -21.91
CA GLU C 341 -10.00 -63.30 -22.92
C GLU C 341 -10.82 -63.83 -24.09
N ALA C 342 -10.21 -63.83 -25.27
CA ALA C 342 -10.87 -64.27 -26.48
C ALA C 342 -10.61 -65.73 -26.81
N ALA C 343 -9.38 -66.21 -26.61
CA ALA C 343 -9.01 -67.56 -26.97
C ALA C 343 -8.09 -68.14 -25.91
N VAL C 344 -8.05 -69.47 -25.89
CA VAL C 344 -7.27 -70.22 -24.91
C VAL C 344 -6.52 -71.33 -25.62
N GLU C 345 -5.44 -71.78 -24.98
CA GLU C 345 -4.62 -72.86 -25.49
C GLU C 345 -4.93 -74.15 -24.77
N LEU C 346 -4.92 -75.25 -25.52
CA LEU C 346 -5.35 -76.56 -25.03
C LEU C 346 -4.29 -77.60 -25.34
N THR C 347 -4.12 -78.54 -24.40
CA THR C 347 -3.13 -79.60 -24.49
C THR C 347 -3.81 -80.92 -24.17
N GLU C 348 -4.19 -81.65 -25.23
CA GLU C 348 -4.85 -82.94 -25.11
C GLU C 348 -6.03 -82.85 -24.15
N GLN C 349 -5.92 -83.45 -22.96
CA GLN C 349 -6.96 -83.36 -21.93
C GLN C 349 -6.36 -82.72 -20.69
N GLY C 350 -7.00 -81.67 -20.20
CA GLY C 350 -6.49 -80.91 -19.08
C GLY C 350 -7.48 -79.88 -18.60
N SER C 351 -7.00 -78.71 -18.17
CA SER C 351 -7.87 -77.67 -17.66
C SER C 351 -7.40 -76.31 -18.17
N ALA C 352 -8.35 -75.40 -18.33
CA ALA C 352 -8.08 -74.04 -18.78
C ALA C 352 -8.90 -73.07 -17.96
N THR C 353 -8.42 -71.83 -17.88
CA THR C 353 -9.01 -70.80 -17.02
C THR C 353 -9.63 -69.69 -17.86
N ILE C 354 -10.86 -69.32 -17.53
CA ILE C 354 -11.59 -68.26 -18.21
C ILE C 354 -11.95 -67.20 -17.17
N HIS C 355 -11.62 -65.95 -17.48
CA HIS C 355 -12.00 -64.80 -16.67
C HIS C 355 -13.25 -64.18 -17.26
N PHE C 356 -14.11 -63.64 -16.40
CA PHE C 356 -15.34 -63.03 -16.86
C PHE C 356 -15.91 -62.11 -15.78
N SER C 357 -16.78 -61.21 -16.22
CA SER C 357 -17.57 -60.35 -15.34
C SER C 357 -19.04 -60.66 -15.58
N THR C 358 -19.84 -60.53 -14.52
CA THR C 358 -21.20 -61.04 -14.53
C THR C 358 -22.15 -60.05 -13.86
N ALA C 359 -23.42 -60.14 -14.23
CA ALA C 359 -24.50 -59.39 -13.60
C ALA C 359 -25.34 -60.27 -12.68
N ASN C 360 -25.58 -61.51 -13.07
CA ASN C 360 -26.46 -62.39 -12.30
C ASN C 360 -25.84 -62.74 -10.95
N ILE C 361 -26.67 -62.66 -9.90
CA ILE C 361 -26.24 -63.15 -8.59
C ILE C 361 -26.20 -64.66 -8.57
N HIS C 362 -27.11 -65.31 -9.31
CA HIS C 362 -27.14 -66.76 -9.48
C HIS C 362 -26.77 -67.08 -10.92
N PRO C 363 -25.51 -66.92 -11.28
CA PRO C 363 -25.13 -67.00 -12.70
C PRO C 363 -25.35 -68.38 -13.30
N GLU C 364 -25.71 -68.38 -14.58
CA GLU C 364 -25.76 -69.58 -15.40
C GLU C 364 -25.66 -69.16 -16.85
N PHE C 365 -24.69 -69.72 -17.57
CA PHE C 365 -24.45 -69.31 -18.94
C PHE C 365 -23.82 -70.44 -19.74
N ARG C 366 -24.07 -70.43 -21.05
CA ARG C 366 -23.47 -71.39 -21.96
C ARG C 366 -22.15 -70.82 -22.46
N LEU C 367 -21.04 -71.39 -21.99
CA LEU C 367 -19.72 -71.02 -22.46
C LEU C 367 -19.46 -71.79 -23.74
N GLN C 368 -19.45 -71.08 -24.87
CA GLN C 368 -19.13 -71.68 -26.16
C GLN C 368 -17.63 -71.72 -26.31
N ILE C 369 -17.10 -72.91 -26.62
CA ILE C 369 -15.66 -73.10 -26.69
C ILE C 369 -15.37 -74.17 -27.73
N CYS C 370 -14.60 -73.81 -28.75
CA CYS C 370 -13.93 -74.74 -29.66
C CYS C 370 -14.88 -75.82 -30.19
N THR C 371 -15.88 -75.37 -30.95
CA THR C 371 -16.84 -76.27 -31.61
C THR C 371 -17.54 -77.12 -30.55
N SER C 372 -17.88 -76.49 -29.42
CA SER C 372 -18.72 -77.11 -28.41
C SER C 372 -19.20 -76.01 -27.47
N TYR C 373 -19.96 -76.41 -26.46
CA TYR C 373 -20.36 -75.47 -25.43
C TYR C 373 -20.68 -76.25 -24.16
N VAL C 374 -20.41 -75.60 -23.03
CA VAL C 374 -20.57 -76.20 -21.71
C VAL C 374 -21.41 -75.27 -20.85
N THR C 375 -22.31 -75.85 -20.07
CA THR C 375 -23.25 -75.08 -19.26
C THR C 375 -22.61 -74.77 -17.91
N CYS C 376 -22.03 -73.57 -17.79
CA CYS C 376 -21.44 -73.13 -16.53
C CYS C 376 -22.54 -72.60 -15.62
N LYS C 377 -22.46 -72.93 -14.34
CA LYS C 377 -23.48 -72.54 -13.39
C LYS C 377 -22.87 -72.46 -12.00
N GLY C 378 -23.41 -71.57 -11.18
CA GLY C 378 -22.93 -71.44 -9.81
C GLY C 378 -23.63 -70.33 -9.09
N ASP C 379 -23.19 -70.09 -7.85
CA ASP C 379 -23.67 -68.98 -7.03
C ASP C 379 -22.53 -67.99 -6.86
N CYS C 380 -22.87 -66.71 -6.72
CA CYS C 380 -21.89 -65.65 -6.78
C CYS C 380 -22.10 -64.69 -5.62
N HIS C 381 -21.00 -64.06 -5.19
CA HIS C 381 -20.96 -63.26 -3.97
C HIS C 381 -20.78 -61.77 -4.29
N PRO C 382 -21.19 -60.87 -3.42
CA PRO C 382 -21.10 -59.45 -3.73
C PRO C 382 -19.66 -58.97 -3.73
N PRO C 383 -19.40 -57.77 -4.24
CA PRO C 383 -18.03 -57.26 -4.30
C PRO C 383 -17.62 -56.59 -3.00
N LYS C 384 -16.39 -56.09 -3.00
CA LYS C 384 -15.84 -55.49 -1.79
C LYS C 384 -16.25 -54.03 -1.66
N ASP C 385 -15.87 -53.20 -2.63
CA ASP C 385 -15.97 -51.76 -2.51
C ASP C 385 -17.29 -51.25 -3.08
N HIS C 386 -17.85 -50.23 -2.42
CA HIS C 386 -19.08 -49.62 -2.92
C HIS C 386 -18.85 -48.92 -4.25
N ILE C 387 -17.74 -48.18 -4.35
CA ILE C 387 -17.46 -47.31 -5.49
C ILE C 387 -16.15 -47.75 -6.12
N VAL C 388 -16.14 -47.85 -7.45
CA VAL C 388 -14.96 -48.25 -8.21
C VAL C 388 -14.63 -47.14 -9.21
N THR C 389 -13.41 -47.19 -9.73
CA THR C 389 -12.86 -46.13 -10.56
C THR C 389 -12.73 -46.55 -12.02
N HIS C 390 -13.71 -47.27 -12.54
CA HIS C 390 -13.74 -47.67 -13.93
C HIS C 390 -15.17 -48.06 -14.27
N PRO C 391 -15.54 -48.05 -15.55
CA PRO C 391 -16.92 -48.32 -15.91
C PRO C 391 -17.23 -49.80 -16.03
N GLN C 392 -18.52 -50.08 -16.14
CA GLN C 392 -19.01 -51.45 -16.17
C GLN C 392 -18.45 -52.21 -17.36
N TYR C 393 -18.14 -53.49 -17.15
CA TYR C 393 -17.70 -54.39 -18.22
C TYR C 393 -18.75 -55.43 -18.59
N HIS C 394 -19.74 -55.65 -17.72
CA HIS C 394 -20.72 -56.72 -17.90
C HIS C 394 -22.09 -56.13 -18.19
N ALA C 395 -22.78 -56.73 -19.15
CA ALA C 395 -24.08 -56.21 -19.59
C ALA C 395 -25.10 -56.42 -18.49
N GLN C 396 -25.75 -55.33 -18.09
CA GLN C 396 -26.75 -55.42 -17.03
C GLN C 396 -27.94 -56.23 -17.52
N THR C 397 -28.58 -56.94 -16.59
CA THR C 397 -29.72 -57.79 -16.91
C THR C 397 -30.71 -57.73 -15.76
N PHE C 398 -31.99 -58.01 -16.07
CA PHE C 398 -33.05 -57.88 -15.06
C PHE C 398 -32.88 -58.87 -13.93
N THR C 399 -32.46 -60.10 -14.23
CA THR C 399 -32.50 -61.17 -13.24
C THR C 399 -31.35 -61.04 -12.24
N ALA C 400 -31.71 -60.79 -10.98
CA ALA C 400 -30.77 -60.84 -9.87
C ALA C 400 -31.44 -61.46 -8.65
N ALA C 401 -32.18 -62.55 -8.85
CA ALA C 401 -33.09 -63.09 -7.85
C ALA C 401 -32.40 -64.10 -6.93
N VAL C 402 -33.17 -64.57 -5.96
CA VAL C 402 -32.68 -65.56 -4.98
C VAL C 402 -32.19 -66.82 -5.67
N TYR D 1 -66.57 43.30 -14.62
CA TYR D 1 -67.36 42.06 -14.79
C TYR D 1 -66.73 40.92 -14.00
N GLU D 2 -67.52 40.31 -13.12
CA GLU D 2 -67.02 39.27 -12.24
C GLU D 2 -67.14 37.90 -12.90
N HIS D 3 -66.09 37.10 -12.82
CA HIS D 3 -66.12 35.75 -13.36
C HIS D 3 -65.15 34.86 -12.59
N ALA D 4 -65.62 33.69 -12.20
CA ALA D 4 -64.84 32.74 -11.41
C ALA D 4 -64.39 31.60 -12.32
N THR D 5 -63.08 31.36 -12.35
CA THR D 5 -62.49 30.26 -13.10
C THR D 5 -61.88 29.26 -12.12
N THR D 6 -61.20 28.26 -12.68
CA THR D 6 -60.47 27.29 -11.89
C THR D 6 -59.33 26.74 -12.73
N MET D 7 -58.12 26.80 -12.20
CA MET D 7 -56.92 26.38 -12.92
C MET D 7 -56.23 25.27 -12.14
N PRO D 8 -56.18 24.04 -12.63
CA PRO D 8 -55.37 23.03 -11.97
C PRO D 8 -53.91 23.44 -11.94
N SER D 9 -53.24 23.12 -10.83
CA SER D 9 -51.84 23.48 -10.64
C SER D 9 -50.98 22.53 -11.47
N GLN D 10 -50.56 23.00 -12.64
CA GLN D 10 -49.69 22.22 -13.53
C GLN D 10 -48.76 23.19 -14.23
N ALA D 11 -47.48 23.13 -13.89
CA ALA D 11 -46.51 24.03 -14.49
C ALA D 11 -46.30 23.71 -15.96
N GLY D 12 -46.32 24.74 -16.80
CA GLY D 12 -46.01 24.61 -18.21
C GLY D 12 -47.18 24.24 -19.09
N ILE D 13 -48.29 23.77 -18.53
CA ILE D 13 -49.46 23.37 -19.31
C ILE D 13 -50.39 24.57 -19.38
N SER D 14 -50.49 25.18 -20.55
CA SER D 14 -51.33 26.36 -20.72
C SER D 14 -52.78 26.03 -20.45
N TYR D 15 -53.60 27.07 -20.39
CA TYR D 15 -55.02 26.93 -20.13
C TYR D 15 -55.72 28.12 -20.77
N ASN D 16 -56.87 27.86 -21.39
CA ASN D 16 -57.64 28.88 -22.09
C ASN D 16 -59.06 28.91 -21.55
N THR D 17 -59.77 30.00 -21.84
CA THR D 17 -61.17 30.14 -21.47
C THR D 17 -61.71 31.36 -22.19
N ILE D 18 -63.02 31.40 -22.38
CA ILE D 18 -63.70 32.54 -22.98
C ILE D 18 -64.78 33.01 -22.01
N VAL D 19 -64.84 34.32 -21.80
CA VAL D 19 -65.81 34.94 -20.91
C VAL D 19 -66.88 35.61 -21.76
N ASN D 20 -68.15 35.36 -21.45
CA ASN D 20 -69.20 35.87 -22.35
C ASN D 20 -70.36 36.47 -21.57
N ARG D 21 -70.70 37.72 -21.87
CA ARG D 21 -71.85 38.40 -21.21
C ARG D 21 -73.00 38.36 -22.22
N ALA D 22 -74.20 38.79 -21.82
CA ALA D 22 -75.38 38.67 -22.71
C ALA D 22 -75.25 39.49 -23.99
N GLY D 23 -74.72 40.72 -23.93
CA GLY D 23 -74.72 41.58 -25.13
C GLY D 23 -73.32 41.94 -25.61
N TYR D 24 -72.32 41.20 -25.15
CA TYR D 24 -70.95 41.44 -25.60
C TYR D 24 -70.31 40.15 -26.09
N ALA D 25 -69.39 40.30 -27.05
CA ALA D 25 -68.76 39.17 -27.69
C ALA D 25 -67.80 38.47 -26.74
N PRO D 26 -67.44 37.22 -27.04
CA PRO D 26 -66.54 36.48 -26.13
C PRO D 26 -65.20 37.18 -25.98
N LEU D 27 -64.69 37.15 -24.77
CA LEU D 27 -63.37 37.66 -24.46
C LEU D 27 -62.43 36.49 -24.20
N PRO D 28 -61.38 36.30 -24.99
CA PRO D 28 -60.45 35.20 -24.68
C PRO D 28 -59.54 35.56 -23.51
N ILE D 29 -59.41 34.64 -22.57
CA ILE D 29 -58.47 34.73 -21.48
C ILE D 29 -57.60 33.48 -21.50
N SER D 30 -56.32 33.66 -21.21
CA SER D 30 -55.40 32.54 -21.17
C SER D 30 -54.51 32.68 -19.95
N ILE D 31 -54.22 31.56 -19.31
CA ILE D 31 -53.33 31.52 -18.16
C ILE D 31 -52.33 30.40 -18.38
N THR D 32 -51.05 30.71 -18.24
CA THR D 32 -49.98 29.73 -18.30
C THR D 32 -49.19 29.84 -17.00
N PRO D 33 -49.40 28.96 -16.03
CA PRO D 33 -48.54 28.98 -14.84
C PRO D 33 -47.17 28.40 -15.15
N THR D 34 -46.18 29.28 -15.22
CA THR D 34 -44.82 28.86 -15.51
C THR D 34 -44.13 28.23 -14.31
N LYS D 35 -44.52 28.63 -13.10
CA LYS D 35 -43.80 28.23 -11.90
C LYS D 35 -44.67 28.52 -10.68
N ILE D 36 -44.90 27.50 -9.86
CA ILE D 36 -45.74 27.60 -8.68
C ILE D 36 -44.90 27.14 -7.49
N LYS D 37 -44.82 27.99 -6.46
CA LYS D 37 -43.94 27.78 -5.33
C LYS D 37 -44.78 27.55 -4.07
N LEU D 38 -44.35 26.58 -3.26
CA LEU D 38 -44.98 26.25 -1.98
C LEU D 38 -43.93 26.48 -0.89
N ILE D 39 -43.85 27.72 -0.40
CA ILE D 39 -42.88 28.10 0.61
C ILE D 39 -43.51 27.85 1.98
N PRO D 40 -42.88 27.07 2.87
CA PRO D 40 -43.41 26.95 4.23
C PRO D 40 -42.79 27.98 5.16
N THR D 41 -43.62 28.52 6.04
CA THR D 41 -43.11 29.37 7.12
C THR D 41 -42.35 28.51 8.10
N VAL D 42 -41.07 28.79 8.28
CA VAL D 42 -40.15 27.90 8.99
C VAL D 42 -39.36 28.69 10.01
N ASN D 43 -39.14 28.08 11.17
CA ASN D 43 -38.30 28.63 12.23
C ASN D 43 -37.22 27.62 12.58
N LEU D 44 -36.05 28.14 12.94
CA LEU D 44 -34.87 27.30 13.15
C LEU D 44 -34.83 26.83 14.59
N GLU D 45 -34.97 25.51 14.78
CA GLU D 45 -34.90 24.95 16.12
C GLU D 45 -33.47 24.77 16.59
N TYR D 46 -32.61 24.15 15.79
CA TYR D 46 -31.21 24.14 16.16
C TYR D 46 -30.36 23.74 14.96
N VAL D 47 -29.06 23.66 15.18
CA VAL D 47 -28.09 23.22 14.18
C VAL D 47 -27.15 22.23 14.84
N THR D 48 -26.84 21.15 14.12
CA THR D 48 -25.96 20.11 14.63
C THR D 48 -24.90 19.79 13.60
N CYS D 49 -23.78 19.24 14.07
CA CYS D 49 -22.62 18.99 13.25
C CYS D 49 -21.74 17.96 13.95
N HIS D 50 -20.61 17.63 13.33
CA HIS D 50 -19.64 16.77 13.98
C HIS D 50 -19.13 17.43 15.25
N TYR D 51 -18.77 16.61 16.23
CA TYR D 51 -18.22 17.13 17.47
C TYR D 51 -16.72 16.93 17.51
N LYS D 52 -16.04 17.80 18.26
CA LYS D 52 -14.66 17.63 18.64
C LYS D 52 -14.61 17.33 20.13
N THR D 53 -13.97 16.22 20.50
CA THR D 53 -13.83 15.83 21.89
C THR D 53 -12.63 16.57 22.47
N GLY D 54 -12.85 17.79 22.94
CA GLY D 54 -11.79 18.53 23.57
C GLY D 54 -11.41 17.90 24.90
N MET D 55 -10.19 18.17 25.35
CA MET D 55 -9.69 17.52 26.56
C MET D 55 -8.54 18.34 27.11
N ASP D 56 -8.72 18.85 28.32
CA ASP D 56 -7.67 19.62 28.96
C ASP D 56 -6.47 18.73 29.25
N SER D 57 -5.30 19.35 29.29
CA SER D 57 -4.08 18.61 29.53
C SER D 57 -4.14 17.98 30.92
N PRO D 58 -3.68 16.74 31.10
CA PRO D 58 -3.72 16.14 32.44
C PRO D 58 -2.90 16.97 33.43
N ALA D 59 -3.43 17.11 34.64
CA ALA D 59 -2.69 17.74 35.73
C ALA D 59 -2.17 16.65 36.65
N ILE D 60 -0.85 16.56 36.77
CA ILE D 60 -0.18 15.46 37.45
C ILE D 60 0.52 16.02 38.68
N LYS D 61 0.29 15.39 39.82
CA LYS D 61 0.90 15.76 41.09
C LYS D 61 1.62 14.54 41.65
N CYS D 62 2.86 14.75 42.10
CA CYS D 62 3.70 13.66 42.54
C CYS D 62 3.46 13.34 44.01
N CYS D 63 2.76 12.23 44.25
CA CYS D 63 2.21 11.86 45.55
C CYS D 63 1.68 13.08 46.32
N GLY D 64 0.69 13.71 45.70
CA GLY D 64 -0.19 14.62 46.38
C GLY D 64 -1.57 14.52 45.75
N SER D 65 -2.58 14.78 46.57
CA SER D 65 -3.96 14.61 46.16
C SER D 65 -4.42 15.78 45.31
N GLN D 66 -5.51 15.55 44.58
CA GLN D 66 -6.14 16.56 43.74
C GLN D 66 -7.65 16.45 43.84
N GLU D 67 -8.33 17.55 43.52
CA GLU D 67 -9.78 17.66 43.62
C GLU D 67 -10.36 17.98 42.25
N CYS D 68 -11.53 17.41 41.98
CA CYS D 68 -12.17 17.57 40.68
C CYS D 68 -12.95 18.89 40.61
N THR D 69 -12.24 20.01 40.54
CA THR D 69 -12.93 21.29 40.44
C THR D 69 -13.65 21.36 39.09
N PRO D 70 -14.94 21.69 39.06
CA PRO D 70 -15.68 21.63 37.79
C PRO D 70 -15.68 22.95 37.04
N THR D 71 -15.63 22.84 35.72
CA THR D 71 -15.97 23.93 34.81
C THR D 71 -17.06 23.42 33.89
N TYR D 72 -18.16 24.17 33.80
CA TYR D 72 -19.40 23.64 33.26
C TYR D 72 -19.44 23.73 31.73
N ARG D 73 -18.49 23.03 31.11
CA ARG D 73 -18.47 22.91 29.67
C ARG D 73 -19.47 21.83 29.22
N PRO D 74 -19.85 21.81 27.95
CA PRO D 74 -20.83 20.83 27.49
C PRO D 74 -20.37 19.40 27.69
N ASP D 75 -21.14 18.65 28.48
CA ASP D 75 -20.91 17.23 28.71
C ASP D 75 -19.51 16.99 29.26
N GLU D 76 -19.12 17.77 30.25
CA GLU D 76 -17.77 17.68 30.79
C GLU D 76 -17.70 16.58 31.84
N GLN D 77 -16.77 15.65 31.65
CA GLN D 77 -16.47 14.60 32.60
C GLN D 77 -15.08 14.84 33.17
N CYS D 78 -14.95 14.73 34.49
CA CYS D 78 -13.69 14.98 35.17
C CYS D 78 -13.46 13.87 36.17
N LYS D 79 -12.25 13.31 36.18
CA LYS D 79 -11.96 12.21 37.08
C LYS D 79 -10.49 12.23 37.48
N VAL D 80 -10.22 11.73 38.68
CA VAL D 80 -8.89 11.67 39.26
C VAL D 80 -8.47 10.21 39.30
N PHE D 81 -7.27 9.92 38.81
CA PHE D 81 -6.71 8.57 38.81
C PHE D 81 -5.48 8.57 39.72
N THR D 82 -5.47 7.68 40.69
CA THR D 82 -4.36 7.54 41.63
C THR D 82 -3.52 6.34 41.23
N GLY D 83 -2.21 6.43 41.51
CA GLY D 83 -1.29 5.36 41.21
C GLY D 83 -0.59 5.47 39.87
N VAL D 84 -0.57 6.65 39.25
CA VAL D 84 0.08 6.81 37.97
C VAL D 84 1.59 6.95 38.17
N TYR D 85 2.34 6.76 37.08
CA TYR D 85 3.79 6.95 37.06
C TYR D 85 4.19 7.37 35.67
N PRO D 86 3.77 8.56 35.23
CA PRO D 86 3.93 8.93 33.82
C PRO D 86 5.37 9.00 33.37
N PHE D 87 5.58 8.70 32.10
CA PHE D 87 6.86 8.83 31.43
C PHE D 87 6.73 9.85 30.30
N MET D 88 7.67 10.78 30.25
CA MET D 88 7.87 11.64 29.09
C MET D 88 9.20 11.29 28.45
N TRP D 89 9.56 12.07 27.42
CA TRP D 89 10.80 11.82 26.70
C TRP D 89 12.01 11.91 27.61
N GLY D 90 11.89 12.61 28.74
CA GLY D 90 12.95 12.69 29.71
C GLY D 90 13.00 11.58 30.73
N GLY D 91 12.00 10.73 30.78
CA GLY D 91 11.91 9.68 31.78
C GLY D 91 10.74 9.90 32.72
N ALA D 92 10.87 9.33 33.92
CA ALA D 92 9.78 9.35 34.88
C ALA D 92 9.49 10.78 35.33
N TYR D 93 8.21 11.13 35.36
CA TYR D 93 7.80 12.46 35.78
C TYR D 93 7.85 12.62 37.29
N CYS D 94 7.55 11.57 38.03
CA CYS D 94 7.52 11.61 39.49
C CYS D 94 8.53 10.63 40.08
N PHE D 95 9.17 11.09 41.15
CA PHE D 95 10.13 10.29 41.91
C PHE D 95 9.46 9.42 42.98
N CYS D 96 8.16 9.54 43.16
CA CYS D 96 7.48 9.06 44.35
C CYS D 96 6.60 7.89 43.90
N ASP D 97 6.91 6.69 44.39
CA ASP D 97 6.54 5.45 43.70
C ASP D 97 5.03 5.31 43.52
N THR D 98 4.25 5.66 44.54
CA THR D 98 2.80 5.57 44.45
C THR D 98 2.21 6.83 45.08
N GLU D 99 0.88 6.85 45.18
CA GLU D 99 0.08 7.99 45.61
C GLU D 99 0.06 9.12 44.60
N ASN D 100 0.77 9.01 43.48
CA ASN D 100 0.74 10.05 42.46
C ASN D 100 -0.64 10.14 41.84
N THR D 101 -1.02 11.36 41.47
CA THR D 101 -2.38 11.67 41.08
C THR D 101 -2.38 12.32 39.70
N GLN D 102 -3.34 11.95 38.87
CA GLN D 102 -3.56 12.57 37.57
C GLN D 102 -5.03 12.92 37.45
N VAL D 103 -5.34 14.20 37.36
CA VAL D 103 -6.71 14.66 37.11
C VAL D 103 -6.84 14.94 35.62
N SER D 104 -7.87 14.36 35.02
CA SER D 104 -8.14 14.52 33.60
C SER D 104 -9.60 14.83 33.38
N LYS D 105 -9.86 15.76 32.46
CA LYS D 105 -11.22 16.16 32.15
C LYS D 105 -11.38 16.33 30.64
N ALA D 106 -12.51 15.85 30.14
CA ALA D 106 -12.83 15.90 28.72
C ALA D 106 -14.21 16.51 28.53
N TYR D 107 -14.40 17.14 27.37
CA TYR D 107 -15.63 17.87 27.09
C TYR D 107 -15.89 17.79 25.58
N VAL D 108 -17.11 18.15 25.20
CA VAL D 108 -17.55 18.11 23.81
C VAL D 108 -17.75 19.52 23.32
N MET D 109 -17.29 19.81 22.10
CA MET D 109 -17.44 21.13 21.51
C MET D 109 -17.72 20.99 20.02
N LYS D 110 -18.15 22.09 19.41
CA LYS D 110 -18.45 22.07 17.98
C LYS D 110 -17.20 21.79 17.17
N SER D 111 -17.38 21.12 16.04
CA SER D 111 -16.27 20.86 15.14
C SER D 111 -15.77 22.17 14.55
N ASP D 112 -14.49 22.19 14.18
CA ASP D 112 -13.92 23.38 13.55
C ASP D 112 -14.60 23.69 12.23
N ASP D 113 -15.11 22.66 11.55
CA ASP D 113 -15.78 22.82 10.26
C ASP D 113 -17.28 23.06 10.41
N CYS D 114 -17.77 23.20 11.64
CA CYS D 114 -19.22 23.25 11.86
C CYS D 114 -19.84 24.50 11.26
N LEU D 115 -19.04 25.50 10.90
CA LEU D 115 -19.58 26.71 10.28
C LEU D 115 -20.17 26.42 8.90
N ALA D 116 -19.57 25.49 8.16
CA ALA D 116 -19.96 25.20 6.78
C ALA D 116 -20.58 23.82 6.61
N ASP D 117 -20.17 22.84 7.41
CA ASP D 117 -20.71 21.48 7.34
C ASP D 117 -21.59 21.29 8.58
N HIS D 118 -22.87 21.59 8.42
CA HIS D 118 -23.82 21.47 9.51
C HIS D 118 -25.22 21.28 8.95
N ALA D 119 -26.05 20.61 9.73
CA ALA D 119 -27.44 20.36 9.38
C ALA D 119 -28.35 21.19 10.29
N GLU D 120 -29.41 21.73 9.70
CA GLU D 120 -30.31 22.65 10.37
C GLU D 120 -31.64 21.96 10.64
N ALA D 121 -31.99 21.81 11.91
CA ALA D 121 -33.23 21.19 12.33
C ALA D 121 -34.28 22.28 12.47
N TYR D 122 -35.33 22.18 11.65
CA TYR D 122 -36.36 23.19 11.44
C TYR D 122 -37.73 22.62 11.78
N LYS D 123 -38.69 23.51 12.05
CA LYS D 123 -40.10 23.17 12.11
C LYS D 123 -40.85 24.00 11.09
N ALA D 124 -41.73 23.34 10.33
CA ALA D 124 -42.51 23.96 9.25
C ALA D 124 -43.98 23.90 9.61
N HIS D 125 -44.58 25.06 9.89
CA HIS D 125 -45.96 25.09 10.36
C HIS D 125 -46.95 25.19 9.22
N THR D 126 -46.88 26.27 8.43
CA THR D 126 -47.86 26.53 7.39
C THR D 126 -47.13 27.12 6.19
N ALA D 127 -47.80 27.09 5.04
CA ALA D 127 -47.18 27.49 3.78
C ALA D 127 -48.12 28.40 3.00
N SER D 128 -47.52 29.36 2.30
CA SER D 128 -48.22 30.25 1.39
C SER D 128 -47.75 29.99 -0.03
N VAL D 129 -48.70 29.86 -0.95
CA VAL D 129 -48.43 29.50 -2.33
C VAL D 129 -48.44 30.76 -3.17
N GLN D 130 -47.41 30.94 -3.99
CA GLN D 130 -47.31 32.05 -4.92
C GLN D 130 -47.01 31.50 -6.30
N ALA D 131 -47.81 31.91 -7.28
CA ALA D 131 -47.79 31.34 -8.62
C ALA D 131 -47.30 32.36 -9.63
N PHE D 132 -46.34 31.96 -10.45
CA PHE D 132 -45.85 32.79 -11.55
C PHE D 132 -46.68 32.44 -12.79
N LEU D 133 -47.44 33.41 -13.29
CA LEU D 133 -48.36 33.09 -14.41
C LEU D 133 -48.24 34.11 -15.54
N ASN D 134 -48.37 33.65 -16.79
CA ASN D 134 -48.43 34.63 -17.92
C ASN D 134 -49.92 34.77 -18.19
N ILE D 135 -50.52 35.91 -17.84
CA ILE D 135 -52.01 36.03 -17.97
C ILE D 135 -52.39 36.95 -19.12
N THR D 136 -53.19 36.46 -20.05
CA THR D 136 -53.70 37.30 -21.13
C THR D 136 -55.20 37.48 -20.93
N VAL D 137 -55.64 38.73 -20.91
CA VAL D 137 -57.05 39.09 -20.92
C VAL D 137 -57.27 39.90 -22.18
N GLY D 138 -58.14 39.40 -23.06
CA GLY D 138 -58.32 40.07 -24.34
C GLY D 138 -57.00 40.12 -25.08
N GLU D 139 -56.64 41.32 -25.53
CA GLU D 139 -55.39 41.54 -26.23
C GLU D 139 -54.23 41.88 -25.30
N HIS D 140 -54.45 41.95 -23.99
CA HIS D 140 -53.46 42.47 -23.06
C HIS D 140 -52.82 41.32 -22.30
N SER D 141 -51.48 41.31 -22.24
CA SER D 141 -50.72 40.19 -21.67
C SER D 141 -49.81 40.70 -20.57
N ILE D 142 -49.67 39.89 -19.52
CA ILE D 142 -48.95 40.28 -18.30
C ILE D 142 -48.19 39.09 -17.76
N VAL D 143 -47.00 39.36 -17.21
CA VAL D 143 -46.18 38.40 -16.50
C VAL D 143 -46.23 38.77 -15.03
N THR D 144 -46.68 37.86 -14.17
CA THR D 144 -47.04 38.27 -12.82
C THR D 144 -46.86 37.13 -11.83
N THR D 145 -46.41 37.48 -10.63
CA THR D 145 -46.50 36.60 -9.48
C THR D 145 -47.72 36.99 -8.68
N VAL D 146 -48.58 36.01 -8.39
CA VAL D 146 -49.79 36.23 -7.61
C VAL D 146 -49.72 35.37 -6.37
N TYR D 147 -49.95 35.98 -5.21
CA TYR D 147 -49.96 35.26 -3.94
C TYR D 147 -51.29 34.53 -3.81
N VAL D 148 -51.24 33.21 -3.71
CA VAL D 148 -52.46 32.41 -3.70
C VAL D 148 -53.03 32.42 -2.29
N ASN D 149 -53.87 33.41 -2.00
CA ASN D 149 -54.64 33.48 -0.77
C ASN D 149 -55.89 34.27 -1.04
N GLY D 150 -56.86 34.17 -0.14
CA GLY D 150 -58.16 34.75 -0.37
C GLY D 150 -58.22 36.25 -0.28
N GLU D 151 -57.12 36.92 0.02
CA GLU D 151 -57.12 38.36 0.27
C GLU D 151 -56.37 39.17 -0.77
N THR D 152 -55.09 38.88 -1.02
CA THR D 152 -54.23 39.78 -1.78
C THR D 152 -54.64 39.78 -3.25
N PRO D 153 -55.04 40.92 -3.82
CA PRO D 153 -55.32 40.98 -5.26
C PRO D 153 -54.11 41.45 -6.07
N VAL D 154 -54.30 41.52 -7.38
CA VAL D 154 -53.38 42.23 -8.27
C VAL D 154 -54.19 42.91 -9.35
N ASN D 155 -53.76 44.12 -9.74
CA ASN D 155 -54.51 44.95 -10.66
C ASN D 155 -53.61 45.43 -11.79
N PHE D 156 -53.93 45.00 -13.01
CA PHE D 156 -53.28 45.52 -14.22
C PHE D 156 -54.32 45.99 -15.22
N ASN D 157 -54.15 47.24 -15.65
CA ASN D 157 -54.86 47.82 -16.80
C ASN D 157 -56.37 47.60 -16.69
N GLY D 158 -56.88 47.76 -15.47
CA GLY D 158 -58.29 47.68 -15.21
C GLY D 158 -58.77 46.35 -14.67
N VAL D 159 -58.09 45.25 -14.97
CA VAL D 159 -58.54 43.94 -14.56
C VAL D 159 -57.90 43.58 -13.22
N LYS D 160 -58.75 43.09 -12.31
CA LYS D 160 -58.32 42.56 -11.02
C LYS D 160 -58.30 41.05 -11.07
N ILE D 161 -57.20 40.46 -10.61
CA ILE D 161 -57.00 39.02 -10.56
C ILE D 161 -56.77 38.66 -9.09
N THR D 162 -57.51 37.65 -8.61
CA THR D 162 -57.39 37.20 -7.22
C THR D 162 -57.27 35.69 -7.22
N ALA D 163 -56.15 35.18 -6.71
CA ALA D 163 -55.91 33.74 -6.62
C ALA D 163 -56.44 33.27 -5.28
N GLY D 164 -57.62 32.65 -5.30
CA GLY D 164 -58.26 32.21 -4.09
C GLY D 164 -57.51 31.07 -3.44
N PRO D 165 -57.99 30.62 -2.28
CA PRO D 165 -57.30 29.53 -1.57
C PRO D 165 -57.30 28.25 -2.39
N LEU D 166 -56.22 27.48 -2.24
CA LEU D 166 -56.11 26.22 -2.95
C LEU D 166 -57.16 25.23 -2.46
N SER D 167 -57.63 24.39 -3.37
CA SER D 167 -58.62 23.37 -3.02
C SER D 167 -58.04 22.28 -2.13
N THR D 168 -56.72 22.21 -1.99
CA THR D 168 -56.09 21.22 -1.13
C THR D 168 -54.88 21.86 -0.45
N ALA D 169 -54.85 21.78 0.88
CA ALA D 169 -53.79 22.39 1.68
C ALA D 169 -52.63 21.45 1.94
N TRP D 170 -52.42 20.47 1.06
CA TRP D 170 -51.35 19.51 1.25
C TRP D 170 -50.00 20.19 1.11
N THR D 171 -49.03 19.72 1.90
CA THR D 171 -47.65 20.19 1.83
C THR D 171 -46.73 18.99 1.96
N PRO D 172 -45.64 18.93 1.19
CA PRO D 172 -44.75 17.76 1.28
C PRO D 172 -43.98 17.68 2.57
N PHE D 173 -43.69 18.82 3.21
CA PHE D 173 -42.87 18.85 4.40
C PHE D 173 -43.72 18.48 5.62
N ASP D 174 -43.22 17.55 6.43
CA ASP D 174 -43.91 17.20 7.66
C ASP D 174 -43.72 18.32 8.69
N ARG D 175 -44.17 18.06 9.92
CA ARG D 175 -44.17 19.10 10.94
C ARG D 175 -42.76 19.60 11.24
N LYS D 176 -41.76 18.73 11.16
CA LYS D 176 -40.38 19.10 11.47
C LYS D 176 -39.42 18.40 10.52
N ILE D 177 -38.46 19.16 10.00
CA ILE D 177 -37.61 18.72 8.89
C ILE D 177 -36.16 19.08 9.19
N VAL D 178 -35.26 18.62 8.31
CA VAL D 178 -33.82 18.83 8.45
C VAL D 178 -33.27 19.27 7.09
N GLN D 179 -32.42 20.28 7.11
CA GLN D 179 -31.76 20.78 5.91
C GLN D 179 -30.27 20.47 5.99
N TYR D 180 -29.74 19.83 4.95
CA TYR D 180 -28.32 19.53 4.91
C TYR D 180 -27.87 19.42 3.46
N ALA D 181 -26.73 20.05 3.16
CA ALA D 181 -26.10 19.95 1.85
C ALA D 181 -27.05 20.37 0.73
N GLY D 182 -27.91 21.34 1.02
CA GLY D 182 -28.87 21.78 0.04
C GLY D 182 -29.98 20.82 -0.25
N GLU D 183 -30.34 19.96 0.70
CA GLU D 183 -31.42 19.00 0.53
C GLU D 183 -32.22 18.90 1.82
N ILE D 184 -33.52 18.67 1.67
CA ILE D 184 -34.45 18.65 2.79
C ILE D 184 -34.84 17.21 3.10
N TYR D 185 -35.08 16.95 4.38
CA TYR D 185 -35.33 15.62 4.92
C TYR D 185 -36.53 15.69 5.86
N ASN D 186 -37.45 14.75 5.71
CA ASN D 186 -38.50 14.55 6.70
C ASN D 186 -37.94 13.69 7.83
N TYR D 187 -37.51 14.32 8.91
CA TYR D 187 -36.87 13.61 10.01
C TYR D 187 -37.47 14.12 11.31
N ASP D 188 -37.87 13.19 12.19
CA ASP D 188 -38.47 13.53 13.47
C ASP D 188 -37.36 13.68 14.52
N PHE D 189 -36.60 14.75 14.37
CA PHE D 189 -35.45 14.97 15.23
C PHE D 189 -35.92 15.29 16.66
N PRO D 190 -35.09 15.02 17.68
CA PRO D 190 -35.49 15.38 19.04
C PRO D 190 -35.45 16.87 19.26
N GLU D 191 -36.35 17.35 20.12
CA GLU D 191 -36.36 18.77 20.42
C GLU D 191 -35.11 19.16 21.18
N TYR D 192 -34.86 20.46 21.27
CA TYR D 192 -33.62 20.96 21.85
C TYR D 192 -33.47 20.49 23.29
N GLY D 193 -32.30 19.98 23.63
CA GLY D 193 -32.02 19.51 24.96
C GLY D 193 -32.34 18.07 25.23
N ALA D 194 -33.01 17.39 24.30
CA ALA D 194 -33.42 16.00 24.46
C ALA D 194 -32.65 15.05 23.56
N GLY D 195 -31.64 15.53 22.84
CA GLY D 195 -30.91 14.65 21.95
C GLY D 195 -30.18 13.56 22.73
N GLN D 196 -30.11 12.38 22.13
CA GLN D 196 -29.50 11.22 22.75
C GLN D 196 -28.19 10.87 22.04
N PRO D 197 -27.30 10.13 22.70
CA PRO D 197 -26.03 9.80 22.04
C PRO D 197 -26.24 8.88 20.86
N GLY D 198 -25.33 8.97 19.89
CA GLY D 198 -25.32 8.06 18.77
C GLY D 198 -26.38 8.30 17.74
N ALA D 199 -27.01 9.47 17.74
CA ALA D 199 -28.07 9.77 16.78
C ALA D 199 -28.06 11.27 16.50
N PHE D 200 -28.89 11.67 15.54
CA PHE D 200 -28.98 13.07 15.16
C PHE D 200 -29.35 13.91 16.36
N GLY D 201 -28.59 14.97 16.60
CA GLY D 201 -28.78 15.81 17.75
C GLY D 201 -27.95 15.47 18.96
N ASP D 202 -26.92 14.64 18.80
CA ASP D 202 -25.99 14.40 19.90
C ASP D 202 -25.39 15.69 20.43
N ILE D 203 -25.07 16.63 19.55
CA ILE D 203 -24.71 17.99 19.94
C ILE D 203 -25.68 18.94 19.26
N GLN D 204 -26.17 19.91 20.01
CA GLN D 204 -27.19 20.82 19.54
C GLN D 204 -26.83 22.24 19.96
N SER D 205 -27.07 23.18 19.06
CA SER D 205 -26.89 24.60 19.35
C SER D 205 -27.96 25.37 18.60
N ARG D 206 -28.45 26.45 19.22
CA ARG D 206 -29.56 27.19 18.64
C ARG D 206 -29.19 27.78 17.28
N THR D 207 -27.97 28.31 17.16
CA THR D 207 -27.49 28.88 15.90
C THR D 207 -26.03 28.49 15.72
N VAL D 208 -25.53 28.74 14.52
CA VAL D 208 -24.14 28.40 14.21
C VAL D 208 -23.19 29.23 15.06
N SER D 209 -23.55 30.47 15.34
CA SER D 209 -22.73 31.36 16.15
C SER D 209 -23.10 31.33 17.63
N SER D 210 -24.01 30.47 18.05
CA SER D 210 -24.46 30.46 19.43
C SER D 210 -23.34 30.08 20.37
N SER D 211 -23.37 30.66 21.58
CA SER D 211 -22.36 30.39 22.59
C SER D 211 -22.72 29.24 23.51
N ASP D 212 -23.97 28.80 23.53
CA ASP D 212 -24.42 27.70 24.37
C ASP D 212 -24.59 26.45 23.53
N LEU D 213 -24.11 25.31 24.05
CA LEU D 213 -24.14 24.05 23.33
C LEU D 213 -24.61 22.95 24.27
N TYR D 214 -25.57 22.17 23.79
CA TYR D 214 -26.01 20.95 24.47
C TYR D 214 -25.21 19.78 23.92
N ALA D 215 -24.83 18.87 24.80
CA ALA D 215 -24.03 17.72 24.41
C ALA D 215 -24.43 16.52 25.24
N ASN D 216 -24.80 15.43 24.57
CA ASN D 216 -25.10 14.16 25.21
C ASN D 216 -24.49 13.07 24.33
N THR D 217 -23.24 12.75 24.61
CA THR D 217 -22.46 11.81 23.82
C THR D 217 -22.01 10.59 24.62
N ASN D 218 -22.53 10.39 25.82
CA ASN D 218 -22.18 9.24 26.65
C ASN D 218 -20.67 9.21 26.90
N LEU D 219 -20.10 10.39 27.12
CA LEU D 219 -18.66 10.49 27.33
C LEU D 219 -18.32 9.90 28.70
N VAL D 220 -17.39 8.96 28.71
CA VAL D 220 -16.90 8.35 29.94
C VAL D 220 -15.41 8.18 29.85
N LEU D 221 -14.70 8.55 30.92
CA LEU D 221 -13.25 8.50 30.95
C LEU D 221 -12.77 7.12 31.39
N GLN D 222 -11.58 6.77 30.93
CA GLN D 222 -10.96 5.48 31.26
C GLN D 222 -9.56 5.74 31.81
N ARG D 223 -9.07 4.78 32.58
CA ARG D 223 -7.76 4.94 33.19
C ARG D 223 -6.68 4.89 32.11
N PRO D 224 -5.63 5.71 32.21
CA PRO D 224 -4.54 5.63 31.23
C PRO D 224 -3.63 4.44 31.52
N LYS D 225 -2.85 4.08 30.50
CA LYS D 225 -1.86 3.03 30.68
C LYS D 225 -0.78 3.46 31.66
N ALA D 226 -0.23 2.50 32.37
CA ALA D 226 0.89 2.79 33.26
C ALA D 226 2.05 3.35 32.44
N GLY D 227 2.59 4.48 32.89
CA GLY D 227 3.67 5.14 32.18
C GLY D 227 3.24 6.03 31.05
N ALA D 228 1.98 5.97 30.63
CA ALA D 228 1.47 6.81 29.56
C ALA D 228 0.87 8.08 30.13
N ILE D 229 0.89 9.14 29.34
CA ILE D 229 0.37 10.44 29.72
C ILE D 229 -0.60 10.87 28.64
N HIS D 230 -1.90 10.73 28.91
CA HIS D 230 -2.95 11.09 27.97
C HIS D 230 -4.28 10.97 28.71
N VAL D 231 -5.36 11.30 28.01
CA VAL D 231 -6.71 11.29 28.59
C VAL D 231 -7.56 10.29 27.82
N PRO D 232 -7.64 9.03 28.24
CA PRO D 232 -8.51 8.08 27.54
C PRO D 232 -9.97 8.46 27.67
N TYR D 233 -10.75 8.08 26.66
CA TYR D 233 -12.19 8.32 26.66
C TYR D 233 -12.83 7.36 25.67
N THR D 234 -14.07 6.99 25.97
CA THR D 234 -14.90 6.24 25.05
C THR D 234 -16.28 6.87 25.02
N GLN D 235 -16.71 7.24 23.81
CA GLN D 235 -17.99 7.91 23.65
C GLN D 235 -18.61 7.46 22.34
N ALA D 236 -19.92 7.66 22.24
CA ALA D 236 -20.64 7.17 21.07
C ALA D 236 -20.11 7.87 19.82
N PRO D 237 -19.99 7.18 18.70
CA PRO D 237 -19.59 7.86 17.46
C PRO D 237 -20.59 8.95 17.12
N SER D 238 -20.10 10.00 16.48
CA SER D 238 -20.93 11.17 16.20
C SER D 238 -22.20 10.77 15.48
N GLY D 239 -23.32 10.97 16.15
CA GLY D 239 -24.61 10.59 15.58
C GLY D 239 -24.90 11.32 14.28
N PHE D 240 -24.30 12.50 14.09
CA PHE D 240 -24.44 13.17 12.81
C PHE D 240 -23.77 12.36 11.70
N GLU D 241 -22.59 11.82 11.98
CA GLU D 241 -21.92 11.01 10.97
C GLU D 241 -22.69 9.73 10.68
N GLN D 242 -23.20 9.07 11.72
CA GLN D 242 -23.99 7.86 11.52
C GLN D 242 -25.25 8.18 10.74
N TRP D 243 -25.86 9.32 11.02
CA TRP D 243 -27.04 9.76 10.29
C TRP D 243 -26.71 10.01 8.83
N LYS D 244 -25.54 10.59 8.55
CA LYS D 244 -25.16 10.89 7.17
C LYS D 244 -25.06 9.64 6.33
N LYS D 245 -24.85 8.47 6.94
CA LYS D 245 -24.78 7.21 6.21
C LYS D 245 -26.03 6.36 6.35
N ASP D 246 -26.88 6.63 7.34
CA ASP D 246 -28.16 5.95 7.46
C ASP D 246 -29.32 6.78 6.92
N LYS D 247 -29.08 8.02 6.52
CA LYS D 247 -30.17 8.90 6.11
C LYS D 247 -30.85 8.36 4.86
N ALA D 248 -32.17 8.47 4.83
CA ALA D 248 -32.92 8.14 3.64
C ALA D 248 -32.68 9.22 2.58
N PRO D 249 -32.94 8.91 1.32
CA PRO D 249 -32.78 9.93 0.27
C PRO D 249 -33.70 11.12 0.46
N SER D 250 -33.26 12.28 -0.02
CA SER D 250 -33.89 13.55 0.25
C SER D 250 -35.30 13.62 -0.34
N LEU D 251 -36.01 14.71 0.00
CA LEU D 251 -37.37 14.89 -0.46
C LEU D 251 -37.44 15.18 -1.95
N LYS D 252 -36.38 15.75 -2.54
CA LYS D 252 -36.43 16.04 -3.96
C LYS D 252 -36.49 14.77 -4.79
N PHE D 253 -36.20 13.62 -4.18
CA PHE D 253 -36.31 12.34 -4.84
C PHE D 253 -37.57 11.56 -4.47
N THR D 254 -38.14 11.81 -3.29
CA THR D 254 -39.26 11.03 -2.78
C THR D 254 -40.47 11.87 -2.40
N ALA D 255 -40.53 13.13 -2.81
CA ALA D 255 -41.70 13.93 -2.49
C ALA D 255 -42.91 13.41 -3.28
N PRO D 256 -44.11 13.40 -2.70
CA PRO D 256 -45.29 13.05 -3.50
C PRO D 256 -45.62 14.12 -4.52
N PHE D 257 -46.42 13.74 -5.50
CA PHE D 257 -46.88 14.61 -6.57
C PHE D 257 -45.73 15.16 -7.41
N GLY D 258 -44.57 14.51 -7.37
CA GLY D 258 -43.47 14.93 -8.22
C GLY D 258 -42.94 16.32 -7.93
N CYS D 259 -43.17 16.84 -6.73
CA CYS D 259 -42.71 18.19 -6.41
C CYS D 259 -41.19 18.25 -6.41
N GLU D 260 -40.65 19.37 -6.88
CA GLU D 260 -39.22 19.62 -6.80
C GLU D 260 -38.92 20.45 -5.56
N ILE D 261 -37.90 20.04 -4.82
CA ILE D 261 -37.57 20.62 -3.52
C ILE D 261 -36.29 21.42 -3.66
N TYR D 262 -36.33 22.68 -3.22
CA TYR D 262 -35.19 23.57 -3.23
C TYR D 262 -35.02 24.16 -1.83
N THR D 263 -33.84 24.72 -1.57
CA THR D 263 -33.36 24.91 -0.21
C THR D 263 -33.32 26.34 0.27
N ASN D 264 -32.88 27.31 -0.54
CA ASN D 264 -32.63 28.66 -0.09
C ASN D 264 -33.41 29.64 -0.98
N PRO D 265 -34.63 30.03 -0.59
CA PRO D 265 -35.40 29.64 0.60
C PRO D 265 -35.93 28.23 0.49
N ILE D 266 -36.17 27.59 1.64
CA ILE D 266 -36.73 26.25 1.62
C ILE D 266 -38.10 26.28 0.97
N ARG D 267 -38.32 25.40 0.01
CA ARG D 267 -39.54 25.49 -0.78
C ARG D 267 -39.73 24.21 -1.58
N ALA D 268 -40.99 23.94 -1.91
CA ALA D 268 -41.38 22.91 -2.86
C ALA D 268 -42.17 23.57 -3.98
N GLU D 269 -41.95 23.10 -5.21
CA GLU D 269 -42.51 23.78 -6.36
C GLU D 269 -42.91 22.78 -7.44
N ASN D 270 -43.77 23.25 -8.34
CA ASN D 270 -44.31 22.46 -9.43
C ASN D 270 -45.07 21.23 -8.93
N CYS D 271 -45.78 21.39 -7.82
CA CYS D 271 -46.64 20.32 -7.33
C CYS D 271 -47.89 20.23 -8.20
N ALA D 272 -48.37 19.01 -8.41
CA ALA D 272 -49.52 18.75 -9.27
C ALA D 272 -50.81 18.57 -8.46
N VAL D 273 -50.95 19.28 -7.35
CA VAL D 273 -52.03 19.06 -6.40
C VAL D 273 -53.05 20.18 -6.54
N GLY D 274 -54.33 19.81 -6.61
CA GLY D 274 -55.40 20.76 -6.47
C GLY D 274 -55.50 21.75 -7.61
N SER D 275 -56.24 22.83 -7.35
CA SER D 275 -56.48 23.86 -8.34
C SER D 275 -56.53 25.21 -7.64
N ILE D 276 -56.32 26.26 -8.42
CA ILE D 276 -56.30 27.63 -7.94
C ILE D 276 -57.58 28.30 -8.43
N PRO D 277 -58.57 28.57 -7.56
CA PRO D 277 -59.78 29.23 -8.08
C PRO D 277 -59.56 30.71 -8.35
N LEU D 278 -58.87 30.98 -9.46
CA LEU D 278 -58.67 32.35 -9.91
C LEU D 278 -60.00 33.02 -10.17
N ALA D 279 -60.16 34.23 -9.65
CA ALA D 279 -61.36 35.04 -9.87
C ALA D 279 -60.94 36.37 -10.51
N PHE D 280 -61.69 36.79 -11.53
CA PHE D 280 -61.37 37.97 -12.31
C PHE D 280 -62.49 38.98 -12.21
N ASP D 281 -62.11 40.24 -12.06
CA ASP D 281 -63.02 41.38 -12.22
C ASP D 281 -62.51 42.13 -13.45
N ILE D 282 -63.19 41.93 -14.57
CA ILE D 282 -62.79 42.51 -15.85
C ILE D 282 -63.64 43.76 -16.08
N PRO D 283 -63.05 44.93 -16.29
CA PRO D 283 -63.86 46.13 -16.44
C PRO D 283 -64.66 46.11 -17.73
N ASP D 284 -65.52 47.12 -17.88
CA ASP D 284 -66.40 47.21 -19.04
C ASP D 284 -65.68 47.76 -20.26
N ALA D 285 -64.42 48.18 -20.10
CA ALA D 285 -63.71 48.78 -21.21
C ALA D 285 -63.25 47.75 -22.24
N LEU D 286 -62.96 46.53 -21.79
CA LEU D 286 -62.36 45.53 -22.66
C LEU D 286 -63.38 44.72 -23.45
N PHE D 287 -64.59 44.53 -22.91
CA PHE D 287 -65.60 43.78 -23.62
C PHE D 287 -66.02 44.52 -24.89
N THR D 288 -66.29 43.77 -25.95
CA THR D 288 -66.69 44.30 -27.24
C THR D 288 -68.11 43.83 -27.54
N ARG D 289 -68.97 44.78 -27.93
CA ARG D 289 -70.37 44.46 -28.15
C ARG D 289 -70.54 43.46 -29.30
N VAL D 290 -71.56 42.61 -29.18
CA VAL D 290 -71.84 41.65 -30.24
C VAL D 290 -72.21 42.35 -31.54
N SER D 291 -72.86 43.51 -31.46
CA SER D 291 -73.30 44.22 -32.65
C SER D 291 -72.15 44.70 -33.53
N GLU D 292 -70.94 44.79 -32.99
CA GLU D 292 -69.78 45.28 -33.73
C GLU D 292 -68.72 44.22 -33.98
N THR D 293 -68.84 43.03 -33.38
CA THR D 293 -67.93 41.93 -33.67
C THR D 293 -68.43 41.13 -34.86
N PRO D 294 -67.55 40.38 -35.53
CA PRO D 294 -67.98 39.63 -36.72
C PRO D 294 -69.08 38.61 -36.40
N THR D 295 -70.01 38.46 -37.34
CA THR D 295 -71.08 37.48 -37.22
C THR D 295 -70.75 36.26 -38.07
N LEU D 296 -70.42 35.16 -37.41
CA LEU D 296 -70.10 33.92 -38.13
C LEU D 296 -71.36 33.40 -38.82
N SER D 297 -71.20 32.92 -40.05
CA SER D 297 -72.33 32.44 -40.82
C SER D 297 -71.89 31.36 -41.80
N ALA D 298 -72.75 30.35 -41.96
CA ALA D 298 -72.56 29.27 -42.93
C ALA D 298 -71.23 28.55 -42.74
N ALA D 299 -70.85 28.30 -41.49
CA ALA D 299 -69.58 27.66 -41.20
C ALA D 299 -69.75 26.15 -40.99
N GLU D 300 -68.62 25.44 -41.05
CA GLU D 300 -68.65 23.99 -40.94
C GLU D 300 -67.24 23.51 -40.61
N CYS D 301 -67.16 22.37 -39.91
CA CYS D 301 -65.91 21.79 -39.46
C CYS D 301 -65.76 20.37 -39.99
N THR D 302 -64.53 20.03 -40.38
CA THR D 302 -64.14 18.66 -40.67
C THR D 302 -62.71 18.46 -40.19
N LEU D 303 -62.46 17.31 -39.60
CA LEU D 303 -61.17 17.05 -38.97
C LEU D 303 -60.11 16.72 -40.00
N ASN D 304 -59.06 17.55 -40.06
CA ASN D 304 -57.92 17.21 -40.89
C ASN D 304 -57.26 15.93 -40.40
N GLU D 305 -57.06 15.80 -39.10
CA GLU D 305 -56.53 14.57 -38.53
C GLU D 305 -56.78 14.56 -37.04
N CYS D 306 -56.81 13.37 -36.47
CA CYS D 306 -56.96 13.21 -35.03
C CYS D 306 -56.06 12.07 -34.58
N VAL D 307 -55.12 12.38 -33.70
CA VAL D 307 -54.34 11.39 -32.98
C VAL D 307 -54.79 11.47 -31.53
N TYR D 308 -55.40 10.40 -31.03
CA TYR D 308 -55.81 10.34 -29.64
C TYR D 308 -54.54 10.22 -28.81
N SER D 309 -53.88 11.36 -28.59
CA SER D 309 -52.59 11.42 -27.94
C SER D 309 -52.55 12.54 -26.93
N SER D 310 -51.59 12.46 -26.01
CA SER D 310 -51.40 13.51 -25.03
C SER D 310 -51.02 14.84 -25.68
N ASP D 311 -50.15 14.83 -26.69
CA ASP D 311 -49.79 16.04 -27.40
C ASP D 311 -51.00 16.56 -28.17
N PHE D 312 -50.82 17.72 -28.82
CA PHE D 312 -51.87 18.31 -29.64
C PHE D 312 -51.95 17.60 -30.98
N GLY D 313 -52.42 16.35 -30.92
CA GLY D 313 -52.50 15.51 -32.09
C GLY D 313 -53.71 15.73 -32.97
N GLY D 314 -54.62 16.63 -32.58
CA GLY D 314 -55.80 16.90 -33.37
C GLY D 314 -55.65 18.21 -34.12
N ILE D 315 -55.86 18.14 -35.42
CA ILE D 315 -55.85 19.30 -36.30
C ILE D 315 -57.19 19.33 -37.01
N ALA D 316 -57.93 20.42 -36.84
CA ALA D 316 -59.23 20.60 -37.46
C ALA D 316 -59.24 21.87 -38.29
N THR D 317 -60.14 21.91 -39.27
CA THR D 317 -60.29 23.06 -40.15
C THR D 317 -61.74 23.53 -40.12
N VAL D 318 -61.95 24.84 -40.08
CA VAL D 318 -63.28 25.43 -40.08
C VAL D 318 -63.39 26.39 -41.25
N LYS D 319 -64.39 26.17 -42.09
CA LYS D 319 -64.83 27.09 -43.12
C LYS D 319 -65.88 28.02 -42.53
N TYR D 320 -65.98 29.23 -43.07
CA TYR D 320 -66.92 30.19 -42.52
C TYR D 320 -67.12 31.35 -43.48
N SER D 321 -68.18 32.09 -43.22
CA SER D 321 -68.39 33.42 -43.78
C SER D 321 -68.68 34.39 -42.65
N ALA D 322 -68.00 35.52 -42.64
CA ALA D 322 -68.06 36.47 -41.54
C ALA D 322 -68.25 37.88 -42.09
N SER D 323 -68.86 38.73 -41.26
CA SER D 323 -69.13 40.11 -41.67
C SER D 323 -67.86 40.96 -41.74
N LYS D 324 -66.87 40.68 -40.89
CA LYS D 324 -65.64 41.47 -40.86
C LYS D 324 -64.50 40.59 -40.37
N SER D 325 -63.28 41.07 -40.57
CA SER D 325 -62.09 40.39 -40.07
C SER D 325 -61.85 40.73 -38.60
N GLY D 326 -60.86 40.08 -38.02
CA GLY D 326 -60.45 40.37 -36.66
C GLY D 326 -59.81 39.18 -35.99
N LYS D 327 -59.19 39.45 -34.85
CA LYS D 327 -58.65 38.40 -33.98
C LYS D 327 -59.81 37.83 -33.19
N CYS D 328 -60.30 36.67 -33.61
CA CYS D 328 -61.55 36.11 -33.08
C CYS D 328 -61.25 34.91 -32.20
N ALA D 329 -61.82 34.90 -31.00
CA ALA D 329 -61.54 33.84 -30.04
C ALA D 329 -62.29 32.56 -30.42
N VAL D 330 -61.71 31.43 -30.04
CA VAL D 330 -62.28 30.11 -30.31
C VAL D 330 -62.14 29.25 -29.07
N HIS D 331 -63.18 28.48 -28.77
CA HIS D 331 -63.19 27.64 -27.58
C HIS D 331 -64.17 26.50 -27.79
N VAL D 332 -64.40 25.73 -26.72
CA VAL D 332 -65.44 24.70 -26.72
C VAL D 332 -66.20 24.76 -25.41
N PRO D 333 -67.46 24.33 -25.41
CA PRO D 333 -68.26 24.34 -24.17
C PRO D 333 -68.04 23.13 -23.27
N SER D 334 -67.05 22.30 -23.55
CA SER D 334 -66.83 21.09 -22.77
C SER D 334 -65.34 20.79 -22.74
N GLY D 335 -64.96 19.91 -21.82
CA GLY D 335 -63.58 19.47 -21.73
C GLY D 335 -63.18 18.40 -22.71
N THR D 336 -64.08 18.03 -23.64
CA THR D 336 -63.78 16.98 -24.60
C THR D 336 -62.64 17.35 -25.54
N ALA D 337 -62.33 18.64 -25.70
CA ALA D 337 -61.32 19.07 -26.64
C ALA D 337 -60.61 20.30 -26.08
N THR D 338 -59.39 20.12 -25.61
CA THR D 338 -58.59 21.23 -25.12
C THR D 338 -57.91 21.88 -26.33
N LEU D 339 -58.20 23.16 -26.54
CA LEU D 339 -57.71 23.87 -27.73
C LEU D 339 -56.38 24.53 -27.42
N LYS D 340 -55.40 24.32 -28.30
CA LYS D 340 -54.10 24.95 -28.12
C LYS D 340 -54.19 26.46 -28.24
N GLU D 341 -54.81 26.94 -29.30
CA GLU D 341 -54.86 28.37 -29.58
C GLU D 341 -56.12 28.99 -28.99
N ALA D 342 -56.00 30.26 -28.59
CA ALA D 342 -57.13 30.99 -28.05
C ALA D 342 -57.91 31.77 -29.09
N ALA D 343 -57.32 32.02 -30.26
CA ALA D 343 -57.97 32.84 -31.26
C ALA D 343 -57.37 32.54 -32.63
N VAL D 344 -58.02 33.09 -33.66
CA VAL D 344 -57.61 32.93 -35.04
C VAL D 344 -57.71 34.27 -35.77
N GLU D 345 -56.98 34.37 -36.87
CA GLU D 345 -56.95 35.56 -37.72
C GLU D 345 -58.17 35.50 -38.65
N LEU D 346 -59.35 35.67 -38.06
CA LEU D 346 -60.58 35.54 -38.83
C LEU D 346 -60.65 36.60 -39.92
N THR D 347 -61.04 36.17 -41.11
CA THR D 347 -61.34 37.05 -42.24
C THR D 347 -62.83 36.99 -42.53
N GLU D 348 -63.24 37.68 -43.59
CA GLU D 348 -64.66 37.72 -43.93
C GLU D 348 -65.12 36.43 -44.58
N GLN D 349 -64.22 35.69 -45.25
CA GLN D 349 -64.61 34.50 -46.00
C GLN D 349 -63.59 33.38 -45.95
N GLY D 350 -62.58 33.47 -45.11
CA GLY D 350 -61.47 32.52 -45.12
C GLY D 350 -61.73 31.28 -44.30
N SER D 351 -60.65 30.57 -43.98
CA SER D 351 -60.67 29.34 -43.20
C SER D 351 -59.87 29.56 -41.93
N ALA D 352 -59.87 28.56 -41.06
CA ALA D 352 -59.02 28.60 -39.89
C ALA D 352 -58.69 27.19 -39.42
N THR D 353 -57.43 26.99 -39.05
CA THR D 353 -56.95 25.72 -38.54
C THR D 353 -56.82 25.81 -37.03
N ILE D 354 -57.47 24.88 -36.33
CA ILE D 354 -57.48 24.83 -34.88
C ILE D 354 -56.75 23.58 -34.45
N HIS D 355 -55.76 23.76 -33.57
CA HIS D 355 -55.05 22.64 -32.97
C HIS D 355 -55.69 22.33 -31.62
N PHE D 356 -55.83 21.04 -31.32
CA PHE D 356 -56.48 20.63 -30.09
C PHE D 356 -56.04 19.21 -29.73
N SER D 357 -56.41 18.82 -28.52
CA SER D 357 -56.19 17.46 -28.03
C SER D 357 -57.48 16.95 -27.41
N THR D 358 -57.71 15.64 -27.53
CA THR D 358 -58.96 15.03 -27.08
C THR D 358 -58.68 13.67 -26.49
N ALA D 359 -59.68 13.16 -25.76
CA ALA D 359 -59.64 11.82 -25.19
C ALA D 359 -60.53 10.84 -25.93
N ASN D 360 -61.50 11.33 -26.69
CA ASN D 360 -62.50 10.46 -27.30
C ASN D 360 -61.94 9.80 -28.56
N ILE D 361 -62.26 8.52 -28.73
CA ILE D 361 -61.95 7.83 -29.98
C ILE D 361 -62.81 8.36 -31.11
N HIS D 362 -64.06 8.74 -30.80
CA HIS D 362 -65.01 9.28 -31.76
C HIS D 362 -65.47 10.64 -31.24
N PRO D 363 -64.60 11.64 -31.27
CA PRO D 363 -64.98 12.95 -30.71
C PRO D 363 -66.07 13.61 -31.52
N GLU D 364 -66.91 14.37 -30.82
CA GLU D 364 -67.91 15.25 -31.43
C GLU D 364 -68.09 16.43 -30.50
N PHE D 365 -67.68 17.62 -30.94
CA PHE D 365 -67.67 18.77 -30.07
C PHE D 365 -68.13 20.01 -30.83
N ARG D 366 -68.74 20.94 -30.09
CA ARG D 366 -69.20 22.20 -30.68
C ARG D 366 -68.09 23.23 -30.54
N LEU D 367 -67.43 23.53 -31.66
CA LEU D 367 -66.40 24.57 -31.70
C LEU D 367 -67.10 25.92 -31.72
N GLN D 368 -66.90 26.72 -30.67
CA GLN D 368 -67.50 28.04 -30.55
C GLN D 368 -66.50 29.08 -31.04
N ILE D 369 -66.85 29.75 -32.12
CA ILE D 369 -66.07 30.83 -32.70
C ILE D 369 -66.88 32.11 -32.51
N CYS D 370 -66.35 33.01 -31.67
CA CYS D 370 -66.93 34.32 -31.40
C CYS D 370 -68.45 34.27 -31.23
N THR D 371 -69.19 34.72 -32.24
CA THR D 371 -70.62 34.96 -32.07
C THR D 371 -71.46 33.70 -32.23
N SER D 372 -70.88 32.59 -32.67
CA SER D 372 -71.67 31.39 -32.92
C SER D 372 -70.82 30.16 -32.64
N TYR D 373 -71.42 28.99 -32.84
CA TYR D 373 -70.75 27.72 -32.64
C TYR D 373 -71.23 26.73 -33.69
N VAL D 374 -70.33 25.86 -34.11
CA VAL D 374 -70.61 24.86 -35.13
C VAL D 374 -70.14 23.50 -34.64
N THR D 375 -70.94 22.48 -34.92
CA THR D 375 -70.57 21.11 -34.58
C THR D 375 -69.35 20.70 -35.40
N CYS D 376 -68.52 19.83 -34.82
CA CYS D 376 -67.33 19.32 -35.48
C CYS D 376 -67.15 17.91 -34.95
N LYS D 377 -67.19 16.94 -35.86
CA LYS D 377 -67.36 15.53 -35.55
C LYS D 377 -66.47 14.71 -36.44
N GLY D 378 -65.99 13.58 -35.92
CA GLY D 378 -65.20 12.67 -36.72
C GLY D 378 -64.67 11.59 -35.80
N ASP D 379 -64.00 10.63 -36.41
CA ASP D 379 -63.36 9.56 -35.68
C ASP D 379 -61.92 9.94 -35.33
N CYS D 380 -61.23 9.05 -34.62
CA CYS D 380 -59.87 9.33 -34.19
C CYS D 380 -59.15 8.00 -34.01
N HIS D 381 -57.81 8.04 -34.04
CA HIS D 381 -56.99 6.83 -34.07
C HIS D 381 -56.00 6.80 -32.91
N PRO D 382 -55.48 5.63 -32.55
CA PRO D 382 -54.62 5.53 -31.36
C PRO D 382 -53.37 6.39 -31.49
N PRO D 383 -52.66 6.63 -30.39
CA PRO D 383 -51.43 7.40 -30.46
C PRO D 383 -50.31 6.59 -31.09
N LYS D 384 -49.34 7.29 -31.66
CA LYS D 384 -48.29 6.68 -32.45
C LYS D 384 -47.05 6.34 -31.63
N ASP D 385 -47.10 6.51 -30.31
CA ASP D 385 -45.99 6.20 -29.43
C ASP D 385 -46.54 5.83 -28.06
N HIS D 386 -45.85 4.91 -27.38
CA HIS D 386 -46.35 4.38 -26.12
C HIS D 386 -46.14 5.36 -24.98
N ILE D 387 -44.91 5.85 -24.81
CA ILE D 387 -44.53 6.65 -23.65
C ILE D 387 -43.99 7.99 -24.15
N VAL D 388 -44.44 9.06 -23.52
CA VAL D 388 -44.05 10.42 -23.87
C VAL D 388 -43.38 11.06 -22.67
N THR D 389 -42.80 12.23 -22.90
CA THR D 389 -42.11 12.97 -21.84
C THR D 389 -42.98 14.06 -21.23
N HIS D 390 -43.80 14.72 -22.04
CA HIS D 390 -44.55 15.87 -21.53
C HIS D 390 -45.79 15.42 -20.76
N PRO D 391 -46.26 16.21 -19.80
CA PRO D 391 -47.48 15.82 -19.06
C PRO D 391 -48.70 15.77 -19.95
N GLN D 392 -49.81 15.40 -19.34
CA GLN D 392 -51.06 15.19 -20.06
C GLN D 392 -51.73 16.54 -20.31
N TYR D 393 -52.29 16.74 -21.50
CA TYR D 393 -52.95 17.99 -21.85
C TYR D 393 -54.46 17.90 -21.76
N HIS D 394 -55.08 16.95 -22.47
CA HIS D 394 -56.53 16.89 -22.54
C HIS D 394 -57.10 16.22 -21.30
N ALA D 395 -58.31 16.61 -20.95
CA ALA D 395 -58.96 16.13 -19.73
C ALA D 395 -59.60 14.77 -19.98
N GLN D 396 -59.26 13.79 -19.15
CA GLN D 396 -59.77 12.45 -19.32
C GLN D 396 -61.28 12.42 -19.10
N THR D 397 -61.94 11.50 -19.80
CA THR D 397 -63.39 11.35 -19.71
C THR D 397 -63.73 9.87 -19.62
N PHE D 398 -65.00 9.59 -19.28
CA PHE D 398 -65.42 8.22 -19.07
C PHE D 398 -65.57 7.46 -20.39
N THR D 399 -65.91 8.15 -21.47
CA THR D 399 -66.33 7.50 -22.71
C THR D 399 -65.16 7.32 -23.66
N ALA D 400 -64.89 6.05 -24.01
CA ALA D 400 -63.97 5.74 -25.10
C ALA D 400 -64.51 4.55 -25.88
N ALA D 401 -65.81 4.56 -26.17
CA ALA D 401 -66.52 3.38 -26.64
C ALA D 401 -66.27 3.12 -28.13
N VAL D 402 -67.06 2.23 -28.70
CA VAL D 402 -66.97 1.86 -30.11
C VAL D 402 -67.94 2.70 -30.94
N SER E 1 17.20 -8.05 -32.43
CA SER E 1 17.57 -6.75 -33.05
C SER E 1 16.69 -5.63 -32.52
N THR E 2 17.06 -5.08 -31.36
CA THR E 2 16.30 -3.98 -30.79
C THR E 2 16.44 -2.70 -31.60
N GLU E 3 17.47 -2.62 -32.44
CA GLU E 3 17.71 -1.39 -33.20
C GLU E 3 16.58 -1.15 -34.20
N GLU E 4 16.18 -2.19 -34.93
CA GLU E 4 15.17 -2.01 -35.97
C GLU E 4 13.77 -1.84 -35.39
N LEU E 5 13.54 -2.27 -34.15
CA LEU E 5 12.22 -2.09 -33.55
C LEU E 5 11.91 -0.63 -33.27
N PHE E 6 12.94 0.20 -33.06
CA PHE E 6 12.76 1.60 -32.71
C PHE E 6 12.77 2.53 -33.92
N ASN E 7 12.91 2.00 -35.13
CA ASN E 7 13.08 2.86 -36.30
C ASN E 7 11.87 3.76 -36.52
N GLU E 8 10.69 3.33 -36.09
CA GLU E 8 9.50 4.18 -36.20
C GLU E 8 9.28 5.01 -34.96
N TYR E 9 9.84 4.59 -33.82
CA TYR E 9 9.68 5.35 -32.58
C TYR E 9 10.69 6.49 -32.48
N LYS E 10 11.83 6.38 -33.17
CA LYS E 10 12.78 7.47 -33.18
C LYS E 10 12.19 8.74 -33.76
N LEU E 11 11.25 8.62 -34.68
CA LEU E 11 10.65 9.78 -35.33
C LEU E 11 9.66 10.51 -34.42
N THR E 12 9.21 9.90 -33.35
CA THR E 12 8.24 10.50 -32.44
C THR E 12 8.96 11.08 -31.23
N ARG E 13 8.21 11.84 -30.44
CA ARG E 13 8.69 12.49 -29.23
C ARG E 13 7.68 12.31 -28.11
N PRO E 14 8.11 12.41 -26.85
CA PRO E 14 7.15 12.44 -25.75
C PRO E 14 6.43 13.78 -25.70
N TYR E 15 5.32 13.79 -24.98
CA TYR E 15 4.47 14.96 -24.87
C TYR E 15 3.94 15.05 -23.45
N MET E 16 3.55 16.26 -23.06
CA MET E 16 2.92 16.49 -21.76
C MET E 16 1.42 16.54 -21.94
N ALA E 17 0.71 15.95 -20.98
CA ALA E 17 -0.73 15.79 -21.11
C ALA E 17 -1.38 15.92 -19.74
N ARG E 18 -2.68 16.21 -19.76
CA ARG E 18 -3.40 16.45 -18.53
C ARG E 18 -3.44 15.19 -17.67
N CYS E 19 -3.34 15.38 -16.36
CA CYS E 19 -3.55 14.32 -15.39
C CYS E 19 -4.43 14.85 -14.27
N ILE E 20 -5.43 14.04 -13.89
CA ILE E 20 -6.46 14.51 -12.98
C ILE E 20 -5.90 14.74 -11.59
N ARG E 21 -4.95 13.91 -11.15
CA ARG E 21 -4.42 14.00 -9.80
C ARG E 21 -2.90 13.88 -9.86
N CYS E 22 -2.24 15.02 -9.83
CA CYS E 22 -0.79 15.12 -9.70
C CYS E 22 -0.44 15.14 -8.23
N ALA E 23 0.80 15.53 -7.92
CA ALA E 23 1.19 15.72 -6.53
C ALA E 23 0.26 16.71 -5.84
N VAL E 24 -0.15 17.76 -6.54
CA VAL E 24 -1.11 18.73 -6.04
C VAL E 24 -2.09 19.04 -7.16
N GLY E 25 -3.34 18.60 -7.01
CA GLY E 25 -4.37 18.94 -7.97
C GLY E 25 -4.10 18.31 -9.33
N SER E 26 -4.89 18.75 -10.31
CA SER E 26 -4.74 18.31 -11.70
C SER E 26 -3.72 19.19 -12.39
N CYS E 27 -2.86 18.59 -13.21
CA CYS E 27 -1.81 19.37 -13.85
C CYS E 27 -1.43 18.71 -15.17
N HIS E 28 -0.75 19.49 -16.01
CA HIS E 28 -0.22 18.98 -17.28
C HIS E 28 1.09 18.27 -16.98
N SER E 29 1.02 16.97 -16.78
CA SER E 29 2.16 16.19 -16.32
C SER E 29 2.95 15.64 -17.50
N PRO E 30 4.23 15.31 -17.28
CA PRO E 30 5.01 14.63 -18.32
C PRO E 30 4.90 13.12 -18.27
N ILE E 31 4.15 12.58 -17.31
CA ILE E 31 4.09 11.15 -17.05
C ILE E 31 2.62 10.71 -17.13
N ALA E 32 1.84 11.40 -17.94
CA ALA E 32 0.41 11.14 -18.02
C ALA E 32 0.14 9.73 -18.55
N ILE E 33 -0.83 9.07 -17.95
CA ILE E 33 -1.20 7.70 -18.32
C ILE E 33 -2.45 7.79 -19.20
N GLU E 34 -2.37 7.22 -20.39
CA GLU E 34 -3.49 7.25 -21.33
C GLU E 34 -4.40 6.04 -21.17
N ALA E 35 -3.82 4.85 -21.09
CA ALA E 35 -4.59 3.63 -20.94
C ALA E 35 -3.80 2.65 -20.09
N VAL E 36 -4.51 1.71 -19.48
CA VAL E 36 -3.91 0.67 -18.64
C VAL E 36 -4.68 -0.62 -18.90
N LYS E 37 -4.03 -1.57 -19.54
CA LYS E 37 -4.65 -2.84 -19.92
C LYS E 37 -4.18 -3.92 -18.95
N SER E 38 -5.14 -4.60 -18.32
CA SER E 38 -4.89 -5.57 -17.26
C SER E 38 -5.59 -6.88 -17.55
N ASP E 39 -5.47 -7.37 -18.78
CA ASP E 39 -6.11 -8.61 -19.19
C ASP E 39 -5.16 -9.81 -19.18
N GLY E 40 -3.91 -9.62 -18.81
CA GLY E 40 -2.88 -10.64 -18.98
C GLY E 40 -2.75 -11.60 -17.82
N HIS E 41 -3.87 -12.16 -17.38
CA HIS E 41 -3.91 -13.17 -16.33
C HIS E 41 -3.12 -12.76 -15.09
N ASP E 42 -1.88 -13.25 -14.95
CA ASP E 42 -1.20 -13.25 -13.65
C ASP E 42 -0.53 -11.90 -13.35
N GLY E 43 -1.35 -10.86 -13.29
CA GLY E 43 -0.95 -9.60 -12.71
C GLY E 43 -0.15 -8.68 -13.60
N TYR E 44 0.12 -9.04 -14.84
CA TYR E 44 0.90 -8.20 -15.73
C TYR E 44 0.00 -7.16 -16.39
N VAL E 45 0.54 -5.96 -16.60
CA VAL E 45 -0.21 -4.84 -17.15
C VAL E 45 0.65 -4.11 -18.17
N ARG E 46 -0.02 -3.54 -19.18
CA ARG E 46 0.62 -2.71 -20.21
C ARG E 46 0.06 -1.30 -20.09
N LEU E 47 0.84 -0.41 -19.49
CA LEU E 47 0.51 1.00 -19.42
C LEU E 47 0.93 1.68 -20.72
N GLN E 48 0.11 2.63 -21.16
CA GLN E 48 0.49 3.58 -22.19
C GLN E 48 0.68 4.93 -21.54
N THR E 49 1.82 5.56 -21.80
CA THR E 49 2.22 6.76 -21.09
C THR E 49 2.62 7.83 -22.10
N SER E 50 2.39 9.09 -21.74
CA SER E 50 2.77 10.18 -22.62
C SER E 50 4.28 10.23 -22.82
N SER E 51 5.05 9.85 -21.82
CA SER E 51 6.50 9.74 -21.97
C SER E 51 6.84 8.51 -22.81
N GLN E 52 8.14 8.37 -23.10
CA GLN E 52 8.63 7.27 -23.90
C GLN E 52 9.74 6.54 -23.16
N TYR E 53 9.97 5.30 -23.57
CA TYR E 53 10.91 4.39 -22.94
C TYR E 53 11.84 3.78 -23.97
N GLY E 54 13.06 3.49 -23.55
CA GLY E 54 14.00 2.75 -24.37
C GLY E 54 14.90 3.59 -25.25
N LEU E 55 14.70 4.90 -25.32
CA LEU E 55 15.54 5.76 -26.14
C LEU E 55 15.78 7.07 -25.40
N ASP E 56 16.98 7.64 -25.59
CA ASP E 56 17.43 8.75 -24.78
C ASP E 56 16.95 10.08 -25.37
N SER E 57 17.45 11.17 -24.80
CA SER E 57 16.95 12.49 -25.17
C SER E 57 17.29 12.85 -26.61
N SER E 58 18.42 12.37 -27.12
CA SER E 58 18.86 12.70 -28.46
C SER E 58 18.29 11.78 -29.53
N GLY E 59 17.52 10.77 -29.14
CA GLY E 59 16.94 9.85 -30.10
C GLY E 59 17.73 8.57 -30.34
N ASN E 60 18.79 8.34 -29.58
CA ASN E 60 19.56 7.11 -29.70
C ASN E 60 18.98 6.02 -28.80
N LEU E 61 19.49 4.81 -28.97
CA LEU E 61 19.06 3.70 -28.14
C LEU E 61 19.71 3.78 -26.77
N LYS E 62 18.96 3.43 -25.74
CA LYS E 62 19.50 3.35 -24.38
C LYS E 62 18.68 2.32 -23.62
N GLY E 63 19.37 1.43 -22.90
CA GLY E 63 18.77 0.23 -22.36
C GLY E 63 17.48 0.42 -21.59
N ARG E 64 17.55 1.07 -20.44
CA ARG E 64 16.38 1.28 -19.57
C ARG E 64 16.38 2.73 -19.12
N THR E 65 15.74 3.58 -19.90
CA THR E 65 15.59 4.99 -19.57
C THR E 65 14.28 5.52 -20.13
N MET E 66 13.76 6.55 -19.47
CA MET E 66 12.55 7.26 -19.87
C MET E 66 12.93 8.64 -20.35
N ARG E 67 12.45 9.00 -21.53
CA ARG E 67 12.51 10.37 -22.02
C ARG E 67 11.11 10.96 -21.98
N TYR E 68 11.01 12.17 -21.42
CA TYR E 68 9.73 12.81 -21.20
C TYR E 68 9.89 14.29 -21.50
N ASP E 69 8.81 14.89 -21.99
CA ASP E 69 8.82 16.29 -22.36
C ASP E 69 8.64 17.12 -21.10
N MET E 70 9.51 18.08 -20.89
CA MET E 70 9.42 19.06 -19.81
C MET E 70 9.44 20.42 -20.48
N HIS E 71 8.25 20.97 -20.67
CA HIS E 71 8.07 22.33 -21.18
C HIS E 71 8.88 22.56 -22.46
N GLY E 72 8.82 21.58 -23.36
CA GLY E 72 9.45 21.67 -24.65
C GLY E 72 10.87 21.12 -24.73
N THR E 73 11.45 20.68 -23.62
CA THR E 73 12.76 20.05 -23.62
C THR E 73 12.63 18.58 -23.25
N ILE E 74 13.18 17.72 -24.09
CA ILE E 74 13.07 16.28 -23.89
C ILE E 74 14.13 15.88 -22.87
N LYS E 75 13.72 15.73 -21.61
CA LYS E 75 14.64 15.35 -20.55
C LYS E 75 14.58 13.84 -20.34
N GLU E 76 15.60 13.32 -19.64
CA GLU E 76 15.81 11.89 -19.53
C GLU E 76 16.01 11.52 -18.07
N ILE E 77 15.60 10.30 -17.71
CA ILE E 77 15.80 9.77 -16.37
C ILE E 77 15.90 8.25 -16.44
N PRO E 78 16.77 7.60 -15.67
CA PRO E 78 16.80 6.14 -15.68
C PRO E 78 15.47 5.54 -15.24
N LEU E 79 15.14 4.38 -15.80
CA LEU E 79 13.82 3.81 -15.57
C LEU E 79 13.63 3.34 -14.13
N HIS E 80 14.69 2.90 -13.47
CA HIS E 80 14.54 2.40 -12.11
C HIS E 80 14.17 3.51 -11.13
N GLN E 81 14.29 4.78 -11.52
CA GLN E 81 13.84 5.88 -10.68
C GLN E 81 12.34 6.14 -10.79
N VAL E 82 11.66 5.51 -11.76
CA VAL E 82 10.25 5.76 -12.02
C VAL E 82 9.47 4.63 -11.36
N SER E 83 8.87 4.94 -10.21
CA SER E 83 8.06 3.98 -9.49
C SER E 83 6.60 4.07 -9.93
N LEU E 84 5.85 3.01 -9.65
CA LEU E 84 4.41 3.03 -9.87
C LEU E 84 3.76 2.03 -8.94
N TYR E 85 2.52 2.34 -8.54
CA TYR E 85 1.80 1.50 -7.60
C TYR E 85 0.30 1.57 -7.90
N THR E 86 -0.38 0.45 -7.65
CA THR E 86 -1.82 0.36 -7.82
C THR E 86 -2.43 0.18 -6.45
N SER E 87 -2.05 -0.84 -5.69
CA SER E 87 -2.41 -0.94 -4.28
C SER E 87 -1.16 -1.15 -3.43
N ARG E 88 -0.21 -1.90 -3.96
CA ARG E 88 1.14 -2.04 -3.43
C ARG E 88 2.10 -1.57 -4.51
N PRO E 89 3.38 -1.39 -4.19
CA PRO E 89 4.34 -1.04 -5.23
C PRO E 89 4.39 -2.10 -6.32
N CYS E 90 4.58 -1.64 -7.56
CA CYS E 90 4.74 -2.51 -8.72
C CYS E 90 6.22 -2.64 -9.07
N HIS E 91 6.49 -3.44 -10.10
CA HIS E 91 7.84 -3.67 -10.58
C HIS E 91 7.82 -3.61 -12.10
N ILE E 92 8.57 -2.67 -12.67
CA ILE E 92 8.57 -2.43 -14.10
C ILE E 92 9.33 -3.54 -14.78
N VAL E 93 8.62 -4.43 -15.46
CA VAL E 93 9.30 -5.49 -16.21
C VAL E 93 10.16 -4.91 -17.31
N ASP E 94 9.59 -3.99 -18.09
CA ASP E 94 10.35 -3.35 -19.17
C ASP E 94 9.53 -2.21 -19.74
N GLY E 95 10.17 -1.44 -20.60
CA GLY E 95 9.49 -0.37 -21.31
C GLY E 95 9.98 -0.28 -22.73
N HIS E 96 9.08 0.13 -23.61
CA HIS E 96 9.42 0.30 -25.02
C HIS E 96 8.49 1.36 -25.60
N GLY E 97 9.07 2.42 -26.15
CA GLY E 97 8.27 3.47 -26.74
C GLY E 97 7.31 4.05 -25.73
N TYR E 98 6.07 4.29 -26.16
CA TYR E 98 5.05 4.83 -25.28
C TYR E 98 4.58 3.83 -24.22
N PHE E 99 4.97 2.56 -24.32
CA PHE E 99 4.34 1.49 -23.56
C PHE E 99 5.28 0.96 -22.48
N LEU E 100 4.68 0.49 -21.39
CA LEU E 100 5.40 0.04 -20.20
C LEU E 100 4.76 -1.25 -19.70
N LEU E 101 5.51 -2.34 -19.74
CA LEU E 101 5.07 -3.62 -19.22
C LEU E 101 5.51 -3.69 -17.77
N ALA E 102 4.53 -3.76 -16.86
CA ALA E 102 4.76 -3.80 -15.43
C ALA E 102 4.03 -4.98 -14.81
N ARG E 103 4.43 -5.32 -13.59
CA ARG E 103 3.79 -6.38 -12.81
C ARG E 103 3.16 -5.72 -11.59
N CYS E 104 1.83 -5.69 -11.55
CA CYS E 104 1.11 -4.92 -10.54
C CYS E 104 0.07 -5.81 -9.86
N PRO E 105 -0.29 -5.49 -8.61
CA PRO E 105 -1.48 -6.11 -8.02
C PRO E 105 -2.74 -5.37 -8.44
N ALA E 106 -3.87 -5.87 -7.93
CA ALA E 106 -5.15 -5.26 -8.27
C ALA E 106 -5.36 -3.97 -7.49
N GLY E 107 -6.22 -3.11 -8.03
CA GLY E 107 -6.55 -1.88 -7.35
C GLY E 107 -7.56 -1.09 -8.15
N ASP E 108 -8.00 0.02 -7.55
CA ASP E 108 -8.99 0.90 -8.15
C ASP E 108 -8.38 2.11 -8.83
N SER E 109 -7.06 2.23 -8.85
CA SER E 109 -6.40 3.38 -9.46
C SER E 109 -4.91 3.12 -9.45
N ILE E 110 -4.23 3.65 -10.47
CA ILE E 110 -2.80 3.37 -10.67
C ILE E 110 -2.06 4.69 -10.80
N THR E 111 -0.91 4.78 -10.13
CA THR E 111 -0.12 6.00 -10.07
C THR E 111 1.30 5.70 -10.52
N MET E 112 1.85 6.61 -11.33
CA MET E 112 3.24 6.57 -11.76
C MET E 112 3.91 7.87 -11.35
N GLU E 113 5.10 7.76 -10.76
CA GLU E 113 5.75 8.94 -10.21
C GLU E 113 7.26 8.76 -10.20
N PHE E 114 7.95 9.89 -10.11
CA PHE E 114 9.39 9.94 -9.98
C PHE E 114 9.79 11.31 -9.42
N LYS E 115 11.09 11.52 -9.30
CA LYS E 115 11.65 12.75 -8.74
C LYS E 115 12.75 13.26 -9.66
N LYS E 116 12.82 14.57 -9.84
CA LYS E 116 13.89 15.17 -10.63
C LYS E 116 14.06 16.61 -10.16
N ASP E 117 15.32 17.03 -10.01
CA ASP E 117 15.65 18.39 -9.56
C ASP E 117 14.95 18.69 -8.23
N SER E 118 14.87 17.68 -7.38
CA SER E 118 14.24 17.78 -6.07
C SER E 118 12.77 18.19 -6.14
N VAL E 119 12.13 17.97 -7.29
CA VAL E 119 10.65 18.25 -7.41
C VAL E 119 9.94 16.98 -7.83
N ARG E 120 9.02 16.47 -7.00
CA ARG E 120 8.34 15.18 -7.30
C ARG E 120 7.37 15.33 -8.46
N HIS E 121 7.35 14.38 -9.39
CA HIS E 121 6.37 14.40 -10.51
C HIS E 121 5.52 13.14 -10.35
N SER E 122 4.18 13.26 -10.48
CA SER E 122 3.32 12.12 -10.23
C SER E 122 2.07 12.25 -11.09
N CYS E 123 1.44 11.12 -11.34
CA CYS E 123 0.16 11.09 -12.05
C CYS E 123 -0.58 9.84 -11.65
N SER E 124 -1.74 10.02 -11.03
CA SER E 124 -2.60 8.93 -10.61
C SER E 124 -3.89 9.00 -11.41
N VAL E 125 -4.31 7.85 -11.93
CA VAL E 125 -5.47 7.77 -12.80
C VAL E 125 -6.42 6.71 -12.27
N PRO E 126 -7.74 6.85 -12.52
CA PRO E 126 -8.72 5.98 -11.86
C PRO E 126 -8.94 4.64 -12.56
N TYR E 127 -8.17 4.33 -13.60
CA TYR E 127 -8.37 3.09 -14.32
C TYR E 127 -8.18 1.91 -13.40
N GLU E 128 -9.11 0.96 -13.46
CA GLU E 128 -9.04 -0.22 -12.61
C GLU E 128 -8.00 -1.19 -13.14
N VAL E 129 -7.15 -1.68 -12.25
CA VAL E 129 -6.20 -2.74 -12.55
C VAL E 129 -6.62 -3.95 -11.74
N LYS E 130 -6.72 -5.10 -12.42
CA LYS E 130 -7.31 -6.30 -11.83
C LYS E 130 -6.39 -7.49 -12.05
N PHE E 131 -6.33 -8.34 -11.03
CA PHE E 131 -5.55 -9.57 -11.05
C PHE E 131 -6.46 -10.72 -11.47
N ASN E 132 -6.08 -11.42 -12.52
CA ASN E 132 -6.89 -12.46 -13.14
C ASN E 132 -6.20 -13.80 -12.98
N PRO E 133 -6.53 -14.59 -11.96
CA PRO E 133 -5.86 -15.88 -11.78
C PRO E 133 -6.22 -16.85 -12.88
N VAL E 134 -5.22 -17.62 -13.32
CA VAL E 134 -5.46 -18.72 -14.26
C VAL E 134 -6.02 -19.90 -13.47
N GLY E 135 -6.82 -20.72 -14.14
CA GLY E 135 -7.28 -21.96 -13.56
C GLY E 135 -8.44 -21.77 -12.61
N ARG E 136 -8.79 -22.88 -11.96
CA ARG E 136 -9.99 -22.97 -11.15
C ARG E 136 -9.74 -22.80 -9.65
N GLU E 137 -8.52 -22.44 -9.26
CA GLU E 137 -8.22 -22.08 -7.88
C GLU E 137 -7.83 -20.62 -7.84
N LEU E 138 -8.56 -19.84 -7.05
CA LEU E 138 -8.43 -18.39 -7.05
C LEU E 138 -7.38 -17.97 -6.04
N TYR E 139 -6.41 -17.18 -6.51
CA TYR E 139 -5.32 -16.71 -5.67
C TYR E 139 -5.03 -15.26 -5.98
N THR E 140 -4.43 -14.58 -5.01
CA THR E 140 -4.03 -13.18 -5.16
C THR E 140 -2.57 -13.03 -5.58
N HIS E 141 -1.72 -14.01 -5.27
CA HIS E 141 -0.31 -13.99 -5.57
C HIS E 141 0.04 -15.34 -6.19
N PRO E 142 0.84 -15.38 -7.27
CA PRO E 142 1.11 -16.67 -7.92
C PRO E 142 1.77 -17.65 -6.97
N PRO E 143 1.47 -18.94 -7.10
CA PRO E 143 1.99 -19.91 -6.13
C PRO E 143 3.48 -20.12 -6.31
N GLU E 144 4.13 -20.54 -5.22
CA GLU E 144 5.53 -20.90 -5.30
C GLU E 144 5.73 -22.18 -6.11
N HIS E 145 4.69 -23.01 -6.20
CA HIS E 145 4.78 -24.27 -6.93
C HIS E 145 3.37 -24.70 -7.31
N GLY E 146 3.29 -25.61 -8.27
CA GLY E 146 1.99 -26.10 -8.69
C GLY E 146 2.09 -26.82 -10.02
N VAL E 147 0.96 -26.85 -10.73
CA VAL E 147 0.86 -27.52 -12.02
C VAL E 147 0.90 -26.47 -13.12
N GLU E 148 1.43 -26.86 -14.28
CA GLU E 148 1.54 -25.95 -15.41
C GLU E 148 0.26 -25.98 -16.22
N GLN E 149 -0.27 -24.80 -16.54
CA GLN E 149 -1.53 -24.67 -17.25
C GLN E 149 -1.40 -23.52 -18.23
N ALA E 150 -2.30 -23.47 -19.21
CA ALA E 150 -2.22 -22.43 -20.22
C ALA E 150 -2.76 -21.12 -19.68
N CYS E 151 -1.99 -20.05 -19.85
CA CYS E 151 -2.48 -18.71 -19.55
C CYS E 151 -1.92 -17.74 -20.57
N GLN E 152 -2.66 -16.68 -20.82
CA GLN E 152 -2.28 -15.62 -21.74
C GLN E 152 -1.76 -14.44 -20.93
N VAL E 153 -0.52 -14.05 -21.18
CA VAL E 153 0.14 -13.01 -20.39
C VAL E 153 0.79 -12.01 -21.35
N TYR E 154 0.94 -10.78 -20.87
CA TYR E 154 1.61 -9.75 -21.64
C TYR E 154 3.09 -10.08 -21.73
N ALA E 155 3.51 -10.62 -22.87
CA ALA E 155 4.86 -11.12 -23.00
C ALA E 155 5.88 -9.99 -22.95
N HIS E 156 7.04 -10.28 -22.37
CA HIS E 156 8.17 -9.39 -22.44
C HIS E 156 8.78 -9.51 -23.84
N ASP E 157 8.08 -9.00 -24.83
CA ASP E 157 8.43 -9.21 -26.23
C ASP E 157 8.07 -7.94 -26.99
N ALA E 158 9.07 -7.27 -27.54
CA ALA E 158 8.87 -5.99 -28.22
C ALA E 158 8.78 -6.12 -29.73
N GLN E 159 8.76 -7.33 -30.27
CA GLN E 159 8.81 -7.50 -31.71
C GLN E 159 7.53 -6.99 -32.37
N ASN E 160 7.61 -6.77 -33.68
CA ASN E 160 6.53 -6.18 -34.45
C ASN E 160 5.45 -7.22 -34.72
N ARG E 161 4.52 -7.33 -33.79
CA ARG E 161 3.35 -8.16 -33.99
C ARG E 161 2.29 -7.39 -34.77
N GLY E 162 1.18 -8.06 -35.04
CA GLY E 162 0.13 -7.47 -35.86
C GLY E 162 -0.79 -6.53 -35.10
N ALA E 163 -0.22 -5.52 -34.45
CA ALA E 163 -0.99 -4.50 -33.75
C ALA E 163 -0.27 -3.18 -33.87
N TYR E 164 -1.00 -2.14 -34.28
CA TYR E 164 -0.42 -0.84 -34.58
C TYR E 164 -1.26 0.26 -33.95
N VAL E 165 -0.59 1.31 -33.49
CA VAL E 165 -1.22 2.57 -33.18
C VAL E 165 -0.73 3.59 -34.19
N GLU E 166 -1.27 4.80 -34.14
CA GLU E 166 -1.04 5.82 -35.15
C GLU E 166 -0.26 6.98 -34.57
N MET E 167 0.63 7.54 -35.39
CA MET E 167 1.40 8.72 -35.06
C MET E 167 1.14 9.82 -36.08
N HIS E 168 0.74 10.99 -35.57
CA HIS E 168 0.25 12.11 -36.35
C HIS E 168 1.16 13.32 -36.16
N LEU E 169 0.93 14.33 -36.98
CA LEU E 169 1.64 15.59 -36.88
C LEU E 169 1.19 16.30 -35.61
N PRO E 170 2.09 16.71 -34.71
CA PRO E 170 1.63 17.29 -33.45
C PRO E 170 0.94 18.62 -33.66
N GLY E 171 -0.05 18.90 -32.81
CA GLY E 171 -0.66 20.21 -32.83
C GLY E 171 0.24 21.25 -32.18
N SER E 172 0.09 22.48 -32.64
CA SER E 172 0.87 23.58 -32.08
C SER E 172 0.54 23.73 -30.59
N GLU E 173 1.58 23.89 -29.78
CA GLU E 173 1.45 23.98 -28.34
C GLU E 173 1.75 25.41 -27.89
N VAL E 174 0.81 26.00 -27.15
CA VAL E 174 1.00 27.37 -26.67
C VAL E 174 2.10 27.40 -25.63
N ASP E 175 2.86 28.50 -25.60
CA ASP E 175 3.94 28.66 -24.63
C ASP E 175 4.01 30.15 -24.30
N SER E 176 3.50 30.52 -23.12
CA SER E 176 3.50 31.92 -22.72
C SER E 176 4.85 32.37 -22.20
N SER E 177 5.79 31.45 -21.99
CA SER E 177 7.14 31.85 -21.60
C SER E 177 7.85 32.57 -22.73
N LEU E 178 7.39 32.40 -23.98
CA LEU E 178 8.02 33.05 -25.12
C LEU E 178 7.73 34.55 -25.19
N VAL E 179 6.72 35.03 -24.49
CA VAL E 179 6.24 36.40 -24.62
C VAL E 179 6.50 37.13 -23.31
N SER E 180 7.04 38.34 -23.41
CA SER E 180 7.35 39.14 -22.23
C SER E 180 7.13 40.61 -22.55
N LEU E 181 6.81 41.37 -21.51
CA LEU E 181 6.58 42.80 -21.64
C LEU E 181 7.89 43.56 -21.50
N SER E 182 8.09 44.57 -22.35
CA SER E 182 9.30 45.37 -22.32
C SER E 182 9.02 46.72 -22.95
N GLY E 183 9.02 47.78 -22.14
CA GLY E 183 8.81 49.11 -22.65
C GLY E 183 7.44 49.38 -23.22
N SER E 184 6.38 48.93 -22.54
CA SER E 184 5.00 49.18 -22.96
C SER E 184 4.75 48.63 -24.36
N SER E 185 5.40 47.50 -24.68
CA SER E 185 5.16 46.80 -25.93
C SER E 185 5.52 45.33 -25.69
N VAL E 186 4.92 44.45 -26.49
CA VAL E 186 4.98 43.01 -26.22
C VAL E 186 6.05 42.39 -27.08
N THR E 187 7.12 41.89 -26.46
CA THR E 187 8.20 41.22 -27.16
C THR E 187 7.91 39.73 -27.16
N VAL E 188 8.16 39.08 -28.29
CA VAL E 188 7.98 37.64 -28.43
C VAL E 188 9.22 37.06 -29.08
N THR E 189 9.78 36.03 -28.45
CA THR E 189 11.12 35.53 -28.74
C THR E 189 11.06 34.01 -28.90
N PRO E 190 11.03 33.51 -30.13
CA PRO E 190 10.98 32.05 -30.31
C PRO E 190 12.27 31.42 -29.83
N PRO E 191 12.22 30.15 -29.39
CA PRO E 191 13.48 29.44 -29.13
C PRO E 191 14.27 29.29 -30.43
N ASP E 192 15.59 29.21 -30.28
CA ASP E 192 16.44 29.11 -31.47
C ASP E 192 16.12 27.87 -32.29
N GLY E 193 16.07 28.04 -33.60
CA GLY E 193 15.93 26.94 -34.52
C GLY E 193 14.51 26.45 -34.71
N THR E 194 13.57 26.94 -33.92
CA THR E 194 12.16 26.56 -34.04
C THR E 194 11.34 27.83 -34.12
N SER E 195 10.47 27.92 -35.12
CA SER E 195 9.67 29.11 -35.32
C SER E 195 8.50 29.13 -34.34
N ALA E 196 7.84 30.29 -34.28
CA ALA E 196 6.68 30.50 -33.44
C ALA E 196 5.64 31.29 -34.20
N LEU E 197 4.37 30.96 -33.94
CA LEU E 197 3.22 31.64 -34.52
C LEU E 197 2.60 32.52 -33.46
N VAL E 198 2.63 33.82 -33.68
CA VAL E 198 2.17 34.81 -32.70
C VAL E 198 0.87 35.41 -33.21
N GLU E 199 -0.18 35.32 -32.40
CA GLU E 199 -1.49 35.88 -32.74
C GLU E 199 -1.87 36.86 -31.65
N CYS E 200 -1.91 38.15 -31.98
CA CYS E 200 -2.24 39.22 -31.05
C CYS E 200 -3.58 39.82 -31.47
N GLU E 201 -4.43 40.08 -30.50
CA GLU E 201 -5.74 40.69 -30.71
C GLU E 201 -5.73 42.19 -30.40
N CYS E 202 -4.54 42.78 -30.28
CA CYS E 202 -4.43 44.13 -29.73
C CYS E 202 -5.03 45.16 -30.70
N GLY E 203 -5.38 46.32 -30.15
CA GLY E 203 -5.68 47.49 -30.95
C GLY E 203 -6.81 47.34 -31.92
N GLY E 204 -7.70 46.38 -31.73
CA GLY E 204 -8.81 46.19 -32.63
C GLY E 204 -8.42 45.76 -34.03
N THR E 205 -7.17 45.35 -34.25
CA THR E 205 -6.71 44.86 -35.55
C THR E 205 -5.92 43.59 -35.29
N LYS E 206 -6.58 42.44 -35.47
CA LYS E 206 -5.95 41.16 -35.22
C LYS E 206 -4.76 40.97 -36.14
N ILE E 207 -3.63 40.56 -35.56
CA ILE E 207 -2.39 40.36 -36.30
C ILE E 207 -1.87 38.96 -36.02
N SER E 208 -1.54 38.24 -37.09
CA SER E 208 -0.95 36.90 -37.00
C SER E 208 0.35 36.91 -37.80
N GLU E 209 1.45 36.54 -37.14
CA GLU E 209 2.77 36.54 -37.81
C GLU E 209 3.57 35.31 -37.40
N THR E 210 4.45 34.81 -38.27
CA THR E 210 5.33 33.70 -37.85
C THR E 210 6.75 34.28 -37.79
N ILE E 211 7.43 34.10 -36.65
CA ILE E 211 8.77 34.74 -36.50
C ILE E 211 9.80 33.70 -36.07
N ASN E 212 11.02 33.79 -36.58
CA ASN E 212 12.11 32.89 -36.12
C ASN E 212 13.07 33.74 -35.29
N LYS E 213 12.73 35.01 -35.09
CA LYS E 213 13.64 35.94 -34.37
C LYS E 213 12.79 36.82 -33.45
N THR E 214 13.42 37.51 -32.48
CA THR E 214 12.66 38.31 -31.50
C THR E 214 11.89 39.41 -32.23
N LYS E 215 10.61 39.61 -31.90
CA LYS E 215 9.84 40.71 -32.52
C LYS E 215 9.11 41.51 -31.44
N GLN E 216 9.34 42.83 -31.39
CA GLN E 216 8.68 43.70 -30.42
C GLN E 216 7.45 44.26 -31.09
N PHE E 217 6.29 43.67 -30.81
CA PHE E 217 5.01 44.17 -31.28
C PHE E 217 4.68 45.44 -30.54
N SER E 218 4.70 46.55 -31.26
CA SER E 218 4.01 47.75 -30.84
C SER E 218 2.51 47.54 -30.99
N GLN E 219 1.75 48.59 -30.70
CA GLN E 219 0.28 48.55 -30.59
C GLN E 219 -0.21 47.33 -29.83
N CYS E 220 0.58 46.88 -28.84
CA CYS E 220 0.17 45.93 -27.82
C CYS E 220 0.68 46.47 -26.49
N THR E 221 -0.06 46.21 -25.41
CA THR E 221 0.25 46.78 -24.12
C THR E 221 0.28 45.78 -22.98
N LYS E 222 -0.35 44.62 -23.11
CA LYS E 222 -0.36 43.60 -22.07
C LYS E 222 -0.05 42.26 -22.70
N LYS E 223 0.82 41.49 -22.05
CA LYS E 223 1.23 40.21 -22.63
C LYS E 223 0.08 39.21 -22.64
N GLU E 224 -0.96 39.43 -21.84
CA GLU E 224 -2.12 38.54 -21.86
C GLU E 224 -2.92 38.67 -23.15
N GLN E 225 -2.73 39.76 -23.90
CA GLN E 225 -3.49 39.98 -25.12
C GLN E 225 -3.10 39.05 -26.25
N CYS E 226 -1.90 38.46 -26.22
CA CYS E 226 -1.34 37.78 -27.37
C CYS E 226 -0.96 36.35 -27.00
N ARG E 227 -1.06 35.46 -27.98
CA ARG E 227 -0.75 34.05 -27.81
C ARG E 227 0.45 33.69 -28.67
N ALA E 228 1.41 32.98 -28.09
CA ALA E 228 2.57 32.47 -28.81
C ALA E 228 2.44 30.96 -28.90
N TYR E 229 2.41 30.43 -30.11
CA TYR E 229 2.29 29.00 -30.36
C TYR E 229 3.63 28.47 -30.83
N ARG E 230 4.10 27.42 -30.16
CA ARG E 230 5.42 26.84 -30.42
C ARG E 230 5.29 25.84 -31.56
N LEU E 231 5.92 26.14 -32.69
CA LEU E 231 5.80 25.31 -33.89
C LEU E 231 6.87 24.24 -33.92
N GLN E 232 6.43 22.98 -34.03
CA GLN E 232 7.32 21.85 -34.27
C GLN E 232 6.71 21.00 -35.37
N ASN E 233 7.55 20.58 -36.31
CA ASN E 233 7.10 19.80 -37.46
C ASN E 233 7.95 18.54 -37.63
N ASP E 234 9.17 18.54 -37.09
CA ASP E 234 10.09 17.44 -37.34
C ASP E 234 9.65 16.15 -36.67
N LYS E 235 9.12 16.20 -35.46
CA LYS E 235 8.78 15.02 -34.69
C LYS E 235 7.26 14.89 -34.57
N TRP E 236 6.79 13.65 -34.54
CA TRP E 236 5.39 13.29 -34.53
C TRP E 236 4.99 12.73 -33.17
N VAL E 237 3.69 12.59 -32.95
CA VAL E 237 3.17 12.19 -31.65
C VAL E 237 1.97 11.28 -31.82
N TYR E 238 1.83 10.35 -30.88
CA TYR E 238 0.58 9.59 -30.77
C TYR E 238 -0.57 10.56 -30.55
N ASN E 239 -1.65 10.37 -31.32
CA ASN E 239 -2.75 11.32 -31.35
C ASN E 239 -3.58 11.21 -30.07
N SER E 240 -2.96 11.64 -28.97
CA SER E 240 -3.65 11.63 -27.69
C SER E 240 -4.80 12.61 -27.69
N ASP E 241 -5.83 12.29 -26.92
CA ASP E 241 -6.97 13.19 -26.79
C ASP E 241 -6.63 14.46 -26.03
N LYS E 242 -5.47 14.51 -25.38
CA LYS E 242 -5.08 15.62 -24.54
C LYS E 242 -4.17 16.62 -25.24
N LEU E 243 -4.13 16.61 -26.57
CA LEU E 243 -3.35 17.53 -27.37
C LEU E 243 -4.21 18.17 -28.44
N PRO E 244 -3.91 19.40 -28.87
CA PRO E 244 -4.64 19.98 -29.99
C PRO E 244 -4.31 19.27 -31.28
N LYS E 245 -5.24 19.35 -32.23
CA LYS E 245 -5.09 18.67 -33.51
C LYS E 245 -4.46 19.61 -34.54
N ALA E 246 -3.61 19.05 -35.38
CA ALA E 246 -2.99 19.83 -36.44
C ALA E 246 -3.96 20.01 -37.60
N ALA E 247 -3.69 21.01 -38.42
CA ALA E 247 -4.58 21.35 -39.52
C ALA E 247 -4.43 20.34 -40.66
N GLY E 248 -5.53 20.18 -41.41
CA GLY E 248 -5.50 19.34 -42.60
C GLY E 248 -5.30 17.88 -42.26
N ALA E 249 -4.77 17.14 -43.23
CA ALA E 249 -4.44 15.74 -43.01
C ALA E 249 -3.22 15.63 -42.10
N THR E 250 -3.34 14.81 -41.05
CA THR E 250 -2.34 14.75 -40.00
C THR E 250 -1.71 13.37 -39.84
N LEU E 251 -2.32 12.32 -40.36
CA LEU E 251 -1.77 10.97 -40.19
C LEU E 251 -0.45 10.87 -40.93
N LYS E 252 0.61 10.54 -40.20
CA LYS E 252 1.96 10.45 -40.76
C LYS E 252 2.55 9.06 -40.71
N GLY E 253 2.16 8.21 -39.76
CA GLY E 253 2.70 6.86 -39.77
C GLY E 253 1.97 5.95 -38.81
N LYS E 254 2.28 4.67 -38.93
CA LYS E 254 1.87 3.66 -37.97
C LYS E 254 3.08 3.18 -37.20
N LEU E 255 2.89 2.94 -35.90
CA LEU E 255 3.95 2.44 -35.05
C LEU E 255 3.40 1.32 -34.18
N HIS E 256 4.13 0.22 -34.12
CA HIS E 256 3.64 -0.99 -33.51
C HIS E 256 3.57 -0.86 -32.00
N VAL E 257 2.71 -1.68 -31.40
CA VAL E 257 2.51 -1.70 -29.95
C VAL E 257 3.15 -2.98 -29.41
N PRO E 258 4.13 -2.90 -28.51
CA PRO E 258 4.75 -4.11 -27.97
C PRO E 258 3.97 -4.62 -26.77
N PHE E 259 4.46 -5.72 -26.21
CA PHE E 259 3.87 -6.31 -25.00
C PHE E 259 2.45 -6.77 -25.24
N LEU E 260 2.22 -7.47 -26.34
CA LEU E 260 0.91 -8.03 -26.61
C LEU E 260 0.74 -9.35 -25.87
N LEU E 261 -0.52 -9.74 -25.68
CA LEU E 261 -0.80 -11.01 -25.02
C LEU E 261 -0.27 -12.17 -25.84
N ALA E 262 0.35 -13.12 -25.16
CA ALA E 262 0.85 -14.33 -25.78
C ALA E 262 0.51 -15.51 -24.88
N ASP E 263 0.29 -16.66 -25.51
CA ASP E 263 0.02 -17.89 -24.76
C ASP E 263 1.30 -18.37 -24.08
N GLY E 264 1.11 -19.11 -23.00
CA GLY E 264 2.26 -19.71 -22.34
C GLY E 264 1.82 -20.64 -21.25
N LYS E 265 2.80 -21.38 -20.73
CA LYS E 265 2.61 -22.27 -19.60
C LYS E 265 2.84 -21.46 -18.34
N CYS E 266 2.08 -21.77 -17.30
CA CYS E 266 1.74 -20.82 -16.26
C CYS E 266 1.44 -21.61 -14.99
N THR E 267 2.16 -21.32 -13.92
CA THR E 267 2.06 -22.13 -12.72
C THR E 267 0.79 -21.78 -11.94
N VAL E 268 0.01 -22.78 -11.59
CA VAL E 268 -1.28 -22.60 -10.94
C VAL E 268 -1.34 -23.58 -9.77
N PRO E 269 -1.84 -23.19 -8.60
CA PRO E 269 -1.70 -24.07 -7.43
C PRO E 269 -2.54 -25.33 -7.54
N LEU E 270 -2.14 -26.33 -6.76
CA LEU E 270 -2.92 -27.54 -6.55
C LEU E 270 -3.36 -27.60 -5.10
N ALA E 271 -4.66 -27.71 -4.87
CA ALA E 271 -5.18 -27.71 -3.52
C ALA E 271 -5.06 -29.09 -2.89
N PRO E 272 -5.05 -29.17 -1.54
CA PRO E 272 -4.69 -30.44 -0.89
C PRO E 272 -5.64 -31.58 -1.20
N GLU E 273 -5.10 -32.79 -1.35
CA GLU E 273 -5.86 -33.90 -1.91
C GLU E 273 -7.15 -34.13 -1.11
N PRO E 274 -8.31 -34.22 -1.76
CA PRO E 274 -9.56 -34.35 -1.01
C PRO E 274 -9.66 -35.73 -0.37
N MET E 275 -10.23 -35.78 0.83
CA MET E 275 -10.41 -37.05 1.54
C MET E 275 -11.76 -37.64 1.17
N ILE E 276 -11.71 -38.75 0.44
CA ILE E 276 -12.90 -39.40 -0.09
C ILE E 276 -13.30 -40.54 0.83
N THR E 277 -14.58 -40.61 1.17
CA THR E 277 -15.13 -41.77 1.86
C THR E 277 -16.31 -42.32 1.06
N PHE E 278 -16.30 -43.63 0.88
CA PHE E 278 -17.26 -44.31 0.02
C PHE E 278 -18.42 -44.85 0.84
N GLY E 279 -19.56 -45.02 0.18
CA GLY E 279 -20.73 -45.62 0.78
C GLY E 279 -21.66 -46.07 -0.31
N PHE E 280 -22.76 -46.71 0.10
CA PHE E 280 -23.68 -47.31 -0.86
C PHE E 280 -24.24 -46.24 -1.79
N ARG E 281 -23.78 -46.25 -3.04
CA ARG E 281 -24.15 -45.22 -4.01
C ARG E 281 -23.94 -43.83 -3.44
N SER E 282 -22.82 -43.60 -2.76
CA SER E 282 -22.55 -42.30 -2.18
C SER E 282 -21.05 -42.08 -2.07
N VAL E 283 -20.63 -40.84 -2.31
CA VAL E 283 -19.25 -40.42 -2.12
C VAL E 283 -19.26 -39.13 -1.32
N SER E 284 -18.55 -39.12 -0.20
CA SER E 284 -18.43 -37.94 0.65
C SER E 284 -17.02 -37.40 0.53
N LEU E 285 -16.91 -36.15 0.09
CA LEU E 285 -15.65 -35.46 -0.05
C LEU E 285 -15.46 -34.54 1.14
N LYS E 286 -14.38 -34.75 1.89
CA LYS E 286 -13.94 -33.81 2.91
C LYS E 286 -12.86 -32.95 2.28
N LEU E 287 -13.10 -31.64 2.26
CA LEU E 287 -12.30 -30.69 1.51
C LEU E 287 -11.78 -29.61 2.44
N HIS E 288 -10.47 -29.36 2.36
CA HIS E 288 -9.79 -28.34 3.15
C HIS E 288 -8.99 -27.47 2.20
N PRO E 289 -9.65 -26.59 1.45
CA PRO E 289 -8.92 -25.75 0.50
C PRO E 289 -8.00 -24.76 1.20
N LYS E 290 -6.83 -24.55 0.59
CA LYS E 290 -5.92 -23.51 1.05
C LYS E 290 -6.29 -22.16 0.48
N ASN E 291 -6.78 -22.14 -0.75
CA ASN E 291 -7.34 -20.97 -1.40
C ASN E 291 -8.70 -21.33 -1.98
N PRO E 292 -9.56 -20.35 -2.27
CA PRO E 292 -10.89 -20.67 -2.81
C PRO E 292 -10.83 -21.53 -4.06
N THR E 293 -11.38 -22.74 -3.98
CA THR E 293 -11.32 -23.71 -5.06
C THR E 293 -12.71 -23.96 -5.64
N TYR E 294 -12.77 -24.08 -6.95
CA TYR E 294 -14.00 -24.44 -7.62
C TYR E 294 -14.14 -25.95 -7.67
N LEU E 295 -15.15 -26.47 -6.98
CA LEU E 295 -15.52 -27.87 -7.09
C LEU E 295 -16.61 -27.96 -8.14
N ILE E 296 -16.30 -28.60 -9.27
CA ILE E 296 -17.25 -28.78 -10.36
C ILE E 296 -17.50 -30.28 -10.52
N THR E 297 -18.73 -30.70 -10.27
CA THR E 297 -19.10 -32.10 -10.31
C THR E 297 -20.22 -32.27 -11.33
N ARG E 298 -20.33 -33.49 -11.86
CA ARG E 298 -21.44 -33.80 -12.73
C ARG E 298 -21.62 -35.30 -12.80
N GLN E 299 -22.71 -35.71 -13.45
CA GLN E 299 -23.04 -37.11 -13.62
C GLN E 299 -22.90 -37.49 -15.09
N LEU E 300 -22.66 -38.77 -15.33
CA LEU E 300 -22.41 -39.29 -16.66
C LEU E 300 -23.65 -39.90 -17.30
N ALA E 301 -24.83 -39.58 -16.79
CA ALA E 301 -26.08 -40.07 -17.34
C ALA E 301 -26.61 -39.08 -18.38
N ASP E 302 -27.83 -39.32 -18.84
CA ASP E 302 -28.45 -38.41 -19.79
C ASP E 302 -28.62 -37.01 -19.22
N GLU E 303 -28.84 -36.89 -17.92
CA GLU E 303 -28.96 -35.60 -17.25
C GLU E 303 -27.67 -35.31 -16.49
N PRO E 304 -26.81 -34.40 -16.95
CA PRO E 304 -25.55 -34.19 -16.22
C PRO E 304 -25.74 -33.73 -14.79
N HIS E 305 -26.74 -32.91 -14.50
CA HIS E 305 -26.98 -32.39 -13.16
C HIS E 305 -25.70 -31.78 -12.58
N TYR E 306 -25.02 -31.01 -13.42
CA TYR E 306 -23.74 -30.44 -13.01
C TYR E 306 -23.96 -29.42 -11.90
N THR E 307 -22.96 -29.31 -11.03
CA THR E 307 -22.90 -28.28 -10.02
C THR E 307 -21.49 -27.72 -9.98
N HIS E 308 -21.38 -26.43 -9.72
CA HIS E 308 -20.08 -25.81 -9.49
C HIS E 308 -20.20 -24.87 -8.29
N GLU E 309 -19.25 -25.01 -7.36
CA GLU E 309 -19.30 -24.27 -6.11
C GLU E 309 -17.91 -23.73 -5.78
N LEU E 310 -17.86 -22.48 -5.29
CA LEU E 310 -16.61 -21.85 -4.88
C LEU E 310 -16.45 -22.09 -3.39
N ILE E 311 -15.75 -23.17 -3.04
CA ILE E 311 -15.52 -23.51 -1.64
C ILE E 311 -14.33 -22.70 -1.14
N SER E 312 -14.56 -21.90 -0.10
CA SER E 312 -13.53 -21.05 0.49
C SER E 312 -13.18 -21.43 1.92
N GLU E 313 -13.99 -22.24 2.59
CA GLU E 313 -13.76 -22.74 3.93
C GLU E 313 -13.87 -24.25 3.88
N PRO E 314 -13.39 -24.96 4.91
CA PRO E 314 -13.50 -26.42 4.91
C PRO E 314 -14.94 -26.87 4.81
N ALA E 315 -15.14 -27.97 4.10
CA ALA E 315 -16.50 -28.44 3.85
C ALA E 315 -16.52 -29.95 3.74
N VAL E 316 -17.71 -30.51 3.91
CA VAL E 316 -18.01 -31.90 3.60
C VAL E 316 -19.18 -31.90 2.63
N ARG E 317 -18.99 -32.53 1.48
CA ARG E 317 -19.99 -32.56 0.42
C ARG E 317 -20.26 -34.01 0.05
N ASN E 318 -21.49 -34.46 0.22
CA ASN E 318 -21.89 -35.81 -0.12
C ASN E 318 -22.69 -35.78 -1.42
N PHE E 319 -22.28 -36.62 -2.37
CA PHE E 319 -22.96 -36.74 -3.66
C PHE E 319 -23.38 -38.18 -3.87
N THR E 320 -24.50 -38.36 -4.57
CA THR E 320 -24.93 -39.69 -4.97
C THR E 320 -24.22 -40.11 -6.24
N VAL E 321 -23.63 -41.31 -6.21
CA VAL E 321 -22.91 -41.87 -7.34
C VAL E 321 -23.76 -43.00 -7.88
N THR E 322 -24.46 -42.74 -8.97
CA THR E 322 -25.36 -43.72 -9.56
C THR E 322 -24.55 -44.83 -10.22
N GLU E 323 -25.23 -45.93 -10.54
CA GLU E 323 -24.58 -47.04 -11.21
C GLU E 323 -23.94 -46.61 -12.53
N LYS E 324 -24.43 -45.54 -13.15
CA LYS E 324 -23.95 -45.07 -14.44
C LYS E 324 -23.07 -43.82 -14.32
N GLY E 325 -22.27 -43.74 -13.26
CA GLY E 325 -21.13 -42.83 -13.30
C GLY E 325 -21.38 -41.51 -12.57
N TRP E 326 -20.27 -40.89 -12.17
CA TRP E 326 -20.24 -39.57 -11.57
C TRP E 326 -18.79 -39.12 -11.62
N GLU E 327 -18.57 -37.80 -11.68
CA GLU E 327 -17.20 -37.30 -11.70
C GLU E 327 -17.12 -35.93 -11.05
N PHE E 328 -15.91 -35.59 -10.64
CA PHE E 328 -15.66 -34.29 -10.04
C PHE E 328 -14.26 -33.82 -10.38
N VAL E 329 -14.14 -32.52 -10.59
CA VAL E 329 -12.86 -31.84 -10.75
C VAL E 329 -12.82 -30.75 -9.69
N TRP E 330 -11.83 -30.85 -8.80
CA TRP E 330 -11.73 -29.97 -7.64
C TRP E 330 -10.42 -29.21 -7.74
N GLY E 331 -10.51 -27.90 -7.84
CA GLY E 331 -9.32 -27.11 -8.06
C GLY E 331 -8.76 -27.39 -9.44
N ASN E 332 -7.44 -27.53 -9.51
CA ASN E 332 -6.75 -27.78 -10.76
C ASN E 332 -6.36 -29.24 -10.95
N HIS E 333 -6.87 -30.13 -10.11
CA HIS E 333 -6.55 -31.54 -10.26
C HIS E 333 -7.22 -32.09 -11.52
N PRO E 334 -6.73 -33.21 -12.05
CA PRO E 334 -7.40 -33.82 -13.19
C PRO E 334 -8.79 -34.29 -12.80
N PRO E 335 -9.71 -34.41 -13.76
CA PRO E 335 -11.03 -34.94 -13.41
C PRO E 335 -10.93 -36.36 -12.87
N LYS E 336 -11.73 -36.64 -11.85
CA LYS E 336 -11.77 -37.96 -11.23
C LYS E 336 -13.14 -38.59 -11.47
N ARG E 337 -13.11 -39.83 -11.97
CA ARG E 337 -14.30 -40.61 -12.27
C ARG E 337 -14.60 -41.52 -11.10
N PHE E 338 -15.87 -41.86 -10.90
CA PHE E 338 -16.29 -42.83 -9.91
C PHE E 338 -17.58 -43.48 -10.36
N TRP E 339 -17.66 -44.79 -10.19
CA TRP E 339 -18.80 -45.60 -10.62
C TRP E 339 -19.22 -46.50 -9.46
N ALA E 340 -20.53 -46.64 -9.28
CA ALA E 340 -21.06 -47.41 -8.17
C ALA E 340 -21.34 -48.86 -8.58
N GLN E 341 -21.64 -49.68 -7.58
CA GLN E 341 -21.92 -51.09 -7.78
C GLN E 341 -23.05 -51.50 -6.85
N GLU E 342 -23.59 -52.69 -7.09
CA GLU E 342 -24.62 -53.23 -6.21
C GLU E 342 -23.98 -53.85 -4.98
N THR E 343 -24.12 -53.20 -3.83
CA THR E 343 -23.61 -53.70 -2.56
C THR E 343 -24.61 -53.49 -1.43
N ALA E 344 -25.89 -53.76 -1.66
CA ALA E 344 -26.90 -53.48 -0.66
C ALA E 344 -26.72 -54.40 0.55
N PRO E 345 -27.02 -53.93 1.77
CA PRO E 345 -26.98 -54.84 2.92
C PRO E 345 -28.04 -55.94 2.85
N TYR F 1 -23.79 -30.26 69.94
CA TYR F 1 -25.23 -30.44 69.62
C TYR F 1 -25.44 -30.51 68.12
N GLU F 2 -26.04 -31.61 67.66
CA GLU F 2 -26.24 -31.82 66.23
C GLU F 2 -27.41 -30.98 65.73
N HIS F 3 -27.25 -30.38 64.56
CA HIS F 3 -28.30 -29.57 63.96
C HIS F 3 -28.04 -29.52 62.46
N ALA F 4 -29.11 -29.44 61.67
CA ALA F 4 -29.04 -29.62 60.22
C ALA F 4 -29.73 -28.48 59.49
N THR F 5 -29.15 -28.05 58.36
CA THR F 5 -29.74 -27.04 57.49
C THR F 5 -29.44 -27.40 56.05
N THR F 6 -30.10 -26.70 55.13
CA THR F 6 -29.89 -26.87 53.70
C THR F 6 -29.70 -25.51 53.06
N MET F 7 -28.45 -25.08 52.96
CA MET F 7 -28.16 -23.78 52.38
C MET F 7 -28.38 -23.82 50.87
N PRO F 8 -28.82 -22.72 50.25
CA PRO F 8 -28.86 -22.70 48.78
C PRO F 8 -27.48 -22.49 48.21
N SER F 9 -27.20 -23.18 47.10
CA SER F 9 -25.88 -23.13 46.47
C SER F 9 -25.75 -21.89 45.60
N GLN F 10 -25.88 -20.72 46.23
CA GLN F 10 -25.83 -19.43 45.58
C GLN F 10 -24.68 -18.62 46.18
N ALA F 11 -23.72 -18.28 45.34
CA ALA F 11 -22.58 -17.50 45.81
C ALA F 11 -23.00 -16.08 46.11
N GLY F 12 -22.43 -15.52 47.18
CA GLY F 12 -22.70 -14.13 47.56
C GLY F 12 -23.81 -13.91 48.55
N ILE F 13 -25.00 -14.46 48.27
CA ILE F 13 -26.14 -14.22 49.13
C ILE F 13 -25.98 -14.98 50.42
N SER F 14 -26.10 -14.27 51.54
CA SER F 14 -25.94 -14.89 52.84
C SER F 14 -27.13 -15.80 53.14
N TYR F 15 -27.02 -16.52 54.26
CA TYR F 15 -28.07 -17.41 54.73
C TYR F 15 -27.96 -17.44 56.25
N ASN F 16 -29.11 -17.45 56.93
CA ASN F 16 -29.16 -17.33 58.37
C ASN F 16 -30.05 -18.41 58.96
N THR F 17 -29.79 -18.74 60.22
CA THR F 17 -30.54 -19.75 60.93
C THR F 17 -30.33 -19.50 62.42
N ILE F 18 -31.19 -20.08 63.25
CA ILE F 18 -31.03 -20.06 64.69
C ILE F 18 -31.10 -21.49 65.21
N VAL F 19 -30.19 -21.83 66.13
CA VAL F 19 -30.17 -23.16 66.71
C VAL F 19 -30.96 -23.16 68.01
N ASN F 20 -32.26 -23.42 67.90
CA ASN F 20 -33.11 -23.48 69.08
C ASN F 20 -32.76 -24.70 69.92
N ARG F 21 -32.75 -24.52 71.24
CA ARG F 21 -32.61 -25.63 72.17
C ARG F 21 -33.51 -25.34 73.36
N ALA F 22 -34.00 -26.41 74.00
CA ALA F 22 -35.10 -26.27 74.94
C ALA F 22 -34.75 -25.38 76.12
N GLY F 23 -33.56 -25.55 76.69
CA GLY F 23 -33.14 -24.83 77.87
C GLY F 23 -32.14 -23.72 77.66
N TYR F 24 -31.92 -23.29 76.43
CA TYR F 24 -30.91 -22.29 76.12
C TYR F 24 -31.46 -21.29 75.11
N ALA F 25 -30.93 -20.07 75.18
CA ALA F 25 -31.34 -19.04 74.25
C ALA F 25 -30.84 -19.40 72.85
N PRO F 26 -31.62 -19.16 71.79
CA PRO F 26 -31.14 -19.49 70.45
C PRO F 26 -29.88 -18.72 70.10
N LEU F 27 -28.98 -19.39 69.40
CA LEU F 27 -27.77 -18.77 68.87
C LEU F 27 -27.92 -18.61 67.36
N PRO F 28 -27.60 -17.45 66.79
CA PRO F 28 -27.69 -17.33 65.33
C PRO F 28 -26.45 -17.88 64.65
N ILE F 29 -26.68 -18.54 63.52
CA ILE F 29 -25.63 -19.00 62.64
C ILE F 29 -25.85 -18.35 61.30
N SER F 30 -24.78 -17.86 60.68
CA SER F 30 -24.83 -17.25 59.37
C SER F 30 -23.75 -17.84 58.49
N ILE F 31 -24.14 -18.27 57.30
CA ILE F 31 -23.22 -18.83 56.31
C ILE F 31 -23.31 -17.97 55.06
N THR F 32 -22.16 -17.48 54.60
CA THR F 32 -22.08 -16.70 53.37
C THR F 32 -21.13 -17.44 52.44
N PRO F 33 -21.64 -18.15 51.44
CA PRO F 33 -20.75 -18.84 50.51
C PRO F 33 -20.08 -17.88 49.54
N THR F 34 -18.93 -17.34 49.96
CA THR F 34 -18.27 -16.32 49.15
C THR F 34 -17.77 -16.88 47.81
N LYS F 35 -17.61 -18.19 47.72
CA LYS F 35 -17.17 -18.81 46.47
C LYS F 35 -17.36 -20.31 46.59
N ILE F 36 -17.89 -20.92 45.53
CA ILE F 36 -18.09 -22.36 45.45
C ILE F 36 -17.34 -22.88 44.23
N LYS F 37 -16.26 -23.61 44.47
CA LYS F 37 -15.39 -24.12 43.41
C LYS F 37 -15.80 -25.54 43.08
N LEU F 38 -16.04 -25.79 41.78
CA LEU F 38 -16.31 -27.13 41.27
C LEU F 38 -15.12 -27.56 40.41
N ILE F 39 -14.22 -28.34 40.99
CA ILE F 39 -13.00 -28.77 40.31
C ILE F 39 -13.21 -30.18 39.74
N PRO F 40 -13.04 -30.39 38.42
CA PRO F 40 -13.00 -31.76 37.92
C PRO F 40 -11.64 -32.39 38.12
N THR F 41 -11.64 -33.71 38.31
CA THR F 41 -10.40 -34.49 38.33
C THR F 41 -10.04 -34.80 36.88
N VAL F 42 -8.95 -34.21 36.40
CA VAL F 42 -8.66 -34.14 34.98
C VAL F 42 -7.27 -34.71 34.73
N ASN F 43 -7.15 -35.52 33.67
CA ASN F 43 -5.87 -36.05 33.22
C ASN F 43 -5.65 -35.68 31.77
N LEU F 44 -4.41 -35.34 31.42
CA LEU F 44 -4.10 -34.84 30.10
C LEU F 44 -3.93 -35.99 29.12
N GLU F 45 -4.70 -35.98 28.04
CA GLU F 45 -4.57 -36.97 26.98
C GLU F 45 -3.56 -36.57 25.93
N TYR F 46 -3.57 -35.34 25.45
CA TYR F 46 -2.48 -34.90 24.58
C TYR F 46 -2.49 -33.39 24.45
N VAL F 47 -1.60 -32.88 23.61
CA VAL F 47 -1.53 -31.46 23.30
C VAL F 47 -1.32 -31.32 21.80
N THR F 48 -1.75 -30.20 21.26
CA THR F 48 -1.65 -29.95 19.83
C THR F 48 -1.39 -28.47 19.60
N CYS F 49 -0.81 -28.17 18.43
CA CYS F 49 -0.43 -26.81 18.09
C CYS F 49 -0.25 -26.75 16.58
N HIS F 50 0.20 -25.59 16.09
CA HIS F 50 0.51 -25.46 14.68
C HIS F 50 1.59 -26.45 14.30
N TYR F 51 1.46 -27.06 13.13
CA TYR F 51 2.54 -27.87 12.60
C TYR F 51 3.47 -27.00 11.75
N LYS F 52 4.63 -27.57 11.43
CA LYS F 52 5.49 -27.04 10.40
C LYS F 52 6.02 -28.20 9.57
N THR F 53 6.04 -27.98 8.26
CA THR F 53 6.39 -29.01 7.30
C THR F 53 7.90 -28.97 7.08
N GLY F 54 8.62 -29.78 7.84
CA GLY F 54 10.05 -29.87 7.65
C GLY F 54 10.35 -30.53 6.32
N MET F 55 11.44 -30.09 5.69
CA MET F 55 11.82 -30.55 4.37
C MET F 55 13.32 -30.75 4.33
N ASP F 56 13.76 -31.99 4.14
CA ASP F 56 15.16 -32.22 3.82
C ASP F 56 15.46 -31.68 2.44
N SER F 57 16.71 -31.31 2.23
CA SER F 57 17.11 -30.73 0.96
C SER F 57 16.93 -31.77 -0.14
N PRO F 58 16.50 -31.37 -1.33
CA PRO F 58 16.34 -32.34 -2.41
C PRO F 58 17.69 -32.88 -2.84
N ALA F 59 17.92 -34.18 -2.64
CA ALA F 59 19.25 -34.75 -2.85
C ALA F 59 19.39 -35.11 -4.33
N ILE F 60 19.84 -34.12 -5.10
CA ILE F 60 19.97 -34.30 -6.54
C ILE F 60 21.15 -35.21 -6.83
N LYS F 61 20.88 -36.36 -7.43
CA LYS F 61 21.90 -37.21 -8.02
C LYS F 61 21.65 -37.21 -9.52
N CYS F 62 22.59 -36.66 -10.27
CA CYS F 62 22.35 -36.38 -11.67
C CYS F 62 23.04 -37.37 -12.57
N CYS F 63 22.36 -37.69 -13.67
CA CYS F 63 22.84 -38.62 -14.69
C CYS F 63 22.91 -40.02 -14.10
N GLY F 64 21.99 -40.31 -13.18
CA GLY F 64 21.95 -41.60 -12.50
C GLY F 64 20.71 -41.68 -11.64
N SER F 65 20.50 -42.87 -11.07
CA SER F 65 19.29 -43.17 -10.31
C SER F 65 19.55 -43.09 -8.81
N GLN F 66 18.45 -43.12 -8.04
CA GLN F 66 18.51 -43.10 -6.59
C GLN F 66 17.47 -44.05 -6.01
N GLU F 67 17.49 -44.18 -4.69
CA GLU F 67 16.54 -44.98 -3.94
C GLU F 67 15.97 -44.16 -2.80
N CYS F 68 14.71 -44.45 -2.44
CA CYS F 68 14.02 -43.74 -1.37
C CYS F 68 14.38 -44.38 -0.03
N THR F 69 15.56 -44.01 0.47
CA THR F 69 16.04 -44.54 1.73
C THR F 69 15.18 -43.99 2.86
N PRO F 70 14.50 -44.83 3.65
CA PRO F 70 13.53 -44.30 4.60
C PRO F 70 14.14 -44.00 5.96
N THR F 71 13.35 -43.27 6.75
CA THR F 71 13.64 -43.03 8.16
C THR F 71 12.27 -43.12 8.84
N TYR F 72 12.15 -42.57 10.04
CA TYR F 72 10.93 -42.68 10.84
C TYR F 72 10.51 -41.35 11.43
N ARG F 73 10.46 -40.30 10.60
CA ARG F 73 9.92 -39.03 11.06
C ARG F 73 8.40 -39.05 10.98
N PRO F 74 7.72 -38.15 11.70
CA PRO F 74 6.24 -38.21 11.75
C PRO F 74 5.62 -37.87 10.41
N ASP F 75 4.89 -38.85 9.85
CA ASP F 75 4.16 -38.68 8.59
C ASP F 75 5.08 -38.10 7.52
N GLU F 76 6.12 -38.86 7.18
CA GLU F 76 7.03 -38.41 6.15
C GLU F 76 6.62 -38.98 4.80
N GLN F 77 7.05 -38.31 3.74
CA GLN F 77 6.89 -38.81 2.38
C GLN F 77 8.21 -38.62 1.65
N CYS F 78 8.63 -39.67 0.95
CA CYS F 78 9.87 -39.65 0.17
C CYS F 78 9.54 -40.11 -1.23
N LYS F 79 10.01 -39.36 -2.23
CA LYS F 79 9.71 -39.71 -3.62
C LYS F 79 10.89 -39.33 -4.51
N VAL F 80 11.11 -40.13 -5.55
CA VAL F 80 12.30 -40.05 -6.38
C VAL F 80 11.87 -39.56 -7.75
N PHE F 81 11.98 -38.25 -7.98
CA PHE F 81 11.57 -37.64 -9.24
C PHE F 81 12.66 -37.85 -10.28
N THR F 82 12.25 -38.27 -11.48
CA THR F 82 13.17 -38.50 -12.58
C THR F 82 12.99 -37.42 -13.65
N GLY F 83 14.08 -37.16 -14.37
CA GLY F 83 14.03 -36.22 -15.47
C GLY F 83 14.11 -34.76 -15.09
N VAL F 84 14.72 -34.43 -13.95
CA VAL F 84 14.89 -33.03 -13.56
C VAL F 84 16.10 -32.46 -14.27
N TYR F 85 16.23 -31.14 -14.22
CA TYR F 85 17.37 -30.42 -14.79
C TYR F 85 17.54 -29.12 -14.01
N PRO F 86 17.99 -29.21 -12.76
CA PRO F 86 17.95 -28.03 -11.89
C PRO F 86 18.86 -26.91 -12.37
N PHE F 87 18.45 -25.68 -12.06
CA PHE F 87 19.27 -24.49 -12.24
C PHE F 87 19.54 -23.85 -10.89
N MET F 88 20.80 -23.62 -10.59
CA MET F 88 21.23 -22.87 -9.41
C MET F 88 21.58 -21.45 -9.83
N TRP F 89 22.07 -20.66 -8.88
CA TRP F 89 22.46 -19.29 -9.20
C TRP F 89 23.59 -19.24 -10.20
N GLY F 90 24.38 -20.32 -10.28
CA GLY F 90 25.54 -20.37 -11.14
C GLY F 90 25.39 -21.15 -12.42
N GLY F 91 24.19 -21.67 -12.71
CA GLY F 91 23.95 -22.40 -13.93
C GLY F 91 23.33 -23.76 -13.65
N ALA F 92 23.21 -24.55 -14.71
CA ALA F 92 22.61 -25.87 -14.59
C ALA F 92 23.44 -26.75 -13.66
N TYR F 93 22.76 -27.48 -12.77
CA TYR F 93 23.46 -28.28 -11.79
C TYR F 93 24.27 -29.39 -12.44
N CYS F 94 23.74 -30.01 -13.49
CA CYS F 94 24.45 -31.04 -14.23
C CYS F 94 24.11 -31.01 -15.71
N PHE F 95 24.57 -32.04 -16.42
CA PHE F 95 24.69 -32.04 -17.87
C PHE F 95 23.81 -33.07 -18.56
N CYS F 96 23.72 -34.29 -18.03
CA CYS F 96 22.88 -35.31 -18.65
C CYS F 96 21.44 -34.82 -18.65
N ASP F 97 20.94 -34.47 -19.84
CA ASP F 97 19.63 -33.85 -19.97
C ASP F 97 18.51 -34.71 -19.40
N THR F 98 18.64 -36.03 -19.49
CA THR F 98 17.70 -36.96 -18.88
C THR F 98 18.49 -37.90 -17.96
N GLU F 99 17.79 -38.84 -17.34
CA GLU F 99 18.37 -39.75 -16.37
C GLU F 99 18.89 -39.03 -15.13
N ASN F 100 18.48 -37.78 -14.93
CA ASN F 100 18.75 -37.09 -13.67
C ASN F 100 17.68 -37.45 -12.64
N THR F 101 18.06 -37.41 -11.37
CA THR F 101 17.20 -37.84 -10.29
C THR F 101 17.25 -36.85 -9.14
N GLN F 102 16.11 -36.65 -8.50
CA GLN F 102 16.01 -35.78 -7.33
C GLN F 102 15.09 -36.46 -6.31
N VAL F 103 15.65 -36.84 -5.17
CA VAL F 103 14.87 -37.44 -4.10
C VAL F 103 14.42 -36.31 -3.18
N SER F 104 13.10 -36.19 -3.03
CA SER F 104 12.49 -35.20 -2.15
C SER F 104 11.89 -35.90 -0.95
N LYS F 105 12.15 -35.34 0.23
CA LYS F 105 11.74 -35.94 1.49
C LYS F 105 11.15 -34.85 2.37
N ALA F 106 9.90 -35.05 2.79
CA ALA F 106 9.18 -34.09 3.62
C ALA F 106 8.63 -34.80 4.84
N TYR F 107 8.35 -34.02 5.88
CA TYR F 107 7.83 -34.56 7.13
C TYR F 107 7.19 -33.42 7.91
N VAL F 108 6.61 -33.76 9.06
CA VAL F 108 5.88 -32.83 9.89
C VAL F 108 6.51 -32.79 11.27
N MET F 109 6.48 -31.62 11.91
CA MET F 109 6.96 -31.51 13.27
C MET F 109 6.26 -30.34 13.95
N LYS F 110 6.40 -30.29 15.28
CA LYS F 110 5.71 -29.26 16.05
C LYS F 110 6.22 -27.88 15.68
N SER F 111 5.34 -26.88 15.76
CA SER F 111 5.76 -25.51 15.55
C SER F 111 6.71 -25.07 16.65
N ASP F 112 7.55 -24.09 16.31
CA ASP F 112 8.54 -23.62 17.28
C ASP F 112 7.87 -22.94 18.47
N ASP F 113 6.64 -22.48 18.30
CA ASP F 113 5.90 -21.77 19.35
C ASP F 113 5.06 -22.70 20.21
N CYS F 114 5.18 -24.02 20.04
CA CYS F 114 4.28 -24.94 20.72
C CYS F 114 4.41 -24.88 22.22
N LEU F 115 5.58 -24.47 22.73
CA LEU F 115 5.76 -24.44 24.18
C LEU F 115 4.84 -23.42 24.84
N ALA F 116 4.48 -22.36 24.11
CA ALA F 116 3.62 -21.30 24.63
C ALA F 116 2.24 -21.27 23.98
N ASP F 117 2.16 -21.54 22.68
CA ASP F 117 0.90 -21.47 21.94
C ASP F 117 0.47 -22.89 21.57
N HIS F 118 -0.28 -23.51 22.46
CA HIS F 118 -0.74 -24.88 22.26
C HIS F 118 -2.01 -25.10 23.06
N ALA F 119 -2.83 -26.02 22.57
CA ALA F 119 -4.08 -26.41 23.23
C ALA F 119 -3.96 -27.82 23.78
N GLU F 120 -4.53 -28.01 24.96
CA GLU F 120 -4.40 -29.25 25.72
C GLU F 120 -5.72 -30.00 25.68
N ALA F 121 -5.69 -31.23 25.18
CA ALA F 121 -6.87 -32.08 25.10
C ALA F 121 -6.91 -32.97 26.34
N TYR F 122 -7.94 -32.77 27.16
CA TYR F 122 -8.10 -33.35 28.48
C TYR F 122 -9.36 -34.21 28.52
N LYS F 123 -9.35 -35.20 29.41
CA LYS F 123 -10.53 -35.94 29.80
C LYS F 123 -10.83 -35.67 31.27
N ALA F 124 -12.08 -35.34 31.59
CA ALA F 124 -12.51 -35.00 32.94
C ALA F 124 -13.39 -36.13 33.47
N HIS F 125 -12.85 -36.93 34.38
CA HIS F 125 -13.56 -38.11 34.85
C HIS F 125 -14.75 -37.74 35.72
N THR F 126 -14.50 -37.10 36.86
CA THR F 126 -15.54 -36.75 37.82
C THR F 126 -15.23 -35.37 38.36
N ALA F 127 -15.91 -34.98 39.44
CA ALA F 127 -15.71 -33.67 40.01
C ALA F 127 -15.91 -33.70 41.51
N SER F 128 -15.05 -32.96 42.21
CA SER F 128 -15.18 -32.70 43.63
C SER F 128 -15.42 -31.21 43.82
N VAL F 129 -16.39 -30.85 44.65
CA VAL F 129 -16.83 -29.47 44.82
C VAL F 129 -16.48 -29.02 46.24
N GLN F 130 -15.88 -27.84 46.33
CA GLN F 130 -15.47 -27.27 47.61
C GLN F 130 -15.88 -25.80 47.63
N ALA F 131 -16.23 -25.30 48.81
CA ALA F 131 -16.83 -23.99 48.96
C ALA F 131 -16.12 -23.18 50.03
N PHE F 132 -15.91 -21.90 49.75
CA PHE F 132 -15.42 -20.94 50.75
C PHE F 132 -16.63 -20.37 51.47
N LEU F 133 -16.76 -20.70 52.76
CA LEU F 133 -17.94 -20.26 53.53
C LEU F 133 -17.52 -19.34 54.68
N ASN F 134 -18.20 -18.20 54.88
CA ASN F 134 -17.94 -17.34 56.08
C ASN F 134 -18.94 -17.75 57.14
N ILE F 135 -18.51 -18.46 58.18
CA ILE F 135 -19.50 -19.04 59.15
C ILE F 135 -19.44 -18.34 60.50
N THR F 136 -20.41 -17.45 60.77
CA THR F 136 -20.49 -16.80 62.06
C THR F 136 -21.44 -17.58 62.96
N VAL F 137 -21.04 -17.76 64.21
CA VAL F 137 -21.85 -18.41 65.23
C VAL F 137 -21.62 -17.68 66.54
N GLY F 138 -22.69 -17.11 67.10
CA GLY F 138 -22.60 -16.49 68.42
C GLY F 138 -21.56 -15.41 68.54
N GLU F 139 -21.44 -14.57 67.52
CA GLU F 139 -20.50 -13.46 67.39
C GLU F 139 -19.06 -13.93 67.16
N HIS F 140 -18.81 -15.23 67.13
CA HIS F 140 -17.53 -15.75 66.63
C HIS F 140 -17.62 -15.87 65.12
N SER F 141 -16.51 -15.60 64.43
CA SER F 141 -16.53 -15.53 62.97
C SER F 141 -15.28 -16.16 62.39
N ILE F 142 -15.42 -16.72 61.18
CA ILE F 142 -14.32 -17.35 60.46
C ILE F 142 -14.56 -17.26 58.96
N VAL F 143 -13.48 -17.42 58.20
CA VAL F 143 -13.52 -17.73 56.79
C VAL F 143 -12.83 -19.07 56.61
N THR F 144 -13.48 -20.00 55.91
CA THR F 144 -12.98 -21.36 55.86
C THR F 144 -13.38 -22.03 54.55
N THR F 145 -12.43 -22.74 53.94
CA THR F 145 -12.73 -23.62 52.83
C THR F 145 -13.18 -24.96 53.37
N VAL F 146 -14.32 -25.45 52.88
CA VAL F 146 -14.86 -26.74 53.27
C VAL F 146 -15.07 -27.57 52.01
N TYR F 147 -14.53 -28.78 52.02
CA TYR F 147 -14.75 -29.72 50.93
C TYR F 147 -16.19 -30.22 51.03
N VAL F 148 -16.97 -29.98 49.98
CA VAL F 148 -18.40 -30.30 50.04
C VAL F 148 -18.57 -31.76 49.69
N ASN F 149 -18.38 -32.62 50.68
CA ASN F 149 -18.71 -34.03 50.59
C ASN F 149 -19.07 -34.50 51.99
N GLY F 150 -19.83 -35.60 52.06
CA GLY F 150 -20.40 -36.01 53.33
C GLY F 150 -19.38 -36.34 54.40
N GLU F 151 -18.12 -36.58 54.00
CA GLU F 151 -17.15 -37.09 54.95
C GLU F 151 -16.34 -35.96 55.61
N THR F 152 -15.79 -35.06 54.82
CA THR F 152 -14.81 -34.11 55.31
C THR F 152 -15.42 -33.17 56.33
N PRO F 153 -14.95 -33.14 57.58
CA PRO F 153 -15.41 -32.12 58.51
C PRO F 153 -14.45 -30.94 58.53
N VAL F 154 -14.85 -29.89 59.26
CA VAL F 154 -13.95 -28.79 59.56
C VAL F 154 -14.32 -28.21 60.92
N ASN F 155 -13.32 -27.64 61.59
CA ASN F 155 -13.44 -27.16 62.95
C ASN F 155 -12.68 -25.84 63.09
N PHE F 156 -13.28 -24.89 63.81
CA PHE F 156 -12.59 -23.65 64.14
C PHE F 156 -12.65 -23.35 65.63
N ASN F 157 -13.76 -23.64 66.29
CA ASN F 157 -13.90 -23.44 67.73
C ASN F 157 -14.50 -24.66 68.41
N GLY F 158 -14.32 -25.84 67.82
CA GLY F 158 -14.87 -27.08 68.33
C GLY F 158 -16.11 -27.53 67.59
N VAL F 159 -16.76 -26.63 66.87
CA VAL F 159 -17.92 -27.02 66.09
C VAL F 159 -17.48 -27.89 64.92
N LYS F 160 -18.22 -28.97 64.70
CA LYS F 160 -17.98 -29.84 63.55
C LYS F 160 -18.91 -29.40 62.44
N ILE F 161 -18.36 -28.75 61.41
CA ILE F 161 -19.11 -28.31 60.25
C ILE F 161 -18.89 -29.32 59.14
N THR F 162 -19.97 -29.89 58.62
CA THR F 162 -19.90 -30.88 57.55
C THR F 162 -20.81 -30.43 56.42
N ALA F 163 -20.25 -30.35 55.21
CA ALA F 163 -21.00 -29.90 54.02
C ALA F 163 -21.39 -31.14 53.22
N GLY F 164 -22.67 -31.48 53.25
CA GLY F 164 -23.15 -32.69 52.63
C GLY F 164 -23.01 -32.69 51.13
N PRO F 165 -23.30 -33.81 50.48
CA PRO F 165 -23.13 -33.90 49.03
C PRO F 165 -24.01 -32.89 48.30
N LEU F 166 -23.48 -32.32 47.23
CA LEU F 166 -24.25 -31.41 46.41
C LEU F 166 -25.43 -32.17 45.80
N SER F 167 -26.62 -31.60 45.91
CA SER F 167 -27.83 -32.33 45.54
C SER F 167 -27.88 -32.65 44.06
N THR F 168 -27.53 -31.68 43.21
CA THR F 168 -27.73 -31.86 41.77
C THR F 168 -26.68 -32.77 41.15
N ALA F 169 -25.44 -32.70 41.60
CA ALA F 169 -24.34 -33.51 41.06
C ALA F 169 -24.06 -33.19 39.60
N TRP F 170 -24.50 -32.02 39.12
CA TRP F 170 -24.30 -31.61 37.74
C TRP F 170 -22.96 -30.90 37.60
N THR F 171 -22.33 -31.08 36.44
CA THR F 171 -21.07 -30.41 36.12
C THR F 171 -21.16 -29.86 34.71
N PRO F 172 -20.49 -28.73 34.43
CA PRO F 172 -20.54 -28.18 33.07
C PRO F 172 -19.52 -28.78 32.13
N PHE F 173 -18.53 -29.52 32.64
CA PHE F 173 -17.48 -30.10 31.82
C PHE F 173 -17.90 -31.50 31.40
N ASP F 174 -18.12 -31.70 30.11
CA ASP F 174 -18.34 -33.02 29.59
C ASP F 174 -17.05 -33.84 29.66
N ARG F 175 -17.12 -35.09 29.22
CA ARG F 175 -16.00 -36.01 29.42
C ARG F 175 -14.75 -35.60 28.65
N LYS F 176 -14.88 -34.75 27.64
CA LYS F 176 -13.76 -34.31 26.81
C LYS F 176 -13.74 -32.80 26.75
N ILE F 177 -12.63 -32.19 27.14
CA ILE F 177 -12.50 -30.74 27.12
C ILE F 177 -11.16 -30.34 26.53
N VAL F 178 -11.06 -29.07 26.12
CA VAL F 178 -9.87 -28.53 25.49
C VAL F 178 -9.54 -27.20 26.13
N GLN F 179 -8.31 -27.06 26.61
CA GLN F 179 -7.84 -25.84 27.24
C GLN F 179 -6.99 -25.06 26.24
N TYR F 180 -7.32 -23.79 26.04
CA TYR F 180 -6.54 -22.92 25.18
C TYR F 180 -6.75 -21.47 25.58
N ALA F 181 -5.66 -20.72 25.69
CA ALA F 181 -5.69 -19.30 26.01
C ALA F 181 -6.42 -19.04 27.32
N GLY F 182 -6.28 -19.94 28.28
CA GLY F 182 -6.94 -19.79 29.56
C GLY F 182 -8.43 -20.03 29.53
N GLU F 183 -8.96 -20.56 28.43
CA GLU F 183 -10.38 -20.81 28.26
C GLU F 183 -10.60 -22.29 27.98
N ILE F 184 -11.74 -22.80 28.43
CA ILE F 184 -12.06 -24.21 28.34
C ILE F 184 -13.22 -24.40 27.37
N TYR F 185 -13.08 -25.36 26.46
CA TYR F 185 -14.04 -25.62 25.40
C TYR F 185 -14.51 -27.06 25.51
N ASN F 186 -15.80 -27.28 25.33
CA ASN F 186 -16.35 -28.63 25.24
C ASN F 186 -16.19 -29.11 23.81
N TYR F 187 -15.32 -30.10 23.60
CA TYR F 187 -14.97 -30.55 22.26
C TYR F 187 -14.74 -32.05 22.31
N ASP F 188 -15.32 -32.77 21.34
CA ASP F 188 -15.12 -34.21 21.22
C ASP F 188 -13.87 -34.45 20.37
N PHE F 189 -12.73 -34.11 20.95
CA PHE F 189 -11.47 -34.24 20.23
C PHE F 189 -11.17 -35.71 19.98
N PRO F 190 -10.47 -36.03 18.88
CA PRO F 190 -10.20 -37.43 18.58
C PRO F 190 -9.22 -38.04 19.57
N GLU F 191 -9.36 -39.35 19.78
CA GLU F 191 -8.47 -40.04 20.69
C GLU F 191 -7.05 -40.07 20.11
N TYR F 192 -6.08 -40.27 20.99
CA TYR F 192 -4.69 -40.28 20.54
C TYR F 192 -4.45 -41.44 19.58
N GLY F 193 -3.59 -41.21 18.60
CA GLY F 193 -3.36 -42.16 17.54
C GLY F 193 -4.47 -42.26 16.51
N ALA F 194 -5.46 -41.36 16.55
CA ALA F 194 -6.60 -41.43 15.64
C ALA F 194 -7.00 -40.05 15.12
N GLY F 195 -6.06 -39.14 14.96
CA GLY F 195 -6.39 -37.83 14.44
C GLY F 195 -6.75 -37.87 12.96
N GLN F 196 -7.26 -36.74 12.46
CA GLN F 196 -7.62 -36.62 11.06
C GLN F 196 -7.12 -35.29 10.50
N PRO F 197 -6.88 -35.21 9.19
CA PRO F 197 -6.35 -33.96 8.62
C PRO F 197 -7.36 -32.83 8.71
N GLY F 198 -6.85 -31.60 8.78
CA GLY F 198 -7.70 -30.43 8.73
C GLY F 198 -8.62 -30.26 9.91
N ALA F 199 -8.35 -30.91 11.03
CA ALA F 199 -9.20 -30.85 12.21
C ALA F 199 -8.32 -30.92 13.45
N PHE F 200 -8.94 -30.59 14.59
CA PHE F 200 -8.23 -30.67 15.87
C PHE F 200 -7.67 -32.07 16.07
N GLY F 201 -6.35 -32.15 16.10
CA GLY F 201 -5.64 -33.41 16.23
C GLY F 201 -4.80 -33.79 15.03
N ASP F 202 -4.52 -32.86 14.13
CA ASP F 202 -3.67 -33.18 12.97
C ASP F 202 -2.27 -33.58 13.41
N ILE F 203 -1.70 -32.86 14.38
CA ILE F 203 -0.49 -33.27 15.08
C ILE F 203 -0.81 -33.35 16.55
N GLN F 204 -0.31 -34.38 17.22
CA GLN F 204 -0.68 -34.63 18.60
C GLN F 204 0.42 -35.40 19.32
N SER F 205 0.80 -34.88 20.48
CA SER F 205 1.87 -35.45 21.30
C SER F 205 1.37 -35.59 22.73
N ARG F 206 1.83 -36.65 23.39
CA ARG F 206 1.37 -36.93 24.76
C ARG F 206 1.70 -35.80 25.72
N THR F 207 2.78 -35.04 25.46
CA THR F 207 3.15 -33.93 26.32
C THR F 207 3.87 -32.91 25.46
N VAL F 208 3.91 -31.66 25.93
CA VAL F 208 4.57 -30.61 25.16
C VAL F 208 6.04 -30.92 24.96
N SER F 209 6.65 -31.66 25.89
CA SER F 209 8.04 -32.06 25.79
C SER F 209 8.22 -33.48 25.26
N SER F 210 7.15 -34.14 24.85
CA SER F 210 7.26 -35.53 24.41
C SER F 210 8.06 -35.62 23.12
N SER F 211 8.82 -36.71 22.99
CA SER F 211 9.68 -36.91 21.82
C SER F 211 8.96 -37.58 20.66
N ASP F 212 7.80 -38.18 20.90
CA ASP F 212 7.03 -38.86 19.87
C ASP F 212 5.74 -38.11 19.61
N LEU F 213 5.44 -37.87 18.33
CA LEU F 213 4.24 -37.15 17.94
C LEU F 213 3.60 -37.85 16.75
N TYR F 214 2.29 -38.05 16.83
CA TYR F 214 1.51 -38.55 15.71
C TYR F 214 1.11 -37.40 14.82
N ALA F 215 1.33 -37.57 13.52
CA ALA F 215 1.00 -36.56 12.52
C ALA F 215 0.17 -37.21 11.43
N ASN F 216 -0.94 -36.57 11.06
CA ASN F 216 -1.78 -37.01 9.97
C ASN F 216 -2.30 -35.74 9.29
N THR F 217 -1.54 -35.26 8.31
CA THR F 217 -1.81 -33.99 7.64
C THR F 217 -2.13 -34.15 6.17
N ASN F 218 -2.27 -35.37 5.67
CA ASN F 218 -2.53 -35.61 4.26
C ASN F 218 -1.43 -35.00 3.39
N LEU F 219 -0.20 -35.09 3.88
CA LEU F 219 0.95 -34.57 3.15
C LEU F 219 1.21 -35.42 1.92
N VAL F 220 1.23 -34.80 0.75
CA VAL F 220 1.54 -35.48 -0.50
C VAL F 220 2.46 -34.59 -1.30
N LEU F 221 3.45 -35.20 -1.95
CA LEU F 221 4.47 -34.46 -2.68
C LEU F 221 4.07 -34.27 -4.14
N GLN F 222 4.64 -33.24 -4.76
CA GLN F 222 4.45 -32.95 -6.17
C GLN F 222 5.80 -32.79 -6.83
N ARG F 223 5.83 -32.82 -8.16
CA ARG F 223 7.08 -32.66 -8.87
C ARG F 223 7.57 -31.22 -8.73
N PRO F 224 8.89 -31.01 -8.67
CA PRO F 224 9.40 -29.64 -8.70
C PRO F 224 9.18 -29.00 -10.05
N LYS F 225 9.03 -27.68 -10.04
CA LYS F 225 8.91 -26.96 -11.30
C LYS F 225 10.17 -27.18 -12.14
N ALA F 226 9.99 -27.29 -13.45
CA ALA F 226 11.11 -27.56 -14.35
C ALA F 226 12.17 -26.48 -14.21
N GLY F 227 13.41 -26.91 -13.98
CA GLY F 227 14.50 -26.00 -13.79
C GLY F 227 14.65 -25.46 -12.39
N ALA F 228 13.66 -25.67 -11.53
CA ALA F 228 13.70 -25.20 -10.15
C ALA F 228 14.24 -26.30 -9.24
N ILE F 229 14.60 -25.90 -8.03
CA ILE F 229 15.19 -26.80 -7.04
C ILE F 229 14.45 -26.58 -5.73
N HIS F 230 13.50 -27.47 -5.42
CA HIS F 230 12.73 -27.40 -4.19
C HIS F 230 11.89 -28.66 -4.10
N VAL F 231 11.30 -28.86 -2.92
CA VAL F 231 10.49 -30.04 -2.64
C VAL F 231 9.05 -29.62 -2.41
N PRO F 232 8.24 -29.44 -3.45
CA PRO F 232 6.87 -28.96 -3.25
C PRO F 232 5.96 -30.01 -2.65
N TYR F 233 4.94 -29.54 -1.94
CA TYR F 233 3.97 -30.42 -1.32
C TYR F 233 2.63 -29.72 -1.27
N THR F 234 1.56 -30.52 -1.23
CA THR F 234 0.22 -30.04 -0.94
C THR F 234 -0.26 -30.72 0.33
N GLN F 235 -0.73 -29.90 1.28
CA GLN F 235 -1.00 -30.39 2.62
C GLN F 235 -2.24 -29.68 3.15
N ALA F 236 -2.99 -30.39 3.98
CA ALA F 236 -4.16 -29.80 4.60
C ALA F 236 -3.75 -28.65 5.50
N PRO F 237 -4.44 -27.51 5.46
CA PRO F 237 -4.11 -26.44 6.41
C PRO F 237 -4.27 -26.92 7.85
N SER F 238 -3.50 -26.33 8.75
CA SER F 238 -3.39 -26.84 10.11
C SER F 238 -4.76 -26.89 10.78
N GLY F 239 -5.08 -28.07 11.32
CA GLY F 239 -6.35 -28.23 12.01
C GLY F 239 -6.46 -27.37 13.23
N PHE F 240 -5.34 -27.01 13.84
CA PHE F 240 -5.39 -26.15 15.02
C PHE F 240 -5.79 -24.73 14.65
N GLU F 241 -5.20 -24.18 13.59
CA GLU F 241 -5.60 -22.86 13.12
C GLU F 241 -7.07 -22.88 12.68
N GLN F 242 -7.47 -23.94 12.00
CA GLN F 242 -8.84 -24.02 11.50
C GLN F 242 -9.82 -24.08 12.67
N TRP F 243 -9.47 -24.85 13.70
CA TRP F 243 -10.27 -24.91 14.91
C TRP F 243 -10.34 -23.54 15.58
N LYS F 244 -9.22 -22.84 15.66
CA LYS F 244 -9.23 -21.48 16.21
C LYS F 244 -10.17 -20.59 15.42
N LYS F 245 -10.25 -20.79 14.11
CA LYS F 245 -11.19 -20.00 13.32
C LYS F 245 -12.63 -20.36 13.64
N ASP F 246 -12.95 -21.65 13.76
CA ASP F 246 -14.35 -22.06 14.00
C ASP F 246 -14.65 -22.46 15.43
N LYS F 247 -13.75 -22.22 16.39
CA LYS F 247 -14.04 -22.63 17.76
C LYS F 247 -15.27 -21.90 18.27
N ALA F 248 -16.18 -22.65 18.86
CA ALA F 248 -17.33 -22.02 19.51
C ALA F 248 -16.85 -21.31 20.78
N PRO F 249 -17.59 -20.32 21.25
CA PRO F 249 -17.16 -19.60 22.45
C PRO F 249 -17.02 -20.53 23.66
N SER F 250 -16.04 -20.22 24.51
CA SER F 250 -15.63 -21.14 25.56
C SER F 250 -16.75 -21.31 26.59
N LEU F 251 -16.52 -22.24 27.52
CA LEU F 251 -17.52 -22.53 28.53
C LEU F 251 -17.79 -21.33 29.43
N LYS F 252 -16.85 -20.39 29.52
CA LYS F 252 -17.09 -19.21 30.34
C LYS F 252 -18.21 -18.35 29.78
N PHE F 253 -18.63 -18.58 28.54
CA PHE F 253 -19.76 -17.89 27.95
C PHE F 253 -20.97 -18.77 27.71
N THR F 254 -20.80 -20.09 27.61
CA THR F 254 -21.89 -20.99 27.28
C THR F 254 -22.28 -21.92 28.43
N ALA F 255 -21.62 -21.84 29.57
CA ALA F 255 -21.94 -22.74 30.67
C ALA F 255 -23.34 -22.43 31.21
N PRO F 256 -24.13 -23.43 31.57
CA PRO F 256 -25.40 -23.15 32.24
C PRO F 256 -25.19 -22.68 33.67
N PHE F 257 -26.30 -22.22 34.26
CA PHE F 257 -26.36 -21.84 35.67
C PHE F 257 -25.40 -20.70 36.03
N GLY F 258 -25.01 -19.90 35.05
CA GLY F 258 -24.15 -18.77 35.33
C GLY F 258 -22.79 -19.13 35.86
N CYS F 259 -22.26 -20.29 35.48
CA CYS F 259 -20.96 -20.71 35.99
C CYS F 259 -19.84 -19.91 35.37
N GLU F 260 -18.91 -19.45 36.20
CA GLU F 260 -17.66 -18.88 35.72
C GLU F 260 -16.66 -20.01 35.57
N ILE F 261 -15.69 -19.83 34.66
CA ILE F 261 -14.73 -20.88 34.32
C ILE F 261 -13.33 -20.31 34.43
N TYR F 262 -12.41 -21.11 34.99
CA TYR F 262 -11.04 -20.68 35.18
C TYR F 262 -10.11 -21.86 34.94
N THR F 263 -8.82 -21.55 34.74
CA THR F 263 -7.91 -22.49 34.09
C THR F 263 -6.95 -23.19 35.04
N ASN F 264 -6.43 -22.51 36.06
CA ASN F 264 -5.40 -23.07 36.95
C ASN F 264 -5.87 -23.04 38.40
N PRO F 265 -6.41 -24.15 38.93
CA PRO F 265 -6.73 -25.42 38.28
C PRO F 265 -7.91 -25.27 37.35
N ILE F 266 -8.10 -26.20 36.43
CA ILE F 266 -9.31 -26.17 35.60
C ILE F 266 -10.51 -26.31 36.54
N ARG F 267 -11.39 -25.33 36.52
CA ARG F 267 -12.45 -25.30 37.53
C ARG F 267 -13.61 -24.43 37.07
N ALA F 268 -14.75 -24.66 37.70
CA ALA F 268 -15.94 -23.83 37.57
C ALA F 268 -16.29 -23.25 38.92
N GLU F 269 -16.77 -22.00 38.92
CA GLU F 269 -17.01 -21.26 40.14
C GLU F 269 -18.38 -20.59 40.09
N ASN F 270 -18.98 -20.47 41.28
CA ASN F 270 -20.22 -19.74 41.48
C ASN F 270 -21.37 -20.29 40.63
N CYS F 271 -21.50 -21.61 40.59
CA CYS F 271 -22.63 -22.23 39.91
C CYS F 271 -23.86 -22.20 40.80
N ALA F 272 -24.94 -21.61 40.30
CA ALA F 272 -26.19 -21.49 41.05
C ALA F 272 -27.10 -22.70 40.77
N VAL F 273 -26.60 -23.87 41.16
CA VAL F 273 -27.27 -25.13 40.91
C VAL F 273 -27.31 -25.92 42.21
N GLY F 274 -28.47 -26.44 42.57
CA GLY F 274 -28.58 -27.33 43.70
C GLY F 274 -28.50 -26.62 45.04
N SER F 275 -28.27 -27.42 46.07
CA SER F 275 -28.20 -26.94 47.44
C SER F 275 -27.15 -27.73 48.19
N ILE F 276 -26.65 -27.15 49.27
CA ILE F 276 -25.58 -27.75 50.07
C ILE F 276 -26.14 -28.05 51.46
N PRO F 277 -26.28 -29.31 51.86
CA PRO F 277 -26.60 -29.58 53.26
C PRO F 277 -25.45 -29.15 54.16
N LEU F 278 -25.79 -28.80 55.39
CA LEU F 278 -24.81 -28.37 56.38
C LEU F 278 -25.21 -28.93 57.73
N ALA F 279 -24.33 -29.74 58.31
CA ALA F 279 -24.51 -30.30 59.64
C ALA F 279 -23.54 -29.63 60.60
N PHE F 280 -24.08 -29.03 61.65
CA PHE F 280 -23.33 -28.34 62.68
C PHE F 280 -23.42 -29.15 63.97
N ASP F 281 -22.27 -29.57 64.49
CA ASP F 281 -22.19 -30.17 65.82
C ASP F 281 -21.54 -29.13 66.72
N ILE F 282 -22.37 -28.33 67.38
CA ILE F 282 -21.85 -27.22 68.20
C ILE F 282 -21.23 -27.79 69.46
N PRO F 283 -20.23 -27.15 70.07
CA PRO F 283 -19.82 -27.55 71.42
C PRO F 283 -21.00 -27.47 72.38
N ASP F 284 -21.05 -28.41 73.32
CA ASP F 284 -22.20 -28.50 74.20
C ASP F 284 -22.32 -27.28 75.10
N ALA F 285 -21.20 -26.77 75.62
CA ALA F 285 -21.22 -25.69 76.59
C ALA F 285 -21.20 -24.30 75.95
N LEU F 286 -21.07 -24.21 74.62
CA LEU F 286 -21.02 -22.89 73.99
C LEU F 286 -22.36 -22.17 74.07
N PHE F 287 -23.44 -22.89 74.35
CA PHE F 287 -24.76 -22.27 74.43
C PHE F 287 -24.85 -21.41 75.68
N THR F 288 -25.61 -20.32 75.57
CA THR F 288 -25.95 -19.51 76.73
C THR F 288 -27.34 -19.86 77.24
N ARG F 289 -27.46 -20.08 78.55
CA ARG F 289 -28.74 -20.46 79.12
C ARG F 289 -29.73 -19.31 79.04
N VAL F 290 -31.02 -19.66 79.05
CA VAL F 290 -32.07 -18.66 78.83
C VAL F 290 -32.07 -17.60 79.91
N SER F 291 -31.81 -17.98 81.16
CA SER F 291 -31.92 -17.03 82.27
C SER F 291 -30.93 -15.90 82.16
N GLU F 292 -29.87 -16.05 81.35
CA GLU F 292 -28.88 -15.00 81.15
C GLU F 292 -29.25 -14.05 80.03
N THR F 293 -30.28 -14.36 79.24
CA THR F 293 -30.61 -13.65 78.02
C THR F 293 -31.97 -12.98 78.15
N PRO F 294 -32.27 -12.00 77.28
CA PRO F 294 -33.61 -11.39 77.31
C PRO F 294 -34.75 -12.37 77.13
N THR F 295 -35.78 -12.23 77.95
CA THR F 295 -37.01 -13.00 77.82
C THR F 295 -38.15 -12.05 77.46
N LEU F 296 -38.90 -12.39 76.43
CA LEU F 296 -39.93 -11.51 75.91
C LEU F 296 -41.23 -11.67 76.67
N SER F 297 -42.19 -10.81 76.38
CA SER F 297 -43.53 -10.91 76.92
C SER F 297 -44.45 -9.98 76.15
N ALA F 298 -45.57 -10.53 75.68
CA ALA F 298 -46.60 -9.75 74.98
C ALA F 298 -46.04 -9.05 73.74
N ALA F 299 -45.20 -9.75 72.99
CA ALA F 299 -44.66 -9.18 71.75
C ALA F 299 -45.75 -9.09 70.70
N GLU F 300 -45.62 -8.10 69.81
CA GLU F 300 -46.62 -7.86 68.77
C GLU F 300 -45.93 -7.29 67.54
N CYS F 301 -46.29 -7.82 66.37
CA CYS F 301 -45.70 -7.44 65.10
C CYS F 301 -46.73 -6.74 64.23
N THR F 302 -46.28 -5.72 63.50
CA THR F 302 -47.11 -5.04 62.52
C THR F 302 -46.22 -4.50 61.42
N LEU F 303 -46.60 -4.74 60.17
CA LEU F 303 -45.75 -4.37 59.06
C LEU F 303 -45.79 -2.87 58.81
N ASN F 304 -44.61 -2.27 58.70
CA ASN F 304 -44.50 -0.87 58.33
C ASN F 304 -44.54 -0.67 56.83
N GLU F 305 -43.75 -1.44 56.08
CA GLU F 305 -43.78 -1.35 54.63
C GLU F 305 -43.38 -2.71 54.06
N CYS F 306 -43.99 -3.05 52.93
CA CYS F 306 -43.68 -4.28 52.21
C CYS F 306 -43.65 -3.97 50.72
N VAL F 307 -42.56 -4.34 50.06
CA VAL F 307 -42.33 -3.96 48.67
C VAL F 307 -42.47 -5.13 47.72
N TYR F 308 -42.45 -6.37 48.21
CA TYR F 308 -42.60 -7.56 47.35
C TYR F 308 -41.47 -7.59 46.31
N SER F 309 -40.31 -7.11 46.73
CA SER F 309 -39.15 -7.00 45.85
C SER F 309 -38.04 -7.88 46.40
N SER F 310 -37.14 -8.31 45.51
CA SER F 310 -36.01 -9.14 45.90
C SER F 310 -34.82 -8.28 46.32
N ASP F 311 -35.10 -7.32 47.22
CA ASP F 311 -34.05 -6.43 47.70
C ASP F 311 -34.18 -6.14 49.19
N PHE F 312 -34.72 -7.07 49.97
CA PHE F 312 -35.05 -6.82 51.37
C PHE F 312 -35.99 -5.61 51.46
N GLY F 313 -36.86 -5.48 50.47
CA GLY F 313 -37.78 -4.37 50.41
C GLY F 313 -38.92 -4.55 51.38
N GLY F 314 -38.62 -4.46 52.66
CA GLY F 314 -39.63 -4.59 53.68
C GLY F 314 -39.10 -4.19 55.04
N ILE F 315 -39.90 -3.43 55.78
CA ILE F 315 -39.58 -3.04 57.14
C ILE F 315 -40.77 -3.39 58.01
N ALA F 316 -40.51 -4.09 59.12
CA ALA F 316 -41.55 -4.42 60.08
C ALA F 316 -41.08 -4.01 61.47
N THR F 317 -42.04 -3.74 62.34
CA THR F 317 -41.77 -3.25 63.69
C THR F 317 -42.37 -4.21 64.71
N VAL F 318 -41.58 -4.57 65.71
CA VAL F 318 -42.00 -5.47 66.77
C VAL F 318 -41.92 -4.72 68.09
N LYS F 319 -43.05 -4.70 68.81
CA LYS F 319 -43.11 -4.19 70.17
C LYS F 319 -42.86 -5.32 71.15
N TYR F 320 -42.53 -4.97 72.38
CA TYR F 320 -42.17 -5.99 73.36
C TYR F 320 -42.00 -5.38 74.73
N SER F 321 -41.89 -6.26 75.73
CA SER F 321 -41.47 -5.91 77.07
C SER F 321 -40.52 -6.99 77.54
N ALA F 322 -39.24 -6.63 77.72
CA ALA F 322 -38.17 -7.59 77.94
C ALA F 322 -37.79 -7.64 79.41
N SER F 323 -37.41 -8.85 79.85
CA SER F 323 -36.97 -9.01 81.23
C SER F 323 -35.62 -8.34 81.47
N LYS F 324 -34.80 -8.21 80.44
CA LYS F 324 -33.49 -7.58 80.57
C LYS F 324 -33.03 -7.19 79.17
N SER F 325 -32.18 -6.16 79.11
CA SER F 325 -31.62 -5.75 77.84
C SER F 325 -30.66 -6.82 77.32
N GLY F 326 -30.53 -6.87 76.00
CA GLY F 326 -29.61 -7.85 75.41
C GLY F 326 -29.66 -7.89 73.90
N LYS F 327 -29.24 -9.01 73.34
CA LYS F 327 -29.29 -9.21 71.88
C LYS F 327 -30.05 -10.52 71.73
N CYS F 328 -30.95 -10.58 70.80
CA CYS F 328 -31.82 -11.79 70.61
C CYS F 328 -31.97 -12.05 69.16
N ALA F 329 -31.68 -13.27 68.73
CA ALA F 329 -31.72 -13.61 67.30
C ALA F 329 -33.18 -13.63 66.86
N VAL F 330 -33.45 -13.18 65.64
CA VAL F 330 -34.83 -13.27 65.09
C VAL F 330 -34.71 -14.10 63.83
N HIS F 331 -35.54 -15.14 63.69
CA HIS F 331 -35.51 -15.94 62.43
C HIS F 331 -36.98 -16.21 62.10
N VAL F 332 -37.29 -16.41 60.82
CA VAL F 332 -38.69 -16.73 60.40
C VAL F 332 -38.70 -18.23 60.13
N PRO F 333 -39.54 -19.03 60.82
CA PRO F 333 -39.50 -20.48 60.64
C PRO F 333 -39.82 -20.86 59.20
N SER F 334 -40.82 -20.20 58.61
CA SER F 334 -41.22 -20.51 57.22
C SER F 334 -40.21 -19.89 56.25
N GLY F 335 -40.16 -20.41 55.03
CA GLY F 335 -39.27 -19.84 54.00
C GLY F 335 -39.99 -18.71 53.27
N THR F 336 -41.20 -18.38 53.71
CA THR F 336 -42.00 -17.30 53.08
C THR F 336 -41.21 -16.00 53.18
N ALA F 337 -40.54 -15.78 54.29
CA ALA F 337 -39.79 -14.52 54.49
C ALA F 337 -38.34 -14.82 54.88
N THR F 338 -37.41 -13.96 54.47
CA THR F 338 -35.99 -14.11 54.86
C THR F 338 -35.59 -12.84 55.60
N LEU F 339 -34.90 -12.94 56.73
CA LEU F 339 -34.62 -11.72 57.53
C LEU F 339 -33.16 -11.29 57.39
N LYS F 340 -32.91 -10.02 57.04
CA LYS F 340 -31.53 -9.51 56.85
C LYS F 340 -30.75 -9.56 58.15
N GLU F 341 -31.38 -9.17 59.26
CA GLU F 341 -30.64 -9.11 60.54
C GLU F 341 -30.75 -10.46 61.24
N ALA F 342 -29.62 -11.10 61.50
CA ALA F 342 -29.64 -12.39 62.22
C ALA F 342 -30.20 -12.15 63.62
N ALA F 343 -29.80 -11.05 64.25
CA ALA F 343 -30.29 -10.70 65.60
C ALA F 343 -30.52 -9.20 65.68
N VAL F 344 -31.44 -8.77 66.54
CA VAL F 344 -31.69 -7.31 66.73
C VAL F 344 -31.50 -6.97 68.20
N GLU F 345 -30.75 -5.90 68.48
CA GLU F 345 -30.50 -5.48 69.88
C GLU F 345 -31.85 -5.12 70.49
N LEU F 346 -32.10 -5.52 71.74
CA LEU F 346 -33.45 -5.29 72.33
C LEU F 346 -33.37 -4.38 73.55
N THR F 347 -34.11 -3.25 73.55
CA THR F 347 -34.17 -2.36 74.73
C THR F 347 -35.19 -2.94 75.70
N GLU F 348 -35.23 -2.46 76.95
CA GLU F 348 -36.13 -3.09 77.95
C GLU F 348 -37.60 -2.95 77.54
N GLN F 349 -38.05 -1.78 77.10
CA GLN F 349 -39.50 -1.59 76.78
C GLN F 349 -39.65 -0.97 75.38
N GLY F 350 -38.62 -1.06 74.54
CA GLY F 350 -38.65 -0.36 73.23
C GLY F 350 -39.29 -1.17 72.12
N SER F 351 -39.02 -0.81 70.88
CA SER F 351 -39.57 -1.53 69.69
C SER F 351 -38.40 -1.75 68.73
N ALA F 352 -38.47 -2.76 67.86
CA ALA F 352 -37.30 -3.06 67.00
C ALA F 352 -37.69 -3.20 65.53
N THR F 353 -36.79 -2.81 64.62
CA THR F 353 -37.11 -2.83 63.17
C THR F 353 -36.47 -4.04 62.49
N ILE F 354 -37.28 -4.84 61.79
CA ILE F 354 -36.75 -6.05 61.10
C ILE F 354 -36.84 -5.87 59.58
N HIS F 355 -35.76 -6.17 58.88
CA HIS F 355 -35.74 -5.99 57.41
C HIS F 355 -35.95 -7.36 56.76
N PHE F 356 -36.91 -7.48 55.83
CA PHE F 356 -37.26 -8.81 55.28
C PHE F 356 -37.47 -8.78 53.76
N SER F 357 -37.39 -9.93 53.10
CA SER F 357 -37.69 -10.04 51.65
C SER F 357 -38.82 -11.04 51.49
N THR F 358 -39.77 -10.82 50.59
CA THR F 358 -40.94 -11.73 50.52
C THR F 358 -41.42 -11.97 49.09
N ALA F 359 -42.08 -13.11 48.86
CA ALA F 359 -42.63 -13.45 47.53
C ALA F 359 -44.14 -13.44 47.61
N ASN F 360 -44.69 -12.96 48.72
CA ASN F 360 -46.16 -13.07 48.88
C ASN F 360 -46.81 -11.69 48.74
N ILE F 361 -47.82 -11.59 47.87
CA ILE F 361 -48.57 -10.30 47.72
C ILE F 361 -49.19 -10.03 49.08
N HIS F 362 -49.65 -11.08 49.78
CA HIS F 362 -50.12 -10.86 51.16
C HIS F 362 -49.23 -11.67 52.09
N PRO F 363 -48.18 -11.08 52.70
CA PRO F 363 -47.35 -11.81 53.64
C PRO F 363 -48.03 -12.15 54.97
N GLU F 364 -48.00 -13.42 55.36
CA GLU F 364 -48.54 -13.85 56.68
C GLU F 364 -47.47 -14.77 57.28
N PHE F 365 -46.36 -14.21 57.76
CA PHE F 365 -45.24 -15.05 58.24
C PHE F 365 -45.04 -14.97 59.74
N ARG F 366 -44.94 -16.13 60.41
CA ARG F 366 -44.62 -16.09 61.85
C ARG F 366 -43.16 -15.70 61.98
N LEU F 367 -42.82 -14.83 62.93
CA LEU F 367 -41.41 -14.45 63.14
C LEU F 367 -41.01 -14.90 64.54
N GLN F 368 -39.88 -15.58 64.67
CA GLN F 368 -39.41 -16.07 66.00
C GLN F 368 -38.48 -15.03 66.59
N ILE F 369 -38.88 -14.43 67.70
CA ILE F 369 -37.95 -13.52 68.42
C ILE F 369 -37.59 -14.43 69.60
N CYS F 370 -36.90 -13.95 70.62
CA CYS F 370 -36.55 -14.91 71.67
C CYS F 370 -37.79 -15.39 72.39
N THR F 371 -37.80 -16.66 72.79
CA THR F 371 -38.92 -17.17 73.62
C THR F 371 -40.22 -17.34 72.84
N SER F 372 -40.55 -16.44 71.90
CA SER F 372 -41.85 -16.69 71.33
C SER F 372 -41.87 -16.42 69.82
N TYR F 373 -43.05 -16.59 69.25
CA TYR F 373 -43.36 -16.28 67.87
C TYR F 373 -44.38 -15.14 67.80
N VAL F 374 -44.19 -14.24 66.85
CA VAL F 374 -45.13 -13.16 66.59
C VAL F 374 -45.61 -13.29 65.15
N THR F 375 -46.90 -13.09 64.94
CA THR F 375 -47.52 -13.28 63.63
C THR F 375 -47.53 -11.96 62.88
N CYS F 376 -46.71 -11.85 61.84
CA CYS F 376 -46.65 -10.67 60.99
C CYS F 376 -47.57 -10.91 59.79
N LYS F 377 -48.66 -10.14 59.72
CA LYS F 377 -49.66 -10.27 58.67
C LYS F 377 -50.00 -8.90 58.11
N GLY F 378 -50.08 -8.81 56.79
CA GLY F 378 -50.49 -7.57 56.15
C GLY F 378 -50.43 -7.72 54.65
N ASP F 379 -50.95 -6.70 53.97
CA ASP F 379 -50.87 -6.64 52.52
C ASP F 379 -49.50 -6.14 52.08
N CYS F 380 -49.25 -6.18 50.78
CA CYS F 380 -47.93 -5.84 50.27
C CYS F 380 -48.05 -5.33 48.85
N HIS F 381 -47.34 -4.22 48.55
CA HIS F 381 -47.36 -3.53 47.26
C HIS F 381 -46.30 -4.11 46.34
N PRO F 382 -46.44 -3.93 45.02
CA PRO F 382 -45.48 -4.54 44.10
C PRO F 382 -44.24 -3.68 43.94
N PRO F 383 -43.15 -4.23 43.41
CA PRO F 383 -41.98 -3.39 43.10
C PRO F 383 -42.30 -2.42 41.99
N LYS F 384 -41.52 -1.33 41.93
CA LYS F 384 -41.64 -0.35 40.86
C LYS F 384 -40.61 -0.53 39.77
N ASP F 385 -39.49 -1.19 40.07
CA ASP F 385 -38.39 -1.36 39.12
C ASP F 385 -38.47 -2.77 38.53
N HIS F 386 -38.40 -2.86 37.20
CA HIS F 386 -38.56 -4.14 36.54
C HIS F 386 -37.32 -5.01 36.66
N ILE F 387 -36.14 -4.40 36.55
CA ILE F 387 -34.89 -5.13 36.44
C ILE F 387 -33.94 -4.68 37.55
N VAL F 388 -33.32 -5.65 38.22
CA VAL F 388 -32.36 -5.38 39.29
C VAL F 388 -31.08 -6.14 38.98
N THR F 389 -29.98 -5.64 39.52
CA THR F 389 -28.66 -6.20 39.23
C THR F 389 -28.23 -7.25 40.25
N HIS F 390 -29.02 -7.50 41.28
CA HIS F 390 -28.68 -8.51 42.28
C HIS F 390 -29.61 -9.71 42.15
N PRO F 391 -29.19 -10.88 42.63
CA PRO F 391 -29.96 -12.09 42.39
C PRO F 391 -31.11 -12.25 43.38
N GLN F 392 -31.87 -13.32 43.17
CA GLN F 392 -33.03 -13.64 43.99
C GLN F 392 -32.62 -13.79 45.45
N TYR F 393 -33.40 -13.17 46.34
CA TYR F 393 -33.20 -13.28 47.79
C TYR F 393 -34.23 -14.16 48.46
N HIS F 394 -35.51 -13.84 48.29
CA HIS F 394 -36.59 -14.61 48.89
C HIS F 394 -36.91 -15.84 48.06
N ALA F 395 -37.47 -16.84 48.73
CA ALA F 395 -37.79 -18.12 48.09
C ALA F 395 -39.23 -18.08 47.59
N GLN F 396 -39.43 -18.40 46.32
CA GLN F 396 -40.76 -18.32 45.72
C GLN F 396 -41.70 -19.33 46.36
N THR F 397 -42.97 -19.21 46.04
CA THR F 397 -43.99 -20.15 46.50
C THR F 397 -45.15 -20.14 45.53
N PHE F 398 -46.02 -21.13 45.67
CA PHE F 398 -47.11 -21.31 44.72
C PHE F 398 -48.10 -20.15 44.75
N THR F 399 -48.24 -19.48 45.88
CA THR F 399 -49.35 -18.56 46.13
C THR F 399 -48.91 -17.10 46.03
N ALA F 400 -49.53 -16.37 45.10
CA ALA F 400 -49.45 -14.92 45.06
C ALA F 400 -50.70 -14.37 44.38
N ALA F 401 -51.71 -13.98 45.15
CA ALA F 401 -53.01 -13.67 44.58
C ALA F 401 -53.84 -12.84 45.55
N VAL F 402 -55.08 -12.55 45.14
CA VAL F 402 -56.03 -11.80 45.94
C VAL F 402 -56.26 -12.45 47.29
N SER G 1 27.91 -10.03 26.37
CA SER G 1 26.49 -10.22 26.78
C SER G 1 25.72 -11.05 25.75
N THR G 2 25.48 -10.44 24.58
CA THR G 2 24.75 -11.12 23.53
C THR G 2 25.62 -12.03 22.68
N GLU G 3 26.95 -11.93 22.82
CA GLU G 3 27.84 -12.73 21.98
C GLU G 3 27.63 -14.22 22.18
N GLU G 4 27.18 -14.63 23.37
CA GLU G 4 26.92 -16.04 23.60
C GLU G 4 25.74 -16.56 22.81
N LEU G 5 24.84 -15.68 22.36
CA LEU G 5 23.70 -16.11 21.56
C LEU G 5 24.05 -16.31 20.09
N PHE G 6 25.23 -15.88 19.66
CA PHE G 6 25.65 -16.00 18.28
C PHE G 6 26.70 -17.07 18.04
N ASN G 7 27.19 -17.74 19.08
CA ASN G 7 28.29 -18.68 18.89
C ASN G 7 27.91 -19.81 17.96
N GLU G 8 26.64 -20.19 17.93
CA GLU G 8 26.18 -21.20 16.98
C GLU G 8 26.01 -20.60 15.59
N TYR G 9 25.45 -19.38 15.50
CA TYR G 9 25.22 -18.78 14.20
C TYR G 9 26.51 -18.32 13.55
N LYS G 10 27.56 -18.07 14.34
CA LYS G 10 28.85 -17.70 13.76
C LYS G 10 29.40 -18.77 12.85
N LEU G 11 28.99 -20.03 13.04
CA LEU G 11 29.45 -21.13 12.21
C LEU G 11 28.68 -21.28 10.91
N THR G 12 27.68 -20.44 10.67
CA THR G 12 26.83 -20.52 9.49
C THR G 12 27.18 -19.43 8.50
N ARG G 13 26.55 -19.49 7.33
CA ARG G 13 26.68 -18.50 6.29
C ARG G 13 25.34 -18.26 5.62
N PRO G 14 25.13 -17.09 5.02
CA PRO G 14 23.93 -16.89 4.21
C PRO G 14 24.04 -17.63 2.90
N TYR G 15 22.90 -17.75 2.20
CA TYR G 15 22.86 -18.47 0.95
C TYR G 15 21.83 -17.85 0.02
N MET G 16 22.05 -18.04 -1.28
CA MET G 16 21.06 -17.68 -2.27
C MET G 16 20.02 -18.78 -2.38
N ALA G 17 18.81 -18.41 -2.78
CA ALA G 17 17.73 -19.37 -2.87
C ALA G 17 16.68 -18.87 -3.85
N ARG G 18 15.88 -19.81 -4.36
CA ARG G 18 14.90 -19.46 -5.38
C ARG G 18 13.79 -18.62 -4.79
N CYS G 19 13.35 -17.61 -5.55
CA CYS G 19 12.21 -16.79 -5.20
C CYS G 19 11.33 -16.64 -6.43
N ILE G 20 10.02 -16.81 -6.22
CA ILE G 20 9.08 -16.88 -7.34
C ILE G 20 8.94 -15.53 -8.03
N ARG G 21 8.95 -14.44 -7.25
CA ARG G 21 8.76 -13.10 -7.80
C ARG G 21 9.87 -12.18 -7.30
N CYS G 22 10.90 -12.02 -8.12
CA CYS G 22 11.94 -11.03 -7.92
C CYS G 22 11.55 -9.76 -8.68
N ALA G 23 12.49 -8.83 -8.84
CA ALA G 23 12.20 -7.59 -9.55
C ALA G 23 11.71 -7.86 -10.96
N VAL G 24 12.27 -8.87 -11.63
CA VAL G 24 11.79 -9.34 -12.93
C VAL G 24 11.81 -10.85 -12.91
N GLY G 25 10.62 -11.46 -12.97
CA GLY G 25 10.50 -12.90 -13.01
C GLY G 25 11.06 -13.59 -11.77
N SER G 26 10.94 -14.92 -11.77
CA SER G 26 11.47 -15.74 -10.70
C SER G 26 12.98 -15.82 -10.85
N CYS G 27 13.68 -15.70 -9.72
CA CYS G 27 15.14 -15.57 -9.76
C CYS G 27 15.74 -16.32 -8.59
N HIS G 28 17.06 -16.22 -8.47
CA HIS G 28 17.82 -16.79 -7.36
C HIS G 28 18.25 -15.62 -6.48
N SER G 29 17.42 -15.30 -5.51
CA SER G 29 17.59 -14.08 -4.75
C SER G 29 18.51 -14.32 -3.55
N PRO G 30 19.14 -13.25 -3.04
CA PRO G 30 19.90 -13.38 -1.78
C PRO G 30 19.01 -13.35 -0.55
N ILE G 31 17.79 -12.84 -0.66
CA ILE G 31 16.84 -12.82 0.44
C ILE G 31 15.62 -13.63 0.01
N ALA G 32 15.59 -14.90 0.43
CA ALA G 32 14.48 -15.79 0.14
C ALA G 32 13.71 -16.08 1.43
N ILE G 33 12.42 -15.80 1.40
CA ILE G 33 11.57 -15.87 2.57
C ILE G 33 11.11 -17.32 2.73
N GLU G 34 11.84 -18.09 3.52
CA GLU G 34 11.53 -19.50 3.70
C GLU G 34 10.24 -19.70 4.48
N ALA G 35 9.99 -18.87 5.49
CA ALA G 35 8.80 -19.03 6.32
C ALA G 35 8.30 -17.66 6.77
N VAL G 36 6.99 -17.58 6.97
CA VAL G 36 6.32 -16.36 7.42
C VAL G 36 5.34 -16.79 8.50
N LYS G 37 5.75 -16.68 9.75
CA LYS G 37 4.93 -17.08 10.89
C LYS G 37 4.25 -15.85 11.47
N SER G 38 2.92 -15.88 11.51
CA SER G 38 2.13 -14.76 12.00
C SER G 38 0.98 -15.27 12.85
N ASP G 39 1.26 -16.23 13.72
CA ASP G 39 0.25 -16.82 14.60
C ASP G 39 0.04 -16.01 15.88
N GLY G 40 0.80 -14.93 16.08
CA GLY G 40 0.65 -14.11 17.25
C GLY G 40 -0.35 -12.98 17.06
N HIS G 41 -0.43 -12.13 18.07
CA HIS G 41 -1.35 -11.00 18.07
C HIS G 41 -0.62 -9.72 17.67
N ASP G 42 -1.42 -8.67 17.46
CA ASP G 42 -0.93 -7.32 17.19
C ASP G 42 -0.10 -7.23 15.91
N GLY G 43 -0.25 -8.18 15.00
CA GLY G 43 0.38 -8.07 13.70
C GLY G 43 1.87 -8.39 13.67
N TYR G 44 2.46 -8.80 14.79
CA TYR G 44 3.87 -9.14 14.82
C TYR G 44 4.10 -10.43 14.04
N VAL G 45 5.16 -10.46 13.23
CA VAL G 45 5.49 -11.61 12.41
C VAL G 45 6.97 -11.94 12.57
N ARG G 46 7.28 -13.23 12.42
CA ARG G 46 8.64 -13.73 12.42
C ARG G 46 8.93 -14.36 11.07
N LEU G 47 9.73 -13.67 10.26
CA LEU G 47 10.17 -14.19 8.98
C LEU G 47 11.44 -14.98 9.17
N GLN G 48 11.63 -16.01 8.35
CA GLN G 48 12.89 -16.71 8.24
C GLN G 48 13.41 -16.48 6.84
N THR G 49 14.64 -16.01 6.72
CA THR G 49 15.19 -15.57 5.45
C THR G 49 16.52 -16.25 5.21
N SER G 50 16.84 -16.48 3.94
CA SER G 50 18.11 -17.07 3.58
C SER G 50 19.28 -16.23 4.04
N SER G 51 19.12 -14.91 4.08
CA SER G 51 20.13 -14.02 4.61
C SER G 51 20.11 -14.04 6.13
N GLN G 52 21.22 -13.60 6.72
CA GLN G 52 21.40 -13.62 8.16
C GLN G 52 21.47 -12.20 8.71
N TYR G 53 21.24 -12.09 10.01
CA TYR G 53 21.17 -10.80 10.69
C TYR G 53 22.03 -10.84 11.93
N GLY G 54 22.40 -9.66 12.41
CA GLY G 54 23.07 -9.52 13.68
C GLY G 54 24.56 -9.70 13.66
N LEU G 55 25.13 -10.15 12.55
CA LEU G 55 26.57 -10.36 12.45
C LEU G 55 27.06 -10.01 11.06
N ASP G 56 28.24 -9.39 11.00
CA ASP G 56 28.75 -8.81 9.77
C ASP G 56 29.30 -9.90 8.86
N SER G 57 29.94 -9.47 7.76
CA SER G 57 30.42 -10.39 6.73
C SER G 57 31.52 -11.30 7.22
N SER G 58 32.28 -10.91 8.23
CA SER G 58 33.38 -11.71 8.74
C SER G 58 33.00 -12.58 9.92
N GLY G 59 31.73 -12.58 10.34
CA GLY G 59 31.29 -13.37 11.47
C GLY G 59 31.28 -12.64 12.80
N ASN G 60 31.55 -11.34 12.81
CA ASN G 60 31.61 -10.57 14.05
C ASN G 60 30.26 -9.94 14.37
N LEU G 61 30.04 -9.71 15.66
CA LEU G 61 28.81 -9.04 16.11
C LEU G 61 28.79 -7.60 15.61
N LYS G 62 27.76 -7.27 14.81
CA LYS G 62 27.63 -5.90 14.33
C LYS G 62 26.19 -5.41 14.31
N GLY G 63 25.40 -5.80 15.31
CA GLY G 63 24.11 -5.19 15.54
C GLY G 63 23.14 -5.18 14.38
N ARG G 64 22.72 -3.97 13.98
CA ARG G 64 21.63 -3.78 13.01
C ARG G 64 22.15 -3.88 11.58
N THR G 65 22.51 -5.10 11.17
CA THR G 65 23.04 -5.33 9.83
C THR G 65 22.57 -6.68 9.30
N MET G 66 22.58 -6.80 7.97
CA MET G 66 22.33 -8.05 7.27
C MET G 66 23.59 -8.47 6.54
N ARG G 67 23.85 -9.78 6.54
CA ARG G 67 24.83 -10.38 5.65
C ARG G 67 24.12 -11.38 4.75
N TYR G 68 24.38 -11.26 3.45
CA TYR G 68 23.68 -12.07 2.46
C TYR G 68 24.68 -12.57 1.43
N ASP G 69 24.36 -13.68 0.81
CA ASP G 69 25.25 -14.33 -0.15
C ASP G 69 24.97 -13.78 -1.55
N MET G 70 25.98 -13.17 -2.15
CA MET G 70 25.91 -12.66 -3.52
C MET G 70 26.96 -13.44 -4.31
N HIS G 71 26.48 -14.48 -5.01
CA HIS G 71 27.30 -15.27 -5.92
C HIS G 71 28.59 -15.74 -5.27
N GLY G 72 28.48 -16.22 -4.03
CA GLY G 72 29.61 -16.79 -3.33
C GLY G 72 30.31 -15.85 -2.37
N THR G 73 30.05 -14.55 -2.45
CA THR G 73 30.68 -13.57 -1.56
C THR G 73 29.66 -13.09 -0.55
N ILE G 74 30.02 -13.11 0.73
CA ILE G 74 29.12 -12.65 1.79
C ILE G 74 29.22 -11.13 1.84
N LYS G 75 28.21 -10.45 1.34
CA LYS G 75 28.14 -9.00 1.34
C LYS G 75 27.25 -8.54 2.47
N GLU G 76 27.37 -7.25 2.81
CA GLU G 76 26.81 -6.72 4.04
C GLU G 76 26.02 -5.45 3.72
N ILE G 77 24.97 -5.20 4.50
CA ILE G 77 24.16 -4.00 4.30
C ILE G 77 23.50 -3.59 5.61
N PRO G 78 23.44 -2.31 5.97
CA PRO G 78 22.70 -1.92 7.18
C PRO G 78 21.23 -2.32 7.09
N LEU G 79 20.67 -2.71 8.23
CA LEU G 79 19.30 -3.21 8.25
C LEU G 79 18.29 -2.12 7.95
N HIS G 80 18.65 -0.85 8.10
CA HIS G 80 17.70 0.23 7.82
C HIS G 80 17.50 0.47 6.34
N GLN G 81 18.40 -0.05 5.48
CA GLN G 81 18.16 -0.01 4.05
C GLN G 81 17.07 -0.98 3.65
N VAL G 82 16.89 -2.04 4.43
CA VAL G 82 15.91 -3.08 4.11
C VAL G 82 14.50 -2.53 4.27
N SER G 83 13.60 -2.93 3.38
CA SER G 83 12.20 -2.60 3.49
C SER G 83 11.38 -3.85 3.21
N LEU G 84 10.17 -3.89 3.76
CA LEU G 84 9.26 -5.00 3.47
C LEU G 84 7.83 -4.56 3.71
N TYR G 85 6.92 -5.18 2.98
CA TYR G 85 5.51 -4.80 3.00
C TYR G 85 4.65 -5.99 2.62
N THR G 86 3.46 -6.06 3.24
CA THR G 86 2.53 -7.15 2.99
C THR G 86 1.36 -6.57 2.22
N SER G 87 0.66 -5.57 2.76
CA SER G 87 -0.27 -4.74 2.03
C SER G 87 -0.02 -3.26 2.27
N ARG G 88 1.01 -2.93 3.03
CA ARG G 88 1.33 -1.60 3.50
C ARG G 88 2.65 -1.69 4.25
N PRO G 89 3.49 -0.65 4.20
CA PRO G 89 4.87 -0.82 4.69
C PRO G 89 4.94 -1.33 6.12
N CYS G 90 5.73 -2.39 6.31
CA CYS G 90 6.00 -2.97 7.61
C CYS G 90 7.13 -2.20 8.29
N HIS G 91 7.52 -2.68 9.46
CA HIS G 91 8.60 -2.08 10.25
C HIS G 91 9.46 -3.18 10.85
N ILE G 92 10.77 -3.06 10.67
CA ILE G 92 11.72 -4.05 11.16
C ILE G 92 11.96 -3.81 12.64
N VAL G 93 11.51 -4.74 13.47
CA VAL G 93 11.71 -4.60 14.91
C VAL G 93 13.12 -5.03 15.29
N ASP G 94 13.52 -6.24 14.89
CA ASP G 94 14.87 -6.71 15.21
C ASP G 94 15.14 -7.89 14.29
N GLY G 95 16.42 -8.21 14.15
CA GLY G 95 16.83 -9.38 13.38
C GLY G 95 17.93 -10.12 14.11
N HIS G 96 17.84 -11.44 14.08
CA HIS G 96 18.84 -12.28 14.72
C HIS G 96 18.95 -13.56 13.92
N GLY G 97 20.18 -13.93 13.56
CA GLY G 97 20.38 -15.18 12.86
C GLY G 97 19.67 -15.16 11.53
N TYR G 98 19.02 -16.28 11.20
CA TYR G 98 18.22 -16.37 9.98
C TYR G 98 16.87 -15.68 10.10
N PHE G 99 16.53 -15.16 11.28
CA PHE G 99 15.15 -14.79 11.59
C PHE G 99 15.03 -13.28 11.77
N LEU G 100 13.83 -12.77 11.49
CA LEU G 100 13.53 -11.35 11.48
C LEU G 100 12.19 -11.13 12.14
N LEU G 101 12.18 -10.44 13.27
CA LEU G 101 10.94 -10.04 13.93
C LEU G 101 10.56 -8.67 13.40
N ALA G 102 9.37 -8.58 12.82
CA ALA G 102 8.87 -7.34 12.25
C ALA G 102 7.41 -7.15 12.64
N ARG G 103 6.90 -5.97 12.33
CA ARG G 103 5.51 -5.62 12.57
C ARG G 103 4.85 -5.35 11.23
N CYS G 104 3.80 -6.11 10.91
CA CYS G 104 3.18 -6.06 9.61
C CYS G 104 1.66 -6.02 9.71
N PRO G 105 0.96 -5.38 8.78
CA PRO G 105 -0.49 -5.55 8.70
C PRO G 105 -0.83 -6.79 7.89
N ALA G 106 -2.13 -7.03 7.78
CA ALA G 106 -2.61 -8.20 7.06
C ALA G 106 -2.30 -8.07 5.58
N GLY G 107 -2.11 -9.22 4.93
CA GLY G 107 -1.88 -9.23 3.50
C GLY G 107 -1.88 -10.66 2.99
N ASP G 108 -2.07 -10.77 1.68
CA ASP G 108 -2.07 -12.05 1.01
C ASP G 108 -0.67 -12.47 0.56
N SER G 109 0.33 -11.60 0.69
CA SER G 109 1.69 -11.91 0.31
C SER G 109 2.60 -10.96 1.06
N ILE G 110 3.88 -11.31 1.13
CA ILE G 110 4.87 -10.47 1.80
C ILE G 110 6.06 -10.30 0.87
N THR G 111 6.50 -9.05 0.71
CA THR G 111 7.59 -8.69 -0.19
C THR G 111 8.68 -8.02 0.63
N MET G 112 9.93 -8.38 0.35
CA MET G 112 11.09 -7.87 1.05
C MET G 112 12.13 -7.43 0.02
N GLU G 113 12.59 -6.19 0.12
CA GLU G 113 13.48 -5.65 -0.90
C GLU G 113 14.50 -4.70 -0.29
N PHE G 114 15.63 -4.60 -0.98
CA PHE G 114 16.68 -3.64 -0.65
C PHE G 114 17.49 -3.34 -1.89
N LYS G 115 18.06 -2.14 -1.92
CA LYS G 115 18.82 -1.64 -3.05
C LYS G 115 20.31 -1.64 -2.72
N LYS G 116 21.11 -2.19 -3.62
CA LYS G 116 22.57 -2.14 -3.50
C LYS G 116 23.13 -1.67 -4.84
N ASP G 117 24.05 -0.70 -4.78
CA ASP G 117 24.55 -0.05 -5.98
C ASP G 117 23.37 0.46 -6.81
N SER G 118 23.12 -0.14 -7.96
CA SER G 118 22.00 0.24 -8.82
C SER G 118 20.99 -0.89 -9.01
N VAL G 119 21.13 -2.00 -8.28
CA VAL G 119 20.26 -3.15 -8.43
C VAL G 119 19.36 -3.26 -7.21
N ARG G 120 18.07 -3.41 -7.44
CA ARG G 120 17.07 -3.55 -6.38
C ARG G 120 16.69 -5.03 -6.27
N HIS G 121 17.21 -5.69 -5.24
CA HIS G 121 16.88 -7.08 -5.00
C HIS G 121 15.58 -7.14 -4.22
N SER G 122 14.60 -7.85 -4.76
CA SER G 122 13.31 -8.03 -4.12
C SER G 122 12.93 -9.49 -4.16
N CYS G 123 12.15 -9.92 -3.18
CA CYS G 123 11.60 -11.26 -3.13
C CYS G 123 10.23 -11.22 -2.47
N SER G 124 9.23 -11.73 -3.17
CA SER G 124 7.85 -11.70 -2.69
C SER G 124 7.31 -13.12 -2.68
N VAL G 125 6.67 -13.50 -1.58
CA VAL G 125 6.14 -14.85 -1.42
C VAL G 125 4.66 -14.77 -1.06
N PRO G 126 3.85 -15.76 -1.45
CA PRO G 126 2.40 -15.69 -1.25
C PRO G 126 1.93 -16.10 0.13
N TYR G 127 2.83 -16.27 1.11
CA TYR G 127 2.41 -16.69 2.43
C TYR G 127 1.57 -15.61 3.09
N GLU G 128 0.41 -16.00 3.59
CA GLU G 128 -0.51 -15.03 4.17
C GLU G 128 0.00 -14.55 5.52
N VAL G 129 -0.05 -13.24 5.73
CA VAL G 129 0.27 -12.62 7.00
C VAL G 129 -1.03 -12.22 7.67
N LYS G 130 -1.28 -12.78 8.86
CA LYS G 130 -2.53 -12.53 9.57
C LYS G 130 -2.33 -11.41 10.58
N PHE G 131 -3.42 -10.67 10.82
CA PHE G 131 -3.51 -9.75 11.95
C PHE G 131 -4.59 -10.28 12.88
N ASN G 132 -4.16 -10.88 14.00
CA ASN G 132 -5.10 -11.47 14.95
C ASN G 132 -5.32 -10.48 16.08
N PRO G 133 -6.47 -9.83 16.18
CA PRO G 133 -6.70 -8.93 17.31
C PRO G 133 -6.99 -9.69 18.58
N VAL G 134 -6.43 -9.21 19.68
CA VAL G 134 -6.69 -9.80 20.99
C VAL G 134 -8.02 -9.30 21.50
N GLY G 135 -8.81 -10.19 22.07
CA GLY G 135 -10.07 -9.81 22.67
C GLY G 135 -11.24 -9.96 21.73
N ARG G 136 -12.34 -9.32 22.11
CA ARG G 136 -13.63 -9.47 21.46
C ARG G 136 -14.01 -8.28 20.59
N GLU G 137 -13.11 -7.34 20.37
CA GLU G 137 -13.36 -6.20 19.49
C GLU G 137 -12.30 -6.22 18.39
N LEU G 138 -12.75 -6.48 17.16
CA LEU G 138 -11.84 -6.80 16.05
C LEU G 138 -11.28 -5.50 15.46
N TYR G 139 -10.18 -5.04 16.07
CA TYR G 139 -9.48 -3.86 15.57
C TYR G 139 -8.50 -4.23 14.48
N THR G 140 -8.39 -3.36 13.48
CA THR G 140 -7.40 -3.50 12.42
C THR G 140 -6.10 -2.78 12.77
N HIS G 141 -6.06 -2.02 13.86
CA HIS G 141 -4.87 -1.33 14.29
C HIS G 141 -5.02 -1.21 15.81
N PRO G 142 -3.97 -1.46 16.60
CA PRO G 142 -4.14 -1.45 18.06
C PRO G 142 -4.62 -0.10 18.56
N PRO G 143 -5.39 -0.07 19.64
CA PRO G 143 -5.97 1.19 20.10
C PRO G 143 -4.94 2.09 20.76
N GLU G 144 -5.30 3.37 20.86
CA GLU G 144 -4.47 4.30 21.60
C GLU G 144 -4.63 4.10 23.11
N HIS G 145 -5.77 3.57 23.55
CA HIS G 145 -6.04 3.38 24.96
C HIS G 145 -7.06 2.27 25.13
N GLY G 146 -7.18 1.79 26.36
CA GLY G 146 -8.05 0.67 26.64
C GLY G 146 -7.61 -0.04 27.92
N VAL G 147 -7.91 -1.34 27.98
CA VAL G 147 -7.53 -2.15 29.14
C VAL G 147 -6.49 -3.18 28.71
N GLU G 148 -5.65 -3.56 29.67
CA GLU G 148 -4.64 -4.59 29.45
C GLU G 148 -5.32 -5.95 29.52
N GLN G 149 -5.05 -6.79 28.51
CA GLN G 149 -5.65 -8.11 28.42
C GLN G 149 -4.57 -9.11 28.04
N ALA G 150 -4.77 -10.36 28.42
CA ALA G 150 -3.77 -11.39 28.13
C ALA G 150 -3.60 -11.55 26.62
N CYS G 151 -2.35 -11.74 26.20
CA CYS G 151 -2.04 -11.88 24.79
C CYS G 151 -0.74 -12.66 24.65
N GLN G 152 -0.52 -13.18 23.44
CA GLN G 152 0.73 -13.83 23.08
C GLN G 152 1.31 -13.10 21.89
N VAL G 153 2.57 -12.67 22.02
CA VAL G 153 3.22 -11.86 21.00
C VAL G 153 4.63 -12.39 20.78
N TYR G 154 5.11 -12.31 19.55
CA TYR G 154 6.48 -12.68 19.26
C TYR G 154 7.41 -11.71 19.97
N ALA G 155 8.06 -12.18 21.02
CA ALA G 155 8.83 -11.29 21.88
C ALA G 155 10.05 -10.74 21.14
N HIS G 156 10.44 -9.52 21.51
CA HIS G 156 11.70 -8.93 21.07
C HIS G 156 12.81 -9.48 21.95
N ASP G 157 13.05 -10.79 21.80
CA ASP G 157 13.93 -11.52 22.70
C ASP G 157 14.64 -12.58 21.86
N ALA G 158 15.97 -12.53 21.86
CA ALA G 158 16.80 -13.47 21.11
C ALA G 158 17.41 -14.57 21.97
N GLN G 159 17.06 -14.66 23.24
CA GLN G 159 17.65 -15.68 24.10
C GLN G 159 17.11 -17.06 23.74
N ASN G 160 17.84 -18.08 24.18
CA ASN G 160 17.52 -19.46 23.84
C ASN G 160 16.35 -19.93 24.70
N ARG G 161 15.28 -20.38 24.03
CA ARG G 161 14.07 -20.85 24.70
C ARG G 161 13.72 -22.29 24.37
N GLY G 162 14.67 -23.07 23.88
CA GLY G 162 14.48 -24.49 23.69
C GLY G 162 14.02 -24.93 22.32
N ALA G 163 13.62 -23.99 21.46
CA ALA G 163 13.25 -24.30 20.08
C ALA G 163 14.48 -24.16 19.20
N TYR G 164 14.73 -25.18 18.37
CA TYR G 164 15.92 -25.25 17.55
C TYR G 164 15.56 -25.61 16.12
N VAL G 165 16.42 -25.22 15.18
CA VAL G 165 16.40 -25.72 13.83
C VAL G 165 17.81 -26.23 13.51
N GLU G 166 17.93 -26.93 12.39
CA GLU G 166 19.10 -27.77 12.15
C GLU G 166 20.13 -27.08 11.27
N MET G 167 21.41 -27.34 11.56
CA MET G 167 22.52 -26.95 10.70
C MET G 167 22.91 -28.16 9.86
N HIS G 168 23.32 -27.90 8.63
CA HIS G 168 23.69 -28.98 7.72
C HIS G 168 24.83 -28.53 6.81
N LEU G 169 25.67 -29.50 6.46
CA LEU G 169 26.79 -29.22 5.58
C LEU G 169 26.25 -28.82 4.21
N PRO G 170 26.65 -27.67 3.67
CA PRO G 170 26.01 -27.19 2.44
C PRO G 170 26.32 -28.09 1.26
N GLY G 171 25.37 -28.15 0.33
CA GLY G 171 25.63 -28.83 -0.93
C GLY G 171 26.54 -28.01 -1.81
N SER G 172 27.22 -28.70 -2.72
CA SER G 172 28.16 -28.02 -3.60
C SER G 172 27.40 -27.16 -4.59
N GLU G 173 27.67 -25.85 -4.57
CA GLU G 173 26.98 -24.93 -5.45
C GLU G 173 27.69 -24.86 -6.80
N VAL G 174 26.95 -25.15 -7.88
CA VAL G 174 27.53 -25.05 -9.21
C VAL G 174 27.74 -23.58 -9.56
N ASP G 175 28.80 -23.30 -10.30
CA ASP G 175 29.13 -21.92 -10.64
C ASP G 175 29.78 -21.97 -12.03
N SER G 176 29.16 -21.27 -12.98
CA SER G 176 29.69 -21.22 -14.34
C SER G 176 30.69 -20.09 -14.55
N SER G 177 30.85 -19.20 -13.57
CA SER G 177 31.92 -18.20 -13.67
C SER G 177 33.29 -18.85 -13.56
N LEU G 178 33.37 -20.04 -12.99
CA LEU G 178 34.64 -20.73 -12.83
C LEU G 178 35.17 -21.32 -14.13
N VAL G 179 34.32 -21.51 -15.13
CA VAL G 179 34.68 -22.19 -16.36
C VAL G 179 34.66 -21.20 -17.52
N SER G 180 35.69 -21.25 -18.34
CA SER G 180 35.79 -20.35 -19.49
C SER G 180 36.57 -21.06 -20.60
N LEU G 181 36.82 -20.33 -21.68
CA LEU G 181 37.54 -20.86 -22.82
C LEU G 181 38.94 -20.27 -22.88
N SER G 182 39.91 -21.09 -23.28
CA SER G 182 41.28 -20.66 -23.44
C SER G 182 42.01 -21.70 -24.27
N GLY G 183 42.82 -21.24 -25.22
CA GLY G 183 43.52 -22.16 -26.10
C GLY G 183 42.61 -23.09 -26.85
N SER G 184 41.37 -22.65 -27.13
CA SER G 184 40.35 -23.50 -27.74
C SER G 184 40.14 -24.77 -26.91
N SER G 185 40.02 -24.58 -25.60
CA SER G 185 39.72 -25.68 -24.69
C SER G 185 39.09 -25.10 -23.43
N VAL G 186 38.47 -25.99 -22.64
CA VAL G 186 37.76 -25.56 -21.44
C VAL G 186 38.76 -25.44 -20.30
N THR G 187 38.85 -24.25 -19.71
CA THR G 187 39.74 -23.97 -18.60
C THR G 187 38.91 -23.63 -17.38
N VAL G 188 39.19 -24.30 -16.26
CA VAL G 188 38.48 -24.08 -15.01
C VAL G 188 39.47 -23.52 -14.00
N THR G 189 39.06 -22.48 -13.30
CA THR G 189 39.94 -21.67 -12.46
C THR G 189 39.25 -21.47 -11.11
N PRO G 190 39.54 -22.33 -10.12
CA PRO G 190 38.85 -22.18 -8.85
C PRO G 190 39.22 -20.87 -8.19
N PRO G 191 38.33 -20.30 -7.39
CA PRO G 191 38.72 -19.12 -6.60
C PRO G 191 39.86 -19.47 -5.66
N ASP G 192 40.78 -18.54 -5.47
CA ASP G 192 41.92 -18.79 -4.60
C ASP G 192 41.46 -19.01 -3.17
N GLY G 193 42.14 -19.91 -2.48
CA GLY G 193 41.79 -20.27 -1.12
C GLY G 193 40.66 -21.25 -0.99
N THR G 194 40.10 -21.72 -2.11
CA THR G 194 39.01 -22.69 -2.11
C THR G 194 39.35 -23.79 -3.10
N SER G 195 38.38 -24.69 -3.30
CA SER G 195 38.52 -25.80 -4.22
C SER G 195 37.24 -25.95 -5.04
N ALA G 196 37.41 -26.50 -6.24
CA ALA G 196 36.31 -26.76 -7.16
C ALA G 196 36.36 -28.21 -7.61
N LEU G 197 35.17 -28.79 -7.76
CA LEU G 197 35.00 -30.14 -8.29
C LEU G 197 34.52 -30.01 -9.72
N VAL G 198 35.31 -30.50 -10.67
CA VAL G 198 35.07 -30.31 -12.08
C VAL G 198 34.70 -31.65 -12.69
N GLU G 199 33.53 -31.70 -13.33
CA GLU G 199 33.03 -32.92 -13.97
C GLU G 199 32.73 -32.60 -15.43
N CYS G 200 33.49 -33.21 -16.34
CA CYS G 200 33.35 -32.94 -17.76
C CYS G 200 32.99 -34.22 -18.51
N GLU G 201 32.05 -34.09 -19.44
CA GLU G 201 31.63 -35.16 -20.33
C GLU G 201 32.28 -34.91 -21.68
N CYS G 202 33.47 -35.47 -21.87
CA CYS G 202 34.25 -35.22 -23.07
C CYS G 202 34.96 -36.49 -23.51
N GLY G 203 35.15 -36.60 -24.82
CA GLY G 203 35.85 -37.73 -25.40
C GLY G 203 35.22 -39.07 -25.10
N GLY G 204 33.92 -39.11 -24.79
CA GLY G 204 33.29 -40.34 -24.41
C GLY G 204 33.80 -40.93 -23.11
N THR G 205 34.54 -40.16 -22.32
CA THR G 205 35.12 -40.63 -21.07
C THR G 205 34.90 -39.53 -20.02
N LYS G 206 34.03 -39.83 -19.06
CA LYS G 206 33.76 -38.89 -17.97
C LYS G 206 35.04 -38.61 -17.20
N ILE G 207 35.31 -37.34 -16.90
CA ILE G 207 36.43 -36.95 -16.07
C ILE G 207 35.90 -36.15 -14.88
N SER G 208 36.20 -36.62 -13.68
CA SER G 208 35.77 -35.97 -12.44
C SER G 208 37.01 -35.76 -11.59
N GLU G 209 37.43 -34.50 -11.42
CA GLU G 209 38.69 -34.21 -10.69
C GLU G 209 38.47 -33.04 -9.71
N THR G 210 39.28 -32.96 -8.64
CA THR G 210 39.17 -31.86 -7.66
C THR G 210 40.42 -30.99 -7.80
N ILE G 211 40.25 -29.68 -7.95
CA ILE G 211 41.43 -28.81 -8.23
C ILE G 211 41.39 -27.52 -7.41
N ASN G 212 42.56 -26.98 -7.09
CA ASN G 212 42.68 -25.69 -6.33
C ASN G 212 43.53 -24.74 -7.16
N LYS G 213 43.98 -25.18 -8.34
CA LYS G 213 44.82 -24.36 -9.24
C LYS G 213 44.19 -24.44 -10.64
N THR G 214 44.51 -23.49 -11.52
CA THR G 214 43.87 -23.44 -12.86
C THR G 214 44.17 -24.73 -13.63
N LYS G 215 43.16 -25.32 -14.26
CA LYS G 215 43.35 -26.56 -15.05
C LYS G 215 42.72 -26.39 -16.43
N GLN G 216 43.34 -26.94 -17.46
CA GLN G 216 42.86 -26.84 -18.84
C GLN G 216 42.65 -28.24 -19.38
N PHE G 217 41.42 -28.56 -19.78
CA PHE G 217 41.06 -29.90 -20.19
C PHE G 217 41.17 -29.98 -21.71
N SER G 218 42.23 -30.65 -22.17
CA SER G 218 42.48 -30.72 -23.61
C SER G 218 41.40 -31.49 -24.35
N GLN G 219 40.67 -32.38 -23.67
CA GLN G 219 39.67 -33.19 -24.33
C GLN G 219 38.32 -32.50 -24.48
N CYS G 220 38.12 -31.35 -23.83
CA CYS G 220 36.86 -30.63 -23.85
C CYS G 220 37.00 -29.39 -24.72
N THR G 221 35.96 -29.08 -25.48
CA THR G 221 35.98 -27.96 -26.42
C THR G 221 34.91 -26.91 -26.18
N LYS G 222 33.82 -27.24 -25.51
CA LYS G 222 32.73 -26.29 -25.24
C LYS G 222 32.52 -26.22 -23.74
N LYS G 223 32.43 -24.99 -23.21
CA LYS G 223 32.34 -24.85 -21.77
C LYS G 223 30.98 -25.27 -21.22
N GLU G 224 29.96 -25.37 -22.08
CA GLU G 224 28.69 -25.95 -21.64
C GLU G 224 28.85 -27.42 -21.30
N GLN G 225 29.88 -28.07 -21.84
CA GLN G 225 30.04 -29.51 -21.76
C GLN G 225 30.55 -29.97 -20.39
N CYS G 226 31.09 -29.06 -19.58
CA CYS G 226 31.64 -29.37 -18.27
C CYS G 226 31.02 -28.49 -17.19
N ARG G 227 30.94 -29.03 -15.98
CA ARG G 227 30.39 -28.33 -14.82
C ARG G 227 31.47 -28.17 -13.77
N ALA G 228 31.44 -27.02 -13.08
CA ALA G 228 32.35 -26.72 -11.99
C ALA G 228 31.53 -26.42 -10.74
N TYR G 229 31.79 -27.17 -9.67
CA TYR G 229 31.07 -27.04 -8.41
C TYR G 229 31.97 -26.36 -7.39
N ARG G 230 31.46 -25.30 -6.78
CA ARG G 230 32.21 -24.52 -5.80
C ARG G 230 32.28 -25.33 -4.51
N LEU G 231 33.33 -26.12 -4.36
CA LEU G 231 33.46 -27.05 -3.25
C LEU G 231 33.98 -26.34 -2.00
N GLN G 232 33.10 -25.56 -1.39
CA GLN G 232 33.39 -24.84 -0.15
C GLN G 232 32.32 -25.21 0.87
N ASN G 233 32.74 -25.79 2.00
CA ASN G 233 31.80 -26.25 3.01
C ASN G 233 32.29 -25.97 4.43
N ASP G 234 33.20 -25.02 4.61
CA ASP G 234 33.68 -24.71 5.94
C ASP G 234 32.57 -24.18 6.84
N LYS G 235 31.69 -23.34 6.30
CA LYS G 235 30.58 -22.76 7.03
C LYS G 235 29.31 -23.55 6.71
N TRP G 236 28.52 -23.84 7.73
CA TRP G 236 27.33 -24.66 7.57
C TRP G 236 26.13 -23.81 7.21
N VAL G 237 25.01 -24.48 6.89
CA VAL G 237 23.82 -23.81 6.38
C VAL G 237 22.59 -24.56 6.83
N TYR G 238 21.49 -23.83 6.96
CA TYR G 238 20.20 -24.45 7.23
C TYR G 238 19.77 -25.28 6.04
N ASN G 239 19.15 -26.43 6.32
CA ASN G 239 18.77 -27.34 5.26
C ASN G 239 17.52 -26.88 4.51
N SER G 240 17.61 -25.70 3.90
CA SER G 240 16.52 -25.21 3.08
C SER G 240 16.31 -26.13 1.89
N ASP G 241 15.06 -26.28 1.48
CA ASP G 241 14.76 -27.08 0.29
C ASP G 241 15.29 -26.44 -0.99
N LYS G 242 15.70 -25.18 -0.94
CA LYS G 242 16.19 -24.50 -2.14
C LYS G 242 17.64 -24.82 -2.44
N LEU G 243 18.34 -25.57 -1.59
CA LEU G 243 19.74 -25.90 -1.80
C LEU G 243 19.91 -27.39 -2.08
N PRO G 244 20.96 -27.80 -2.80
CA PRO G 244 21.21 -29.23 -2.97
C PRO G 244 21.73 -29.86 -1.69
N LYS G 245 21.53 -31.17 -1.57
CA LYS G 245 21.96 -31.89 -0.39
C LYS G 245 23.38 -32.39 -0.56
N ALA G 246 24.17 -32.28 0.50
CA ALA G 246 25.51 -32.84 0.51
C ALA G 246 25.47 -34.34 0.77
N ALA G 247 26.51 -35.02 0.31
CA ALA G 247 26.54 -36.48 0.41
C ALA G 247 26.81 -36.93 1.84
N GLY G 248 26.25 -38.08 2.19
CA GLY G 248 26.51 -38.68 3.49
C GLY G 248 25.73 -38.01 4.59
N ALA G 249 26.16 -38.27 5.84
CA ALA G 249 25.56 -37.65 7.00
C ALA G 249 25.95 -36.18 7.05
N THR G 250 24.95 -35.30 7.21
CA THR G 250 25.16 -33.87 7.12
C THR G 250 24.70 -33.10 8.35
N LEU G 251 23.96 -33.71 9.26
CA LEU G 251 23.51 -33.02 10.47
C LEU G 251 24.72 -32.67 11.31
N LYS G 252 25.08 -31.38 11.35
CA LYS G 252 26.27 -30.93 12.06
C LYS G 252 25.97 -30.22 13.38
N GLY G 253 24.74 -29.78 13.60
CA GLY G 253 24.41 -29.18 14.88
C GLY G 253 23.01 -28.62 14.87
N LYS G 254 22.67 -27.97 15.99
CA LYS G 254 21.40 -27.30 16.18
C LYS G 254 21.67 -25.84 16.50
N LEU G 255 20.72 -24.98 16.13
CA LEU G 255 20.86 -23.56 16.45
C LEU G 255 19.47 -22.99 16.71
N HIS G 256 19.38 -22.18 17.75
CA HIS G 256 18.09 -21.80 18.32
C HIS G 256 17.37 -20.79 17.43
N VAL G 257 16.06 -20.78 17.56
CA VAL G 257 15.19 -19.86 16.82
C VAL G 257 14.75 -18.76 17.79
N PRO G 258 15.01 -17.49 17.49
CA PRO G 258 14.63 -16.43 18.43
C PRO G 258 13.23 -15.91 18.16
N PHE G 259 12.81 -14.98 19.01
CA PHE G 259 11.56 -14.24 18.81
C PHE G 259 10.36 -15.18 18.81
N LEU G 260 10.32 -16.07 19.79
CA LEU G 260 9.19 -16.97 19.94
C LEU G 260 8.01 -16.26 20.58
N LEU G 261 6.82 -16.87 20.45
CA LEU G 261 5.65 -16.35 21.12
C LEU G 261 5.86 -16.40 22.63
N ALA G 262 5.54 -15.29 23.29
CA ALA G 262 5.62 -15.20 24.74
C ALA G 262 4.36 -14.51 25.26
N ASP G 263 4.02 -14.83 26.49
CA ASP G 263 2.82 -14.27 27.12
C ASP G 263 3.08 -12.83 27.54
N GLY G 264 2.02 -12.04 27.57
CA GLY G 264 2.13 -10.67 28.01
C GLY G 264 0.78 -10.01 28.04
N LYS G 265 0.80 -8.70 28.28
CA LYS G 265 -0.40 -7.88 28.32
C LYS G 265 -0.42 -6.95 27.11
N CYS G 266 -1.55 -6.92 26.42
CA CYS G 266 -1.76 -6.08 25.26
C CYS G 266 -2.97 -5.19 25.50
N THR G 267 -2.87 -3.93 25.08
CA THR G 267 -3.98 -3.01 25.25
C THR G 267 -5.07 -3.32 24.24
N VAL G 268 -6.31 -3.38 24.71
CA VAL G 268 -7.46 -3.74 23.89
C VAL G 268 -8.54 -2.69 24.14
N PRO G 269 -9.30 -2.26 23.13
CA PRO G 269 -10.24 -1.15 23.34
C PRO G 269 -11.54 -1.60 24.00
N LEU G 270 -12.27 -0.61 24.49
CA LEU G 270 -13.61 -0.80 25.06
C LEU G 270 -14.61 -0.05 24.21
N ALA G 271 -15.64 -0.76 23.75
CA ALA G 271 -16.66 -0.12 22.94
C ALA G 271 -17.52 0.79 23.82
N PRO G 272 -18.10 1.86 23.26
CA PRO G 272 -18.83 2.82 24.11
C PRO G 272 -20.07 2.20 24.73
N GLU G 273 -20.14 2.29 26.07
CA GLU G 273 -21.06 1.55 26.92
C GLU G 273 -22.47 1.47 26.35
N PRO G 274 -23.17 0.35 26.48
CA PRO G 274 -24.53 0.27 25.93
C PRO G 274 -25.45 1.25 26.64
N MET G 275 -26.53 1.62 25.96
CA MET G 275 -27.64 2.32 26.62
C MET G 275 -28.76 1.33 26.87
N ILE G 276 -29.04 1.07 28.13
CA ILE G 276 -29.96 0.01 28.55
C ILE G 276 -31.27 0.63 28.97
N THR G 277 -32.37 0.05 28.53
CA THR G 277 -33.70 0.39 28.98
C THR G 277 -34.41 -0.87 29.44
N PHE G 278 -35.25 -0.72 30.46
CA PHE G 278 -35.86 -1.84 31.15
C PHE G 278 -37.35 -1.92 30.84
N GLY G 279 -37.90 -3.13 30.94
CA GLY G 279 -39.31 -3.38 30.78
C GLY G 279 -39.62 -4.70 31.45
N PHE G 280 -40.91 -5.00 31.57
CA PHE G 280 -41.31 -6.24 32.23
C PHE G 280 -40.69 -7.44 31.55
N ARG G 281 -39.78 -8.09 32.25
CA ARG G 281 -39.06 -9.26 31.73
C ARG G 281 -38.43 -8.95 30.38
N SER G 282 -37.86 -7.75 30.24
CA SER G 282 -37.24 -7.36 28.99
C SER G 282 -36.18 -6.32 29.24
N VAL G 283 -35.07 -6.45 28.52
CA VAL G 283 -33.97 -5.50 28.56
C VAL G 283 -33.61 -5.17 27.12
N SER G 284 -33.78 -3.91 26.74
CA SER G 284 -33.47 -3.44 25.41
C SER G 284 -32.22 -2.58 25.48
N LEU G 285 -31.13 -3.05 24.88
CA LEU G 285 -29.86 -2.35 24.91
C LEU G 285 -29.52 -1.87 23.51
N LYS G 286 -29.21 -0.58 23.41
CA LYS G 286 -28.78 0.06 22.18
C LYS G 286 -27.25 0.09 22.19
N LEU G 287 -26.66 -0.28 21.06
CA LEU G 287 -25.22 -0.48 20.94
C LEU G 287 -24.72 0.35 19.77
N HIS G 288 -23.57 1.00 19.95
CA HIS G 288 -22.92 1.78 18.91
C HIS G 288 -21.46 1.35 18.83
N PRO G 289 -21.16 0.30 18.07
CA PRO G 289 -19.76 -0.12 17.92
C PRO G 289 -18.87 0.95 17.31
N LYS G 290 -17.65 1.06 17.82
CA LYS G 290 -16.60 1.80 17.12
C LYS G 290 -15.82 0.89 16.18
N ASN G 291 -15.71 -0.39 16.51
CA ASN G 291 -15.17 -1.44 15.67
C ASN G 291 -16.11 -2.63 15.77
N PRO G 292 -16.01 -3.58 14.84
CA PRO G 292 -16.84 -4.79 14.96
C PRO G 292 -16.64 -5.48 16.30
N THR G 293 -17.69 -5.52 17.12
CA THR G 293 -17.59 -5.96 18.50
C THR G 293 -18.58 -7.07 18.78
N TYR G 294 -18.17 -8.03 19.59
CA TYR G 294 -19.02 -9.17 19.91
C TYR G 294 -19.94 -8.86 21.07
N LEU G 295 -21.19 -9.29 20.95
CA LEU G 295 -22.14 -9.30 22.05
C LEU G 295 -22.42 -10.76 22.37
N ILE G 296 -22.21 -11.15 23.62
CA ILE G 296 -22.34 -12.53 24.06
C ILE G 296 -23.29 -12.54 25.25
N THR G 297 -24.42 -13.23 25.10
CA THR G 297 -25.46 -13.23 26.11
C THR G 297 -25.84 -14.66 26.44
N ARG G 298 -26.12 -14.89 27.73
CA ARG G 298 -26.55 -16.20 28.20
C ARG G 298 -27.52 -16.04 29.36
N GLN G 299 -28.52 -16.91 29.39
CA GLN G 299 -29.40 -16.97 30.54
C GLN G 299 -28.77 -17.85 31.62
N LEU G 300 -28.94 -17.43 32.87
CA LEU G 300 -28.32 -18.10 34.00
C LEU G 300 -29.17 -19.24 34.53
N ALA G 301 -30.13 -19.72 33.77
CA ALA G 301 -30.99 -20.82 34.18
C ALA G 301 -30.39 -22.14 33.70
N ASP G 302 -31.15 -23.22 33.79
CA ASP G 302 -30.67 -24.52 33.34
C ASP G 302 -30.38 -24.54 31.85
N GLU G 303 -31.09 -23.75 31.06
CA GLU G 303 -30.89 -23.70 29.61
C GLU G 303 -30.23 -22.38 29.25
N PRO G 304 -28.96 -22.36 28.81
CA PRO G 304 -28.32 -21.07 28.53
C PRO G 304 -29.03 -20.24 27.47
N HIS G 305 -29.55 -20.88 26.42
CA HIS G 305 -29.99 -20.16 25.23
C HIS G 305 -28.91 -19.19 24.78
N TYR G 306 -27.71 -19.73 24.64
CA TYR G 306 -26.54 -18.93 24.33
C TYR G 306 -26.72 -18.16 23.03
N THR G 307 -26.29 -16.90 23.01
CA THR G 307 -26.31 -16.08 21.81
C THR G 307 -24.99 -15.33 21.67
N HIS G 308 -24.55 -15.19 20.42
CA HIS G 308 -23.22 -14.67 20.10
C HIS G 308 -23.32 -13.95 18.76
N GLU G 309 -23.25 -12.63 18.78
CA GLU G 309 -23.48 -11.84 17.57
C GLU G 309 -22.42 -10.78 17.43
N LEU G 310 -21.81 -10.70 16.24
CA LEU G 310 -20.85 -9.66 15.92
C LEU G 310 -21.61 -8.45 15.41
N ILE G 311 -21.75 -7.44 16.27
CA ILE G 311 -22.44 -6.21 15.90
C ILE G 311 -21.38 -5.22 15.44
N SER G 312 -21.53 -4.72 14.22
CA SER G 312 -20.58 -3.80 13.61
C SER G 312 -21.19 -2.47 13.22
N GLU G 313 -22.50 -2.38 13.08
CA GLU G 313 -23.23 -1.15 12.86
C GLU G 313 -24.16 -0.94 14.04
N PRO G 314 -24.47 0.31 14.39
CA PRO G 314 -25.27 0.55 15.60
C PRO G 314 -26.63 -0.11 15.49
N ALA G 315 -27.06 -0.74 16.59
CA ALA G 315 -28.28 -1.53 16.54
C ALA G 315 -28.86 -1.65 17.94
N VAL G 316 -30.15 -1.95 17.99
CA VAL G 316 -30.88 -2.16 19.23
C VAL G 316 -31.27 -3.63 19.32
N ARG G 317 -31.00 -4.24 20.47
CA ARG G 317 -31.31 -5.64 20.71
C ARG G 317 -32.15 -5.75 21.96
N ASN G 318 -33.20 -6.56 21.90
CA ASN G 318 -34.10 -6.77 23.03
C ASN G 318 -34.00 -8.22 23.47
N PHE G 319 -33.70 -8.44 24.76
CA PHE G 319 -33.57 -9.77 25.33
C PHE G 319 -34.53 -9.93 26.49
N THR G 320 -35.22 -11.07 26.55
CA THR G 320 -36.10 -11.36 27.66
C THR G 320 -35.28 -11.89 28.84
N VAL G 321 -35.51 -11.32 30.01
CA VAL G 321 -34.83 -11.72 31.24
C VAL G 321 -35.88 -12.12 32.25
N THR G 322 -35.67 -13.25 32.90
CA THR G 322 -36.65 -13.85 33.80
C THR G 322 -36.15 -13.71 35.23
N GLU G 323 -36.88 -14.33 36.16
CA GLU G 323 -36.45 -14.34 37.56
C GLU G 323 -35.13 -15.09 37.74
N LYS G 324 -34.73 -15.91 36.78
CA LYS G 324 -33.53 -16.72 36.90
C LYS G 324 -32.27 -16.02 36.39
N GLY G 325 -32.38 -14.79 35.91
CA GLY G 325 -31.22 -13.98 35.61
C GLY G 325 -30.83 -14.04 34.14
N TRP G 326 -29.88 -13.18 33.79
CA TRP G 326 -29.41 -13.05 32.42
C TRP G 326 -28.15 -12.20 32.40
N GLU G 327 -27.12 -12.69 31.70
CA GLU G 327 -25.80 -12.09 31.70
C GLU G 327 -25.40 -11.75 30.28
N PHE G 328 -24.82 -10.56 30.11
CA PHE G 328 -24.30 -10.14 28.81
C PHE G 328 -22.92 -9.53 28.98
N VAL G 329 -22.04 -9.87 28.05
CA VAL G 329 -20.71 -9.28 27.96
C VAL G 329 -20.54 -8.75 26.54
N TRP G 330 -20.17 -7.48 26.45
CA TRP G 330 -20.08 -6.77 25.18
C TRP G 330 -18.65 -6.26 25.00
N GLY G 331 -18.04 -6.61 23.88
CA GLY G 331 -16.66 -6.22 23.67
C GLY G 331 -15.78 -6.79 24.76
N ASN G 332 -14.91 -5.95 25.30
CA ASN G 332 -14.01 -6.32 26.39
C ASN G 332 -14.50 -5.83 27.74
N HIS G 333 -15.74 -5.38 27.83
CA HIS G 333 -16.28 -4.94 29.10
C HIS G 333 -16.43 -6.13 30.03
N PRO G 334 -16.46 -5.91 31.35
CA PRO G 334 -16.74 -7.01 32.25
C PRO G 334 -18.16 -7.52 32.06
N PRO G 335 -18.42 -8.77 32.41
CA PRO G 335 -19.80 -9.26 32.33
C PRO G 335 -20.74 -8.45 33.21
N LYS G 336 -21.97 -8.27 32.73
CA LYS G 336 -23.01 -7.58 33.48
C LYS G 336 -24.22 -8.51 33.62
N ARG G 337 -24.79 -8.55 34.82
CA ARG G 337 -25.86 -9.48 35.15
C ARG G 337 -27.10 -8.72 35.56
N PHE G 338 -28.27 -9.24 35.18
CA PHE G 338 -29.54 -8.62 35.48
C PHE G 338 -30.55 -9.68 35.85
N TRP G 339 -31.50 -9.31 36.72
CA TRP G 339 -32.56 -10.19 37.18
C TRP G 339 -33.87 -9.43 37.15
N ALA G 340 -34.95 -10.12 36.80
CA ALA G 340 -36.27 -9.53 36.77
C ALA G 340 -37.01 -9.78 38.08
N GLN G 341 -37.98 -8.92 38.36
CA GLN G 341 -38.85 -9.08 39.51
C GLN G 341 -40.28 -8.76 39.08
N GLU G 342 -41.24 -9.44 39.70
CA GLU G 342 -42.61 -9.45 39.20
C GLU G 342 -43.20 -8.05 39.37
N THR G 343 -43.48 -7.40 38.25
CA THR G 343 -44.02 -6.05 38.21
C THR G 343 -45.09 -5.91 37.13
N ALA G 344 -45.88 -6.95 36.88
CA ALA G 344 -46.79 -6.94 35.76
C ALA G 344 -47.90 -5.89 35.97
N PRO G 345 -48.45 -5.33 34.88
CA PRO G 345 -49.59 -4.41 35.04
C PRO G 345 -50.78 -5.03 35.76
N SER H 1 1.48 39.91 1.99
CA SER H 1 1.99 38.52 2.17
C SER H 1 1.17 37.77 3.21
N THR H 2 1.60 36.55 3.53
CA THR H 2 0.92 35.70 4.51
C THR H 2 1.46 35.89 5.92
N GLU H 3 2.38 36.83 6.13
CA GLU H 3 2.97 36.99 7.46
C GLU H 3 1.95 37.38 8.50
N GLU H 4 0.84 38.01 8.09
CA GLU H 4 -0.21 38.34 9.03
C GLU H 4 -0.87 37.09 9.61
N LEU H 5 -0.83 35.97 8.90
CA LEU H 5 -1.48 34.75 9.36
C LEU H 5 -0.64 33.96 10.35
N PHE H 6 0.65 34.23 10.44
CA PHE H 6 1.54 33.53 11.36
C PHE H 6 1.82 34.29 12.64
N ASN H 7 1.32 35.52 12.78
CA ASN H 7 1.69 36.35 13.93
C ASN H 7 1.26 35.73 15.25
N GLU H 8 0.32 34.79 15.23
CA GLU H 8 -0.07 34.06 16.43
C GLU H 8 0.67 32.73 16.55
N TYR H 9 0.93 32.07 15.42
CA TYR H 9 1.68 30.81 15.47
C TYR H 9 3.14 31.04 15.84
N LYS H 10 3.69 32.22 15.52
CA LYS H 10 5.08 32.51 15.85
C LYS H 10 5.35 32.40 17.34
N LEU H 11 4.34 32.62 18.18
CA LEU H 11 4.49 32.57 19.63
C LEU H 11 4.50 31.15 20.18
N THR H 12 4.29 30.15 19.34
CA THR H 12 4.22 28.75 19.78
C THR H 12 5.43 27.97 19.32
N ARG H 13 5.62 26.81 19.94
CA ARG H 13 6.68 25.87 19.62
C ARG H 13 6.09 24.48 19.39
N PRO H 14 6.76 23.64 18.62
CA PRO H 14 6.34 22.23 18.54
C PRO H 14 6.69 21.49 19.82
N TYR H 15 6.08 20.32 19.99
CA TYR H 15 6.27 19.53 21.19
C TYR H 15 6.32 18.05 20.83
N MET H 16 6.87 17.26 21.74
CA MET H 16 6.91 15.82 21.59
C MET H 16 5.73 15.22 22.35
N ALA H 17 5.16 14.15 21.80
CA ALA H 17 3.98 13.55 22.39
C ALA H 17 3.99 12.06 22.15
N ARG H 18 3.24 11.33 22.98
CA ARG H 18 3.21 9.88 22.87
C ARG H 18 2.59 9.44 21.57
N CYS H 19 3.15 8.38 20.98
CA CYS H 19 2.59 7.72 19.82
C CYS H 19 2.55 6.22 20.07
N ILE H 20 1.44 5.59 19.68
CA ILE H 20 1.16 4.21 20.08
C ILE H 20 2.10 3.24 19.37
N ARG H 21 2.38 3.47 18.08
CA ARG H 21 3.17 2.53 17.30
C ARG H 21 4.14 3.32 16.43
N CYS H 22 5.32 3.57 16.98
CA CYS H 22 6.42 4.23 16.32
C CYS H 22 7.16 3.22 15.44
N ALA H 23 8.39 3.54 15.04
CA ALA H 23 9.20 2.59 14.30
C ALA H 23 9.37 1.29 15.09
N VAL H 24 9.61 1.40 16.40
CA VAL H 24 9.74 0.24 17.27
C VAL H 24 8.97 0.53 18.56
N GLY H 25 7.83 -0.12 18.72
CA GLY H 25 7.02 0.06 19.91
C GLY H 25 6.51 1.48 20.08
N SER H 26 5.61 1.62 21.06
CA SER H 26 5.12 2.93 21.45
C SER H 26 6.28 3.77 21.94
N CYS H 27 6.25 5.07 21.65
CA CYS H 27 7.35 5.92 22.08
C CYS H 27 6.82 7.33 22.30
N HIS H 28 7.74 8.23 22.59
CA HIS H 28 7.49 9.66 22.52
C HIS H 28 8.07 10.17 21.22
N SER H 29 7.20 10.62 20.31
CA SER H 29 7.59 10.99 18.97
C SER H 29 7.47 12.50 18.78
N PRO H 30 8.23 13.08 17.84
CA PRO H 30 8.05 14.49 17.48
C PRO H 30 7.04 14.72 16.37
N ILE H 31 6.36 13.67 15.91
CA ILE H 31 5.51 13.71 14.73
C ILE H 31 4.14 13.16 15.12
N ALA H 32 3.76 13.32 16.37
CA ALA H 32 2.57 12.67 16.90
C ALA H 32 1.32 13.25 16.25
N ILE H 33 0.48 12.36 15.71
CA ILE H 33 -0.77 12.75 15.06
C ILE H 33 -1.83 12.86 16.15
N GLU H 34 -2.36 14.07 16.33
CA GLU H 34 -3.30 14.36 17.41
C GLU H 34 -4.74 14.16 16.97
N ALA H 35 -5.06 14.46 15.72
CA ALA H 35 -6.41 14.28 15.21
C ALA H 35 -6.35 14.13 13.70
N VAL H 36 -7.26 13.33 13.16
CA VAL H 36 -7.32 13.01 11.74
C VAL H 36 -8.74 13.33 11.30
N LYS H 37 -8.90 14.31 10.42
CA LYS H 37 -10.21 14.77 9.99
C LYS H 37 -10.41 14.44 8.52
N SER H 38 -11.49 13.72 8.21
CA SER H 38 -11.80 13.29 6.86
C SER H 38 -13.29 13.44 6.58
N ASP H 39 -13.86 14.56 6.99
CA ASP H 39 -15.27 14.81 6.75
C ASP H 39 -15.57 15.31 5.34
N GLY H 40 -14.55 15.75 4.60
CA GLY H 40 -14.75 16.30 3.29
C GLY H 40 -14.83 15.25 2.20
N HIS H 41 -14.88 15.73 0.96
CA HIS H 41 -15.03 14.86 -0.19
C HIS H 41 -13.70 14.67 -0.90
N ASP H 42 -13.66 13.65 -1.77
CA ASP H 42 -12.52 13.39 -2.63
C ASP H 42 -11.25 13.10 -1.84
N GLY H 43 -11.38 12.53 -0.64
CA GLY H 43 -10.25 11.99 0.06
C GLY H 43 -9.33 13.00 0.73
N TYR H 44 -9.65 14.29 0.68
CA TYR H 44 -8.83 15.29 1.34
C TYR H 44 -8.95 15.15 2.85
N VAL H 45 -7.83 15.22 3.55
CA VAL H 45 -7.79 15.10 5.01
C VAL H 45 -6.97 16.22 5.59
N ARG H 46 -7.33 16.60 6.82
CA ARG H 46 -6.61 17.59 7.61
C ARG H 46 -6.09 16.93 8.87
N LEU H 47 -4.78 16.81 8.96
CA LEU H 47 -4.12 16.30 10.16
C LEU H 47 -3.76 17.42 11.10
N GLN H 48 -3.87 17.16 12.38
CA GLN H 48 -3.25 17.97 13.42
C GLN H 48 -2.06 17.18 13.96
N THR H 49 -0.93 17.85 14.11
CA THR H 49 0.31 17.20 14.51
C THR H 49 0.98 18.02 15.59
N SER H 50 1.78 17.35 16.42
CA SER H 50 2.52 18.04 17.46
C SER H 50 3.52 19.05 16.89
N SER H 51 3.92 18.87 15.64
CA SER H 51 4.86 19.74 14.96
C SER H 51 4.13 20.83 14.17
N GLN H 52 4.91 21.79 13.69
CA GLN H 52 4.41 22.94 12.95
C GLN H 52 5.02 22.95 11.55
N TYR H 53 4.26 23.46 10.58
CA TYR H 53 4.62 23.25 9.17
C TYR H 53 4.74 24.54 8.37
N GLY H 54 4.99 25.68 9.00
CA GLY H 54 5.12 26.94 8.28
C GLY H 54 6.24 27.83 8.75
N LEU H 55 6.93 27.43 9.82
CA LEU H 55 7.92 28.26 10.48
C LEU H 55 9.26 27.54 10.50
N ASP H 56 10.34 28.32 10.55
CA ASP H 56 11.68 27.76 10.66
C ASP H 56 12.03 27.55 12.13
N SER H 57 13.29 27.17 12.38
CA SER H 57 13.73 26.93 13.75
C SER H 57 13.74 28.21 14.57
N SER H 58 14.03 29.34 13.94
CA SER H 58 14.15 30.61 14.63
C SER H 58 12.84 31.38 14.74
N GLY H 59 11.74 30.81 14.26
CA GLY H 59 10.46 31.49 14.30
C GLY H 59 10.13 32.35 13.10
N ASN H 60 10.99 32.35 12.08
CA ASN H 60 10.72 33.08 10.86
C ASN H 60 10.02 32.18 9.83
N LEU H 61 9.40 32.81 8.85
CA LEU H 61 8.61 32.09 7.87
C LEU H 61 9.50 31.36 6.86
N LYS H 62 9.03 30.20 6.43
CA LYS H 62 9.65 29.46 5.35
C LYS H 62 8.55 28.69 4.61
N GLY H 63 8.77 28.47 3.32
CA GLY H 63 7.71 28.02 2.45
C GLY H 63 7.07 26.70 2.82
N ARG H 64 7.83 25.62 2.71
CA ARG H 64 7.30 24.27 2.85
C ARG H 64 8.20 23.46 3.77
N THR H 65 8.51 24.02 4.94
CA THR H 65 9.42 23.41 5.90
C THR H 65 8.69 23.21 7.22
N MET H 66 8.94 22.08 7.86
CA MET H 66 8.30 21.70 9.11
C MET H 66 9.32 21.67 10.24
N ARG H 67 8.92 22.24 11.38
CA ARG H 67 9.77 22.29 12.56
C ARG H 67 9.18 21.38 13.64
N TYR H 68 10.05 20.55 14.21
CA TYR H 68 9.66 19.57 15.22
C TYR H 68 10.62 19.64 16.39
N ASP H 69 10.12 19.30 17.56
CA ASP H 69 10.89 19.34 18.80
C ASP H 69 11.56 17.99 19.02
N MET H 70 12.88 17.99 19.11
CA MET H 70 13.67 16.80 19.41
C MET H 70 14.38 17.07 20.72
N HIS H 71 13.82 16.51 21.80
CA HIS H 71 14.43 16.56 23.13
C HIS H 71 14.80 17.98 23.54
N GLY H 72 13.93 18.93 23.21
CA GLY H 72 14.11 20.31 23.60
C GLY H 72 14.75 21.20 22.55
N THR H 73 15.28 20.63 21.48
CA THR H 73 15.86 21.41 20.40
C THR H 73 14.91 21.41 19.21
N ILE H 74 14.57 22.58 18.71
CA ILE H 74 13.61 22.72 17.62
C ILE H 74 14.38 22.58 16.32
N LYS H 75 14.29 21.42 15.68
CA LYS H 75 14.94 21.16 14.42
C LYS H 75 13.92 21.32 13.28
N GLU H 76 14.42 21.41 12.05
CA GLU H 76 13.57 21.62 10.89
C GLU H 76 13.97 20.67 9.76
N ILE H 77 12.96 20.25 9.00
CA ILE H 77 13.15 19.40 7.83
C ILE H 77 12.23 19.89 6.72
N PRO H 78 12.65 19.86 5.44
CA PRO H 78 11.71 20.21 4.37
C PRO H 78 10.53 19.26 4.33
N LEU H 79 9.38 19.77 3.91
CA LEU H 79 8.18 18.95 3.90
C LEU H 79 8.21 17.88 2.82
N HIS H 80 9.06 18.04 1.79
CA HIS H 80 9.10 17.05 0.73
C HIS H 80 9.83 15.78 1.14
N GLN H 81 10.65 15.83 2.20
CA GLN H 81 11.23 14.64 2.78
C GLN H 81 10.29 13.94 3.75
N VAL H 82 9.17 14.55 4.08
CA VAL H 82 8.16 13.93 4.93
C VAL H 82 7.17 13.18 4.06
N SER H 83 6.72 12.03 4.53
CA SER H 83 5.75 11.21 3.81
C SER H 83 4.69 10.73 4.78
N LEU H 84 3.54 10.34 4.25
CA LEU H 84 2.51 9.73 5.07
C LEU H 84 1.62 8.88 4.18
N TYR H 85 1.00 7.87 4.81
CA TYR H 85 0.22 6.89 4.08
C TYR H 85 -0.89 6.35 4.97
N THR H 86 -2.03 6.02 4.35
CA THR H 86 -3.18 5.47 5.05
C THR H 86 -3.30 4.02 4.63
N SER H 87 -3.49 3.72 3.35
CA SER H 87 -3.28 2.38 2.82
C SER H 87 -2.33 2.42 1.63
N ARG H 88 -2.26 3.57 0.97
CA ARG H 88 -1.30 3.88 -0.07
C ARG H 88 -0.62 5.19 0.34
N PRO H 89 0.50 5.57 -0.29
CA PRO H 89 1.08 6.87 0.02
C PRO H 89 0.10 8.01 -0.24
N CYS H 90 0.06 8.95 0.69
CA CYS H 90 -0.69 10.17 0.53
C CYS H 90 0.17 11.23 -0.14
N HIS H 91 -0.46 12.33 -0.54
CA HIS H 91 0.22 13.44 -1.20
C HIS H 91 -0.07 14.73 -0.43
N ILE H 92 0.97 15.29 0.18
CA ILE H 92 0.81 16.52 0.95
C ILE H 92 0.38 17.64 0.02
N VAL H 93 -0.70 18.32 0.39
CA VAL H 93 -1.16 19.48 -0.37
C VAL H 93 -0.43 20.69 0.18
N ASP H 94 -0.46 20.86 1.50
CA ASP H 94 0.24 21.97 2.13
C ASP H 94 0.26 21.75 3.64
N GLY H 95 0.99 22.61 4.32
CA GLY H 95 1.02 22.59 5.77
C GLY H 95 1.11 24.00 6.31
N HIS H 96 0.30 24.27 7.34
CA HIS H 96 0.28 25.57 7.97
C HIS H 96 0.03 25.38 9.45
N GLY H 97 0.86 26.02 10.27
CA GLY H 97 0.70 25.87 11.70
C GLY H 97 0.85 24.43 12.10
N TYR H 98 0.06 24.01 13.09
CA TYR H 98 0.04 22.62 13.52
C TYR H 98 -0.63 21.70 12.50
N PHE H 99 -1.26 22.24 11.45
CA PHE H 99 -2.18 21.49 10.63
C PHE H 99 -1.60 21.20 9.25
N LEU H 100 -2.10 20.13 8.65
CA LEU H 100 -1.55 19.57 7.41
C LEU H 100 -2.68 19.09 6.51
N LEU H 101 -2.75 19.66 5.31
CA LEU H 101 -3.75 19.28 4.32
C LEU H 101 -3.10 18.33 3.32
N ALA H 102 -3.69 17.14 3.17
CA ALA H 102 -3.15 16.12 2.29
C ALA H 102 -4.30 15.42 1.55
N ARG H 103 -3.94 14.75 0.46
CA ARG H 103 -4.86 13.86 -0.25
C ARG H 103 -4.53 12.43 0.16
N CYS H 104 -5.55 11.70 0.63
CA CYS H 104 -5.34 10.36 1.14
C CYS H 104 -6.45 9.43 0.65
N PRO H 105 -6.15 8.16 0.41
CA PRO H 105 -7.21 7.17 0.21
C PRO H 105 -7.67 6.59 1.53
N ALA H 106 -8.75 5.82 1.47
CA ALA H 106 -9.37 5.29 2.68
C ALA H 106 -8.46 4.27 3.35
N GLY H 107 -8.64 4.13 4.65
CA GLY H 107 -7.89 3.13 5.41
C GLY H 107 -8.19 3.18 6.89
N ASP H 108 -7.81 2.12 7.60
CA ASP H 108 -8.10 2.01 9.03
C ASP H 108 -7.05 2.69 9.90
N SER H 109 -5.99 3.23 9.33
CA SER H 109 -4.93 3.87 10.11
C SER H 109 -4.16 4.80 9.20
N ILE H 110 -3.49 5.78 9.80
CA ILE H 110 -2.66 6.73 9.06
C ILE H 110 -1.32 6.86 9.75
N THR H 111 -0.24 6.86 8.96
CA THR H 111 1.11 6.84 9.46
C THR H 111 1.90 7.97 8.81
N MET H 112 2.53 8.80 9.63
CA MET H 112 3.37 9.90 9.17
C MET H 112 4.82 9.61 9.55
N GLU H 113 5.72 9.73 8.58
CA GLU H 113 7.09 9.26 8.77
C GLU H 113 8.05 10.14 7.99
N PHE H 114 9.30 10.18 8.49
CA PHE H 114 10.39 10.79 7.77
C PHE H 114 11.72 10.25 8.29
N LYS H 115 12.78 10.58 7.55
CA LYS H 115 14.15 10.19 7.88
C LYS H 115 14.90 11.38 8.43
N LYS H 116 15.87 11.13 9.30
CA LYS H 116 16.78 12.18 9.75
C LYS H 116 18.10 11.52 10.13
N ASP H 117 19.18 11.95 9.48
CA ASP H 117 20.47 11.28 9.64
C ASP H 117 20.29 9.80 9.29
N SER H 118 20.41 8.89 10.25
CA SER H 118 20.19 7.47 10.02
C SER H 118 18.91 6.95 10.67
N VAL H 119 18.18 7.79 11.40
CA VAL H 119 17.07 7.34 12.24
C VAL H 119 15.74 7.68 11.58
N ARG H 120 14.84 6.71 11.58
CA ARG H 120 13.48 6.88 11.09
C ARG H 120 12.60 7.37 12.23
N HIS H 121 11.84 8.42 11.99
CA HIS H 121 10.82 8.91 12.91
C HIS H 121 9.47 8.68 12.27
N SER H 122 8.67 7.77 12.85
CA SER H 122 7.37 7.44 12.32
C SER H 122 6.35 7.41 13.44
N CYS H 123 5.09 7.66 13.09
CA CYS H 123 4.00 7.60 14.03
C CYS H 123 2.74 7.16 13.30
N SER H 124 2.18 6.04 13.73
CA SER H 124 0.97 5.47 13.14
C SER H 124 -0.15 5.53 14.16
N VAL H 125 -1.33 5.93 13.70
CA VAL H 125 -2.49 6.04 14.58
C VAL H 125 -3.69 5.34 13.95
N PRO H 126 -4.63 4.83 14.73
CA PRO H 126 -5.73 4.03 14.18
C PRO H 126 -6.92 4.82 13.69
N TYR H 127 -6.82 6.15 13.61
CA TYR H 127 -7.95 6.95 13.17
C TYR H 127 -8.33 6.58 11.75
N GLU H 128 -9.64 6.47 11.50
CA GLU H 128 -10.12 6.01 10.21
C GLU H 128 -10.23 7.18 9.25
N VAL H 129 -9.44 7.13 8.18
CA VAL H 129 -9.59 8.06 7.07
C VAL H 129 -10.56 7.44 6.09
N LYS H 130 -11.63 8.16 5.78
CA LYS H 130 -12.70 7.66 4.94
C LYS H 130 -12.83 8.50 3.68
N PHE H 131 -12.97 7.81 2.55
CA PHE H 131 -13.16 8.44 1.26
C PHE H 131 -14.65 8.63 1.01
N ASN H 132 -15.07 9.88 0.84
CA ASN H 132 -16.48 10.23 0.71
C ASN H 132 -16.75 10.70 -0.71
N PRO H 133 -17.24 9.84 -1.61
CA PRO H 133 -17.56 10.31 -2.95
C PRO H 133 -18.74 11.26 -2.94
N VAL H 134 -18.63 12.30 -3.74
CA VAL H 134 -19.70 13.28 -3.90
C VAL H 134 -20.67 12.77 -4.96
N GLY H 135 -21.95 13.01 -4.75
CA GLY H 135 -22.95 12.63 -5.72
C GLY H 135 -23.54 11.26 -5.44
N ARG H 136 -24.16 10.71 -6.48
CA ARG H 136 -24.92 9.47 -6.38
C ARG H 136 -24.24 8.31 -7.09
N GLU H 137 -22.94 8.43 -7.38
CA GLU H 137 -22.15 7.33 -7.92
C GLU H 137 -20.95 7.12 -7.01
N LEU H 138 -20.89 5.97 -6.37
CA LEU H 138 -19.85 5.69 -5.39
C LEU H 138 -18.59 5.25 -6.12
N TYR H 139 -17.52 6.01 -5.97
CA TYR H 139 -16.25 5.73 -6.61
C TYR H 139 -15.13 5.80 -5.59
N THR H 140 -14.06 5.08 -5.87
CA THR H 140 -12.87 5.07 -5.03
C THR H 140 -11.83 6.08 -5.46
N HIS H 141 -11.92 6.60 -6.68
CA HIS H 141 -10.98 7.56 -7.22
C HIS H 141 -11.79 8.59 -8.01
N PRO H 142 -11.47 9.87 -7.94
CA PRO H 142 -12.26 10.85 -8.71
C PRO H 142 -12.17 10.59 -10.20
N PRO H 143 -13.23 10.89 -10.95
CA PRO H 143 -13.21 10.61 -12.38
C PRO H 143 -12.32 11.59 -13.13
N GLU H 144 -11.86 11.15 -14.30
CA GLU H 144 -11.13 12.05 -15.17
C GLU H 144 -12.05 13.12 -15.77
N HIS H 145 -13.35 12.84 -15.83
CA HIS H 145 -14.29 13.77 -16.44
C HIS H 145 -15.69 13.44 -15.96
N GLY H 146 -16.62 14.37 -16.19
CA GLY H 146 -17.99 14.17 -15.79
C GLY H 146 -18.78 15.46 -15.72
N VAL H 147 -19.49 15.67 -14.61
CA VAL H 147 -20.32 16.85 -14.40
C VAL H 147 -19.87 17.52 -13.11
N GLU H 148 -19.84 18.85 -13.12
CA GLU H 148 -19.44 19.61 -11.95
C GLU H 148 -20.63 19.72 -11.00
N GLN H 149 -20.41 19.38 -9.74
CA GLN H 149 -21.47 19.32 -8.75
C GLN H 149 -20.99 19.95 -7.44
N ALA H 150 -21.94 20.46 -6.67
CA ALA H 150 -21.62 21.08 -5.40
C ALA H 150 -20.96 20.08 -4.45
N CYS H 151 -19.93 20.52 -3.74
CA CYS H 151 -19.19 19.66 -2.85
C CYS H 151 -18.57 20.51 -1.75
N GLN H 152 -18.14 19.83 -0.68
CA GLN H 152 -17.40 20.45 0.41
C GLN H 152 -16.06 19.74 0.52
N VAL H 153 -14.98 20.52 0.52
CA VAL H 153 -13.63 19.96 0.54
C VAL H 153 -12.75 20.81 1.43
N TYR H 154 -11.72 20.17 1.99
CA TYR H 154 -10.75 20.88 2.80
C TYR H 154 -9.92 21.78 1.89
N ALA H 155 -10.27 23.05 1.85
CA ALA H 155 -9.68 23.96 0.87
C ALA H 155 -8.23 24.26 1.21
N HIS H 156 -7.43 24.47 0.17
CA HIS H 156 -6.08 24.98 0.34
C HIS H 156 -6.18 26.45 0.70
N ASP H 157 -6.64 26.73 1.92
CA ASP H 157 -7.03 28.07 2.33
C ASP H 157 -6.57 28.29 3.76
N ALA H 158 -5.44 28.97 3.93
CA ALA H 158 -4.86 29.21 5.23
C ALA H 158 -5.32 30.52 5.87
N GLN H 159 -6.21 31.27 5.22
CA GLN H 159 -6.64 32.53 5.79
C GLN H 159 -7.50 32.29 7.03
N ASN H 160 -7.63 33.33 7.85
CA ASN H 160 -8.34 33.23 9.11
C ASN H 160 -9.83 33.02 8.84
N ARG H 161 -10.50 32.43 9.82
CA ARG H 161 -11.94 32.26 9.81
C ARG H 161 -12.38 32.05 11.24
N GLY H 162 -13.67 31.74 11.43
CA GLY H 162 -14.22 31.62 12.75
C GLY H 162 -13.72 30.50 13.65
N ALA H 163 -13.14 29.46 13.06
CA ALA H 163 -12.72 28.29 13.83
C ALA H 163 -11.36 28.54 14.46
N TYR H 164 -11.30 28.44 15.79
CA TYR H 164 -10.11 28.69 16.57
C TYR H 164 -9.84 27.51 17.49
N VAL H 165 -8.56 27.32 17.84
CA VAL H 165 -8.17 26.45 18.94
C VAL H 165 -7.41 27.29 19.95
N GLU H 166 -6.99 26.64 21.04
CA GLU H 166 -6.41 27.33 22.18
C GLU H 166 -4.92 27.04 22.29
N MET H 167 -4.17 28.04 22.75
CA MET H 167 -2.76 27.91 23.06
C MET H 167 -2.56 28.25 24.53
N HIS H 168 -1.81 27.38 25.22
CA HIS H 168 -1.66 27.42 26.67
C HIS H 168 -0.19 27.45 27.03
N LEU H 169 0.06 27.80 28.29
CA LEU H 169 1.41 27.77 28.85
C LEU H 169 1.86 26.31 29.01
N PRO H 170 3.00 25.91 28.45
CA PRO H 170 3.37 24.49 28.51
C PRO H 170 3.70 24.06 29.92
N GLY H 171 3.58 22.75 30.16
CA GLY H 171 4.01 22.19 31.42
C GLY H 171 5.52 22.06 31.49
N SER H 172 5.99 21.69 32.68
CA SER H 172 7.43 21.55 32.92
C SER H 172 7.86 20.15 32.49
N GLU H 173 8.26 20.05 31.23
CA GLU H 173 8.70 18.76 30.69
C GLU H 173 9.99 18.33 31.37
N VAL H 174 10.04 17.06 31.77
CA VAL H 174 11.19 16.53 32.49
C VAL H 174 12.28 16.13 31.51
N ASP H 175 13.52 16.07 31.99
CA ASP H 175 14.66 15.70 31.16
C ASP H 175 15.68 15.05 32.10
N SER H 176 16.01 13.79 31.84
CA SER H 176 17.01 13.09 32.65
C SER H 176 18.42 13.32 32.13
N SER H 177 18.59 13.93 30.95
CA SER H 177 19.93 14.28 30.51
C SER H 177 20.55 15.37 31.36
N LEU H 178 19.73 16.15 32.07
CA LEU H 178 20.22 17.26 32.87
C LEU H 178 20.87 16.81 34.17
N VAL H 179 20.67 15.56 34.60
CA VAL H 179 21.16 15.07 35.88
C VAL H 179 22.24 14.03 35.62
N SER H 180 23.34 14.12 36.36
CA SER H 180 24.46 13.20 36.25
C SER H 180 25.06 12.98 37.63
N LEU H 181 26.19 12.28 37.67
CA LEU H 181 26.86 11.97 38.93
C LEU H 181 28.37 12.10 38.71
N SER H 182 29.01 12.92 39.54
CA SER H 182 30.45 13.15 39.44
C SER H 182 31.18 12.68 40.68
N GLY H 183 30.78 13.19 41.84
CA GLY H 183 31.47 12.92 43.09
C GLY H 183 30.67 12.02 44.01
N SER H 184 30.05 10.98 43.45
CA SER H 184 29.15 10.12 44.20
C SER H 184 27.95 10.88 44.73
N SER H 185 27.59 11.99 44.07
CA SER H 185 26.45 12.81 44.46
C SER H 185 25.77 13.33 43.20
N VAL H 186 24.48 13.62 43.34
CA VAL H 186 23.70 14.09 42.21
C VAL H 186 24.20 15.47 41.80
N THR H 187 24.42 15.65 40.50
CA THR H 187 24.74 16.95 39.92
C THR H 187 23.70 17.25 38.85
N VAL H 188 23.38 18.52 38.70
CA VAL H 188 22.39 18.98 37.73
C VAL H 188 23.00 20.14 36.96
N THR H 189 22.82 20.12 35.64
CA THR H 189 23.44 21.08 34.73
C THR H 189 22.35 21.70 33.86
N PRO H 190 21.74 22.79 34.30
CA PRO H 190 20.68 23.41 33.50
C PRO H 190 21.21 23.88 32.16
N PRO H 191 20.43 23.78 31.09
CA PRO H 191 20.89 24.34 29.82
C PRO H 191 21.08 25.84 29.94
N ASP H 192 22.09 26.37 29.26
CA ASP H 192 22.38 27.78 29.35
C ASP H 192 21.24 28.59 28.75
N GLY H 193 20.93 29.71 29.38
CA GLY H 193 19.82 30.55 28.97
C GLY H 193 18.45 30.08 29.43
N THR H 194 18.39 28.97 30.16
CA THR H 194 17.14 28.45 30.70
C THR H 194 17.35 28.16 32.18
N SER H 195 16.30 27.63 32.80
CA SER H 195 16.33 27.28 34.21
C SER H 195 15.71 25.92 34.42
N ALA H 196 16.22 25.19 35.41
CA ALA H 196 15.77 23.85 35.74
C ALA H 196 15.24 23.81 37.17
N LEU H 197 14.12 23.12 37.33
CA LEU H 197 13.47 22.94 38.63
C LEU H 197 13.81 21.54 39.11
N VAL H 198 14.62 21.45 40.15
CA VAL H 198 15.08 20.18 40.69
C VAL H 198 14.29 19.86 41.94
N GLU H 199 13.80 18.62 42.03
CA GLU H 199 13.12 18.11 43.21
C GLU H 199 13.77 16.80 43.60
N CYS H 200 14.38 16.77 44.79
CA CYS H 200 15.12 15.62 45.28
C CYS H 200 14.51 15.16 46.59
N GLU H 201 14.46 13.83 46.77
CA GLU H 201 14.03 13.19 48.00
C GLU H 201 15.17 12.28 48.47
N CYS H 202 15.94 12.73 49.46
CA CYS H 202 17.14 12.01 49.86
C CYS H 202 17.30 12.07 51.37
N GLY H 203 17.75 10.96 51.97
CA GLY H 203 18.02 10.95 53.43
C GLY H 203 16.87 11.50 54.25
N GLY H 204 15.65 11.48 53.71
CA GLY H 204 14.47 11.94 54.48
C GLY H 204 14.31 13.44 54.46
N THR H 205 15.13 14.16 53.69
CA THR H 205 14.94 15.63 53.56
C THR H 205 14.60 15.96 52.10
N LYS H 206 13.54 16.73 51.88
CA LYS H 206 13.10 17.04 50.50
C LYS H 206 13.63 18.40 50.07
N ILE H 207 14.28 18.46 48.91
CA ILE H 207 14.85 19.75 48.43
C ILE H 207 14.27 20.13 47.07
N SER H 208 13.49 21.22 47.02
CA SER H 208 12.99 21.73 45.75
C SER H 208 13.57 23.11 45.50
N GLU H 209 14.23 23.31 44.35
CA GLU H 209 14.90 24.60 44.06
C GLU H 209 14.92 24.89 42.55
N THR H 210 15.05 26.16 42.14
CA THR H 210 15.19 26.47 40.69
C THR H 210 16.61 26.97 40.42
N ILE H 211 17.29 26.42 39.36
CA ILE H 211 18.72 26.80 39.16
C ILE H 211 18.98 27.15 37.69
N ASN H 212 19.83 28.15 37.44
CA ASN H 212 20.22 28.49 36.05
C ASN H 212 21.70 28.17 35.91
N LYS H 213 22.29 27.55 36.94
CA LYS H 213 23.75 27.25 36.94
C LYS H 213 23.96 25.84 37.51
N THR H 214 25.04 25.15 37.13
CA THR H 214 25.25 23.75 37.58
C THR H 214 25.30 23.71 39.11
N LYS H 215 24.62 22.72 39.70
CA LYS H 215 24.58 22.59 41.17
C LYS H 215 24.77 21.12 41.57
N GLN H 216 25.42 20.87 42.70
CA GLN H 216 25.64 19.53 43.22
C GLN H 216 24.97 19.41 44.58
N PHE H 217 24.15 18.38 44.73
CA PHE H 217 23.42 18.14 45.98
C PHE H 217 24.17 17.09 46.79
N SER H 218 24.88 17.52 47.82
CA SER H 218 25.68 16.61 48.62
C SER H 218 24.81 15.63 49.41
N GLN H 219 23.54 15.95 49.62
CA GLN H 219 22.67 15.08 50.40
C GLN H 219 22.00 13.99 49.57
N CYS H 220 22.34 13.87 48.29
CA CYS H 220 21.80 12.84 47.40
C CYS H 220 22.94 12.03 46.81
N THR H 221 22.63 10.79 46.41
CA THR H 221 23.65 9.84 45.97
C THR H 221 23.37 9.17 44.64
N LYS H 222 22.10 8.97 44.26
CA LYS H 222 21.76 8.32 43.00
C LYS H 222 20.93 9.28 42.16
N LYS H 223 21.24 9.35 40.87
CA LYS H 223 20.56 10.31 40.01
C LYS H 223 19.10 9.94 39.80
N GLU H 224 18.72 8.69 40.09
CA GLU H 224 17.32 8.33 40.05
C GLU H 224 16.54 8.95 41.21
N GLN H 225 17.22 9.38 42.27
CA GLN H 225 16.53 9.94 43.42
C GLN H 225 15.97 11.32 43.17
N CYS H 226 16.43 12.02 42.13
CA CYS H 226 16.08 13.43 41.94
C CYS H 226 15.60 13.65 40.51
N ARG H 227 14.55 14.45 40.38
CA ARG H 227 14.02 14.85 39.08
C ARG H 227 14.44 16.27 38.76
N ALA H 228 14.64 16.53 37.46
CA ALA H 228 15.06 17.84 36.96
C ALA H 228 14.15 18.22 35.80
N TYR H 229 13.32 19.24 36.00
CA TYR H 229 12.30 19.64 35.04
C TYR H 229 12.79 20.88 34.29
N ARG H 230 12.61 20.85 32.97
CA ARG H 230 13.04 21.93 32.08
C ARG H 230 11.99 23.03 32.18
N LEU H 231 12.29 24.04 33.00
CA LEU H 231 11.35 25.13 33.28
C LEU H 231 11.52 26.22 32.23
N GLN H 232 10.82 26.03 31.11
CA GLN H 232 10.80 26.97 30.00
C GLN H 232 9.37 27.45 29.79
N ASN H 233 9.19 28.77 29.69
CA ASN H 233 7.88 29.39 29.59
C ASN H 233 7.77 30.43 28.49
N ASP H 234 8.74 30.47 27.57
CA ASP H 234 8.73 31.50 26.53
C ASP H 234 7.71 31.21 25.43
N LYS H 235 7.56 29.96 25.01
CA LYS H 235 6.72 29.59 23.89
C LYS H 235 5.55 28.75 24.38
N TRP H 236 4.42 28.88 23.69
CA TRP H 236 3.17 28.26 24.12
C TRP H 236 2.85 27.07 23.23
N VAL H 237 1.99 26.18 23.74
CA VAL H 237 1.69 24.93 23.06
C VAL H 237 0.19 24.68 23.02
N TYR H 238 -0.23 23.89 22.05
CA TYR H 238 -1.61 23.44 22.01
C TYR H 238 -1.91 22.59 23.23
N ASN H 239 -3.13 22.71 23.75
CA ASN H 239 -3.48 22.02 25.00
C ASN H 239 -3.67 20.54 24.76
N SER H 240 -2.64 19.86 24.30
CA SER H 240 -2.74 18.45 23.98
C SER H 240 -2.90 17.63 25.25
N ASP H 241 -3.68 16.56 25.16
CA ASP H 241 -3.77 15.62 26.26
C ASP H 241 -2.45 14.92 26.55
N LYS H 242 -1.50 14.93 25.61
CA LYS H 242 -0.23 14.25 25.79
C LYS H 242 0.86 15.14 26.38
N LEU H 243 0.48 16.19 27.11
CA LEU H 243 1.44 17.01 27.83
C LEU H 243 0.92 17.32 29.23
N PRO H 244 1.79 17.53 30.21
CA PRO H 244 1.31 17.92 31.53
C PRO H 244 0.78 19.34 31.54
N LYS H 245 -0.11 19.61 32.49
CA LYS H 245 -0.75 20.91 32.59
C LYS H 245 0.04 21.82 33.51
N ALA H 246 0.17 23.08 33.12
CA ALA H 246 0.85 24.07 33.94
C ALA H 246 -0.09 24.58 35.03
N ALA H 247 0.50 25.21 36.03
CA ALA H 247 -0.28 25.73 37.16
C ALA H 247 -0.96 27.04 36.78
N GLY H 248 -2.08 27.30 37.47
CA GLY H 248 -2.75 28.58 37.33
C GLY H 248 -3.50 28.72 36.02
N ALA H 249 -3.71 29.97 35.61
CA ALA H 249 -4.43 30.29 34.38
C ALA H 249 -3.52 30.01 33.19
N THR H 250 -3.69 28.83 32.60
CA THR H 250 -2.80 28.40 31.54
C THR H 250 -3.19 28.96 30.18
N LEU H 251 -4.45 29.32 29.99
CA LEU H 251 -4.92 29.78 28.69
C LEU H 251 -4.25 31.10 28.34
N LYS H 252 -3.45 31.10 27.27
CA LYS H 252 -2.68 32.27 26.86
C LYS H 252 -3.15 32.88 25.55
N GLY H 253 -3.88 32.15 24.72
CA GLY H 253 -4.46 32.78 23.55
C GLY H 253 -5.24 31.81 22.70
N LYS H 254 -5.72 32.34 21.58
CA LYS H 254 -6.43 31.58 20.56
C LYS H 254 -5.69 31.69 19.24
N LEU H 255 -5.82 30.66 18.41
CA LEU H 255 -5.16 30.63 17.11
C LEU H 255 -5.99 29.87 16.10
N HIS H 256 -6.04 30.40 14.88
CA HIS H 256 -6.96 29.90 13.87
C HIS H 256 -6.51 28.54 13.34
N VAL H 257 -7.47 27.77 12.86
CA VAL H 257 -7.22 26.47 12.25
C VAL H 257 -7.35 26.63 10.74
N PRO H 258 -6.30 26.39 9.96
CA PRO H 258 -6.41 26.55 8.51
C PRO H 258 -6.98 25.31 7.86
N PHE H 259 -7.28 25.46 6.57
CA PHE H 259 -7.76 24.35 5.74
C PHE H 259 -9.12 23.85 6.23
N LEU H 260 -10.06 24.77 6.39
CA LEU H 260 -11.41 24.41 6.79
C LEU H 260 -12.19 23.85 5.61
N LEU H 261 -13.30 23.19 5.92
CA LEU H 261 -14.20 22.72 4.88
C LEU H 261 -14.84 23.91 4.19
N ALA H 262 -14.70 23.98 2.87
CA ALA H 262 -15.24 25.06 2.08
C ALA H 262 -16.04 24.50 0.91
N ASP H 263 -17.03 25.29 0.48
CA ASP H 263 -17.87 24.89 -0.63
C ASP H 263 -17.12 25.07 -1.94
N GLY H 264 -17.42 24.20 -2.89
CA GLY H 264 -16.79 24.27 -4.19
C GLY H 264 -17.46 23.35 -5.17
N LYS H 265 -16.84 23.21 -6.34
CA LYS H 265 -17.34 22.35 -7.40
C LYS H 265 -16.38 21.20 -7.60
N CYS H 266 -16.92 19.98 -7.54
CA CYS H 266 -16.14 18.76 -7.73
C CYS H 266 -16.69 18.00 -8.93
N THR H 267 -15.79 17.37 -9.68
CA THR H 267 -16.18 16.58 -10.84
C THR H 267 -16.73 15.24 -10.39
N VAL H 268 -17.86 14.84 -10.98
CA VAL H 268 -18.59 13.64 -10.57
C VAL H 268 -18.85 12.81 -11.81
N PRO H 269 -18.71 11.49 -11.77
CA PRO H 269 -18.90 10.70 -13.00
C PRO H 269 -20.36 10.65 -13.41
N LEU H 270 -20.57 10.24 -14.67
CA LEU H 270 -21.89 9.99 -15.21
C LEU H 270 -21.98 8.54 -15.64
N ALA H 271 -23.12 7.91 -15.38
CA ALA H 271 -23.28 6.52 -15.75
C ALA H 271 -23.35 6.39 -17.27
N PRO H 272 -23.00 5.22 -17.84
CA PRO H 272 -23.25 5.01 -19.26
C PRO H 272 -24.74 5.02 -19.53
N GLU H 273 -25.23 5.99 -20.30
CA GLU H 273 -26.64 6.38 -20.30
C GLU H 273 -27.56 5.19 -20.56
N PRO H 274 -28.62 5.02 -19.79
CA PRO H 274 -29.37 3.77 -19.82
C PRO H 274 -30.13 3.62 -21.11
N MET H 275 -30.36 2.37 -21.52
CA MET H 275 -31.18 2.13 -22.71
C MET H 275 -32.60 1.78 -22.31
N ILE H 276 -33.52 2.62 -22.76
CA ILE H 276 -34.92 2.57 -22.39
C ILE H 276 -35.64 1.83 -23.51
N THR H 277 -36.48 0.87 -23.15
CA THR H 277 -37.39 0.21 -24.08
C THR H 277 -38.81 0.41 -23.56
N PHE H 278 -39.64 1.05 -24.39
CA PHE H 278 -40.97 1.41 -23.97
C PHE H 278 -41.95 0.27 -24.26
N GLY H 279 -43.08 0.31 -23.56
CA GLY H 279 -44.17 -0.61 -23.79
C GLY H 279 -45.39 -0.06 -23.11
N PHE H 280 -46.53 -0.71 -23.35
CA PHE H 280 -47.80 -0.20 -22.84
C PHE H 280 -47.75 -0.07 -21.33
N ARG H 281 -47.73 1.17 -20.85
CA ARG H 281 -47.71 1.46 -19.43
C ARG H 281 -46.50 0.82 -18.75
N SER H 282 -45.38 0.73 -19.46
CA SER H 282 -44.20 0.10 -18.90
C SER H 282 -42.95 0.66 -19.55
N VAL H 283 -41.92 0.84 -18.73
CA VAL H 283 -40.59 1.23 -19.18
C VAL H 283 -39.61 0.18 -18.67
N SER H 284 -38.97 -0.54 -19.58
CA SER H 284 -37.92 -1.48 -19.24
C SER H 284 -36.58 -0.83 -19.55
N LEU H 285 -35.88 -0.40 -18.50
CA LEU H 285 -34.61 0.28 -18.63
C LEU H 285 -33.48 -0.68 -18.28
N LYS H 286 -32.51 -0.77 -19.17
CA LYS H 286 -31.35 -1.63 -19.00
C LYS H 286 -30.13 -0.76 -18.68
N LEU H 287 -29.39 -1.17 -17.65
CA LEU H 287 -28.33 -0.39 -17.02
C LEU H 287 -27.04 -1.20 -16.99
N HIS H 288 -25.93 -0.55 -17.34
CA HIS H 288 -24.57 -1.07 -17.12
C HIS H 288 -23.75 -0.01 -16.40
N PRO H 289 -23.76 -0.01 -15.07
CA PRO H 289 -22.90 0.92 -14.33
C PRO H 289 -21.43 0.59 -14.51
N LYS H 290 -20.60 1.64 -14.46
CA LYS H 290 -19.16 1.47 -14.43
C LYS H 290 -18.68 1.41 -12.99
N ASN H 291 -18.93 2.46 -12.22
CA ASN H 291 -18.90 2.44 -10.76
C ASN H 291 -20.31 2.20 -10.24
N PRO H 292 -20.46 1.78 -8.99
CA PRO H 292 -21.82 1.58 -8.44
C PRO H 292 -22.66 2.85 -8.53
N THR H 293 -23.78 2.75 -9.25
CA THR H 293 -24.70 3.87 -9.46
C THR H 293 -25.91 3.72 -8.56
N TYR H 294 -26.58 4.83 -8.28
CA TYR H 294 -27.83 4.83 -7.55
C TYR H 294 -28.99 5.12 -8.49
N LEU H 295 -29.94 4.19 -8.59
CA LEU H 295 -31.15 4.38 -9.36
C LEU H 295 -32.26 4.75 -8.39
N ILE H 296 -32.94 5.86 -8.66
CA ILE H 296 -33.98 6.38 -7.78
C ILE H 296 -35.19 6.69 -8.65
N THR H 297 -36.36 6.18 -8.25
CA THR H 297 -37.56 6.31 -9.07
C THR H 297 -38.75 6.66 -8.18
N ARG H 298 -39.69 7.42 -8.75
CA ARG H 298 -40.91 7.76 -8.03
C ARG H 298 -42.03 8.04 -9.02
N GLN H 299 -43.25 7.74 -8.59
CA GLN H 299 -44.42 8.06 -9.39
C GLN H 299 -44.93 9.45 -9.05
N LEU H 300 -45.26 10.21 -10.09
CA LEU H 300 -45.75 11.58 -9.95
C LEU H 300 -47.25 11.60 -9.68
N ALA H 301 -47.67 10.96 -8.59
CA ALA H 301 -49.07 10.85 -8.22
C ALA H 301 -49.18 10.96 -6.71
N ASP H 302 -50.35 10.62 -6.18
CA ASP H 302 -50.58 10.73 -4.75
C ASP H 302 -49.65 9.82 -3.96
N GLU H 303 -49.42 8.61 -4.45
CA GLU H 303 -48.54 7.64 -3.79
C GLU H 303 -47.24 7.52 -4.58
N PRO H 304 -46.11 8.05 -4.09
CA PRO H 304 -44.88 7.98 -4.89
C PRO H 304 -44.40 6.57 -5.17
N HIS H 305 -44.61 5.63 -4.25
CA HIS H 305 -44.06 4.28 -4.37
C HIS H 305 -42.56 4.36 -4.64
N TYR H 306 -41.87 5.04 -3.74
CA TYR H 306 -40.49 5.40 -3.95
C TYR H 306 -39.59 4.17 -4.02
N THR H 307 -38.59 4.23 -4.90
CA THR H 307 -37.60 3.18 -5.05
C THR H 307 -36.21 3.79 -5.08
N HIS H 308 -35.26 3.09 -4.47
CA HIS H 308 -33.91 3.60 -4.28
C HIS H 308 -32.98 2.41 -4.16
N GLU H 309 -32.17 2.16 -5.19
CA GLU H 309 -31.39 0.94 -5.28
C GLU H 309 -29.97 1.28 -5.72
N LEU H 310 -29.02 0.47 -5.25
CA LEU H 310 -27.62 0.58 -5.66
C LEU H 310 -27.32 -0.54 -6.63
N ILE H 311 -26.82 -0.19 -7.82
CA ILE H 311 -26.55 -1.14 -8.89
C ILE H 311 -25.06 -1.12 -9.14
N SER H 312 -24.44 -2.31 -9.05
CA SER H 312 -23.01 -2.47 -9.27
C SER H 312 -22.67 -3.43 -10.39
N GLU H 313 -23.65 -4.15 -10.94
CA GLU H 313 -23.46 -5.07 -12.04
C GLU H 313 -24.54 -4.76 -13.07
N PRO H 314 -24.40 -5.27 -14.30
CA PRO H 314 -25.46 -5.06 -15.29
C PRO H 314 -26.81 -5.53 -14.78
N ALA H 315 -27.84 -4.74 -15.04
CA ALA H 315 -29.18 -5.07 -14.57
C ALA H 315 -30.20 -4.59 -15.59
N VAL H 316 -31.39 -5.17 -15.51
CA VAL H 316 -32.54 -4.72 -16.28
C VAL H 316 -33.71 -4.59 -15.32
N ARG H 317 -34.32 -3.40 -15.28
CA ARG H 317 -35.43 -3.13 -14.37
C ARG H 317 -36.63 -2.72 -15.18
N ASN H 318 -37.79 -3.28 -14.85
CA ASN H 318 -39.05 -2.96 -15.51
C ASN H 318 -39.93 -2.23 -14.51
N PHE H 319 -40.32 -1.00 -14.86
CA PHE H 319 -41.15 -0.16 -14.02
C PHE H 319 -42.45 0.17 -14.73
N THR H 320 -43.50 0.39 -13.96
CA THR H 320 -44.79 0.78 -14.50
C THR H 320 -44.89 2.30 -14.57
N VAL H 321 -45.36 2.80 -15.71
CA VAL H 321 -45.52 4.22 -15.95
C VAL H 321 -47.00 4.47 -16.25
N THR H 322 -47.74 4.92 -15.25
CA THR H 322 -49.18 5.07 -15.37
C THR H 322 -49.51 6.36 -16.11
N GLU H 323 -50.80 6.71 -16.11
CA GLU H 323 -51.23 7.94 -16.76
C GLU H 323 -50.70 9.16 -16.03
N LYS H 324 -50.50 9.06 -14.71
CA LYS H 324 -50.09 10.19 -13.90
C LYS H 324 -48.59 10.40 -13.86
N GLY H 325 -47.82 9.57 -14.55
CA GLY H 325 -46.41 9.82 -14.76
C GLY H 325 -45.51 9.02 -13.83
N TRP H 326 -44.22 9.04 -14.16
CA TRP H 326 -43.20 8.33 -13.40
C TRP H 326 -41.84 8.87 -13.83
N GLU H 327 -40.99 9.19 -12.85
CA GLU H 327 -39.67 9.73 -13.13
C GLU H 327 -38.60 8.89 -12.46
N PHE H 328 -37.40 8.96 -13.04
CA PHE H 328 -36.24 8.28 -12.52
C PHE H 328 -35.01 9.16 -12.69
N VAL H 329 -34.07 9.01 -11.77
CA VAL H 329 -32.75 9.61 -11.84
C VAL H 329 -31.74 8.53 -11.53
N TRP H 330 -30.79 8.34 -12.45
CA TRP H 330 -29.78 7.30 -12.35
C TRP H 330 -28.42 7.95 -12.31
N GLY H 331 -27.60 7.54 -11.35
CA GLY H 331 -26.31 8.18 -11.18
C GLY H 331 -26.51 9.65 -10.90
N ASN H 332 -25.79 10.49 -11.64
CA ASN H 332 -25.84 11.92 -11.48
C ASN H 332 -26.51 12.64 -12.64
N HIS H 333 -27.25 11.91 -13.46
CA HIS H 333 -27.92 12.52 -14.59
C HIS H 333 -29.10 13.36 -14.12
N PRO H 334 -29.59 14.29 -14.94
CA PRO H 334 -30.77 15.03 -14.55
C PRO H 334 -31.96 14.10 -14.45
N PRO H 335 -32.97 14.43 -13.63
CA PRO H 335 -34.17 13.60 -13.58
C PRO H 335 -34.84 13.52 -14.95
N LYS H 336 -35.34 12.34 -15.27
CA LYS H 336 -36.10 12.11 -16.50
C LYS H 336 -37.51 11.66 -16.14
N ARG H 337 -38.51 12.32 -16.72
CA ARG H 337 -39.91 12.11 -16.42
C ARG H 337 -40.59 11.52 -17.64
N PHE H 338 -41.52 10.58 -17.42
CA PHE H 338 -42.23 9.91 -18.50
C PHE H 338 -43.69 9.78 -18.14
N TRP H 339 -44.54 9.85 -19.17
CA TRP H 339 -45.97 9.72 -19.01
C TRP H 339 -46.49 8.77 -20.09
N ALA H 340 -47.55 8.05 -19.78
CA ALA H 340 -48.08 7.02 -20.65
C ALA H 340 -49.40 7.45 -21.28
N GLN H 341 -49.65 6.93 -22.48
CA GLN H 341 -50.87 7.23 -23.23
C GLN H 341 -51.42 5.94 -23.81
N GLU H 342 -52.76 5.89 -23.90
CA GLU H 342 -53.48 4.64 -24.17
C GLU H 342 -53.25 4.22 -25.62
N THR H 343 -52.45 3.17 -25.80
CA THR H 343 -52.23 2.58 -27.11
C THR H 343 -52.95 1.25 -27.30
N ALA H 344 -53.83 0.87 -26.37
CA ALA H 344 -54.62 -0.36 -26.50
C ALA H 344 -56.07 -0.05 -26.82
N VAL I 1 41.78 16.41 38.48
CA VAL I 1 41.20 17.56 37.75
C VAL I 1 42.24 18.66 37.63
N GLN I 2 42.36 19.24 36.43
CA GLN I 2 43.40 20.22 36.17
C GLN I 2 42.92 21.26 35.17
N LEU I 3 43.22 22.52 35.46
CA LEU I 3 43.07 23.63 34.53
C LEU I 3 44.46 24.14 34.18
N VAL I 4 44.80 24.13 32.89
CA VAL I 4 46.13 24.49 32.42
C VAL I 4 46.01 25.74 31.56
N GLU I 5 46.69 26.81 31.96
CA GLU I 5 46.72 28.04 31.19
C GLU I 5 47.90 28.03 30.23
N SER I 6 47.79 28.85 29.19
CA SER I 6 48.85 28.98 28.20
C SER I 6 48.68 30.28 27.44
N GLY I 7 49.78 30.73 26.84
CA GLY I 7 49.78 31.93 26.03
C GLY I 7 50.42 33.16 26.67
N GLY I 8 51.09 33.01 27.81
CA GLY I 8 51.72 34.15 28.45
C GLY I 8 52.92 34.64 27.67
N GLY I 9 53.38 35.83 28.05
CA GLY I 9 54.53 36.43 27.41
C GLY I 9 54.49 37.94 27.54
N LEU I 10 55.00 38.61 26.52
CA LEU I 10 55.08 40.06 26.48
C LEU I 10 54.49 40.57 25.18
N ALA I 11 53.95 41.78 25.22
CA ALA I 11 53.40 42.44 24.05
C ALA I 11 53.49 43.95 24.27
N LYS I 12 52.98 44.72 23.30
CA LYS I 12 53.09 46.16 23.33
C LYS I 12 51.71 46.78 23.51
N PRO I 13 51.64 48.01 24.06
CA PRO I 13 50.33 48.63 24.28
C PRO I 13 49.55 48.79 22.97
N GLY I 14 48.23 48.57 23.06
CA GLY I 14 47.37 48.68 21.91
C GLY I 14 47.43 47.50 20.96
N GLY I 15 48.16 46.44 21.31
CA GLY I 15 48.32 45.29 20.44
C GLY I 15 47.24 44.24 20.66
N SER I 16 47.56 43.03 20.21
CA SER I 16 46.63 41.90 20.30
C SER I 16 47.38 40.70 20.89
N LEU I 17 46.64 39.90 21.67
CA LEU I 17 47.19 38.74 22.33
C LEU I 17 46.04 37.79 22.61
N ARG I 18 46.36 36.56 23.00
CA ARG I 18 45.36 35.57 23.35
C ARG I 18 45.89 34.67 24.46
N LEU I 19 45.02 34.38 25.43
CA LEU I 19 45.28 33.38 26.44
C LEU I 19 44.34 32.20 26.22
N SER I 20 44.79 31.01 26.62
CA SER I 20 44.01 29.80 26.43
C SER I 20 44.04 28.98 27.72
N CYS I 21 43.00 28.18 27.90
CA CYS I 21 42.84 27.37 29.09
C CYS I 21 42.28 26.01 28.69
N ALA I 22 42.89 24.95 29.20
CA ALA I 22 42.51 23.58 28.89
C ALA I 22 42.04 22.89 30.16
N ALA I 23 40.97 22.11 30.03
CA ALA I 23 40.30 21.45 31.15
C ALA I 23 40.54 19.95 31.06
N ALA I 24 40.87 19.33 32.18
CA ALA I 24 41.16 17.91 32.24
C ALA I 24 40.23 17.23 33.23
N GLY I 25 39.59 16.16 32.79
CA GLY I 25 38.79 15.33 33.67
C GLY I 25 37.35 15.78 33.82
N PHE I 26 37.15 16.89 34.53
CA PHE I 26 35.79 17.33 34.85
C PHE I 26 35.05 17.74 33.59
N ARG I 27 33.73 17.59 33.63
CA ARG I 27 32.90 17.85 32.46
C ARG I 27 32.86 19.35 32.18
N PHE I 28 33.81 19.80 31.36
CA PHE I 28 33.98 21.22 31.04
C PHE I 28 32.72 21.83 30.45
N SER I 29 31.88 21.02 29.81
CA SER I 29 30.73 21.52 29.08
C SER I 29 29.74 22.25 29.97
N ASP I 30 29.72 21.93 31.26
CA ASP I 30 28.66 22.40 32.17
C ASP I 30 29.22 23.14 33.38
N PHE I 31 30.17 24.03 33.18
CA PHE I 31 30.69 24.87 34.26
C PHE I 31 30.96 26.27 33.72
N HIS I 32 30.57 27.28 34.49
CA HIS I 32 31.01 28.64 34.20
C HIS I 32 32.52 28.74 34.33
N MET I 33 33.14 29.50 33.44
CA MET I 33 34.58 29.70 33.44
C MET I 33 34.90 31.14 33.77
N HIS I 34 36.01 31.33 34.48
CA HIS I 34 36.42 32.64 34.96
C HIS I 34 37.89 32.90 34.63
N TRP I 35 38.21 34.17 34.41
CA TRP I 35 39.57 34.64 34.24
C TRP I 35 39.82 35.74 35.26
N VAL I 36 40.94 35.62 36.00
CA VAL I 36 41.28 36.52 37.09
C VAL I 36 42.76 36.86 36.96
N ARG I 37 43.20 37.94 37.61
CA ARG I 37 44.59 38.37 37.54
C ARG I 37 45.10 38.87 38.88
N GLN I 38 46.42 38.78 39.05
CA GLN I 38 47.15 39.23 40.23
C GLN I 38 48.39 40.00 39.81
N ALA I 39 48.87 40.85 40.70
CA ALA I 39 50.16 41.48 40.57
C ALA I 39 50.71 41.67 41.98
N PRO I 40 52.04 41.85 42.12
CA PRO I 40 52.62 41.91 43.47
C PRO I 40 52.01 43.00 44.34
N GLY I 41 51.30 42.60 45.38
CA GLY I 41 50.70 43.53 46.31
C GLY I 41 49.57 44.36 45.74
N LYS I 42 49.06 44.03 44.55
CA LYS I 42 48.02 44.83 43.91
C LYS I 42 46.61 44.28 44.12
N GLY I 43 46.46 43.10 44.71
CA GLY I 43 45.15 42.59 45.03
C GLY I 43 44.48 41.90 43.86
N LEU I 44 43.68 40.88 44.20
CA LEU I 44 42.95 40.13 43.18
C LEU I 44 41.95 41.04 42.47
N GLU I 45 41.84 40.84 41.15
CA GLU I 45 40.87 41.56 40.33
C GLU I 45 40.27 40.59 39.34
N TRP I 46 38.95 40.44 39.38
CA TRP I 46 38.27 39.57 38.43
C TRP I 46 38.31 40.19 37.04
N VAL I 47 38.82 39.42 36.08
CA VAL I 47 38.90 39.90 34.70
C VAL I 47 37.54 39.71 34.05
N SER I 48 37.08 38.47 33.93
CA SER I 48 35.78 38.28 33.28
C SER I 48 35.31 36.83 33.46
N ARG I 49 34.09 36.55 32.99
CA ARG I 49 33.54 35.21 33.06
C ARG I 49 32.60 34.93 31.90
N ILE I 50 32.42 33.62 31.65
CA ILE I 50 31.53 33.11 30.60
C ILE I 50 30.69 31.98 31.18
N SER I 51 29.40 31.95 30.78
CA SER I 51 28.37 31.14 31.44
C SER I 51 28.08 29.80 30.77
N HIS I 52 29.10 28.98 30.51
CA HIS I 52 29.00 27.55 30.20
C HIS I 52 28.15 27.22 28.97
N GLY I 53 27.64 28.21 28.25
CA GLY I 53 27.00 27.97 26.98
C GLY I 53 27.30 29.04 25.95
N GLY I 54 28.08 30.06 26.34
CA GLY I 54 28.31 31.20 25.48
C GLY I 54 27.18 32.18 25.42
N VAL I 55 26.06 31.91 26.10
CA VAL I 55 24.92 32.81 26.02
C VAL I 55 25.21 34.11 26.75
N THR I 56 25.78 34.03 27.95
CA THR I 56 26.05 35.18 28.78
C THR I 56 27.53 35.25 29.12
N THR I 57 28.11 36.41 28.91
CA THR I 57 29.48 36.73 29.28
C THR I 57 29.46 38.06 29.99
N ARG I 58 30.36 38.27 30.94
CA ARG I 58 30.38 39.56 31.61
C ARG I 58 31.79 39.89 32.07
N PHE I 59 32.08 41.20 32.10
CA PHE I 59 33.42 41.73 32.25
C PHE I 59 33.41 42.82 33.31
N ALA I 60 34.58 43.08 33.90
CA ALA I 60 34.70 44.12 34.90
C ALA I 60 34.78 45.49 34.25
N ASP I 61 34.52 46.53 35.04
CA ASP I 61 34.56 47.90 34.52
C ASP I 61 35.96 48.28 34.05
N SER I 62 36.99 47.92 34.81
CA SER I 62 38.36 48.25 34.43
C SER I 62 38.74 47.60 33.12
N VAL I 63 38.10 46.48 32.76
CA VAL I 63 38.43 45.72 31.56
C VAL I 63 37.29 45.67 30.56
N LYS I 64 36.31 46.56 30.67
CA LYS I 64 35.15 46.51 29.79
C LYS I 64 35.55 46.77 28.35
N GLY I 65 34.94 46.03 27.42
CA GLY I 65 35.07 46.31 26.01
C GLY I 65 36.31 45.76 25.34
N ARG I 66 37.44 45.81 26.04
CA ARG I 66 38.71 45.45 25.40
C ARG I 66 38.89 43.94 25.30
N PHE I 67 38.37 43.18 26.25
CA PHE I 67 38.66 41.75 26.31
C PHE I 67 37.49 40.97 25.70
N THR I 68 37.69 39.66 25.52
CA THR I 68 36.59 38.80 25.06
C THR I 68 36.87 37.34 25.38
N ILE I 69 35.99 36.70 26.16
CA ILE I 69 36.08 35.26 26.38
C ILE I 69 35.22 34.53 25.36
N SER I 70 35.70 33.36 24.93
CA SER I 70 34.91 32.40 24.18
C SER I 70 35.30 31.01 24.65
N ARG I 71 34.51 30.01 24.27
CA ARG I 71 34.81 28.64 24.63
C ARG I 71 34.23 27.73 23.57
N GLU I 72 34.78 26.51 23.49
CA GLU I 72 34.26 25.51 22.56
C GLU I 72 34.18 24.18 23.30
N ASN I 73 32.96 23.79 23.67
CA ASN I 73 32.78 22.58 24.46
C ASN I 73 33.26 21.34 23.72
N ALA I 74 33.02 21.27 22.42
CA ALA I 74 33.50 20.14 21.64
C ALA I 74 35.02 20.02 21.69
N LYS I 75 35.71 21.15 21.74
CA LYS I 75 37.17 21.16 21.82
C LYS I 75 37.68 21.11 23.25
N ASN I 76 36.80 21.25 24.24
CA ASN I 76 37.22 21.19 25.65
C ASN I 76 38.23 22.28 25.97
N THR I 77 38.01 23.48 25.43
CA THR I 77 38.96 24.58 25.57
C THR I 77 38.25 25.90 25.77
N LEU I 78 38.93 26.80 26.47
CA LEU I 78 38.48 28.17 26.72
C LEU I 78 39.53 29.12 26.17
N TYR I 79 39.09 30.25 25.61
CA TYR I 79 39.99 31.23 25.01
C TYR I 79 39.61 32.62 25.47
N LEU I 80 40.60 33.52 25.54
CA LEU I 80 40.36 34.93 25.93
C LEU I 80 41.18 35.81 25.00
N GLN I 81 40.51 36.56 24.10
CA GLN I 81 41.22 37.43 23.14
C GLN I 81 41.29 38.84 23.72
N MET I 82 42.50 39.37 23.89
CA MET I 82 42.66 40.73 24.47
C MET I 82 43.22 41.66 23.40
N ASP I 83 42.55 42.81 23.18
CA ASP I 83 42.98 43.77 22.13
C ASP I 83 43.04 45.16 22.77
N ASN I 84 43.71 46.13 22.13
CA ASN I 84 43.89 47.48 22.72
C ASN I 84 44.57 47.34 24.08
N LEU I 85 45.65 46.56 24.15
CA LEU I 85 46.35 46.29 25.43
C LEU I 85 46.79 47.58 26.13
N ARG I 86 47.04 47.52 27.43
CA ARG I 86 47.39 48.67 28.24
C ARG I 86 48.48 48.29 29.24
N ALA I 87 49.22 49.30 29.70
CA ALA I 87 50.37 49.04 30.56
C ALA I 87 49.96 48.39 31.87
N GLU I 88 48.83 48.83 32.45
CA GLU I 88 48.38 48.28 33.72
C GLU I 88 47.95 46.82 33.64
N ASP I 89 47.77 46.28 32.42
CA ASP I 89 47.35 44.90 32.27
C ASP I 89 48.46 43.91 32.61
N THR I 90 49.68 44.37 32.86
CA THR I 90 50.76 43.47 33.24
C THR I 90 50.40 42.71 34.51
N ALA I 91 50.23 41.40 34.42
CA ALA I 91 49.75 40.65 35.57
C ALA I 91 49.90 39.16 35.33
N VAL I 92 49.74 38.40 36.40
CA VAL I 92 49.73 36.94 36.37
C VAL I 92 48.27 36.50 36.33
N TYR I 93 47.90 35.76 35.29
CA TYR I 93 46.51 35.43 35.02
C TYR I 93 46.21 33.99 35.41
N TYR I 94 44.97 33.75 35.85
CA TYR I 94 44.49 32.45 36.28
C TYR I 94 43.15 32.15 35.62
N CYS I 95 43.01 30.90 35.18
CA CYS I 95 41.77 30.36 34.65
C CYS I 95 41.12 29.49 35.71
N ALA I 96 39.84 29.75 36.02
CA ALA I 96 39.20 29.16 37.18
C ALA I 96 37.82 28.60 36.81
N ARG I 97 37.37 27.64 37.62
CA ARG I 97 36.09 26.98 37.45
C ARG I 97 35.10 27.45 38.53
N ASP I 98 33.85 27.57 38.15
CA ASP I 98 32.81 27.93 39.10
C ASP I 98 32.49 26.75 40.01
N SER I 99 32.12 27.08 41.25
CA SER I 99 31.93 26.06 42.27
C SER I 99 30.52 25.51 42.23
N PRO I 100 30.32 24.20 42.17
CA PRO I 100 29.07 23.65 42.70
C PRO I 100 29.14 23.59 44.22
N TYR I 101 28.06 23.13 44.85
CA TYR I 101 27.94 23.11 46.34
C TYR I 101 27.42 24.48 46.84
N TRP I 102 27.18 25.44 45.95
CA TRP I 102 26.78 26.80 46.40
C TRP I 102 25.42 26.74 47.10
N GLY I 103 25.36 27.20 48.36
CA GLY I 103 24.10 27.17 49.14
C GLY I 103 23.06 28.15 48.62
N ASP I 104 23.50 29.35 48.28
CA ASP I 104 22.59 30.41 47.75
C ASP I 104 23.24 30.87 46.46
N TYR I 105 22.51 31.54 45.56
CA TYR I 105 23.11 31.89 44.26
C TYR I 105 24.34 32.75 44.50
N SER I 106 25.48 32.35 43.93
CA SER I 106 26.77 33.07 44.13
C SER I 106 27.83 32.26 43.40
N HIS I 107 28.98 32.88 43.11
CA HIS I 107 30.07 32.22 42.41
C HIS I 107 31.27 32.12 43.33
N SER I 108 31.68 30.88 43.62
CA SER I 108 32.98 30.60 44.20
C SER I 108 33.85 29.97 43.13
N LEU I 109 35.04 30.54 42.94
CA LEU I 109 36.00 30.01 41.98
C LEU I 109 36.66 28.80 42.64
N ASP I 110 36.32 27.61 42.15
CA ASP I 110 36.66 26.38 42.87
C ASP I 110 38.11 25.96 42.59
N VAL I 111 38.41 25.60 41.35
CA VAL I 111 39.73 25.12 40.96
C VAL I 111 40.36 26.16 40.05
N TRP I 112 41.59 26.53 40.36
CA TRP I 112 42.35 27.52 39.61
C TRP I 112 43.56 26.84 38.97
N GLY I 113 43.87 27.25 37.76
CA GLY I 113 45.05 26.75 37.08
C GLY I 113 46.29 27.52 37.47
N ARG I 114 47.35 27.33 36.69
CA ARG I 114 48.62 27.98 36.96
C ARG I 114 48.53 29.48 36.71
N GLY I 115 49.38 30.23 37.40
CA GLY I 115 49.51 31.65 37.12
C GLY I 115 50.43 31.87 35.94
N VAL I 116 49.96 32.60 34.92
CA VAL I 116 50.68 32.77 33.68
C VAL I 116 50.94 34.27 33.47
N LEU I 117 52.21 34.62 33.24
CA LEU I 117 52.60 36.02 33.18
C LEU I 117 52.22 36.64 31.84
N VAL I 118 51.73 37.88 31.90
CA VAL I 118 51.46 38.69 30.72
C VAL I 118 52.01 40.09 30.99
N THR I 119 52.74 40.62 30.02
CA THR I 119 53.39 41.92 30.14
C THR I 119 52.98 42.82 28.98
N VAL I 120 52.74 44.09 29.29
CA VAL I 120 52.45 45.13 28.30
C VAL I 120 53.30 46.33 28.66
N SER I 121 54.38 46.54 27.92
CA SER I 121 55.31 47.63 28.21
C SER I 121 56.26 47.76 27.02
N SER I 122 57.17 48.73 27.12
CA SER I 122 58.15 48.98 26.07
C SER I 122 59.39 48.10 26.26
N PRO J 1 30.95 50.02 41.67
CA PRO J 1 30.75 51.04 42.70
C PRO J 1 30.74 50.42 44.10
N MET J 2 31.12 49.14 44.21
CA MET J 2 31.12 48.45 45.52
C MET J 2 32.55 48.02 45.84
N ARG J 3 32.96 48.17 47.10
CA ARG J 3 34.32 47.72 47.52
C ARG J 3 34.21 46.96 48.85
N LEU J 4 35.18 46.08 49.12
CA LEU J 4 35.17 45.29 50.38
C LEU J 4 36.37 45.72 51.21
N THR J 5 36.19 46.00 52.50
CA THR J 5 37.29 46.52 53.34
C THR J 5 38.01 45.40 54.09
N GLN J 6 39.34 45.39 54.08
CA GLN J 6 40.11 44.42 54.83
C GLN J 6 41.27 45.11 55.52
N PRO J 7 41.79 44.53 56.61
CA PRO J 7 43.11 44.96 57.09
C PRO J 7 44.19 44.58 56.10
N ARG J 8 45.26 45.39 56.08
CA ARG J 8 46.36 45.09 55.16
C ARG J 8 47.17 43.89 55.62
N SER J 9 47.30 43.69 56.94
CA SER J 9 48.08 42.58 57.45
C SER J 9 47.67 42.30 58.89
N VAL J 10 48.00 41.10 59.36
CA VAL J 10 47.73 40.67 60.72
C VAL J 10 49.02 40.11 61.31
N SER J 11 49.31 40.47 62.55
CA SER J 11 50.53 40.06 63.25
C SER J 11 50.16 39.06 64.35
N VAL J 12 50.60 37.80 64.19
CA VAL J 12 50.41 36.76 65.18
C VAL J 12 51.56 35.78 65.08
N SER J 13 52.04 35.31 66.23
CA SER J 13 53.09 34.31 66.22
C SER J 13 52.52 32.96 65.81
N PRO J 14 53.37 32.01 65.41
CA PRO J 14 52.88 30.66 65.15
C PRO J 14 52.26 30.04 66.41
N GLY J 15 51.17 29.30 66.21
CA GLY J 15 50.47 28.66 67.30
C GLY J 15 49.33 29.47 67.88
N GLN J 16 49.25 30.76 67.57
CA GLN J 16 48.14 31.58 68.04
C GLN J 16 46.96 31.50 67.08
N THR J 17 45.78 31.78 67.61
CA THR J 17 44.55 31.84 66.82
C THR J 17 44.30 33.27 66.37
N ALA J 18 43.97 33.42 65.08
CA ALA J 18 43.90 34.72 64.43
C ALA J 18 42.55 34.94 63.78
N ARG J 19 42.27 36.20 63.46
CA ARG J 19 41.05 36.60 62.77
C ARG J 19 41.38 37.59 61.66
N ILE J 20 40.73 37.42 60.51
CA ILE J 20 40.84 38.35 59.39
C ILE J 20 39.42 38.79 59.04
N THR J 21 39.16 40.10 59.11
CA THR J 21 37.83 40.64 58.96
C THR J 21 37.63 41.21 57.56
N CYS J 22 36.36 41.26 57.14
CA CYS J 22 35.99 41.83 55.87
C CYS J 22 34.60 42.44 56.02
N GLY J 23 34.26 43.37 55.13
CA GLY J 23 32.97 44.02 55.24
C GLY J 23 32.66 44.89 54.04
N GLY J 24 31.41 45.34 53.99
CA GLY J 24 30.94 46.19 52.91
C GLY J 24 29.47 46.52 53.03
N ASP J 25 29.02 47.52 52.28
CA ASP J 25 27.62 47.93 52.35
C ASP J 25 26.73 46.83 51.77
N ASN J 26 25.71 46.45 52.53
CA ASN J 26 24.78 45.39 52.14
C ASN J 26 25.49 44.08 51.84
N ILE J 27 26.66 43.87 52.44
CA ILE J 27 27.44 42.67 52.17
C ILE J 27 26.79 41.45 52.81
N GLY J 28 26.12 41.63 53.94
CA GLY J 28 25.64 40.49 54.71
C GLY J 28 24.70 39.59 53.92
N SER J 29 23.78 40.19 53.16
CA SER J 29 22.88 39.41 52.33
C SER J 29 23.62 38.58 51.29
N LYS J 30 24.79 39.01 50.85
CA LYS J 30 25.60 38.24 49.92
C LYS J 30 26.50 37.28 50.67
N SER J 31 26.75 36.13 50.06
CA SER J 31 27.65 35.15 50.65
C SER J 31 29.08 35.64 50.54
N VAL J 32 29.79 35.62 51.66
CA VAL J 32 31.17 36.11 51.75
C VAL J 32 32.07 34.89 51.77
N HIS J 33 32.76 34.65 50.65
CA HIS J 33 33.68 33.52 50.56
C HIS J 33 35.09 33.96 50.93
N TRP J 34 35.89 33.01 51.41
CA TRP J 34 37.25 33.29 51.83
C TRP J 34 38.24 32.41 51.10
N TYR J 35 39.24 33.04 50.48
CA TYR J 35 40.27 32.38 49.69
C TYR J 35 41.63 32.55 50.35
N GLN J 36 42.41 31.47 50.35
CA GLN J 36 43.80 31.47 50.80
C GLN J 36 44.70 31.48 49.56
N GLN J 37 45.73 32.32 49.59
CA GLN J 37 46.60 32.57 48.44
C GLN J 37 47.99 32.93 48.91
N LYS J 38 48.93 32.00 48.75
CA LYS J 38 50.33 32.36 48.85
C LYS J 38 50.71 33.16 47.60
N PRO J 39 51.70 34.05 47.69
CA PRO J 39 51.96 34.99 46.58
C PRO J 39 52.24 34.28 45.26
N PRO J 40 53.13 33.30 45.21
CA PRO J 40 53.52 32.74 43.90
C PRO J 40 52.66 31.59 43.39
N GLN J 41 51.74 31.06 44.19
CA GLN J 41 50.96 29.88 43.84
C GLN J 41 49.58 30.28 43.34
N ALA J 42 48.73 29.27 43.11
CA ALA J 42 47.34 29.49 42.72
C ALA J 42 46.43 29.46 43.95
N PRO J 43 45.27 30.11 43.94
CA PRO J 43 44.43 30.12 45.16
C PRO J 43 43.87 28.75 45.50
N VAL J 44 43.63 28.57 46.80
CA VAL J 44 42.86 27.45 47.32
C VAL J 44 41.80 28.05 48.23
N LEU J 45 40.52 27.80 47.91
CA LEU J 45 39.44 28.44 48.64
C LEU J 45 39.21 27.72 49.96
N VAL J 46 39.28 28.48 51.06
CA VAL J 46 39.19 27.87 52.38
C VAL J 46 37.75 27.84 52.88
N ILE J 47 36.95 28.87 52.62
CA ILE J 47 35.53 28.88 52.99
C ILE J 47 34.76 29.20 51.71
N TYR J 48 34.24 28.16 51.06
CA TYR J 48 33.54 28.33 49.79
C TYR J 48 32.16 28.92 49.96
N ASP J 49 31.52 28.69 51.11
CA ASP J 49 30.26 29.34 51.43
C ASP J 49 30.28 29.62 52.92
N ASP J 50 29.39 30.53 53.34
CA ASP J 50 29.37 30.99 54.72
C ASP J 50 29.30 29.83 55.70
N ARG J 51 30.33 29.71 56.53
CA ARG J 51 30.40 28.68 57.58
C ARG J 51 30.52 27.27 57.02
N ALA J 52 31.23 27.08 55.90
CA ALA J 52 31.37 25.76 55.31
C ALA J 52 32.69 25.68 54.55
N ARG J 53 33.43 24.59 54.78
CA ARG J 53 34.69 24.37 54.08
C ARG J 53 34.47 23.41 52.91
N PRO J 54 35.26 23.49 51.84
CA PRO J 54 35.17 22.47 50.80
C PRO J 54 35.96 21.22 51.19
N SER J 55 35.93 20.24 50.31
CA SER J 55 36.58 18.96 50.57
C SER J 55 38.09 19.15 50.66
N GLY J 56 38.69 18.49 51.66
CA GLY J 56 40.13 18.44 51.79
C GLY J 56 40.76 19.53 52.62
N ILE J 57 40.07 20.63 52.87
CA ILE J 57 40.66 21.74 53.62
C ILE J 57 40.70 21.36 55.10
N PRO J 58 41.78 21.62 55.82
CA PRO J 58 41.79 21.34 57.26
C PRO J 58 40.71 22.12 57.99
N GLU J 59 40.19 21.51 59.05
CA GLU J 59 39.08 22.07 59.82
C GLU J 59 39.47 23.32 60.60
N ARG J 60 40.76 23.58 60.81
CA ARG J 60 41.16 24.66 61.70
C ARG J 60 40.78 26.04 61.18
N PHE J 61 40.33 26.14 59.94
CA PHE J 61 39.75 27.37 59.41
C PHE J 61 38.24 27.34 59.62
N SER J 62 37.66 28.50 59.93
CA SER J 62 36.22 28.64 60.01
C SER J 62 35.90 30.11 59.77
N GLY J 63 34.61 30.41 59.59
CA GLY J 63 34.23 31.78 59.36
C GLY J 63 32.77 32.06 59.69
N SER J 64 32.48 33.28 60.13
CA SER J 64 31.12 33.65 60.53
C SER J 64 30.91 35.13 60.32
N LYS J 65 29.64 35.52 60.20
CA LYS J 65 29.24 36.89 59.93
C LYS J 65 28.22 37.36 60.97
N SER J 66 28.25 38.67 61.25
CA SER J 66 27.33 39.31 62.18
C SER J 66 26.90 40.64 61.56
N GLY J 67 25.81 40.60 60.80
CA GLY J 67 25.36 41.77 60.08
C GLY J 67 26.21 42.03 58.85
N ASN J 68 26.48 43.31 58.57
CA ASN J 68 27.27 43.67 57.40
C ASN J 68 28.76 43.61 57.71
N THR J 69 29.23 42.45 58.13
CA THR J 69 30.66 42.21 58.36
C THR J 69 30.86 40.73 58.60
N ALA J 70 31.98 40.21 58.11
CA ALA J 70 32.32 38.79 58.23
C ALA J 70 33.74 38.65 58.76
N THR J 71 34.05 37.49 59.31
CA THR J 71 35.35 37.24 59.91
C THR J 71 35.76 35.79 59.68
N LEU J 72 37.00 35.62 59.22
CA LEU J 72 37.63 34.32 59.06
C LEU J 72 38.51 34.08 60.29
N ALA J 73 38.16 33.05 61.07
CA ALA J 73 38.90 32.68 62.26
C ALA J 73 39.74 31.44 61.96
N ILE J 74 41.05 31.56 62.20
CA ILE J 74 42.01 30.49 61.92
C ILE J 74 42.59 30.06 63.25
N SER J 75 42.34 28.81 63.63
CA SER J 75 42.73 28.29 64.93
C SER J 75 44.08 27.59 64.84
N GLY J 76 44.96 27.89 65.79
CA GLY J 76 46.29 27.31 65.81
C GLY J 76 47.04 27.61 64.53
N VAL J 77 47.37 28.87 64.32
CA VAL J 77 48.02 29.31 63.08
C VAL J 77 49.40 28.68 62.99
N GLU J 78 49.62 27.88 61.95
CA GLU J 78 50.91 27.25 61.72
C GLU J 78 51.78 28.13 60.84
N ALA J 79 53.09 27.91 60.92
CA ALA J 79 54.02 28.66 60.08
C ALA J 79 53.76 28.40 58.60
N GLY J 80 53.25 27.22 58.26
CA GLY J 80 52.90 26.93 56.88
C GLY J 80 51.62 27.57 56.41
N ASP J 81 50.88 28.21 57.32
CA ASP J 81 49.66 28.92 56.98
C ASP J 81 49.91 30.38 56.61
N GLU J 82 51.16 30.82 56.60
CA GLU J 82 51.48 32.24 56.41
C GLU J 82 51.35 32.64 54.95
N ALA J 83 50.11 32.72 54.50
CA ALA J 83 49.76 33.18 53.17
C ALA J 83 48.89 34.43 53.25
N ASP J 84 48.54 34.96 52.09
CA ASP J 84 47.57 36.04 52.01
C ASP J 84 46.17 35.46 52.01
N TYR J 85 45.20 36.27 52.44
CA TYR J 85 43.81 35.85 52.53
C TYR J 85 42.91 36.93 51.97
N TYR J 86 41.87 36.51 51.24
CA TYR J 86 40.98 37.41 50.52
C TYR J 86 39.53 37.07 50.82
N CYS J 87 38.69 38.10 50.84
CA CYS J 87 37.24 37.93 50.91
C CYS J 87 36.60 38.28 49.57
N GLN J 88 35.63 37.47 49.17
CA GLN J 88 35.00 37.59 47.86
C GLN J 88 33.49 37.64 48.01
N VAL J 89 32.85 38.42 47.15
CA VAL J 89 31.41 38.64 47.18
C VAL J 89 30.92 38.75 45.74
N TRP J 90 29.69 38.28 45.52
CA TRP J 90 29.05 38.35 44.22
C TRP J 90 27.99 39.45 44.21
N ASP J 91 27.81 40.08 43.06
CA ASP J 91 26.83 41.15 42.91
C ASP J 91 26.38 41.21 41.47
N SER J 92 25.13 41.64 41.27
CA SER J 92 24.62 41.79 39.92
C SER J 92 25.33 42.90 39.15
N SER J 93 25.63 44.02 39.81
CA SER J 93 26.35 45.10 39.14
C SER J 93 27.74 44.69 38.71
N SER J 94 28.45 43.94 39.55
CA SER J 94 29.76 43.40 39.20
C SER J 94 29.83 41.97 39.75
N ASP J 95 30.08 41.00 38.86
CA ASP J 95 29.88 39.60 39.22
C ASP J 95 30.74 39.20 40.40
N VAL J 96 31.96 39.71 40.47
CA VAL J 96 32.93 39.24 41.45
C VAL J 96 33.75 40.44 41.90
N LEU J 97 33.99 40.54 43.20
CA LEU J 97 34.86 41.55 43.77
C LEU J 97 35.64 40.91 44.91
N PHE J 98 36.96 41.10 44.90
CA PHE J 98 37.82 40.52 45.92
C PHE J 98 38.26 41.61 46.89
N GLY J 99 38.79 41.20 48.03
CA GLY J 99 39.17 42.12 49.08
C GLY J 99 40.58 42.63 48.93
N GLY J 100 41.10 43.17 50.02
CA GLY J 100 42.41 43.81 50.02
C GLY J 100 43.59 42.85 50.03
N GLY J 101 43.37 41.60 50.41
CA GLY J 101 44.47 40.64 50.45
C GLY J 101 45.33 40.75 51.69
N THR J 102 44.72 40.54 52.86
CA THR J 102 45.45 40.59 54.12
C THR J 102 46.58 39.57 54.12
N ARG J 103 47.78 40.04 54.45
CA ARG J 103 48.98 39.21 54.43
C ARG J 103 49.26 38.71 55.85
N LEU J 104 49.04 37.42 56.08
CA LEU J 104 49.22 36.85 57.41
C LEU J 104 50.69 36.85 57.79
N THR J 105 50.96 37.01 59.08
CA THR J 105 52.33 36.98 59.58
C THR J 105 52.37 36.58 61.04
N VAL K 1 20.09 50.54 -21.60
CA VAL K 1 20.74 49.69 -22.64
C VAL K 1 22.19 50.11 -22.82
N GLN K 2 23.11 49.15 -22.75
CA GLN K 2 24.52 49.42 -22.90
C GLN K 2 25.22 48.20 -23.48
N LEU K 3 26.07 48.46 -24.48
CA LEU K 3 27.00 47.48 -25.01
C LEU K 3 28.42 48.03 -24.86
N VAL K 4 29.30 47.25 -24.24
CA VAL K 4 30.67 47.67 -23.94
C VAL K 4 31.61 46.64 -24.52
N GLU K 5 32.50 47.07 -25.41
CA GLU K 5 33.48 46.18 -26.01
C GLU K 5 34.80 46.25 -25.25
N SER K 6 35.63 45.22 -25.43
CA SER K 6 36.95 45.16 -24.82
C SER K 6 37.71 44.00 -25.45
N GLY K 7 38.98 43.88 -25.05
CA GLY K 7 39.81 42.77 -25.44
C GLY K 7 40.60 42.98 -26.71
N GLY K 8 40.32 44.04 -27.47
CA GLY K 8 41.07 44.32 -28.66
C GLY K 8 42.35 45.08 -28.37
N GLY K 9 43.16 45.24 -29.39
CA GLY K 9 44.41 45.95 -29.29
C GLY K 9 45.35 45.53 -30.39
N LEU K 10 46.64 45.77 -30.16
CA LEU K 10 47.66 45.44 -31.14
C LEU K 10 48.06 43.97 -31.01
N ALA K 11 48.20 43.31 -32.16
CA ALA K 11 48.65 41.93 -32.23
C ALA K 11 49.53 41.76 -33.45
N LYS K 12 50.33 40.68 -33.45
CA LYS K 12 51.28 40.46 -34.52
C LYS K 12 50.62 39.73 -35.70
N PRO K 13 51.17 39.86 -36.91
CA PRO K 13 50.50 39.27 -38.09
C PRO K 13 50.39 37.77 -37.96
N GLY K 14 49.25 37.24 -38.45
CA GLY K 14 49.00 35.83 -38.41
C GLY K 14 48.61 35.27 -37.06
N GLY K 15 48.47 36.11 -36.04
CA GLY K 15 48.19 35.68 -34.70
C GLY K 15 46.71 35.53 -34.42
N SER K 16 46.40 35.38 -33.13
CA SER K 16 45.03 35.22 -32.65
C SER K 16 44.74 36.25 -31.58
N LEU K 17 43.47 36.63 -31.47
CA LEU K 17 43.04 37.59 -30.47
C LEU K 17 41.60 37.27 -30.09
N ARG K 18 41.10 37.92 -29.06
CA ARG K 18 39.71 37.75 -28.62
C ARG K 18 39.10 39.10 -28.28
N LEU K 19 37.96 39.39 -28.92
CA LEU K 19 37.14 40.54 -28.57
C LEU K 19 35.97 40.07 -27.71
N SER K 20 35.62 40.86 -26.71
CA SER K 20 34.51 40.58 -25.81
C SER K 20 33.55 41.75 -25.80
N CYS K 21 32.26 41.44 -25.67
CA CYS K 21 31.20 42.44 -25.64
C CYS K 21 30.27 42.09 -24.50
N ALA K 22 30.04 43.05 -23.62
CA ALA K 22 29.19 42.89 -22.45
C ALA K 22 27.95 43.75 -22.62
N ALA K 23 26.79 43.16 -22.31
CA ALA K 23 25.50 43.80 -22.50
C ALA K 23 24.81 44.02 -21.15
N ALA K 24 24.09 45.14 -21.06
CA ALA K 24 23.37 45.48 -19.86
C ALA K 24 22.11 46.26 -20.24
N GLY K 25 21.10 46.19 -19.38
CA GLY K 25 19.86 46.90 -19.60
C GLY K 25 18.83 46.15 -20.40
N PHE K 26 19.18 45.00 -20.97
CA PHE K 26 18.21 44.17 -21.67
C PHE K 26 18.56 42.72 -21.46
N ARG K 27 17.53 41.88 -21.37
CA ARG K 27 17.72 40.44 -21.26
C ARG K 27 18.31 39.94 -22.58
N PHE K 28 19.61 39.69 -22.53
CA PHE K 28 20.47 39.44 -23.68
C PHE K 28 20.10 38.19 -24.47
N SER K 29 19.38 37.27 -23.83
CA SER K 29 19.32 35.91 -24.35
C SER K 29 18.66 35.78 -25.72
N ASP K 30 17.83 36.74 -26.15
CA ASP K 30 16.99 36.56 -27.32
C ASP K 30 17.35 37.43 -28.52
N PHE K 31 18.34 38.32 -28.42
CA PHE K 31 18.67 39.21 -29.53
C PHE K 31 19.83 38.65 -30.33
N HIS K 32 19.73 38.72 -31.65
CA HIS K 32 20.87 38.43 -32.50
C HIS K 32 21.98 39.44 -32.22
N MET K 33 23.22 39.01 -32.40
CA MET K 33 24.38 39.85 -32.11
C MET K 33 25.26 39.93 -33.35
N HIS K 34 25.74 41.13 -33.67
CA HIS K 34 26.49 41.39 -34.89
C HIS K 34 27.81 42.06 -34.54
N TRP K 35 28.85 41.77 -35.33
CA TRP K 35 30.10 42.50 -35.28
C TRP K 35 30.30 43.22 -36.60
N VAL K 36 30.62 44.51 -36.54
CA VAL K 36 30.79 45.34 -37.72
C VAL K 36 32.07 46.15 -37.60
N ARG K 37 32.87 46.16 -38.67
CA ARG K 37 34.17 46.81 -38.65
C ARG K 37 34.17 48.06 -39.51
N GLN K 38 34.86 49.10 -39.03
CA GLN K 38 35.09 50.32 -39.80
C GLN K 38 36.56 50.63 -39.71
N ALA K 39 37.24 50.64 -40.86
CA ALA K 39 38.62 51.07 -40.92
C ALA K 39 38.70 52.59 -41.03
N PRO K 40 39.85 53.18 -40.71
CA PRO K 40 39.98 54.64 -40.85
C PRO K 40 39.70 55.12 -42.26
N GLY K 41 38.67 55.95 -42.42
CA GLY K 41 38.32 56.49 -43.72
C GLY K 41 37.58 55.53 -44.63
N LYS K 42 37.22 54.34 -44.15
CA LYS K 42 36.54 53.34 -44.95
C LYS K 42 35.12 53.15 -44.42
N GLY K 43 34.28 52.53 -45.26
CA GLY K 43 32.90 52.30 -44.91
C GLY K 43 32.72 51.12 -43.97
N LEU K 44 31.51 51.03 -43.43
CA LEU K 44 31.16 49.92 -42.56
C LEU K 44 31.22 48.61 -43.34
N GLU K 45 31.47 47.52 -42.62
CA GLU K 45 31.49 46.19 -43.22
C GLU K 45 31.07 45.19 -42.18
N TRP K 46 29.98 44.48 -42.45
CA TRP K 46 29.53 43.42 -41.54
C TRP K 46 30.60 42.35 -41.46
N VAL K 47 30.91 41.93 -40.23
CA VAL K 47 31.90 40.89 -40.01
C VAL K 47 31.18 39.55 -39.96
N SER K 48 30.31 39.39 -38.97
CA SER K 48 29.68 38.11 -38.69
C SER K 48 28.70 38.26 -37.53
N ARG K 49 27.70 37.38 -37.52
CA ARG K 49 26.59 37.46 -36.58
C ARG K 49 26.24 36.10 -36.01
N ILE K 50 25.57 36.13 -34.86
CA ILE K 50 25.11 34.93 -34.15
C ILE K 50 23.65 35.10 -33.77
N SER K 51 22.89 34.00 -33.88
CA SER K 51 21.44 34.00 -33.87
C SER K 51 20.82 33.67 -32.51
N HIS K 52 21.20 34.41 -31.47
CA HIS K 52 20.59 34.50 -30.14
C HIS K 52 20.54 33.18 -29.37
N GLY K 53 20.99 32.07 -29.94
CA GLY K 53 21.18 30.85 -29.17
C GLY K 53 22.41 30.06 -29.59
N GLY K 54 23.10 30.52 -30.62
CA GLY K 54 24.24 29.80 -31.14
C GLY K 54 23.92 28.74 -32.16
N VAL K 55 22.65 28.51 -32.47
CA VAL K 55 22.30 27.49 -33.46
C VAL K 55 22.80 27.89 -34.83
N THR K 56 22.61 29.15 -35.22
CA THR K 56 22.99 29.64 -36.54
C THR K 56 23.96 30.80 -36.38
N THR K 57 25.11 30.69 -37.04
CA THR K 57 26.12 31.75 -37.09
C THR K 57 26.48 31.98 -38.54
N ARG K 58 26.55 33.25 -38.95
CA ARG K 58 26.85 33.59 -40.33
C ARG K 58 28.05 34.51 -40.38
N PHE K 59 28.90 34.28 -41.39
CA PHE K 59 30.16 34.99 -41.53
C PHE K 59 30.28 35.55 -42.94
N ALA K 60 30.86 36.74 -43.04
CA ALA K 60 31.10 37.33 -44.36
C ALA K 60 32.23 36.60 -45.06
N ASP K 61 32.28 36.78 -46.39
CA ASP K 61 33.31 36.11 -47.18
C ASP K 61 34.70 36.59 -46.78
N SER K 62 34.82 37.87 -46.40
CA SER K 62 36.12 38.44 -46.09
C SER K 62 36.78 37.78 -44.88
N VAL K 63 36.02 37.05 -44.08
CA VAL K 63 36.54 36.44 -42.85
C VAL K 63 36.16 34.96 -42.82
N LYS K 64 35.86 34.39 -43.99
CA LYS K 64 35.23 33.08 -44.03
C LYS K 64 36.17 32.01 -43.47
N GLY K 65 35.70 31.30 -42.46
CA GLY K 65 36.42 30.18 -41.88
C GLY K 65 37.48 30.56 -40.87
N ARG K 66 37.73 31.85 -40.62
CA ARG K 66 38.79 32.28 -39.72
C ARG K 66 38.26 32.70 -38.35
N PHE K 67 37.37 33.70 -38.33
CA PHE K 67 36.87 34.24 -37.07
C PHE K 67 35.62 33.46 -36.65
N THR K 68 35.35 33.48 -35.35
CA THR K 68 34.26 32.66 -34.81
C THR K 68 33.58 33.36 -33.65
N ILE K 69 32.26 33.50 -33.71
CA ILE K 69 31.50 34.01 -32.58
C ILE K 69 31.20 32.87 -31.63
N SER K 70 31.23 33.17 -30.34
CA SER K 70 30.53 32.39 -29.36
C SER K 70 29.78 33.38 -28.46
N ARG K 71 28.90 32.86 -27.63
CA ARG K 71 28.26 33.68 -26.63
C ARG K 71 27.93 32.82 -25.43
N GLU K 72 27.77 33.45 -24.28
CA GLU K 72 27.31 32.78 -23.08
C GLU K 72 26.22 33.65 -22.48
N ASN K 73 24.99 33.11 -22.50
CA ASN K 73 23.84 33.86 -22.00
C ASN K 73 23.89 34.00 -20.49
N ALA K 74 24.32 32.93 -19.80
CA ALA K 74 24.42 32.99 -18.34
C ALA K 74 25.42 34.05 -17.90
N LYS K 75 26.49 34.24 -18.67
CA LYS K 75 27.47 35.28 -18.40
C LYS K 75 27.10 36.61 -19.05
N ASN K 76 26.07 36.63 -19.90
CA ASN K 76 25.65 37.83 -20.59
C ASN K 76 26.81 38.42 -21.39
N THR K 77 27.57 37.54 -22.06
CA THR K 77 28.79 37.94 -22.74
C THR K 77 28.80 37.38 -24.16
N LEU K 78 29.43 38.13 -25.07
CA LEU K 78 29.62 37.73 -26.45
C LEU K 78 31.12 37.75 -26.75
N TYR K 79 31.61 36.69 -27.38
CA TYR K 79 33.07 36.57 -27.61
C TYR K 79 33.36 36.36 -29.09
N LEU K 80 34.07 37.27 -29.74
CA LEU K 80 34.49 37.01 -31.13
C LEU K 80 35.93 36.49 -31.06
N GLN K 81 36.13 35.22 -31.41
CA GLN K 81 37.51 34.66 -31.42
C GLN K 81 38.09 34.92 -32.81
N MET K 82 39.17 35.70 -32.88
CA MET K 82 39.74 36.05 -34.19
C MET K 82 40.98 35.17 -34.42
N ASP K 83 40.97 34.40 -35.51
CA ASP K 83 42.11 33.49 -35.81
C ASP K 83 42.69 33.89 -37.16
N ASN K 84 44.01 33.92 -37.29
CA ASN K 84 44.68 34.26 -38.57
C ASN K 84 44.39 35.72 -38.94
N LEU K 85 44.90 36.68 -38.14
CA LEU K 85 44.77 38.09 -38.45
C LEU K 85 45.50 38.44 -39.74
N ARG K 86 44.99 39.48 -40.40
CA ARG K 86 45.64 39.97 -41.63
C ARG K 86 45.81 41.49 -41.50
N ALA K 87 46.57 42.10 -42.39
CA ALA K 87 46.88 43.52 -42.31
C ALA K 87 45.64 44.38 -42.47
N GLU K 88 44.78 44.04 -43.43
CA GLU K 88 43.61 44.88 -43.71
C GLU K 88 42.61 44.87 -42.55
N ASP K 89 42.72 43.90 -41.63
CA ASP K 89 41.80 43.82 -40.51
C ASP K 89 42.00 44.94 -39.49
N THR K 90 43.06 45.74 -39.63
CA THR K 90 43.30 46.84 -38.69
C THR K 90 42.18 47.86 -38.78
N ALA K 91 41.33 47.93 -37.77
CA ALA K 91 40.13 48.76 -37.83
C ALA K 91 39.46 48.76 -36.47
N VAL K 92 38.43 49.60 -36.34
CA VAL K 92 37.65 49.67 -35.11
C VAL K 92 36.43 48.78 -35.27
N TYR K 93 36.26 47.85 -34.32
CA TYR K 93 35.17 46.85 -34.43
C TYR K 93 33.99 47.24 -33.53
N TYR K 94 32.75 47.06 -34.00
CA TYR K 94 31.56 47.50 -33.23
C TYR K 94 30.64 46.31 -32.91
N CYS K 95 30.12 46.25 -31.68
CA CYS K 95 29.17 45.18 -31.27
C CYS K 95 27.76 45.77 -31.37
N ALA K 96 26.88 45.19 -32.18
CA ALA K 96 25.54 45.81 -32.40
C ALA K 96 24.41 44.78 -32.20
N ARG K 97 23.29 45.20 -31.61
CA ARG K 97 22.17 44.27 -31.29
C ARG K 97 21.06 44.40 -32.32
N ASP K 98 20.58 43.27 -32.86
CA ASP K 98 19.53 43.30 -33.90
C ASP K 98 18.28 43.95 -33.34
N SER K 99 17.63 44.82 -34.12
CA SER K 99 16.47 45.57 -33.61
C SER K 99 15.31 44.62 -33.36
N PRO K 100 14.64 44.70 -32.20
CA PRO K 100 13.47 43.87 -31.95
C PRO K 100 12.42 44.34 -32.97
N TYR K 101 12.38 45.65 -33.26
CA TYR K 101 11.43 46.16 -34.29
C TYR K 101 11.89 45.59 -35.63
N TRP K 102 10.93 45.12 -36.46
CA TRP K 102 11.19 44.61 -37.84
C TRP K 102 9.86 44.20 -38.49
N GLY K 103 9.60 44.60 -39.74
CA GLY K 103 8.39 44.14 -40.47
C GLY K 103 8.72 42.90 -41.28
N ASP K 104 9.21 43.04 -42.53
CA ASP K 104 9.74 41.93 -43.33
C ASP K 104 11.01 41.43 -42.64
N TYR K 105 11.57 40.31 -43.11
CA TYR K 105 12.75 39.76 -42.40
C TYR K 105 13.99 40.54 -42.81
N SER K 106 14.50 41.34 -41.88
CA SER K 106 15.72 42.12 -42.13
C SER K 106 16.47 42.25 -40.81
N HIS K 107 17.80 42.35 -40.85
CA HIS K 107 18.52 42.58 -39.58
C HIS K 107 18.92 44.06 -39.50
N SER K 108 18.32 44.81 -38.58
CA SER K 108 18.69 46.23 -38.38
C SER K 108 19.36 46.31 -37.00
N LEU K 109 20.44 47.07 -36.86
CA LEU K 109 21.18 47.06 -35.58
C LEU K 109 20.75 48.25 -34.72
N ASP K 110 19.96 47.99 -33.67
CA ASP K 110 19.39 49.09 -32.85
C ASP K 110 20.47 49.76 -32.01
N VAL K 111 21.33 48.99 -31.35
CA VAL K 111 22.30 49.63 -30.41
C VAL K 111 23.72 49.25 -30.81
N TRP K 112 24.61 50.24 -30.90
CA TRP K 112 26.02 49.98 -31.28
C TRP K 112 26.92 50.33 -30.11
N GLY K 113 27.87 49.47 -29.76
CA GLY K 113 28.82 49.74 -28.67
C GLY K 113 29.89 50.73 -29.07
N ARG K 114 30.66 51.24 -28.11
CA ARG K 114 31.70 52.28 -28.40
C ARG K 114 32.71 51.71 -29.39
N GLY K 115 33.08 50.44 -29.25
CA GLY K 115 34.03 49.79 -30.18
C GLY K 115 35.46 49.81 -29.66
N VAL K 116 36.28 48.86 -30.10
CA VAL K 116 37.72 48.81 -29.66
C VAL K 116 38.60 48.71 -30.92
N LEU K 117 39.68 49.51 -30.99
CA LEU K 117 40.61 49.43 -32.14
C LEU K 117 41.39 48.12 -32.07
N VAL K 118 41.51 47.42 -33.20
CA VAL K 118 42.33 46.18 -33.26
C VAL K 118 43.44 46.45 -34.29
N THR K 119 44.70 46.24 -33.90
CA THR K 119 45.83 46.56 -34.81
C THR K 119 46.60 45.27 -35.14
N VAL K 120 46.86 45.01 -36.41
CA VAL K 120 47.67 43.84 -36.77
C VAL K 120 49.00 44.37 -37.27
N SER K 121 49.99 44.45 -36.38
CA SER K 121 51.25 45.07 -36.71
C SER K 121 52.35 44.46 -35.84
N SER K 122 53.60 44.70 -36.26
CA SER K 122 54.77 44.15 -35.59
C SER K 122 54.82 44.55 -34.12
N PRO L 1 27.34 39.17 -53.36
CA PRO L 1 27.15 39.26 -54.82
C PRO L 1 26.42 40.57 -55.21
N MET L 2 25.91 41.30 -54.22
CA MET L 2 25.21 42.58 -54.49
C MET L 2 26.04 43.73 -53.89
N ARG L 3 26.35 44.74 -54.71
CA ARG L 3 27.15 45.90 -54.24
C ARG L 3 26.20 47.08 -54.01
N LEU L 4 25.78 47.30 -52.76
CA LEU L 4 24.92 48.45 -52.49
C LEU L 4 25.68 49.70 -52.91
N THR L 5 25.10 50.45 -53.84
CA THR L 5 25.77 51.59 -54.44
C THR L 5 25.34 52.88 -53.76
N GLN L 6 26.31 53.69 -53.36
CA GLN L 6 26.07 55.00 -52.79
C GLN L 6 27.05 56.01 -53.38
N PRO L 7 26.66 57.28 -53.52
CA PRO L 7 27.64 58.31 -53.93
C PRO L 7 28.49 58.71 -52.73
N ARG L 8 29.82 58.64 -52.91
CA ARG L 8 30.72 58.80 -51.78
C ARG L 8 30.62 60.18 -51.12
N SER L 9 30.05 61.17 -51.79
CA SER L 9 29.89 62.49 -51.20
C SER L 9 28.73 63.19 -51.88
N VAL L 10 27.95 63.92 -51.06
CA VAL L 10 26.85 64.74 -51.52
C VAL L 10 26.97 66.10 -50.85
N SER L 11 26.80 67.17 -51.63
CA SER L 11 26.99 68.53 -51.16
C SER L 11 25.65 69.23 -51.00
N VAL L 12 25.40 69.77 -49.81
CA VAL L 12 24.18 70.51 -49.49
C VAL L 12 24.56 71.74 -48.68
N SER L 13 23.58 72.60 -48.44
CA SER L 13 23.77 73.82 -47.69
C SER L 13 22.71 73.94 -46.59
N PRO L 14 22.98 74.70 -45.53
CA PRO L 14 22.03 74.73 -44.40
C PRO L 14 20.70 75.37 -44.79
N GLY L 15 19.61 74.74 -44.37
CA GLY L 15 18.28 75.25 -44.57
C GLY L 15 17.48 74.59 -45.67
N GLN L 16 18.13 73.86 -46.58
CA GLN L 16 17.44 73.18 -47.66
C GLN L 16 17.18 71.72 -47.28
N THR L 17 16.70 70.94 -48.23
CA THR L 17 16.42 69.52 -48.04
C THR L 17 17.48 68.69 -48.76
N ALA L 18 18.30 67.97 -48.00
CA ALA L 18 19.33 67.13 -48.58
C ALA L 18 18.76 65.76 -48.90
N ARG L 19 19.27 65.15 -49.98
CA ARG L 19 18.86 63.81 -50.41
C ARG L 19 20.11 62.96 -50.62
N ILE L 20 20.10 61.75 -50.07
CA ILE L 20 21.16 60.77 -50.23
C ILE L 20 20.53 59.51 -50.80
N THR L 21 21.00 59.07 -51.96
CA THR L 21 20.40 57.98 -52.70
C THR L 21 21.20 56.70 -52.53
N CYS L 22 20.51 55.56 -52.58
CA CYS L 22 21.13 54.25 -52.54
C CYS L 22 20.39 53.31 -53.48
N GLY L 23 21.13 52.65 -54.35
CA GLY L 23 20.53 51.75 -55.34
C GLY L 23 21.32 50.47 -55.47
N GLY L 24 20.75 49.55 -56.22
CA GLY L 24 21.37 48.27 -56.46
C GLY L 24 20.44 47.32 -57.17
N ASP L 25 21.03 46.25 -57.70
CA ASP L 25 20.24 45.23 -58.39
C ASP L 25 19.33 44.53 -57.41
N ASN L 26 18.03 44.55 -57.71
CA ASN L 26 17.00 43.91 -56.89
C ASN L 26 16.99 44.42 -55.45
N ILE L 27 17.47 45.65 -55.23
CA ILE L 27 17.43 46.21 -53.88
C ILE L 27 15.99 46.49 -53.46
N GLY L 28 15.12 46.79 -54.42
CA GLY L 28 13.73 47.07 -54.10
C GLY L 28 13.01 45.91 -53.44
N SER L 29 13.46 44.68 -53.71
CA SER L 29 12.88 43.51 -53.04
C SER L 29 13.36 43.36 -51.61
N LYS L 30 14.34 44.14 -51.18
CA LYS L 30 14.89 44.08 -49.84
C LYS L 30 14.44 45.31 -49.06
N SER L 31 14.58 45.24 -47.74
CA SER L 31 14.29 46.39 -46.89
C SER L 31 15.53 47.27 -46.79
N VAL L 32 15.40 48.52 -47.20
CA VAL L 32 16.55 49.43 -47.26
C VAL L 32 16.59 50.29 -46.01
N HIS L 33 17.28 49.83 -44.99
CA HIS L 33 17.47 50.62 -43.79
C HIS L 33 18.52 51.69 -44.04
N TRP L 34 18.57 52.67 -43.14
CA TRP L 34 19.58 53.74 -43.24
C TRP L 34 20.17 54.03 -41.87
N TYR L 35 21.49 54.20 -41.86
CA TYR L 35 22.29 54.44 -40.66
C TYR L 35 23.01 55.77 -40.77
N GLN L 36 23.02 56.51 -39.66
CA GLN L 36 23.83 57.71 -39.50
C GLN L 36 25.07 57.37 -38.68
N GLN L 37 26.19 58.00 -39.00
CA GLN L 37 27.46 57.71 -38.35
C GLN L 37 28.33 58.96 -38.40
N LYS L 38 28.53 59.60 -37.24
CA LYS L 38 29.51 60.68 -37.15
C LYS L 38 30.89 60.10 -36.94
N PRO L 39 31.96 60.83 -37.27
CA PRO L 39 33.32 60.24 -37.25
C PRO L 39 33.70 59.72 -35.88
N PRO L 40 33.62 60.53 -34.82
CA PRO L 40 34.11 60.06 -33.51
C PRO L 40 33.14 59.16 -32.77
N GLN L 41 31.97 58.86 -33.33
CA GLN L 41 30.91 58.13 -32.64
C GLN L 41 30.76 56.75 -33.24
N ALA L 42 29.75 55.99 -32.70
CA ALA L 42 29.32 54.73 -33.28
C ALA L 42 28.06 54.97 -34.12
N PRO L 43 27.82 54.18 -35.17
CA PRO L 43 26.62 54.41 -35.99
C PRO L 43 25.35 54.27 -35.18
N VAL L 44 24.36 55.09 -35.52
CA VAL L 44 23.03 55.02 -34.92
C VAL L 44 22.02 54.99 -36.06
N LEU L 45 21.22 53.92 -36.10
CA LEU L 45 20.27 53.74 -37.19
C LEU L 45 19.23 54.86 -37.17
N VAL L 46 18.79 55.28 -38.36
CA VAL L 46 17.83 56.36 -38.49
C VAL L 46 16.57 55.88 -39.20
N ILE L 47 16.69 54.86 -40.08
CA ILE L 47 15.55 54.26 -40.75
C ILE L 47 15.66 52.77 -40.58
N TYR L 48 14.60 52.15 -40.03
CA TYR L 48 14.70 50.78 -39.56
C TYR L 48 13.98 49.74 -40.40
N ASP L 49 12.93 50.11 -41.16
CA ASP L 49 12.51 49.29 -42.28
C ASP L 49 12.57 50.12 -43.55
N ASP L 50 11.71 51.12 -43.67
CA ASP L 50 11.76 52.15 -44.71
C ASP L 50 10.60 53.10 -44.42
N ARG L 51 10.87 54.40 -44.54
CA ARG L 51 9.89 55.43 -44.18
C ARG L 51 9.58 55.42 -42.69
N ALA L 52 10.27 54.61 -41.91
CA ALA L 52 9.95 54.41 -40.51
C ALA L 52 11.19 54.61 -39.66
N ARG L 53 11.01 55.23 -38.49
CA ARG L 53 12.08 55.80 -37.71
C ARG L 53 12.04 55.26 -36.29
N PRO L 54 13.17 54.89 -35.68
CA PRO L 54 13.11 54.48 -34.28
C PRO L 54 12.81 55.66 -33.36
N SER L 55 12.45 55.33 -32.13
CA SER L 55 12.06 56.35 -31.16
C SER L 55 13.24 57.23 -30.79
N GLY L 56 12.98 58.55 -30.69
CA GLY L 56 13.97 59.50 -30.26
C GLY L 56 14.73 60.19 -31.37
N ILE L 57 14.75 59.62 -32.57
CA ILE L 57 15.40 60.25 -33.72
C ILE L 57 14.46 61.34 -34.21
N PRO L 58 14.93 62.57 -34.44
CA PRO L 58 14.00 63.63 -34.85
C PRO L 58 13.35 63.32 -36.20
N GLU L 59 12.10 63.75 -36.35
CA GLU L 59 11.30 63.41 -37.52
C GLU L 59 11.55 64.34 -38.70
N ARG L 60 12.56 65.19 -38.64
CA ARG L 60 12.95 65.94 -39.84
C ARG L 60 13.73 65.06 -40.82
N PHE L 61 14.09 63.85 -40.42
CA PHE L 61 14.55 62.87 -41.38
C PHE L 61 13.38 62.35 -42.21
N SER L 62 13.67 61.92 -43.43
CA SER L 62 12.65 61.40 -44.33
C SER L 62 13.29 60.33 -45.20
N GLY L 63 12.46 59.47 -45.77
CA GLY L 63 13.00 58.43 -46.64
C GLY L 63 11.88 57.70 -47.35
N SER L 64 12.28 56.92 -48.35
CA SER L 64 11.33 56.17 -49.15
C SER L 64 12.08 55.29 -50.15
N LYS L 65 11.33 54.44 -50.84
CA LYS L 65 11.85 53.59 -51.90
C LYS L 65 10.99 53.73 -53.16
N SER L 66 11.62 53.54 -54.31
CA SER L 66 10.94 53.58 -55.59
C SER L 66 11.92 53.14 -56.67
N GLY L 67 11.38 52.53 -57.71
CA GLY L 67 12.12 52.25 -58.92
C GLY L 67 13.39 51.43 -58.70
N ASN L 68 13.32 50.42 -57.84
CA ASN L 68 14.45 49.54 -57.57
C ASN L 68 15.61 50.34 -56.96
N THR L 69 15.28 51.39 -56.22
CA THR L 69 16.28 52.19 -55.51
C THR L 69 15.57 52.87 -54.35
N ALA L 70 16.31 53.68 -53.59
CA ALA L 70 15.74 54.30 -52.41
C ALA L 70 16.48 55.58 -52.08
N THR L 71 15.86 56.41 -51.24
CA THR L 71 16.41 57.68 -50.82
C THR L 71 16.16 57.93 -49.35
N LEU L 72 17.19 58.44 -48.67
CA LEU L 72 17.08 59.10 -47.39
C LEU L 72 17.20 60.59 -47.65
N ALA L 73 16.73 61.41 -46.71
CA ALA L 73 16.80 62.84 -46.86
C ALA L 73 16.68 63.52 -45.51
N ILE L 74 17.25 64.71 -45.43
CA ILE L 74 17.23 65.53 -44.23
C ILE L 74 16.52 66.82 -44.59
N SER L 75 15.34 67.03 -44.01
CA SER L 75 14.56 68.24 -44.24
C SER L 75 14.96 69.29 -43.21
N GLY L 76 15.13 70.53 -43.67
CA GLY L 76 15.63 71.58 -42.80
C GLY L 76 17.01 71.24 -42.29
N VAL L 77 17.98 71.14 -43.21
CA VAL L 77 19.31 70.68 -42.84
C VAL L 77 19.96 71.67 -41.90
N GLU L 78 20.48 71.16 -40.79
CA GLU L 78 21.29 71.94 -39.87
C GLU L 78 22.76 71.64 -40.07
N ALA L 79 23.60 72.63 -39.80
CA ALA L 79 25.04 72.44 -39.97
C ALA L 79 25.57 71.33 -39.08
N GLY L 80 24.90 71.05 -37.96
CA GLY L 80 25.28 69.95 -37.10
C GLY L 80 24.81 68.59 -37.57
N ASP L 81 24.03 68.53 -38.65
CA ASP L 81 23.55 67.26 -39.17
C ASP L 81 24.53 66.57 -40.11
N GLU L 82 25.60 67.25 -40.53
CA GLU L 82 26.54 66.65 -41.46
C GLU L 82 27.22 65.44 -40.83
N ALA L 83 27.29 64.35 -41.58
CA ALA L 83 27.89 63.11 -41.10
C ALA L 83 27.99 62.09 -42.22
N ASP L 84 28.49 60.90 -41.91
CA ASP L 84 28.45 59.79 -42.87
C ASP L 84 27.10 59.09 -42.77
N TYR L 85 26.64 58.56 -43.89
CA TYR L 85 25.34 57.87 -43.96
C TYR L 85 25.46 56.64 -44.84
N TYR L 86 24.81 55.56 -44.40
CA TYR L 86 24.92 54.26 -45.04
C TYR L 86 23.53 53.68 -45.28
N CYS L 87 23.41 52.86 -46.33
CA CYS L 87 22.20 52.09 -46.57
C CYS L 87 22.48 50.61 -46.33
N GLN L 88 21.52 49.93 -45.70
CA GLN L 88 21.73 48.59 -45.18
C GLN L 88 20.62 47.66 -45.66
N VAL L 89 20.97 46.40 -45.86
CA VAL L 89 20.08 45.41 -46.46
C VAL L 89 20.49 44.02 -45.96
N TRP L 90 19.49 43.16 -45.75
CA TRP L 90 19.71 41.75 -45.46
C TRP L 90 19.53 40.94 -46.73
N ASP L 91 20.33 39.88 -46.87
CA ASP L 91 20.21 38.94 -47.97
C ASP L 91 20.58 37.56 -47.45
N SER L 92 20.02 36.53 -48.07
CA SER L 92 20.41 35.17 -47.72
C SER L 92 21.87 34.90 -48.07
N SER L 93 22.34 35.41 -49.20
CA SER L 93 23.74 35.28 -49.57
C SER L 93 24.67 35.97 -48.58
N SER L 94 24.22 37.09 -48.00
CA SER L 94 25.01 37.83 -47.03
C SER L 94 24.08 38.54 -46.05
N ASP L 95 24.19 38.22 -44.76
CA ASP L 95 23.17 38.62 -43.81
C ASP L 95 23.05 40.13 -43.67
N VAL L 96 24.15 40.86 -43.80
CA VAL L 96 24.11 42.31 -43.73
C VAL L 96 25.05 42.87 -44.78
N LEU L 97 24.56 43.82 -45.55
CA LEU L 97 25.34 44.50 -46.58
C LEU L 97 25.30 46.00 -46.32
N PHE L 98 26.40 46.67 -46.60
CA PHE L 98 26.52 48.10 -46.36
C PHE L 98 27.01 48.81 -47.62
N GLY L 99 26.60 50.05 -47.78
CA GLY L 99 26.91 50.83 -48.96
C GLY L 99 28.25 51.52 -48.86
N GLY L 100 28.46 52.46 -49.77
CA GLY L 100 29.73 53.15 -49.88
C GLY L 100 29.97 54.20 -48.79
N GLY L 101 28.94 54.55 -48.02
CA GLY L 101 29.12 55.52 -46.96
C GLY L 101 29.17 56.95 -47.46
N THR L 102 28.05 57.44 -47.99
CA THR L 102 27.99 58.81 -48.47
C THR L 102 28.34 59.79 -47.36
N ARG L 103 29.25 60.72 -47.67
CA ARG L 103 29.64 61.76 -46.74
C ARG L 103 28.91 63.05 -47.11
N LEU L 104 27.90 63.41 -46.31
CA LEU L 104 27.19 64.66 -46.54
C LEU L 104 28.14 65.83 -46.36
N THR L 105 28.16 66.74 -47.32
CA THR L 105 29.09 67.87 -47.33
C THR L 105 28.33 69.19 -47.34
C1 NAG M . 13.41 33.21 -40.84
C2 NAG M . 14.56 32.73 -41.69
C3 NAG M . 14.75 33.68 -42.85
C4 NAG M . 13.45 33.81 -43.64
C5 NAG M . 12.35 34.24 -42.69
C6 NAG M . 10.98 34.35 -43.36
C7 NAG M . 16.27 31.59 -40.39
C8 NAG M . 17.04 31.78 -39.12
N2 NAG M . 15.77 32.71 -40.91
O3 NAG M . 15.82 33.18 -43.66
O4 NAG M . 13.61 34.85 -44.62
O5 NAG M . 12.22 33.33 -41.60
O6 NAG M . 10.26 35.44 -42.77
O7 NAG M . 16.11 30.51 -40.91
C1 NAG M . 13.57 34.31 -45.96
C2 NAG M . 13.64 35.51 -46.91
C3 NAG M . 13.70 35.04 -48.36
C4 NAG M . 14.88 34.09 -48.53
C5 NAG M . 14.77 32.95 -47.54
C6 NAG M . 16.01 32.07 -47.58
C7 NAG M . 11.27 36.32 -46.61
C8 NAG M . 10.56 37.44 -45.91
N2 NAG M . 12.59 36.51 -46.70
O3 NAG M . 13.88 36.18 -49.22
O4 NAG M . 14.90 33.56 -49.86
O5 NAG M . 14.67 33.46 -46.21
O6 NAG M . 16.84 32.40 -46.47
O7 NAG M . 10.66 35.38 -47.07
C1 NAG N . 45.85 -28.35 -3.63
C2 NAG N . 46.96 -28.08 -2.64
C3 NAG N . 48.10 -29.04 -2.89
C4 NAG N . 47.61 -30.48 -2.87
C5 NAG N . 46.46 -30.65 -3.87
C6 NAG N . 45.87 -32.05 -3.75
C7 NAG N . 46.99 -25.75 -1.98
C8 NAG N . 46.87 -24.41 -2.63
N2 NAG N . 47.44 -26.72 -2.76
O3 NAG N . 49.09 -28.85 -1.87
O4 NAG N . 48.69 -31.29 -3.34
O5 NAG N . 45.41 -29.71 -3.60
O6 NAG N . 44.69 -32.15 -4.56
O7 NAG N . 46.70 -25.95 -0.81
C1 NAG N . 49.15 -32.21 -2.34
C2 NAG N . 50.39 -32.91 -2.86
C3 NAG N . 50.88 -33.92 -1.83
C4 NAG N . 51.10 -33.19 -0.51
C5 NAG N . 49.81 -32.49 -0.08
C6 NAG N . 50.00 -31.72 1.23
C7 NAG N . 50.92 -34.02 -5.00
C8 NAG N . 50.37 -35.01 -5.98
N2 NAG N . 50.05 -33.53 -4.13
O3 NAG N . 52.12 -34.50 -2.23
O4 NAG N . 51.49 -34.13 0.50
O5 NAG N . 49.39 -31.57 -1.09
O6 NAG N . 50.61 -30.46 0.96
O7 NAG N . 52.09 -33.70 -5.02
C1 NAG O . 19.90 33.06 37.84
C2 NAG O . 20.12 34.47 37.33
C3 NAG O . 20.52 35.36 38.49
C4 NAG O . 19.49 35.29 39.60
C5 NAG O . 19.29 33.84 40.01
C6 NAG O . 18.19 33.70 41.05
C7 NAG O . 20.92 34.31 35.03
C8 NAG O . 22.08 33.87 34.21
N2 NAG O . 21.17 34.50 36.33
O3 NAG O . 20.65 36.70 37.99
O4 NAG O . 20.00 35.99 40.74
O5 NAG O . 18.94 33.04 38.89
O6 NAG O . 18.00 32.31 41.35
O7 NAG O . 19.80 34.48 34.57
C1 NAG O . 19.24 37.17 41.02
C2 NAG O . 19.72 37.75 42.34
C3 NAG O . 18.97 39.03 42.64
C4 NAG O . 19.17 40.01 41.49
C5 NAG O . 18.70 39.35 40.19
C6 NAG O . 18.91 40.24 38.96
C7 NAG O . 20.41 36.11 44.00
C8 NAG O . 19.96 35.21 45.11
N2 NAG O . 19.45 36.82 43.42
O3 NAG O . 19.49 39.59 43.85
O4 NAG O . 18.43 41.21 41.75
O5 NAG O . 19.40 38.13 39.99
O6 NAG O . 20.31 40.31 38.68
O7 NAG O . 21.58 36.18 43.66
C1 BMA O . 19.36 42.30 41.84
C2 BMA O . 18.73 43.62 41.41
C3 BMA O . 19.80 44.69 41.40
C4 BMA O . 20.46 44.76 42.76
C5 BMA O . 21.03 43.39 43.14
C6 BMA O . 21.63 43.41 44.53
O2 BMA O . 17.69 43.97 42.33
O3 BMA O . 19.21 45.95 41.07
O4 BMA O . 21.49 45.74 42.72
O5 BMA O . 19.99 42.42 43.12
O6 BMA O . 22.85 44.17 44.54
C1 NAG P . -5.10 -50.65 -29.83
C2 NAG P . -4.74 -50.97 -28.39
C3 NAG P . -3.79 -49.92 -27.86
C4 NAG P . -2.56 -49.87 -28.76
C5 NAG P . -2.98 -49.58 -30.19
C6 NAG P . -1.80 -49.59 -31.16
C7 NAG P . -6.42 -52.22 -27.16
C8 NAG P . -6.38 -52.46 -25.69
N2 NAG P . -5.92 -51.05 -27.55
O3 NAG P . -3.40 -50.23 -26.53
O4 NAG P . -1.67 -48.86 -28.28
O5 NAG P . -3.90 -50.60 -30.62
O6 NAG P . -0.93 -48.50 -30.88
O7 NAG P . -6.86 -53.04 -27.94
C1 NAG Q . -44.01 33.63 -19.90
C2 NAG Q . -43.44 32.60 -20.87
C3 NAG Q . -41.94 32.48 -20.66
C4 NAG Q . -41.31 33.86 -20.81
C5 NAG Q . -41.95 34.83 -19.83
C6 NAG Q . -41.37 36.23 -20.00
C7 NAG Q . -45.03 30.84 -21.47
C8 NAG Q . -44.68 29.61 -22.25
N2 NAG Q . -44.06 31.31 -20.68
O3 NAG Q . -41.39 31.60 -21.63
O4 NAG Q . -39.91 33.78 -20.54
O5 NAG Q . -43.37 34.89 -20.05
O6 NAG Q . -41.77 36.75 -21.27
O7 NAG Q . -46.11 31.37 -21.55
C1 NAG R . -15.30 -13.34 55.44
C2 NAG R . -15.56 -12.01 54.73
C3 NAG R . -14.23 -11.35 54.41
C4 NAG R . -13.41 -11.19 55.67
C5 NAG R . -13.22 -12.55 56.35
C6 NAG R . -12.49 -12.39 57.67
C7 NAG R . -17.61 -12.05 53.44
C8 NAG R . -18.24 -12.49 52.14
N2 NAG R . -16.29 -12.21 53.50
O3 NAG R . -14.47 -10.07 53.83
O4 NAG R . -12.13 -10.63 55.36
O5 NAG R . -14.50 -13.13 56.60
O6 NAG R . -12.37 -13.67 58.31
O7 NAG R . -18.26 -11.60 54.37
#